data_8C18
#
_entry.id   8C18
#
_cell.length_a   1.000
_cell.length_b   1.000
_cell.length_c   1.000
_cell.angle_alpha   90.00
_cell.angle_beta   90.00
_cell.angle_gamma   90.00
#
_symmetry.space_group_name_H-M   'P 1'
#
loop_
_entity.id
_entity.type
_entity.pdbx_description
1 polymer 'Astaxanthin binding fasciclin family protein'
2 non-polymer ASTAXANTHIN
#
_entity_poly.entity_id   1
_entity_poly.type   'polypeptide(L)'
_entity_poly.pdbx_seq_one_letter_code
;GPHMATPKANATTAKPASTTSTPVYATLSNAVTAGAAAPQLTTLFAAVRAANVTGALTANTTWTILAPTNDAFAKRLAKL
NLTADAVLKNKDLLVKILSYHVIPSGAVYSKALKDNATVATALKDASVTVRLYQGKVMFKGPVNKAQVTVADIKAGGSVI
HVINDVLLPPGVVSDAVAKQWKAEWEAMKAEKKVAPKATTGRRFLLF
;
_entity_poly.pdbx_strand_id   A
#
# COMPACT_ATOMS: atom_id res chain seq x y z
N GLY A 1 24.21 45.56 -27.86
CA GLY A 1 24.90 46.03 -26.67
C GLY A 1 25.59 44.90 -25.92
N PRO A 2 26.08 45.22 -24.71
CA PRO A 2 26.77 44.23 -23.87
C PRO A 2 25.84 43.17 -23.33
N HIS A 3 25.81 42.01 -23.97
CA HIS A 3 24.96 40.91 -23.55
C HIS A 3 25.79 39.73 -23.07
N MET A 4 26.06 39.70 -21.77
CA MET A 4 26.85 38.63 -21.17
C MET A 4 26.24 38.17 -19.85
N ALA A 5 26.26 36.86 -19.61
CA ALA A 5 25.72 36.29 -18.39
C ALA A 5 26.59 35.16 -17.87
N THR A 6 26.24 34.64 -16.69
CA THR A 6 27.00 33.55 -16.08
C THR A 6 26.07 32.44 -15.61
N PRO A 7 26.63 31.24 -15.44
CA PRO A 7 25.88 30.06 -14.98
C PRO A 7 25.43 30.18 -13.53
N LYS A 8 24.89 29.09 -12.99
CA LYS A 8 24.43 29.07 -11.60
C LYS A 8 24.80 27.76 -10.94
N ALA A 9 24.73 27.74 -9.60
CA ALA A 9 25.06 26.54 -8.83
C ALA A 9 24.63 26.69 -7.38
N ASN A 10 24.06 25.62 -6.82
CA ASN A 10 23.61 25.64 -5.44
C ASN A 10 23.16 24.24 -5.00
N ALA A 11 23.45 23.90 -3.76
CA ALA A 11 23.09 22.60 -3.21
C ALA A 11 23.36 22.53 -1.71
N THR A 12 22.74 21.55 -1.04
CA THR A 12 22.92 21.38 0.39
C THR A 12 22.54 19.97 0.83
N THR A 13 22.99 19.58 2.02
CA THR A 13 22.69 18.26 2.55
C THR A 13 22.61 18.28 4.07
N ALA A 14 21.82 17.38 4.63
CA ALA A 14 21.65 17.29 6.07
C ALA A 14 21.11 15.93 6.48
N LYS A 15 21.50 15.47 7.67
CA LYS A 15 21.06 14.18 8.18
C LYS A 15 20.54 14.31 9.62
N PRO A 16 19.37 14.94 9.76
CA PRO A 16 18.74 15.13 11.07
C PRO A 16 18.24 13.84 11.68
N ALA A 17 18.01 13.84 13.00
CA ALA A 17 17.53 12.67 13.69
C ALA A 17 17.04 13.02 15.10
N SER A 18 15.77 12.73 15.37
CA SER A 18 15.18 13.02 16.67
C SER A 18 13.96 12.14 16.93
N THR A 19 14.00 11.41 18.04
CA THR A 19 12.90 10.52 18.40
C THR A 19 12.00 11.17 19.45
N THR A 20 10.76 11.46 19.06
CA THR A 20 9.79 12.07 19.97
C THR A 20 8.45 11.37 19.90
N SER A 21 7.54 11.76 20.79
CA SER A 21 6.21 11.16 20.84
C SER A 21 5.13 12.24 20.89
N THR A 22 4.52 12.51 19.74
CA THR A 22 3.47 13.53 19.65
C THR A 22 2.47 13.19 18.56
N PRO A 23 1.28 13.79 18.64
CA PRO A 23 0.21 13.57 17.66
C PRO A 23 0.53 14.18 16.31
N VAL A 24 1.33 15.25 16.31
CA VAL A 24 1.71 15.93 15.08
C VAL A 24 3.23 15.95 14.92
N TYR A 25 3.70 15.53 13.75
CA TYR A 25 5.12 15.51 13.46
C TYR A 25 5.61 16.87 12.97
N ALA A 26 6.92 17.08 13.05
CA ALA A 26 7.51 18.34 12.61
C ALA A 26 8.09 18.20 11.20
N THR A 27 8.65 17.05 10.90
CA THR A 27 9.24 16.80 9.60
C THR A 27 9.32 15.31 9.30
N LEU A 28 9.86 14.97 8.13
CA LEU A 28 9.99 13.57 7.74
C LEU A 28 10.66 12.75 8.84
N SER A 29 11.77 13.27 9.36
CA SER A 29 12.51 12.59 10.42
C SER A 29 11.57 12.18 11.55
N ASN A 30 10.64 13.07 11.89
CA ASN A 30 9.69 12.80 12.97
C ASN A 30 8.74 11.67 12.58
N ALA A 31 8.27 11.71 11.33
CA ALA A 31 7.36 10.69 10.84
C ALA A 31 7.99 9.30 10.90
N VAL A 32 9.19 9.17 10.32
CA VAL A 32 9.89 7.91 10.31
C VAL A 32 10.05 7.35 11.72
N THR A 33 10.62 8.15 12.61
CA THR A 33 10.83 7.74 13.99
C THR A 33 9.53 7.21 14.60
N ALA A 34 8.43 7.85 14.26
CA ALA A 34 7.12 7.45 14.79
C ALA A 34 6.77 6.04 14.34
N GLY A 35 6.82 5.80 13.04
CA GLY A 35 6.50 4.48 12.51
C GLY A 35 7.50 3.42 12.97
N ALA A 36 8.75 3.82 13.13
CA ALA A 36 9.79 2.91 13.57
C ALA A 36 9.55 2.42 14.99
N ALA A 37 8.98 3.30 15.82
CA ALA A 37 8.70 2.96 17.20
C ALA A 37 7.54 1.97 17.30
N ALA A 38 6.66 2.00 16.31
CA ALA A 38 5.51 1.10 16.28
C ALA A 38 5.77 -0.09 15.36
N PRO A 39 5.49 -1.30 15.86
CA PRO A 39 5.68 -2.54 15.09
C PRO A 39 4.68 -2.67 13.95
N GLN A 40 3.67 -1.80 13.94
CA GLN A 40 2.64 -1.83 12.91
C GLN A 40 3.28 -1.81 11.52
N LEU A 41 4.41 -1.11 11.40
CA LEU A 41 5.12 -1.02 10.13
C LEU A 41 6.47 -1.71 10.20
N THR A 42 6.53 -2.81 10.96
CA THR A 42 7.77 -3.56 11.11
C THR A 42 8.34 -3.95 9.75
N THR A 43 7.60 -4.75 9.01
CA THR A 43 8.04 -5.19 7.69
C THR A 43 8.44 -4.02 6.82
N LEU A 44 7.52 -3.09 6.63
CA LEU A 44 7.78 -1.90 5.81
C LEU A 44 9.11 -1.26 6.20
N PHE A 45 9.17 -0.74 7.43
CA PHE A 45 10.38 -0.09 7.92
C PHE A 45 11.60 -0.99 7.69
N ALA A 46 11.41 -2.29 7.85
CA ALA A 46 12.49 -3.25 7.67
C ALA A 46 13.07 -3.16 6.27
N ALA A 47 12.21 -2.93 5.28
CA ALA A 47 12.64 -2.82 3.90
C ALA A 47 13.08 -1.39 3.57
N VAL A 48 12.28 -0.42 4.00
CA VAL A 48 12.59 0.98 3.76
C VAL A 48 13.95 1.36 4.36
N ARG A 49 14.20 0.88 5.57
CA ARG A 49 15.46 1.17 6.25
C ARG A 49 16.62 0.47 5.56
N ALA A 50 16.55 -0.86 5.46
CA ALA A 50 17.60 -1.63 4.82
C ALA A 50 17.86 -1.14 3.40
N ALA A 51 16.81 -0.66 2.75
CA ALA A 51 16.93 -0.16 1.38
C ALA A 51 17.79 1.11 1.34
N ASN A 52 17.89 1.78 2.47
CA ASN A 52 18.68 3.01 2.56
C ASN A 52 18.08 4.10 1.69
N VAL A 53 16.75 4.15 1.63
CA VAL A 53 16.04 5.15 0.84
C VAL A 53 15.60 6.32 1.71
N THR A 54 15.62 6.12 3.03
CA THR A 54 15.23 7.16 3.97
C THR A 54 15.94 8.47 3.68
N GLY A 55 17.17 8.36 3.15
CA GLY A 55 17.94 9.55 2.84
C GLY A 55 17.18 10.53 1.97
N ALA A 56 16.24 10.01 1.19
CA ALA A 56 15.43 10.85 0.31
C ALA A 56 14.48 11.73 1.10
N LEU A 57 14.05 11.23 2.25
CA LEU A 57 13.13 11.97 3.11
C LEU A 57 13.82 13.19 3.73
N THR A 58 13.55 14.36 3.16
CA THR A 58 14.13 15.60 3.66
C THR A 58 13.06 16.65 3.93
N ALA A 59 13.49 17.83 4.33
CA ALA A 59 12.58 18.93 4.63
C ALA A 59 12.17 19.67 3.37
N ASN A 60 11.05 20.37 3.43
CA ASN A 60 10.55 21.13 2.29
C ASN A 60 10.33 20.22 1.09
N THR A 61 10.16 18.93 1.36
CA THR A 61 9.95 17.95 0.30
C THR A 61 8.53 17.39 0.34
N THR A 62 7.73 17.75 -0.67
CA THR A 62 6.36 17.29 -0.75
C THR A 62 6.25 15.96 -1.50
N TRP A 63 5.88 14.91 -0.78
CA TRP A 63 5.75 13.58 -1.38
C TRP A 63 4.67 12.77 -0.67
N THR A 64 4.14 11.77 -1.37
CA THR A 64 3.10 10.92 -0.80
C THR A 64 3.54 9.46 -0.77
N ILE A 65 3.83 8.96 0.43
CA ILE A 65 4.27 7.59 0.60
C ILE A 65 3.18 6.74 1.26
N LEU A 66 3.15 5.46 0.92
CA LEU A 66 2.16 4.54 1.48
C LEU A 66 2.81 3.59 2.48
N ALA A 67 2.37 3.67 3.74
CA ALA A 67 2.90 2.81 4.79
C ALA A 67 1.87 1.79 5.23
N PRO A 68 1.78 0.67 4.49
CA PRO A 68 0.83 -0.40 4.79
C PRO A 68 1.21 -1.17 6.05
N THR A 69 0.20 -1.55 6.83
CA THR A 69 0.42 -2.28 8.07
C THR A 69 1.16 -3.59 7.80
N ASN A 70 1.62 -4.23 8.87
CA ASN A 70 2.34 -5.49 8.75
C ASN A 70 1.47 -6.56 8.09
N ASP A 71 0.21 -6.61 8.48
CA ASP A 71 -0.71 -7.58 7.93
C ASP A 71 -0.69 -7.55 6.40
N ALA A 72 -0.51 -6.36 5.85
CA ALA A 72 -0.46 -6.19 4.40
C ALA A 72 0.61 -7.07 3.78
N PHE A 73 1.86 -6.86 4.20
CA PHE A 73 2.98 -7.64 3.69
C PHE A 73 2.76 -9.13 3.92
N ALA A 74 2.32 -9.48 5.13
CA ALA A 74 2.08 -10.87 5.48
C ALA A 74 1.00 -11.48 4.58
N LYS A 75 0.07 -10.66 4.13
CA LYS A 75 -1.01 -11.11 3.25
C LYS A 75 -0.50 -11.36 1.84
N ARG A 76 0.03 -10.31 1.21
CA ARG A 76 0.55 -10.43 -0.15
C ARG A 76 1.65 -11.49 -0.22
N LEU A 77 2.44 -11.60 0.85
CA LEU A 77 3.52 -12.57 0.91
C LEU A 77 2.97 -13.99 0.93
N ALA A 78 1.98 -14.22 1.78
CA ALA A 78 1.37 -15.54 1.90
C ALA A 78 0.65 -15.93 0.61
N LYS A 79 0.04 -14.96 -0.04
CA LYS A 79 -0.68 -15.20 -1.29
C LYS A 79 0.30 -15.48 -2.43
N LEU A 80 1.41 -14.76 -2.44
CA LEU A 80 2.42 -14.92 -3.47
C LEU A 80 3.27 -16.15 -3.21
N ASN A 81 3.24 -16.63 -1.97
CA ASN A 81 4.02 -17.80 -1.58
C ASN A 81 5.51 -17.59 -1.84
N LEU A 82 6.05 -16.53 -1.27
CA LEU A 82 7.47 -16.21 -1.45
C LEU A 82 8.14 -15.92 -0.11
N THR A 83 9.46 -15.89 -0.11
CA THR A 83 10.22 -15.63 1.10
C THR A 83 10.57 -14.14 1.22
N ALA A 84 10.54 -13.63 2.44
CA ALA A 84 10.85 -12.22 2.69
C ALA A 84 12.36 -12.00 2.72
N ASP A 85 13.07 -12.89 3.39
CA ASP A 85 14.52 -12.79 3.50
C ASP A 85 15.16 -12.65 2.11
N ALA A 86 14.72 -13.50 1.18
CA ALA A 86 15.26 -13.47 -0.18
C ALA A 86 15.18 -12.06 -0.77
N VAL A 87 14.13 -11.33 -0.42
CA VAL A 87 13.94 -9.98 -0.91
C VAL A 87 14.72 -8.97 -0.07
N LEU A 88 14.67 -9.14 1.25
CA LEU A 88 15.38 -8.25 2.16
C LEU A 88 16.85 -8.12 1.78
N LYS A 89 17.45 -9.24 1.39
CA LYS A 89 18.85 -9.25 0.98
C LYS A 89 19.01 -8.74 -0.45
N ASN A 90 17.95 -8.86 -1.24
CA ASN A 90 17.97 -8.42 -2.62
C ASN A 90 17.65 -6.93 -2.72
N LYS A 91 18.69 -6.12 -2.84
CA LYS A 91 18.53 -4.68 -2.94
C LYS A 91 17.72 -4.31 -4.18
N ASP A 92 18.00 -4.99 -5.29
CA ASP A 92 17.29 -4.74 -6.54
C ASP A 92 15.78 -4.78 -6.33
N LEU A 93 15.30 -5.89 -5.78
CA LEU A 93 13.87 -6.06 -5.54
C LEU A 93 13.39 -5.09 -4.46
N LEU A 94 14.24 -4.83 -3.48
CA LEU A 94 13.91 -3.92 -2.39
C LEU A 94 13.40 -2.59 -2.93
N VAL A 95 14.24 -1.91 -3.69
CA VAL A 95 13.89 -0.62 -4.28
C VAL A 95 12.84 -0.79 -5.36
N LYS A 96 12.91 -1.90 -6.09
CA LYS A 96 11.97 -2.18 -7.17
C LYS A 96 10.54 -2.12 -6.66
N ILE A 97 10.30 -2.71 -5.49
CA ILE A 97 8.97 -2.71 -4.89
C ILE A 97 8.68 -1.41 -4.17
N LEU A 98 9.60 -1.01 -3.28
CA LEU A 98 9.45 0.23 -2.53
C LEU A 98 9.15 1.40 -3.45
N SER A 99 9.74 1.38 -4.64
CA SER A 99 9.54 2.44 -5.62
C SER A 99 8.05 2.70 -5.84
N TYR A 100 7.28 1.63 -5.96
CA TYR A 100 5.85 1.73 -6.18
C TYR A 100 5.14 2.24 -4.93
N HIS A 101 5.65 1.85 -3.77
CA HIS A 101 5.07 2.26 -2.50
C HIS A 101 5.09 3.78 -2.36
N VAL A 102 5.99 4.42 -3.09
CA VAL A 102 6.11 5.87 -3.04
C VAL A 102 5.31 6.52 -4.16
N ILE A 103 4.89 7.76 -3.95
CA ILE A 103 4.12 8.50 -4.94
C ILE A 103 4.62 9.93 -5.09
N PRO A 104 5.50 10.14 -6.08
CA PRO A 104 6.08 11.46 -6.36
C PRO A 104 5.05 12.44 -6.93
N SER A 105 3.88 11.91 -7.26
CA SER A 105 2.80 12.74 -7.82
C SER A 105 2.58 13.98 -6.96
N GLY A 106 2.75 13.83 -5.65
CA GLY A 106 2.56 14.95 -4.74
C GLY A 106 1.38 14.75 -3.82
N ALA A 107 1.36 15.49 -2.72
CA ALA A 107 0.28 15.40 -1.74
C ALA A 107 -1.08 15.53 -2.42
N VAL A 108 -1.79 14.41 -2.52
CA VAL A 108 -3.11 14.40 -3.15
C VAL A 108 -4.12 15.18 -2.32
N TYR A 109 -5.12 15.76 -3.00
CA TYR A 109 -6.14 16.54 -2.32
C TYR A 109 -7.52 15.91 -2.52
N SER A 110 -8.34 15.96 -1.47
CA SER A 110 -9.69 15.39 -1.53
C SER A 110 -10.47 15.97 -2.70
N LYS A 111 -10.24 17.25 -2.99
CA LYS A 111 -10.93 17.91 -4.10
C LYS A 111 -10.58 17.27 -5.43
N ALA A 112 -9.34 16.81 -5.55
CA ALA A 112 -8.87 16.15 -6.77
C ALA A 112 -9.22 14.67 -6.76
N LEU A 113 -9.36 14.11 -5.58
CA LEU A 113 -9.69 12.69 -5.43
C LEU A 113 -10.96 12.35 -6.20
N LYS A 114 -10.84 11.46 -7.17
CA LYS A 114 -11.99 11.04 -7.97
C LYS A 114 -11.95 9.54 -8.24
N ASP A 115 -12.94 9.04 -8.96
CA ASP A 115 -13.02 7.63 -9.29
C ASP A 115 -12.10 7.29 -10.46
N ASN A 116 -12.01 8.20 -11.42
CA ASN A 116 -11.17 8.00 -12.59
C ASN A 116 -9.77 8.57 -12.36
N ALA A 117 -9.68 9.55 -11.47
CA ALA A 117 -8.40 10.18 -11.15
C ALA A 117 -7.32 9.14 -10.91
N THR A 118 -6.28 9.16 -11.73
CA THR A 118 -5.18 8.21 -11.60
C THR A 118 -3.96 8.87 -10.98
N VAL A 119 -3.11 8.06 -10.35
CA VAL A 119 -1.90 8.55 -9.71
C VAL A 119 -0.66 7.88 -10.27
N ALA A 120 0.38 8.68 -10.52
CA ALA A 120 1.63 8.15 -11.05
C ALA A 120 2.66 7.94 -9.94
N THR A 121 3.22 6.74 -9.89
CA THR A 121 4.22 6.42 -8.88
C THR A 121 5.63 6.72 -9.38
N ALA A 122 6.62 6.41 -8.55
CA ALA A 122 8.02 6.65 -8.91
C ALA A 122 8.49 5.67 -9.98
N LEU A 123 7.95 4.46 -9.94
CA LEU A 123 8.31 3.43 -10.91
C LEU A 123 7.66 3.68 -12.26
N LYS A 124 8.48 3.73 -13.30
CA LYS A 124 7.97 3.96 -14.65
C LYS A 124 6.96 2.90 -15.05
N ASP A 125 5.92 3.33 -15.76
CA ASP A 125 4.87 2.42 -16.21
C ASP A 125 4.12 1.83 -15.02
N ALA A 126 3.94 2.64 -13.99
CA ALA A 126 3.23 2.20 -12.78
C ALA A 126 2.32 3.30 -12.25
N SER A 127 1.02 3.04 -12.27
CA SER A 127 0.05 4.01 -11.79
C SER A 127 -1.15 3.31 -11.15
N VAL A 128 -1.80 4.00 -10.21
CA VAL A 128 -2.95 3.44 -9.53
C VAL A 128 -4.20 4.31 -9.74
N THR A 129 -5.37 3.71 -9.58
CA THR A 129 -6.62 4.43 -9.76
C THR A 129 -7.24 4.79 -8.41
N VAL A 130 -7.81 5.99 -8.33
CA VAL A 130 -8.43 6.46 -7.09
C VAL A 130 -9.90 6.07 -7.05
N ARG A 131 -10.34 5.62 -5.88
CA ARG A 131 -11.73 5.20 -5.69
C ARG A 131 -12.28 5.71 -4.36
N LEU A 132 -13.49 6.25 -4.40
CA LEU A 132 -14.12 6.77 -3.18
C LEU A 132 -15.18 5.80 -2.66
N TYR A 133 -15.01 5.38 -1.41
CA TYR A 133 -15.95 4.45 -0.79
C TYR A 133 -15.96 4.62 0.72
N GLN A 134 -17.14 4.84 1.28
CA GLN A 134 -17.28 5.03 2.72
C GLN A 134 -16.37 6.14 3.22
N GLY A 135 -16.30 7.23 2.46
CA GLY A 135 -15.46 8.35 2.85
C GLY A 135 -14.01 7.95 3.01
N LYS A 136 -13.59 6.92 2.29
CA LYS A 136 -12.22 6.44 2.35
C LYS A 136 -11.60 6.38 0.96
N VAL A 137 -10.27 6.43 0.90
CA VAL A 137 -9.56 6.38 -0.37
C VAL A 137 -9.11 4.95 -0.69
N MET A 138 -9.64 4.39 -1.77
CA MET A 138 -9.30 3.04 -2.18
C MET A 138 -8.41 3.06 -3.42
N PHE A 139 -7.47 2.13 -3.49
CA PHE A 139 -6.56 2.03 -4.62
C PHE A 139 -6.77 0.73 -5.39
N LYS A 140 -6.56 0.79 -6.71
CA LYS A 140 -6.71 -0.40 -7.54
C LYS A 140 -5.69 -0.39 -8.68
N GLY A 141 -5.09 -1.55 -8.93
CA GLY A 141 -4.10 -1.66 -9.98
C GLY A 141 -4.37 -2.83 -10.90
N PRO A 142 -3.35 -3.22 -11.69
CA PRO A 142 -3.46 -4.33 -12.63
C PRO A 142 -3.55 -5.68 -11.93
N VAL A 143 -2.93 -5.78 -10.75
CA VAL A 143 -2.96 -7.01 -9.98
C VAL A 143 -2.94 -6.72 -8.49
N ASN A 144 -3.90 -7.30 -7.77
CA ASN A 144 -4.01 -7.10 -6.33
C ASN A 144 -4.38 -5.66 -6.00
N LYS A 145 -5.40 -5.49 -5.17
CA LYS A 145 -5.85 -4.16 -4.76
C LYS A 145 -5.94 -4.05 -3.25
N ALA A 146 -5.71 -2.84 -2.74
CA ALA A 146 -5.76 -2.60 -1.30
C ALA A 146 -6.61 -1.37 -0.99
N GLN A 147 -6.86 -1.15 0.30
CA GLN A 147 -7.66 -0.01 0.73
C GLN A 147 -6.99 0.71 1.91
N VAL A 148 -6.94 2.02 1.83
CA VAL A 148 -6.33 2.83 2.89
C VAL A 148 -7.19 2.80 4.15
N THR A 149 -6.63 2.23 5.22
CA THR A 149 -7.35 2.14 6.49
C THR A 149 -7.28 3.46 7.25
N VAL A 150 -6.07 3.87 7.63
CA VAL A 150 -5.88 5.12 8.36
C VAL A 150 -4.98 6.07 7.58
N ALA A 151 -5.56 7.18 7.13
CA ALA A 151 -4.82 8.18 6.37
C ALA A 151 -4.82 9.52 7.09
N ASP A 152 -4.34 10.55 6.40
CA ASP A 152 -4.28 11.89 6.97
C ASP A 152 -3.28 11.96 8.12
N ILE A 153 -2.19 11.21 7.98
CA ILE A 153 -1.16 11.18 9.01
C ILE A 153 -0.42 12.51 9.08
N LYS A 154 -0.67 13.26 10.14
CA LYS A 154 -0.03 14.56 10.34
C LYS A 154 1.49 14.44 10.23
N ALA A 155 2.04 14.95 9.13
CA ALA A 155 3.48 14.90 8.91
C ALA A 155 4.03 16.28 8.59
N GLY A 156 5.36 16.39 8.52
CA GLY A 156 5.99 17.66 8.23
C GLY A 156 6.71 17.65 6.89
N GLY A 157 6.20 18.42 5.94
CA GLY A 157 6.82 18.48 4.62
C GLY A 157 6.28 17.42 3.68
N SER A 158 6.00 16.25 4.22
CA SER A 158 5.47 15.15 3.41
C SER A 158 4.22 14.57 4.04
N VAL A 159 3.62 13.58 3.36
CA VAL A 159 2.41 12.94 3.85
C VAL A 159 2.45 11.43 3.61
N ILE A 160 1.99 10.66 4.60
CA ILE A 160 1.98 9.21 4.49
C ILE A 160 0.61 8.65 4.87
N HIS A 161 0.19 7.61 4.17
CA HIS A 161 -1.10 6.98 4.44
C HIS A 161 -0.92 5.52 4.83
N VAL A 162 -1.76 5.03 5.74
CA VAL A 162 -1.68 3.66 6.19
C VAL A 162 -2.70 2.78 5.46
N ILE A 163 -2.20 1.74 4.78
CA ILE A 163 -3.05 0.83 4.04
C ILE A 163 -3.10 -0.54 4.70
N ASN A 164 -4.17 -1.29 4.42
CA ASN A 164 -4.34 -2.62 4.99
C ASN A 164 -3.58 -3.66 4.17
N ASP A 165 -3.56 -3.47 2.85
CA ASP A 165 -2.88 -4.39 1.96
C ASP A 165 -1.84 -3.66 1.12
N VAL A 166 -0.92 -4.42 0.52
CA VAL A 166 0.12 -3.84 -0.31
C VAL A 166 -0.06 -4.23 -1.77
N LEU A 167 0.32 -3.33 -2.67
CA LEU A 167 0.20 -3.58 -4.10
C LEU A 167 1.57 -3.79 -4.74
N LEU A 168 1.62 -4.62 -5.77
CA LEU A 168 2.86 -4.90 -6.48
C LEU A 168 2.74 -4.58 -7.96
N PRO A 169 3.84 -4.10 -8.56
CA PRO A 169 3.88 -3.76 -9.99
C PRO A 169 3.81 -4.99 -10.88
N PRO A 170 3.59 -4.76 -12.19
CA PRO A 170 3.50 -5.84 -13.18
C PRO A 170 4.84 -6.51 -13.42
N GLY A 171 4.85 -7.84 -13.40
CA GLY A 171 6.08 -8.59 -13.62
C GLY A 171 6.58 -9.26 -12.36
N VAL A 172 6.29 -8.66 -11.21
CA VAL A 172 6.72 -9.20 -9.93
C VAL A 172 5.91 -10.44 -9.57
N VAL A 173 4.64 -10.45 -9.95
CA VAL A 173 3.76 -11.57 -9.66
C VAL A 173 4.01 -12.73 -10.62
N SER A 174 4.07 -13.94 -10.08
CA SER A 174 4.32 -15.13 -10.89
C SER A 174 3.09 -15.46 -11.74
N ASP A 175 3.26 -16.39 -12.66
CA ASP A 175 2.18 -16.81 -13.54
C ASP A 175 1.07 -17.51 -12.76
N ALA A 176 1.47 -18.49 -11.95
CA ALA A 176 0.51 -19.24 -11.13
C ALA A 176 -0.30 -18.31 -10.23
N VAL A 177 0.39 -17.53 -9.42
CA VAL A 177 -0.27 -16.59 -8.52
C VAL A 177 -1.18 -15.65 -9.27
N ALA A 178 -0.60 -14.88 -10.19
CA ALA A 178 -1.36 -13.93 -10.99
C ALA A 178 -2.56 -14.60 -11.66
N LYS A 179 -2.37 -15.86 -12.06
CA LYS A 179 -3.43 -16.62 -12.72
C LYS A 179 -4.62 -16.81 -11.78
N GLN A 180 -4.32 -17.07 -10.50
CA GLN A 180 -5.37 -17.27 -9.50
C GLN A 180 -6.36 -16.12 -9.52
N TRP A 181 -5.87 -14.91 -9.71
CA TRP A 181 -6.71 -13.73 -9.75
C TRP A 181 -7.31 -13.52 -11.14
N LYS A 182 -6.53 -13.84 -12.16
CA LYS A 182 -6.97 -13.69 -13.54
C LYS A 182 -8.16 -14.62 -13.83
N ALA A 183 -8.18 -15.77 -13.17
CA ALA A 183 -9.26 -16.73 -13.35
C ALA A 183 -10.62 -16.05 -13.24
N GLU A 184 -10.71 -15.07 -12.35
CA GLU A 184 -11.97 -14.34 -12.14
C GLU A 184 -12.49 -13.77 -13.44
N TRP A 185 -11.58 -13.19 -14.24
CA TRP A 185 -11.95 -12.60 -15.52
C TRP A 185 -11.96 -13.66 -16.62
N GLU A 186 -11.03 -14.61 -16.53
CA GLU A 186 -10.94 -15.67 -17.53
C GLU A 186 -12.29 -16.36 -17.72
N ALA A 187 -13.04 -16.48 -16.64
CA ALA A 187 -14.36 -17.11 -16.69
C ALA A 187 -15.21 -16.50 -17.80
N MET A 188 -15.05 -15.20 -18.03
CA MET A 188 -15.81 -14.50 -19.05
C MET A 188 -15.38 -14.96 -20.45
N LYS A 189 -14.09 -15.24 -20.60
CA LYS A 189 -13.55 -15.70 -21.88
C LYS A 189 -13.70 -14.61 -22.94
N ALA A 190 -12.95 -13.52 -22.79
CA ALA A 190 -13.00 -12.42 -23.74
C ALA A 190 -12.03 -11.32 -23.35
N GLU A 191 -10.76 -11.51 -23.72
CA GLU A 191 -9.72 -10.53 -23.40
C GLU A 191 -8.54 -10.67 -24.35
N LYS A 192 -7.48 -9.90 -24.09
CA LYS A 192 -6.28 -9.94 -24.92
C LYS A 192 -5.31 -11.00 -24.42
N LYS A 193 -4.36 -11.38 -25.28
CA LYS A 193 -3.36 -12.38 -24.93
C LYS A 193 -2.23 -11.75 -24.12
N VAL A 194 -1.73 -12.51 -23.15
CA VAL A 194 -0.63 -12.02 -22.31
C VAL A 194 0.27 -13.18 -21.87
N ALA A 195 1.58 -12.93 -21.88
CA ALA A 195 2.55 -13.94 -21.48
C ALA A 195 3.47 -13.42 -20.38
N PRO A 196 4.11 -14.35 -19.66
CA PRO A 196 5.03 -14.02 -18.57
C PRO A 196 6.31 -13.37 -19.07
N LYS A 197 7.21 -13.05 -18.14
CA LYS A 197 8.48 -12.43 -18.49
C LYS A 197 9.63 -13.05 -17.69
N ALA A 198 9.39 -13.30 -16.41
CA ALA A 198 10.40 -13.89 -15.54
C ALA A 198 9.75 -14.80 -14.49
N THR A 199 10.53 -15.74 -13.98
CA THR A 199 10.04 -16.67 -12.97
C THR A 199 10.62 -16.35 -11.60
N THR A 200 10.13 -17.05 -10.57
CA THR A 200 10.59 -16.84 -9.21
C THR A 200 10.60 -18.15 -8.43
N GLY A 201 11.21 -18.12 -7.25
CA GLY A 201 11.28 -19.31 -6.42
C GLY A 201 12.67 -19.90 -6.35
N ARG A 202 13.65 -19.05 -6.07
CA ARG A 202 15.04 -19.49 -5.97
C ARG A 202 15.61 -19.22 -4.59
N ARG A 203 15.31 -20.12 -3.65
CA ARG A 203 15.79 -19.98 -2.27
C ARG A 203 15.92 -21.34 -1.61
N PHE A 204 17.04 -21.56 -0.93
CA PHE A 204 17.29 -22.82 -0.25
C PHE A 204 17.90 -22.58 1.14
N LEU A 205 17.44 -23.35 2.12
CA LEU A 205 17.94 -23.22 3.49
C LEU A 205 19.17 -24.11 3.71
N LEU A 206 20.12 -23.61 4.48
CA LEU A 206 21.34 -24.35 4.77
C LEU A 206 21.88 -23.99 6.15
N PHE A 207 22.28 -25.01 6.91
CA PHE A 207 22.82 -24.79 8.24
C PHE A 207 24.30 -25.16 8.30
N GLY A 1 16.81 -49.90 -1.49
CA GLY A 1 15.81 -49.31 -0.64
C GLY A 1 16.25 -47.98 -0.04
N PRO A 2 16.39 -46.96 -0.90
CA PRO A 2 16.81 -45.62 -0.48
C PRO A 2 15.75 -44.92 0.37
N HIS A 3 16.10 -43.74 0.88
CA HIS A 3 15.18 -42.97 1.71
C HIS A 3 15.28 -41.49 1.37
N MET A 4 14.14 -40.89 1.02
CA MET A 4 14.10 -39.48 0.67
C MET A 4 14.05 -38.61 1.92
N ALA A 5 15.19 -37.99 2.25
CA ALA A 5 15.27 -37.13 3.42
C ALA A 5 15.12 -35.67 3.05
N THR A 6 13.99 -35.08 3.41
CA THR A 6 13.72 -33.68 3.11
C THR A 6 13.13 -32.96 4.32
N PRO A 7 13.96 -32.77 5.35
CA PRO A 7 13.54 -32.10 6.59
C PRO A 7 13.32 -30.60 6.39
N LYS A 8 12.48 -30.01 7.23
CA LYS A 8 12.17 -28.59 7.14
C LYS A 8 12.39 -27.91 8.49
N ALA A 9 13.19 -26.84 8.48
CA ALA A 9 13.47 -26.10 9.70
C ALA A 9 13.06 -24.63 9.56
N ASN A 10 12.32 -24.14 10.54
CA ASN A 10 11.86 -22.75 10.52
C ASN A 10 11.66 -22.23 11.94
N ALA A 11 12.39 -21.17 12.28
CA ALA A 11 12.29 -20.58 13.61
C ALA A 11 12.92 -19.19 13.64
N THR A 12 12.44 -18.34 14.54
CA THR A 12 12.95 -16.98 14.66
C THR A 12 12.34 -16.27 15.86
N THR A 13 13.02 -15.23 16.33
CA THR A 13 12.54 -14.45 17.47
C THR A 13 12.99 -13.00 17.39
N ALA A 14 12.08 -12.08 17.69
CA ALA A 14 12.39 -10.66 17.66
C ALA A 14 11.25 -9.83 18.25
N LYS A 15 11.46 -9.32 19.45
CA LYS A 15 10.46 -8.51 20.13
C LYS A 15 11.06 -7.80 21.34
N PRO A 16 11.93 -6.81 21.08
CA PRO A 16 12.60 -6.03 22.13
C PRO A 16 11.63 -5.11 22.86
N ALA A 17 12.17 -4.28 23.74
CA ALA A 17 11.35 -3.35 24.51
C ALA A 17 10.55 -2.43 23.58
N SER A 18 9.57 -1.74 24.15
CA SER A 18 8.73 -0.84 23.37
C SER A 18 8.34 0.40 24.20
N THR A 19 7.98 1.47 23.51
CA THR A 19 7.59 2.71 24.18
C THR A 19 6.14 3.06 23.88
N THR A 20 5.49 3.74 24.84
CA THR A 20 4.11 4.14 24.68
C THR A 20 3.97 5.65 24.53
N SER A 21 4.43 6.17 23.40
CA SER A 21 4.37 7.60 23.13
C SER A 21 4.27 7.88 21.64
N THR A 22 3.13 8.42 21.22
CA THR A 22 2.89 8.74 19.82
C THR A 22 2.66 10.24 19.62
N PRO A 23 3.71 11.03 19.83
CA PRO A 23 3.64 12.49 19.68
C PRO A 23 3.50 12.91 18.22
N VAL A 24 3.28 14.21 18.01
CA VAL A 24 3.11 14.74 16.67
C VAL A 24 4.46 14.81 15.94
N TYR A 25 4.43 14.56 14.64
CA TYR A 25 5.64 14.59 13.83
C TYR A 25 5.86 15.97 13.22
N ALA A 26 7.03 16.55 13.46
CA ALA A 26 7.35 17.87 12.92
C ALA A 26 8.18 17.75 11.64
N THR A 27 9.02 16.72 11.57
CA THR A 27 9.86 16.50 10.41
C THR A 27 9.83 15.04 9.98
N LEU A 28 10.25 14.79 8.74
CA LEU A 28 10.26 13.43 8.20
C LEU A 28 11.00 12.48 9.14
N SER A 29 12.15 12.91 9.63
CA SER A 29 12.95 12.10 10.54
C SER A 29 12.10 11.59 11.69
N ASN A 30 11.28 12.45 12.26
CA ASN A 30 10.41 12.09 13.37
C ASN A 30 9.37 11.06 12.92
N ALA A 31 8.83 11.26 11.73
CA ALA A 31 7.83 10.35 11.18
C ALA A 31 8.40 8.95 10.98
N VAL A 32 9.56 8.88 10.33
CA VAL A 32 10.21 7.59 10.09
C VAL A 32 10.43 6.83 11.38
N THR A 33 10.97 7.51 12.38
CA THR A 33 11.24 6.89 13.67
C THR A 33 9.95 6.40 14.32
N ALA A 34 8.86 7.13 14.09
CA ALA A 34 7.56 6.77 14.65
C ALA A 34 7.08 5.43 14.10
N GLY A 35 6.99 5.34 12.77
CA GLY A 35 6.54 4.11 12.14
C GLY A 35 7.39 2.92 12.52
N ALA A 36 8.69 3.16 12.67
CA ALA A 36 9.63 2.09 13.02
C ALA A 36 9.40 1.62 14.46
N ALA A 37 8.98 2.54 15.32
CA ALA A 37 8.73 2.23 16.72
C ALA A 37 7.48 1.38 16.88
N ALA A 38 6.55 1.54 15.94
CA ALA A 38 5.30 0.78 15.97
C ALA A 38 5.49 -0.62 15.40
N PRO A 39 4.85 -1.62 16.03
CA PRO A 39 4.93 -3.01 15.60
C PRO A 39 4.21 -3.25 14.27
N GLN A 40 3.15 -2.49 14.04
CA GLN A 40 2.38 -2.63 12.80
C GLN A 40 3.23 -2.31 11.59
N LEU A 41 4.15 -1.37 11.74
CA LEU A 41 5.04 -0.98 10.66
C LEU A 41 6.41 -1.64 10.80
N THR A 42 6.41 -2.86 11.31
CA THR A 42 7.66 -3.61 11.49
C THR A 42 8.29 -3.96 10.15
N THR A 43 7.51 -4.61 9.29
CA THR A 43 8.00 -5.00 7.97
C THR A 43 8.46 -3.79 7.17
N LEU A 44 7.57 -2.81 7.02
CA LEU A 44 7.90 -1.60 6.28
C LEU A 44 9.20 -0.98 6.78
N PHE A 45 9.30 -0.80 8.09
CA PHE A 45 10.49 -0.22 8.69
C PHE A 45 11.75 -0.95 8.22
N ALA A 46 11.69 -2.27 8.22
CA ALA A 46 12.83 -3.08 7.79
C ALA A 46 13.17 -2.81 6.32
N ALA A 47 12.14 -2.55 5.51
CA ALA A 47 12.34 -2.26 4.10
C ALA A 47 12.90 -0.87 3.89
N VAL A 48 12.18 0.14 4.38
CA VAL A 48 12.61 1.53 4.24
C VAL A 48 14.00 1.73 4.84
N ARG A 49 14.29 1.01 5.92
CA ARG A 49 15.58 1.11 6.58
C ARG A 49 16.67 0.44 5.75
N ALA A 50 16.54 -0.87 5.57
CA ALA A 50 17.52 -1.64 4.80
C ALA A 50 17.73 -1.03 3.42
N ALA A 51 16.66 -0.46 2.86
CA ALA A 51 16.72 0.16 1.53
C ALA A 51 17.61 1.40 1.56
N ASN A 52 17.68 2.04 2.73
CA ASN A 52 18.48 3.25 2.89
C ASN A 52 17.92 4.39 2.05
N VAL A 53 16.60 4.42 1.92
CA VAL A 53 15.94 5.47 1.14
C VAL A 53 15.44 6.59 2.04
N THR A 54 16.04 6.72 3.21
CA THR A 54 15.66 7.76 4.17
C THR A 54 16.27 9.10 3.80
N GLY A 55 17.48 9.06 3.26
CA GLY A 55 18.15 10.30 2.87
C GLY A 55 17.31 11.16 1.97
N ALA A 56 16.47 10.53 1.17
CA ALA A 56 15.60 11.25 0.24
C ALA A 56 14.51 12.01 1.00
N LEU A 57 14.10 11.46 2.15
CA LEU A 57 13.07 12.08 2.97
C LEU A 57 13.56 13.41 3.54
N THR A 58 13.32 14.50 2.79
CA THR A 58 13.73 15.82 3.22
C THR A 58 12.53 16.75 3.40
N ALA A 59 12.69 17.77 4.23
CA ALA A 59 11.61 18.72 4.47
C ALA A 59 11.16 19.39 3.19
N ASN A 60 12.08 20.12 2.55
CA ASN A 60 11.78 20.82 1.31
C ASN A 60 11.15 19.87 0.28
N THR A 61 11.60 18.61 0.30
CA THR A 61 11.09 17.61 -0.62
C THR A 61 9.67 17.17 -0.23
N THR A 62 8.73 17.33 -1.14
CA THR A 62 7.35 16.95 -0.89
C THR A 62 6.96 15.72 -1.70
N TRP A 63 6.70 14.62 -1.00
CA TRP A 63 6.31 13.38 -1.65
C TRP A 63 5.27 12.62 -0.83
N THR A 64 4.47 11.80 -1.50
CA THR A 64 3.44 11.03 -0.82
C THR A 64 3.80 9.54 -0.79
N ILE A 65 4.15 9.06 0.39
CA ILE A 65 4.52 7.66 0.56
C ILE A 65 3.39 6.87 1.23
N LEU A 66 3.31 5.58 0.90
CA LEU A 66 2.27 4.72 1.47
C LEU A 66 2.87 3.77 2.49
N ALA A 67 2.39 3.86 3.73
CA ALA A 67 2.86 2.99 4.80
C ALA A 67 1.81 1.98 5.21
N PRO A 68 1.73 0.87 4.46
CA PRO A 68 0.76 -0.19 4.72
C PRO A 68 1.07 -0.97 6.00
N THR A 69 0.03 -1.35 6.72
CA THR A 69 0.21 -2.09 7.96
C THR A 69 0.97 -3.39 7.73
N ASN A 70 1.28 -4.10 8.82
CA ASN A 70 2.01 -5.36 8.73
C ASN A 70 1.16 -6.43 8.05
N ASP A 71 -0.12 -6.46 8.38
CA ASP A 71 -1.04 -7.43 7.80
C ASP A 71 -0.94 -7.44 6.29
N ALA A 72 -0.69 -6.27 5.71
CA ALA A 72 -0.56 -6.14 4.26
C ALA A 72 0.56 -7.02 3.72
N PHE A 73 1.78 -6.76 4.19
CA PHE A 73 2.95 -7.52 3.76
C PHE A 73 2.74 -9.01 4.00
N ALA A 74 2.41 -9.37 5.24
CA ALA A 74 2.19 -10.76 5.60
C ALA A 74 1.18 -11.41 4.67
N LYS A 75 0.23 -10.62 4.19
CA LYS A 75 -0.80 -11.13 3.29
C LYS A 75 -0.21 -11.44 1.92
N ARG A 76 0.35 -10.43 1.28
CA ARG A 76 0.95 -10.59 -0.04
C ARG A 76 2.02 -11.69 -0.02
N LEU A 77 2.74 -11.78 1.09
CA LEU A 77 3.79 -12.78 1.24
C LEU A 77 3.20 -14.19 1.31
N ALA A 78 2.30 -14.40 2.28
CA ALA A 78 1.66 -15.69 2.46
C ALA A 78 0.90 -16.11 1.20
N LYS A 79 0.06 -15.21 0.71
CA LYS A 79 -0.72 -15.48 -0.50
C LYS A 79 0.17 -15.94 -1.65
N LEU A 80 1.31 -15.26 -1.80
CA LEU A 80 2.26 -15.59 -2.86
C LEU A 80 3.06 -16.84 -2.49
N ASN A 81 3.08 -17.16 -1.21
CA ASN A 81 3.82 -18.33 -0.72
C ASN A 81 5.30 -18.21 -1.05
N LEU A 82 5.91 -17.12 -0.60
CA LEU A 82 7.33 -16.88 -0.85
C LEU A 82 8.02 -16.34 0.39
N THR A 83 9.34 -16.24 0.33
CA THR A 83 10.12 -15.74 1.47
C THR A 83 10.40 -14.25 1.33
N ALA A 84 10.37 -13.54 2.45
CA ALA A 84 10.62 -12.10 2.46
C ALA A 84 12.12 -11.80 2.39
N ASP A 85 12.91 -12.63 3.07
CA ASP A 85 14.36 -12.45 3.09
C ASP A 85 14.91 -12.34 1.67
N ALA A 86 14.31 -13.09 0.75
CA ALA A 86 14.75 -13.07 -0.64
C ALA A 86 14.78 -11.64 -1.19
N VAL A 87 13.83 -10.82 -0.75
CA VAL A 87 13.75 -9.44 -1.19
C VAL A 87 14.64 -8.54 -0.35
N LEU A 88 14.55 -8.69 0.96
CA LEU A 88 15.35 -7.90 1.89
C LEU A 88 16.83 -8.02 1.58
N LYS A 89 17.25 -9.23 1.21
CA LYS A 89 18.65 -9.50 0.88
C LYS A 89 19.02 -8.86 -0.46
N ASN A 90 18.01 -8.67 -1.31
CA ASN A 90 18.23 -8.08 -2.62
C ASN A 90 17.78 -6.63 -2.65
N LYS A 91 18.70 -5.71 -2.38
CA LYS A 91 18.39 -4.28 -2.37
C LYS A 91 17.71 -3.87 -3.67
N ASP A 92 18.19 -4.40 -4.79
CA ASP A 92 17.62 -4.09 -6.09
C ASP A 92 16.12 -4.36 -6.11
N LEU A 93 15.73 -5.49 -5.55
CA LEU A 93 14.31 -5.87 -5.49
C LEU A 93 13.54 -4.97 -4.53
N LEU A 94 14.17 -4.64 -3.41
CA LEU A 94 13.55 -3.79 -2.41
C LEU A 94 13.08 -2.47 -3.02
N VAL A 95 14.01 -1.75 -3.65
CA VAL A 95 13.69 -0.48 -4.28
C VAL A 95 12.67 -0.67 -5.40
N LYS A 96 12.77 -1.78 -6.10
CA LYS A 96 11.84 -2.09 -7.20
C LYS A 96 10.40 -2.02 -6.72
N ILE A 97 10.07 -2.82 -5.71
CA ILE A 97 8.72 -2.85 -5.16
C ILE A 97 8.42 -1.57 -4.38
N LEU A 98 9.42 -1.08 -3.65
CA LEU A 98 9.26 0.14 -2.86
C LEU A 98 8.88 1.32 -3.74
N SER A 99 9.38 1.31 -4.97
CA SER A 99 9.10 2.40 -5.92
C SER A 99 7.59 2.66 -5.99
N TYR A 100 6.81 1.60 -6.10
CA TYR A 100 5.36 1.71 -6.19
C TYR A 100 4.78 2.26 -4.88
N HIS A 101 5.38 1.88 -3.77
CA HIS A 101 4.93 2.33 -2.46
C HIS A 101 5.03 3.85 -2.35
N VAL A 102 6.00 4.42 -3.06
CA VAL A 102 6.21 5.87 -3.04
C VAL A 102 5.46 6.54 -4.19
N ILE A 103 5.01 7.77 -3.95
CA ILE A 103 4.29 8.53 -4.97
C ILE A 103 4.94 9.89 -5.20
N PRO A 104 5.64 10.03 -6.34
CA PRO A 104 6.31 11.28 -6.71
C PRO A 104 5.34 12.39 -7.07
N SER A 105 4.10 12.00 -7.39
CA SER A 105 3.07 12.96 -7.76
C SER A 105 2.99 14.10 -6.75
N GLY A 106 3.16 13.75 -5.47
CA GLY A 106 3.11 14.75 -4.42
C GLY A 106 1.86 14.64 -3.57
N ALA A 107 1.75 15.52 -2.58
CA ALA A 107 0.59 15.52 -1.69
C ALA A 107 -0.71 15.72 -2.47
N VAL A 108 -1.48 14.64 -2.60
CA VAL A 108 -2.75 14.71 -3.33
C VAL A 108 -3.87 15.25 -2.44
N TYR A 109 -4.39 16.41 -2.81
CA TYR A 109 -5.46 17.04 -2.05
C TYR A 109 -6.63 16.08 -1.86
N SER A 110 -7.16 16.03 -0.64
CA SER A 110 -8.28 15.15 -0.33
C SER A 110 -9.45 15.40 -1.27
N LYS A 111 -9.62 16.67 -1.66
CA LYS A 111 -10.70 17.05 -2.57
C LYS A 111 -10.43 16.55 -3.98
N ALA A 112 -9.15 16.37 -4.31
CA ALA A 112 -8.75 15.90 -5.63
C ALA A 112 -9.12 14.43 -5.81
N LEU A 113 -9.21 13.70 -4.71
CA LEU A 113 -9.56 12.28 -4.76
C LEU A 113 -10.85 12.07 -5.53
N LYS A 114 -10.76 11.38 -6.66
CA LYS A 114 -11.92 11.09 -7.49
C LYS A 114 -11.97 9.62 -7.88
N ASP A 115 -13.00 9.24 -8.64
CA ASP A 115 -13.16 7.86 -9.08
C ASP A 115 -12.26 7.58 -10.28
N ASN A 116 -12.13 8.55 -11.18
CA ASN A 116 -11.31 8.40 -12.36
C ASN A 116 -9.88 8.90 -12.11
N ALA A 117 -9.75 9.78 -11.12
CA ALA A 117 -8.44 10.33 -10.78
C ALA A 117 -7.39 9.23 -10.67
N THR A 118 -6.30 9.38 -11.42
CA THR A 118 -5.23 8.40 -11.40
C THR A 118 -4.01 8.93 -10.67
N VAL A 119 -3.20 8.02 -10.14
CA VAL A 119 -2.00 8.39 -9.41
C VAL A 119 -0.76 7.73 -10.01
N ALA A 120 0.31 8.51 -10.13
CA ALA A 120 1.56 7.99 -10.69
C ALA A 120 2.56 7.67 -9.58
N THR A 121 3.26 6.55 -9.74
CA THR A 121 4.25 6.13 -8.75
C THR A 121 5.67 6.34 -9.26
N ALA A 122 6.64 6.20 -8.38
CA ALA A 122 8.04 6.37 -8.74
C ALA A 122 8.45 5.40 -9.84
N LEU A 123 7.77 4.26 -9.89
CA LEU A 123 8.06 3.24 -10.89
C LEU A 123 7.54 3.67 -12.26
N LYS A 124 8.38 3.53 -13.29
CA LYS A 124 8.00 3.90 -14.64
C LYS A 124 6.87 3.00 -15.15
N ASP A 125 5.88 3.60 -15.80
CA ASP A 125 4.75 2.86 -16.34
C ASP A 125 3.94 2.22 -15.22
N ALA A 126 3.84 2.93 -14.09
CA ALA A 126 3.09 2.43 -12.94
C ALA A 126 2.11 3.47 -12.43
N SER A 127 0.82 3.24 -12.66
CA SER A 127 -0.21 4.18 -12.22
C SER A 127 -1.42 3.43 -11.67
N VAL A 128 -2.00 3.97 -10.60
CA VAL A 128 -3.16 3.34 -9.97
C VAL A 128 -4.38 4.26 -10.06
N THR A 129 -5.57 3.67 -9.96
CA THR A 129 -6.81 4.43 -10.02
C THR A 129 -7.39 4.65 -8.63
N VAL A 130 -7.96 5.84 -8.42
CA VAL A 130 -8.56 6.17 -7.13
C VAL A 130 -10.03 5.78 -7.08
N ARG A 131 -10.37 4.89 -6.16
CA ARG A 131 -11.76 4.44 -6.01
C ARG A 131 -12.29 4.76 -4.62
N LEU A 132 -13.29 5.64 -4.57
CA LEU A 132 -13.89 6.03 -3.30
C LEU A 132 -15.02 5.08 -2.92
N TYR A 133 -15.19 4.87 -1.62
CA TYR A 133 -16.23 3.99 -1.11
C TYR A 133 -16.53 4.27 0.35
N GLN A 134 -17.78 4.62 0.64
CA GLN A 134 -18.20 4.93 2.00
C GLN A 134 -17.35 6.05 2.59
N GLY A 135 -16.97 7.01 1.76
CA GLY A 135 -16.16 8.12 2.22
C GLY A 135 -14.72 7.71 2.49
N LYS A 136 -14.26 6.68 1.80
CA LYS A 136 -12.90 6.19 1.98
C LYS A 136 -12.22 5.97 0.64
N VAL A 137 -10.94 6.32 0.55
CA VAL A 137 -10.18 6.15 -0.68
C VAL A 137 -9.64 4.74 -0.81
N MET A 138 -9.57 4.24 -2.04
CA MET A 138 -9.07 2.90 -2.28
C MET A 138 -8.21 2.87 -3.54
N PHE A 139 -7.26 1.93 -3.58
CA PHE A 139 -6.37 1.80 -4.73
C PHE A 139 -6.67 0.53 -5.52
N LYS A 140 -6.99 0.69 -6.79
CA LYS A 140 -7.30 -0.44 -7.66
C LYS A 140 -6.53 -0.35 -8.98
N GLY A 141 -5.91 -1.46 -9.38
CA GLY A 141 -5.16 -1.48 -10.61
C GLY A 141 -5.29 -2.81 -11.34
N PRO A 142 -4.34 -3.08 -12.26
CA PRO A 142 -4.33 -4.31 -13.05
C PRO A 142 -3.99 -5.53 -12.20
N VAL A 143 -3.25 -5.31 -11.12
CA VAL A 143 -2.86 -6.39 -10.23
C VAL A 143 -2.62 -5.88 -8.80
N ASN A 144 -3.20 -6.56 -7.83
CA ASN A 144 -3.06 -6.17 -6.43
C ASN A 144 -3.77 -4.84 -6.16
N LYS A 145 -4.65 -4.84 -5.16
CA LYS A 145 -5.39 -3.63 -4.80
C LYS A 145 -5.53 -3.52 -3.28
N ALA A 146 -5.36 -2.31 -2.77
CA ALA A 146 -5.48 -2.07 -1.33
C ALA A 146 -6.42 -0.92 -1.05
N GLN A 147 -6.69 -0.68 0.24
CA GLN A 147 -7.59 0.40 0.65
C GLN A 147 -7.01 1.17 1.83
N VAL A 148 -6.85 2.48 1.67
CA VAL A 148 -6.31 3.32 2.72
C VAL A 148 -7.24 3.35 3.92
N THR A 149 -6.73 2.92 5.07
CA THR A 149 -7.51 2.90 6.31
C THR A 149 -7.35 4.20 7.08
N VAL A 150 -6.12 4.47 7.53
CA VAL A 150 -5.84 5.68 8.28
C VAL A 150 -4.89 6.60 7.51
N ALA A 151 -5.40 7.75 7.10
CA ALA A 151 -4.59 8.72 6.36
C ALA A 151 -4.51 10.05 7.09
N ASP A 152 -3.97 11.06 6.43
CA ASP A 152 -3.84 12.38 7.03
C ASP A 152 -2.82 12.37 8.17
N ILE A 153 -1.71 11.67 7.94
CA ILE A 153 -0.66 11.58 8.96
C ILE A 153 0.19 12.85 8.99
N LYS A 154 0.02 13.62 10.06
CA LYS A 154 0.78 14.86 10.21
C LYS A 154 2.28 14.62 10.09
N ALA A 155 2.86 15.07 8.97
CA ALA A 155 4.29 14.90 8.73
C ALA A 155 4.95 16.23 8.42
N GLY A 156 6.27 16.21 8.25
CA GLY A 156 7.01 17.41 7.96
C GLY A 156 7.68 17.37 6.61
N GLY A 157 7.23 18.21 5.69
CA GLY A 157 7.81 18.25 4.37
C GLY A 157 7.11 17.30 3.40
N SER A 158 6.69 16.15 3.90
CA SER A 158 6.01 15.16 3.09
C SER A 158 4.77 14.61 3.80
N VAL A 159 4.06 13.72 3.13
CA VAL A 159 2.86 13.11 3.70
C VAL A 159 2.85 11.60 3.50
N ILE A 160 2.34 10.88 4.49
CA ILE A 160 2.26 9.43 4.43
C ILE A 160 0.88 8.93 4.80
N HIS A 161 0.40 7.94 4.08
CA HIS A 161 -0.92 7.37 4.33
C HIS A 161 -0.81 5.88 4.68
N VAL A 162 -1.66 5.43 5.60
CA VAL A 162 -1.65 4.04 6.03
C VAL A 162 -2.68 3.22 5.25
N ILE A 163 -2.23 2.08 4.72
CA ILE A 163 -3.11 1.21 3.95
C ILE A 163 -3.21 -0.17 4.57
N ASN A 164 -4.30 -0.87 4.28
CA ASN A 164 -4.52 -2.20 4.82
C ASN A 164 -3.75 -3.25 4.02
N ASP A 165 -3.63 -3.02 2.71
CA ASP A 165 -2.92 -3.94 1.83
C ASP A 165 -1.78 -3.23 1.11
N VAL A 166 -0.92 -4.02 0.46
CA VAL A 166 0.21 -3.46 -0.27
C VAL A 166 0.00 -3.58 -1.77
N LEU A 167 0.46 -2.58 -2.51
CA LEU A 167 0.34 -2.58 -3.97
C LEU A 167 1.64 -3.01 -4.63
N LEU A 168 1.67 -4.25 -5.10
CA LEU A 168 2.86 -4.79 -5.77
C LEU A 168 2.91 -4.37 -7.23
N PRO A 169 4.12 -4.13 -7.74
CA PRO A 169 4.33 -3.73 -9.13
C PRO A 169 4.02 -4.85 -10.12
N PRO A 170 3.91 -4.49 -11.41
CA PRO A 170 3.61 -5.44 -12.48
C PRO A 170 4.78 -6.38 -12.74
N GLY A 171 4.47 -7.56 -13.31
CA GLY A 171 5.51 -8.52 -13.60
C GLY A 171 5.67 -9.57 -12.51
N VAL A 172 5.37 -9.17 -11.28
CA VAL A 172 5.48 -10.07 -10.13
C VAL A 172 4.16 -10.78 -9.87
N VAL A 173 3.52 -11.24 -10.94
CA VAL A 173 2.25 -11.95 -10.83
C VAL A 173 2.07 -12.96 -11.96
N SER A 174 1.93 -14.22 -11.59
CA SER A 174 1.75 -15.29 -12.57
C SER A 174 0.29 -15.48 -12.91
N ASP A 175 0.02 -16.30 -13.92
CA ASP A 175 -1.35 -16.57 -14.35
C ASP A 175 -2.16 -17.18 -13.20
N ALA A 176 -1.58 -18.17 -12.53
CA ALA A 176 -2.25 -18.83 -11.42
C ALA A 176 -2.38 -17.89 -10.22
N VAL A 177 -1.35 -17.09 -9.99
CA VAL A 177 -1.35 -16.15 -8.88
C VAL A 177 -2.54 -15.20 -8.96
N ALA A 178 -2.58 -14.40 -10.03
CA ALA A 178 -3.66 -13.45 -10.23
C ALA A 178 -5.01 -14.16 -10.32
N LYS A 179 -5.00 -15.34 -10.92
CA LYS A 179 -6.22 -16.12 -11.08
C LYS A 179 -6.77 -16.55 -9.72
N GLN A 180 -5.87 -16.83 -8.79
CA GLN A 180 -6.26 -17.25 -7.45
C GLN A 180 -6.94 -16.11 -6.70
N TRP A 181 -6.43 -14.90 -6.88
CA TRP A 181 -6.97 -13.72 -6.23
C TRP A 181 -8.37 -13.40 -6.76
N LYS A 182 -8.48 -13.28 -8.07
CA LYS A 182 -9.76 -12.99 -8.70
C LYS A 182 -10.76 -14.11 -8.46
N ALA A 183 -10.27 -15.35 -8.44
CA ALA A 183 -11.12 -16.51 -8.21
C ALA A 183 -11.96 -16.34 -6.95
N GLU A 184 -11.38 -15.68 -5.95
CA GLU A 184 -12.09 -15.46 -4.69
C GLU A 184 -13.43 -14.78 -4.93
N TRP A 185 -13.48 -13.91 -5.93
CA TRP A 185 -14.70 -13.18 -6.26
C TRP A 185 -15.58 -14.02 -7.19
N GLU A 186 -15.01 -14.49 -8.28
CA GLU A 186 -15.75 -15.30 -9.25
C GLU A 186 -16.41 -16.49 -8.58
N ALA A 187 -15.77 -17.00 -7.52
CA ALA A 187 -16.29 -18.13 -6.78
C ALA A 187 -17.72 -17.88 -6.31
N MET A 188 -18.02 -16.63 -5.99
CA MET A 188 -19.35 -16.24 -5.53
C MET A 188 -20.42 -16.74 -6.49
N LYS A 189 -20.11 -16.73 -7.78
CA LYS A 189 -21.04 -17.19 -8.81
C LYS A 189 -21.56 -18.58 -8.48
N ALA A 190 -20.65 -19.47 -8.09
CA ALA A 190 -21.02 -20.84 -7.74
C ALA A 190 -21.54 -20.93 -6.31
N GLU A 191 -21.99 -22.12 -5.92
CA GLU A 191 -22.50 -22.33 -4.58
C GLU A 191 -23.69 -21.40 -4.29
N LYS A 192 -24.88 -21.81 -4.73
CA LYS A 192 -26.08 -21.02 -4.53
C LYS A 192 -26.22 -20.63 -3.06
N LYS A 193 -25.94 -19.37 -2.76
CA LYS A 193 -26.04 -18.87 -1.39
C LYS A 193 -27.49 -18.92 -0.90
N VAL A 194 -27.67 -18.72 0.40
CA VAL A 194 -29.00 -18.73 0.99
C VAL A 194 -29.53 -17.32 1.23
N ALA A 195 -30.84 -17.15 1.15
CA ALA A 195 -31.45 -15.85 1.36
C ALA A 195 -31.05 -15.27 2.71
N PRO A 196 -31.21 -13.94 2.85
CA PRO A 196 -30.86 -13.23 4.09
C PRO A 196 -31.81 -13.56 5.22
N LYS A 197 -31.45 -13.14 6.44
CA LYS A 197 -32.27 -13.40 7.61
C LYS A 197 -32.77 -12.10 8.22
N ALA A 198 -33.68 -12.20 9.19
CA ALA A 198 -34.24 -11.03 9.85
C ALA A 198 -33.16 -10.23 10.57
N THR A 199 -32.68 -9.18 9.93
CA THR A 199 -31.64 -8.33 10.51
C THR A 199 -32.19 -6.97 10.92
N THR A 200 -31.56 -6.35 11.90
CA THR A 200 -31.99 -5.04 12.38
C THR A 200 -30.84 -4.04 12.35
N GLY A 201 -31.11 -2.86 11.80
CA GLY A 201 -30.09 -1.83 11.71
C GLY A 201 -30.64 -0.45 11.98
N ARG A 202 -29.84 0.58 11.71
CA ARG A 202 -30.25 1.95 11.92
C ARG A 202 -29.57 2.89 10.93
N ARG A 203 -30.34 3.36 9.95
CA ARG A 203 -29.81 4.26 8.93
C ARG A 203 -30.93 4.87 8.09
N PHE A 204 -31.04 6.19 8.12
CA PHE A 204 -32.07 6.89 7.37
C PHE A 204 -31.87 8.39 7.45
N LEU A 205 -32.00 9.07 6.31
CA LEU A 205 -31.84 10.51 6.25
C LEU A 205 -32.95 11.22 7.02
N LEU A 206 -32.60 12.33 7.66
CA LEU A 206 -33.56 13.11 8.43
C LEU A 206 -33.62 14.55 7.94
N PHE A 207 -34.23 14.75 6.78
CA PHE A 207 -34.36 16.08 6.20
C PHE A 207 -35.54 16.82 6.80
N GLY A 1 -29.53 -4.32 -40.40
CA GLY A 1 -28.71 -5.51 -40.25
C GLY A 1 -28.93 -6.21 -38.92
N PRO A 2 -28.03 -7.13 -38.59
CA PRO A 2 -28.10 -7.90 -37.33
C PRO A 2 -27.81 -7.02 -36.11
N HIS A 3 -27.77 -7.66 -34.93
CA HIS A 3 -27.51 -6.93 -33.70
C HIS A 3 -26.90 -7.87 -32.65
N MET A 4 -25.90 -7.38 -31.93
CA MET A 4 -25.24 -8.17 -30.90
C MET A 4 -25.51 -7.59 -29.51
N ALA A 5 -24.90 -8.19 -28.50
CA ALA A 5 -25.07 -7.73 -27.12
C ALA A 5 -23.85 -8.07 -26.28
N THR A 6 -23.75 -7.45 -25.10
CA THR A 6 -22.64 -7.68 -24.20
C THR A 6 -23.01 -7.36 -22.77
N PRO A 7 -23.84 -8.24 -22.16
CA PRO A 7 -24.30 -8.06 -20.78
C PRO A 7 -23.18 -8.27 -19.76
N LYS A 8 -22.82 -7.22 -19.05
CA LYS A 8 -21.76 -7.28 -18.05
C LYS A 8 -22.11 -6.45 -16.83
N ALA A 9 -21.39 -6.67 -15.73
CA ALA A 9 -21.63 -5.95 -14.49
C ALA A 9 -20.51 -6.19 -13.49
N ASN A 10 -20.35 -5.26 -12.55
CA ASN A 10 -19.31 -5.37 -11.53
C ASN A 10 -19.71 -4.62 -10.27
N ALA A 11 -19.45 -5.24 -9.12
CA ALA A 11 -19.78 -4.64 -7.83
C ALA A 11 -19.09 -5.37 -6.69
N THR A 12 -18.46 -4.60 -5.80
CA THR A 12 -17.75 -5.17 -4.66
C THR A 12 -18.16 -4.48 -3.36
N THR A 13 -18.01 -5.19 -2.25
CA THR A 13 -18.35 -4.65 -0.94
C THR A 13 -17.29 -4.99 0.10
N ALA A 14 -16.93 -4.00 0.92
CA ALA A 14 -15.93 -4.21 1.96
C ALA A 14 -16.32 -3.48 3.24
N LYS A 15 -15.69 -3.85 4.35
CA LYS A 15 -15.96 -3.24 5.63
C LYS A 15 -14.77 -3.37 6.57
N PRO A 16 -13.71 -2.59 6.30
CA PRO A 16 -12.49 -2.60 7.09
C PRO A 16 -12.70 -1.99 8.48
N ALA A 17 -11.60 -1.83 9.22
CA ALA A 17 -11.67 -1.26 10.57
C ALA A 17 -10.81 0.00 10.67
N SER A 18 -11.15 0.87 11.61
CA SER A 18 -10.42 2.12 11.81
C SER A 18 -9.97 2.25 13.26
N THR A 19 -9.12 3.24 13.52
CA THR A 19 -8.61 3.49 14.86
C THR A 19 -8.63 4.97 15.20
N THR A 20 -8.67 5.28 16.50
CA THR A 20 -8.69 6.67 16.95
C THR A 20 -7.30 7.12 17.36
N SER A 21 -6.64 7.85 16.47
CA SER A 21 -5.30 8.36 16.72
C SER A 21 -4.82 9.27 15.60
N THR A 22 -4.52 10.51 15.94
CA THR A 22 -4.06 11.49 14.95
C THR A 22 -3.12 12.50 15.59
N PRO A 23 -1.93 12.05 15.99
CA PRO A 23 -0.92 12.91 16.61
C PRO A 23 -0.31 13.90 15.63
N VAL A 24 0.73 14.59 16.07
CA VAL A 24 1.41 15.58 15.23
C VAL A 24 2.91 15.40 15.28
N TYR A 25 3.55 15.42 14.11
CA TYR A 25 5.00 15.27 14.02
C TYR A 25 5.66 16.58 13.66
N ALA A 26 6.99 16.63 13.78
CA ALA A 26 7.75 17.83 13.47
C ALA A 26 8.15 17.86 12.01
N THR A 27 8.75 16.77 11.54
CA THR A 27 9.19 16.67 10.15
C THR A 27 9.24 15.21 9.70
N LEU A 28 9.65 15.01 8.45
CA LEU A 28 9.75 13.66 7.89
C LEU A 28 10.51 12.73 8.83
N SER A 29 11.64 13.22 9.33
CA SER A 29 12.47 12.44 10.23
C SER A 29 11.66 11.92 11.41
N ASN A 30 10.82 12.79 11.96
CA ASN A 30 9.98 12.42 13.10
C ASN A 30 8.99 11.33 12.71
N ALA A 31 8.46 11.43 11.49
CA ALA A 31 7.49 10.46 11.01
C ALA A 31 8.15 9.09 10.82
N VAL A 32 9.29 9.07 10.14
CA VAL A 32 10.01 7.84 9.89
C VAL A 32 10.27 7.08 11.20
N THR A 33 10.76 7.80 12.19
CA THR A 33 11.06 7.20 13.49
C THR A 33 9.78 6.76 14.20
N ALA A 34 8.70 7.50 13.97
CA ALA A 34 7.42 7.19 14.58
C ALA A 34 6.93 5.80 14.15
N GLY A 35 6.78 5.61 12.85
CA GLY A 35 6.33 4.33 12.34
C GLY A 35 7.26 3.19 12.71
N ALA A 36 8.57 3.43 12.60
CA ALA A 36 9.56 2.43 12.93
C ALA A 36 9.45 1.99 14.39
N ALA A 37 9.06 2.93 15.25
CA ALA A 37 8.92 2.64 16.67
C ALA A 37 7.72 1.74 16.93
N ALA A 38 6.72 1.83 16.07
CA ALA A 38 5.51 1.02 16.20
C ALA A 38 5.67 -0.32 15.51
N PRO A 39 5.10 -1.37 16.11
CA PRO A 39 5.16 -2.73 15.58
C PRO A 39 4.32 -2.88 14.31
N GLN A 40 3.23 -2.14 14.23
CA GLN A 40 2.35 -2.20 13.07
C GLN A 40 3.13 -2.02 11.78
N LEU A 41 4.18 -1.20 11.84
CA LEU A 41 5.01 -0.94 10.67
C LEU A 41 6.34 -1.68 10.77
N THR A 42 6.31 -2.87 11.36
CA THR A 42 7.51 -3.68 11.52
C THR A 42 8.12 -4.02 10.16
N THR A 43 7.36 -4.75 9.35
CA THR A 43 7.83 -5.14 8.03
C THR A 43 8.30 -3.93 7.23
N LEU A 44 7.40 -2.96 7.05
CA LEU A 44 7.72 -1.75 6.31
C LEU A 44 9.02 -1.12 6.82
N PHE A 45 9.11 -0.95 8.14
CA PHE A 45 10.28 -0.35 8.76
C PHE A 45 11.55 -1.05 8.28
N ALA A 46 11.51 -2.38 8.20
CA ALA A 46 12.65 -3.16 7.74
C ALA A 46 12.96 -2.88 6.28
N ALA A 47 11.92 -2.63 5.49
CA ALA A 47 12.09 -2.35 4.07
C ALA A 47 12.66 -0.96 3.85
N VAL A 48 11.97 0.06 4.35
CA VAL A 48 12.40 1.44 4.21
C VAL A 48 13.81 1.63 4.79
N ARG A 49 14.10 0.91 5.86
CA ARG A 49 15.41 0.99 6.51
C ARG A 49 16.47 0.28 5.68
N ALA A 50 16.30 -1.03 5.51
CA ALA A 50 17.25 -1.83 4.74
C ALA A 50 17.46 -1.24 3.34
N ALA A 51 16.41 -0.65 2.79
CA ALA A 51 16.48 -0.04 1.46
C ALA A 51 17.41 1.17 1.48
N ASN A 52 17.53 1.82 2.63
CA ASN A 52 18.38 2.99 2.76
C ASN A 52 17.85 4.14 1.91
N VAL A 53 16.54 4.20 1.76
CA VAL A 53 15.91 5.26 0.96
C VAL A 53 15.36 6.37 1.86
N THR A 54 15.97 6.53 3.02
CA THR A 54 15.55 7.55 3.97
C THR A 54 16.09 8.92 3.58
N GLY A 55 17.28 8.94 2.99
CA GLY A 55 17.89 10.18 2.59
C GLY A 55 17.00 10.99 1.66
N ALA A 56 16.06 10.31 1.00
CA ALA A 56 15.14 10.97 0.08
C ALA A 56 14.18 11.88 0.83
N LEU A 57 13.85 11.51 2.07
CA LEU A 57 12.94 12.29 2.89
C LEU A 57 13.70 13.36 3.66
N THR A 58 13.87 14.53 3.04
CA THR A 58 14.58 15.64 3.68
C THR A 58 14.20 16.97 3.03
N ALA A 59 14.77 18.05 3.53
CA ALA A 59 14.51 19.38 3.01
C ALA A 59 13.00 19.64 2.90
N ASN A 60 12.25 19.07 3.85
CA ASN A 60 10.80 19.24 3.87
C ASN A 60 10.20 18.92 2.51
N THR A 61 10.80 17.95 1.81
CA THR A 61 10.32 17.55 0.50
C THR A 61 8.88 17.04 0.56
N THR A 62 8.06 17.50 -0.39
CA THR A 62 6.66 17.09 -0.43
C THR A 62 6.48 15.83 -1.26
N TRP A 63 6.10 14.74 -0.59
CA TRP A 63 5.89 13.46 -1.26
C TRP A 63 4.83 12.63 -0.55
N THR A 64 4.19 11.74 -1.29
CA THR A 64 3.14 10.89 -0.72
C THR A 64 3.59 9.43 -0.70
N ILE A 65 3.89 8.93 0.49
CA ILE A 65 4.32 7.53 0.64
C ILE A 65 3.24 6.70 1.31
N LEU A 66 3.15 5.43 0.92
CA LEU A 66 2.17 4.52 1.48
C LEU A 66 2.80 3.58 2.50
N ALA A 67 2.32 3.64 3.74
CA ALA A 67 2.84 2.81 4.81
C ALA A 67 1.82 1.76 5.23
N PRO A 68 1.75 0.66 4.46
CA PRO A 68 0.81 -0.43 4.73
C PRO A 68 1.19 -1.22 6.00
N THR A 69 0.17 -1.64 6.75
CA THR A 69 0.39 -2.39 7.97
C THR A 69 1.19 -3.66 7.70
N ASN A 70 1.83 -4.19 8.74
CA ASN A 70 2.63 -5.41 8.60
C ASN A 70 1.81 -6.53 7.95
N ASP A 71 0.56 -6.66 8.40
CA ASP A 71 -0.32 -7.70 7.87
C ASP A 71 -0.36 -7.65 6.35
N ALA A 72 -0.28 -6.44 5.80
CA ALA A 72 -0.30 -6.26 4.36
C ALA A 72 0.84 -7.03 3.69
N PHE A 73 2.04 -6.87 4.21
CA PHE A 73 3.22 -7.55 3.66
C PHE A 73 3.08 -9.06 3.82
N ALA A 74 2.63 -9.49 4.98
CA ALA A 74 2.45 -10.91 5.25
C ALA A 74 1.38 -11.53 4.35
N LYS A 75 0.42 -10.70 3.95
CA LYS A 75 -0.66 -11.17 3.08
C LYS A 75 -0.16 -11.37 1.65
N ARG A 76 0.33 -10.29 1.04
CA ARG A 76 0.84 -10.35 -0.32
C ARG A 76 1.97 -11.37 -0.43
N LEU A 77 2.77 -11.48 0.63
CA LEU A 77 3.89 -12.42 0.65
C LEU A 77 3.39 -13.86 0.79
N ALA A 78 2.37 -14.05 1.62
CA ALA A 78 1.80 -15.37 1.82
C ALA A 78 1.08 -15.88 0.57
N LYS A 79 0.31 -14.99 -0.05
CA LYS A 79 -0.42 -15.34 -1.27
C LYS A 79 0.53 -15.66 -2.42
N LEU A 80 1.60 -14.88 -2.52
CA LEU A 80 2.59 -15.08 -3.58
C LEU A 80 3.51 -16.26 -3.24
N ASN A 81 3.53 -16.63 -1.96
CA ASN A 81 4.38 -17.73 -1.51
C ASN A 81 5.85 -17.42 -1.73
N LEU A 82 6.28 -16.26 -1.24
CA LEU A 82 7.68 -15.85 -1.38
C LEU A 82 8.29 -15.55 -0.01
N THR A 83 9.61 -15.33 -0.01
CA THR A 83 10.32 -15.04 1.24
C THR A 83 10.62 -13.55 1.36
N ALA A 84 10.54 -13.04 2.58
CA ALA A 84 10.81 -11.63 2.84
C ALA A 84 12.31 -11.37 2.92
N ASP A 85 13.03 -12.27 3.57
CA ASP A 85 14.48 -12.13 3.71
C ASP A 85 15.14 -11.90 2.36
N ALA A 86 14.76 -12.69 1.37
CA ALA A 86 15.31 -12.56 0.02
C ALA A 86 15.21 -11.13 -0.48
N VAL A 87 14.13 -10.45 -0.11
CA VAL A 87 13.91 -9.08 -0.54
C VAL A 87 14.80 -8.12 0.24
N LEU A 88 14.67 -8.14 1.57
CA LEU A 88 15.47 -7.27 2.42
C LEU A 88 16.96 -7.43 2.13
N LYS A 89 17.37 -8.67 1.81
CA LYS A 89 18.76 -8.95 1.50
C LYS A 89 19.10 -8.53 0.08
N ASN A 90 18.09 -8.46 -0.78
CA ASN A 90 18.28 -8.06 -2.17
C ASN A 90 17.75 -6.65 -2.40
N LYS A 91 18.64 -5.67 -2.33
CA LYS A 91 18.27 -4.27 -2.54
C LYS A 91 17.59 -4.09 -3.90
N ASP A 92 18.09 -4.81 -4.90
CA ASP A 92 17.53 -4.73 -6.25
C ASP A 92 16.02 -4.96 -6.22
N LEU A 93 15.59 -6.07 -5.62
CA LEU A 93 14.19 -6.40 -5.53
C LEU A 93 13.47 -5.51 -4.51
N LEU A 94 14.18 -5.20 -3.42
CA LEU A 94 13.62 -4.36 -2.38
C LEU A 94 13.05 -3.06 -2.95
N VAL A 95 13.93 -2.26 -3.55
CA VAL A 95 13.52 -0.99 -4.15
C VAL A 95 12.45 -1.21 -5.21
N LYS A 96 12.54 -2.33 -5.92
CA LYS A 96 11.59 -2.65 -6.97
C LYS A 96 10.16 -2.61 -6.42
N ILE A 97 9.89 -3.41 -5.40
CA ILE A 97 8.56 -3.46 -4.79
C ILE A 97 8.19 -2.11 -4.21
N LEU A 98 9.15 -1.43 -3.59
CA LEU A 98 8.92 -0.12 -2.99
C LEU A 98 8.58 0.91 -4.06
N SER A 99 9.03 0.67 -5.29
CA SER A 99 8.77 1.58 -6.39
C SER A 99 7.28 1.88 -6.51
N TYR A 100 6.46 0.87 -6.24
CA TYR A 100 5.02 1.02 -6.32
C TYR A 100 4.42 1.34 -4.96
N HIS A 101 5.20 2.03 -4.13
CA HIS A 101 4.75 2.40 -2.79
C HIS A 101 4.88 3.91 -2.58
N VAL A 102 5.87 4.51 -3.23
CA VAL A 102 6.11 5.94 -3.10
C VAL A 102 5.42 6.71 -4.22
N ILE A 103 4.97 7.92 -3.92
CA ILE A 103 4.30 8.76 -4.91
C ILE A 103 5.02 10.09 -5.09
N PRO A 104 5.85 10.17 -6.14
CA PRO A 104 6.62 11.39 -6.45
C PRO A 104 5.72 12.52 -6.94
N SER A 105 4.55 12.16 -7.48
CA SER A 105 3.62 13.15 -7.99
C SER A 105 3.38 14.26 -6.96
N GLY A 106 3.39 13.89 -5.69
CA GLY A 106 3.17 14.85 -4.63
C GLY A 106 1.87 14.63 -3.90
N ALA A 107 1.71 15.27 -2.75
CA ALA A 107 0.50 15.14 -1.95
C ALA A 107 -0.74 15.50 -2.77
N VAL A 108 -1.81 14.74 -2.58
CA VAL A 108 -3.06 14.98 -3.30
C VAL A 108 -4.16 15.43 -2.35
N TYR A 109 -5.04 16.29 -2.86
CA TYR A 109 -6.14 16.80 -2.06
C TYR A 109 -7.44 16.08 -2.39
N SER A 110 -8.22 15.77 -1.35
CA SER A 110 -9.48 15.08 -1.53
C SER A 110 -10.39 15.83 -2.50
N LYS A 111 -10.44 17.14 -2.35
CA LYS A 111 -11.26 17.98 -3.21
C LYS A 111 -10.99 17.69 -4.69
N ALA A 112 -9.73 17.40 -5.00
CA ALA A 112 -9.35 17.08 -6.37
C ALA A 112 -9.48 15.59 -6.66
N LEU A 113 -9.40 14.79 -5.61
CA LEU A 113 -9.51 13.34 -5.74
C LEU A 113 -10.85 12.95 -6.36
N LYS A 114 -10.89 11.79 -7.00
CA LYS A 114 -12.11 11.30 -7.63
C LYS A 114 -11.96 9.84 -8.07
N ASP A 115 -13.01 9.30 -8.69
CA ASP A 115 -12.98 7.92 -9.16
C ASP A 115 -12.03 7.76 -10.34
N ASN A 116 -11.96 8.80 -11.16
CA ASN A 116 -11.10 8.79 -12.34
C ASN A 116 -9.68 9.22 -11.98
N ALA A 117 -9.55 9.93 -10.87
CA ALA A 117 -8.25 10.41 -10.41
C ALA A 117 -7.22 9.28 -10.42
N THR A 118 -6.10 9.51 -11.09
CA THR A 118 -5.04 8.51 -11.18
C THR A 118 -3.78 8.98 -10.45
N VAL A 119 -2.98 8.02 -10.00
CA VAL A 119 -1.75 8.34 -9.28
C VAL A 119 -0.55 7.68 -9.95
N ALA A 120 0.53 8.45 -10.12
CA ALA A 120 1.74 7.94 -10.75
C ALA A 120 2.78 7.58 -9.70
N THR A 121 3.22 6.32 -9.71
CA THR A 121 4.22 5.85 -8.76
C THR A 121 5.63 6.05 -9.29
N ALA A 122 6.61 5.99 -8.40
CA ALA A 122 8.01 6.16 -8.78
C ALA A 122 8.40 5.21 -9.89
N LEU A 123 7.74 4.05 -9.93
CA LEU A 123 8.01 3.04 -10.94
C LEU A 123 7.42 3.44 -12.29
N LYS A 124 8.20 3.25 -13.35
CA LYS A 124 7.75 3.60 -14.70
C LYS A 124 6.63 2.66 -15.15
N ASP A 125 5.65 3.23 -15.85
CA ASP A 125 4.52 2.44 -16.34
C ASP A 125 3.72 1.85 -15.18
N ALA A 126 3.64 2.60 -14.08
CA ALA A 126 2.90 2.15 -12.91
C ALA A 126 1.97 3.24 -12.39
N SER A 127 0.68 3.08 -12.67
CA SER A 127 -0.32 4.06 -12.23
C SER A 127 -1.56 3.36 -11.70
N VAL A 128 -2.09 3.88 -10.60
CA VAL A 128 -3.29 3.31 -9.98
C VAL A 128 -4.45 4.30 -10.03
N THR A 129 -5.66 3.77 -9.89
CA THR A 129 -6.86 4.60 -9.92
C THR A 129 -7.40 4.83 -8.51
N VAL A 130 -7.96 6.02 -8.28
CA VAL A 130 -8.51 6.36 -6.98
C VAL A 130 -9.98 5.98 -6.88
N ARG A 131 -10.39 5.51 -5.71
CA ARG A 131 -11.77 5.11 -5.48
C ARG A 131 -12.29 5.65 -4.16
N LEU A 132 -13.38 6.40 -4.22
CA LEU A 132 -13.99 6.97 -3.01
C LEU A 132 -14.98 6.01 -2.39
N TYR A 133 -14.66 5.52 -1.20
CA TYR A 133 -15.54 4.59 -0.49
C TYR A 133 -15.60 4.93 1.00
N GLN A 134 -16.81 5.22 1.48
CA GLN A 134 -17.00 5.56 2.88
C GLN A 134 -16.13 6.74 3.29
N GLY A 135 -15.98 7.70 2.38
CA GLY A 135 -15.17 8.87 2.65
C GLY A 135 -13.70 8.54 2.80
N LYS A 136 -13.27 7.46 2.15
CA LYS A 136 -11.88 7.03 2.20
C LYS A 136 -11.30 6.85 0.80
N VAL A 137 -9.98 6.90 0.70
CA VAL A 137 -9.31 6.74 -0.59
C VAL A 137 -8.82 5.31 -0.78
N MET A 138 -9.29 4.67 -1.85
CA MET A 138 -8.90 3.29 -2.14
C MET A 138 -8.20 3.20 -3.49
N PHE A 139 -7.15 2.39 -3.56
CA PHE A 139 -6.38 2.21 -4.78
C PHE A 139 -6.74 0.90 -5.46
N LYS A 140 -6.72 0.90 -6.79
CA LYS A 140 -7.05 -0.29 -7.57
C LYS A 140 -6.24 -0.33 -8.86
N GLY A 141 -5.84 -1.53 -9.27
CA GLY A 141 -5.07 -1.69 -10.49
C GLY A 141 -5.51 -2.89 -11.29
N PRO A 142 -4.65 -3.31 -12.25
CA PRO A 142 -4.93 -4.45 -13.11
C PRO A 142 -4.87 -5.77 -12.35
N VAL A 143 -4.02 -5.83 -11.33
CA VAL A 143 -3.87 -7.04 -10.52
C VAL A 143 -3.72 -6.70 -9.05
N ASN A 144 -4.62 -7.22 -8.23
CA ASN A 144 -4.58 -6.97 -6.79
C ASN A 144 -4.86 -5.50 -6.49
N LYS A 145 -5.36 -5.23 -5.29
CA LYS A 145 -5.66 -3.86 -4.87
C LYS A 145 -5.72 -3.76 -3.35
N ALA A 146 -5.36 -2.59 -2.83
CA ALA A 146 -5.38 -2.36 -1.39
C ALA A 146 -6.17 -1.10 -1.05
N GLN A 147 -6.80 -1.11 0.11
CA GLN A 147 -7.59 0.04 0.56
C GLN A 147 -6.92 0.73 1.75
N VAL A 148 -6.94 2.06 1.73
CA VAL A 148 -6.34 2.85 2.81
C VAL A 148 -7.20 2.80 4.06
N THR A 149 -6.64 2.28 5.15
CA THR A 149 -7.35 2.19 6.41
C THR A 149 -7.30 3.50 7.17
N VAL A 150 -6.09 3.93 7.50
CA VAL A 150 -5.88 5.18 8.23
C VAL A 150 -4.97 6.13 7.47
N ALA A 151 -5.54 7.24 7.01
CA ALA A 151 -4.77 8.23 6.25
C ALA A 151 -4.78 9.58 6.97
N ASP A 152 -4.27 10.60 6.29
CA ASP A 152 -4.22 11.95 6.85
C ASP A 152 -3.23 12.01 8.02
N ILE A 153 -2.15 11.25 7.91
CA ILE A 153 -1.13 11.22 8.95
C ILE A 153 -0.39 12.54 9.02
N LYS A 154 -0.57 13.25 10.13
CA LYS A 154 0.10 14.53 10.33
C LYS A 154 1.61 14.40 10.14
N ALA A 155 2.10 14.95 9.04
CA ALA A 155 3.53 14.91 8.73
C ALA A 155 4.01 16.23 8.16
N GLY A 156 4.98 16.84 8.85
CA GLY A 156 5.52 18.11 8.40
C GLY A 156 6.50 17.95 7.26
N GLY A 157 6.15 18.48 6.09
CA GLY A 157 7.02 18.39 4.94
C GLY A 157 6.55 17.36 3.93
N SER A 158 6.00 16.26 4.43
CA SER A 158 5.50 15.19 3.57
C SER A 158 4.20 14.61 4.12
N VAL A 159 3.66 13.63 3.41
CA VAL A 159 2.42 12.98 3.83
C VAL A 159 2.49 11.47 3.60
N ILE A 160 1.95 10.71 4.55
CA ILE A 160 1.95 9.25 4.45
C ILE A 160 0.59 8.68 4.82
N HIS A 161 0.15 7.67 4.08
CA HIS A 161 -1.13 7.03 4.33
C HIS A 161 -0.95 5.56 4.70
N VAL A 162 -1.75 5.09 5.65
CA VAL A 162 -1.67 3.69 6.09
C VAL A 162 -2.68 2.83 5.34
N ILE A 163 -2.18 1.76 4.73
CA ILE A 163 -3.04 0.84 3.98
C ILE A 163 -3.14 -0.51 4.68
N ASN A 164 -4.21 -1.23 4.41
CA ASN A 164 -4.43 -2.55 5.01
C ASN A 164 -3.68 -3.63 4.23
N ASP A 165 -3.62 -3.47 2.91
CA ASP A 165 -2.94 -4.42 2.05
C ASP A 165 -1.91 -3.73 1.17
N VAL A 166 -1.10 -4.52 0.47
CA VAL A 166 -0.08 -3.98 -0.42
C VAL A 166 -0.31 -4.41 -1.85
N LEU A 167 0.05 -3.55 -2.80
CA LEU A 167 -0.12 -3.84 -4.21
C LEU A 167 1.19 -4.32 -4.83
N LEU A 168 1.08 -5.05 -5.94
CA LEU A 168 2.26 -5.57 -6.63
C LEU A 168 2.38 -4.98 -8.02
N PRO A 169 3.63 -4.76 -8.47
CA PRO A 169 3.90 -4.20 -9.79
C PRO A 169 3.57 -5.17 -10.92
N PRO A 170 3.55 -4.65 -12.16
CA PRO A 170 3.23 -5.46 -13.35
C PRO A 170 4.34 -6.45 -13.68
N GLY A 171 3.97 -7.55 -14.32
CA GLY A 171 4.94 -8.56 -14.68
C GLY A 171 5.46 -9.33 -13.48
N VAL A 172 4.65 -9.39 -12.43
CA VAL A 172 5.04 -10.09 -11.20
C VAL A 172 3.89 -10.94 -10.68
N VAL A 173 3.17 -11.59 -11.59
CA VAL A 173 2.05 -12.44 -11.22
C VAL A 173 1.96 -13.67 -12.12
N SER A 174 1.68 -14.82 -11.53
CA SER A 174 1.57 -16.07 -12.28
C SER A 174 0.14 -16.26 -12.79
N ASP A 175 -0.02 -17.17 -13.74
CA ASP A 175 -1.32 -17.47 -14.31
C ASP A 175 -2.28 -17.98 -13.24
N ALA A 176 -1.87 -19.04 -12.56
CA ALA A 176 -2.69 -19.63 -11.50
C ALA A 176 -2.87 -18.66 -10.33
N VAL A 177 -1.83 -17.88 -10.06
CA VAL A 177 -1.88 -16.91 -8.98
C VAL A 177 -2.95 -15.87 -9.21
N ALA A 178 -3.04 -15.37 -10.44
CA ALA A 178 -4.04 -14.37 -10.80
C ALA A 178 -5.43 -14.97 -10.80
N LYS A 179 -5.54 -16.23 -11.20
CA LYS A 179 -6.82 -16.92 -11.25
C LYS A 179 -7.39 -17.11 -9.84
N GLN A 180 -6.50 -17.36 -8.88
CA GLN A 180 -6.92 -17.56 -7.49
C GLN A 180 -7.81 -16.41 -7.03
N TRP A 181 -7.36 -15.19 -7.25
CA TRP A 181 -8.12 -14.01 -6.85
C TRP A 181 -9.34 -13.81 -7.74
N LYS A 182 -9.15 -14.01 -9.04
CA LYS A 182 -10.24 -13.86 -10.00
C LYS A 182 -11.46 -14.65 -9.56
N ALA A 183 -11.24 -15.78 -8.89
CA ALA A 183 -12.32 -16.62 -8.41
C ALA A 183 -13.36 -15.80 -7.65
N GLU A 184 -12.88 -14.87 -6.83
CA GLU A 184 -13.77 -14.02 -6.05
C GLU A 184 -14.82 -13.37 -6.94
N TRP A 185 -14.44 -13.06 -8.17
CA TRP A 185 -15.36 -12.43 -9.12
C TRP A 185 -16.28 -13.47 -9.76
N GLU A 186 -15.70 -14.59 -10.15
CA GLU A 186 -16.47 -15.66 -10.78
C GLU A 186 -17.67 -16.05 -9.92
N ALA A 187 -17.48 -16.03 -8.61
CA ALA A 187 -18.54 -16.37 -7.67
C ALA A 187 -19.82 -15.58 -7.97
N MET A 188 -19.63 -14.35 -8.44
CA MET A 188 -20.77 -13.48 -8.76
C MET A 188 -21.76 -14.21 -9.66
N LYS A 189 -21.25 -15.07 -10.54
CA LYS A 189 -22.09 -15.83 -11.46
C LYS A 189 -23.21 -16.54 -10.70
N ALA A 190 -22.89 -17.00 -9.49
CA ALA A 190 -23.87 -17.71 -8.67
C ALA A 190 -24.36 -18.98 -9.36
N GLU A 191 -23.47 -19.96 -9.44
CA GLU A 191 -23.81 -21.24 -10.08
C GLU A 191 -24.78 -22.03 -9.21
N LYS A 192 -25.22 -23.18 -9.73
CA LYS A 192 -26.15 -24.04 -8.99
C LYS A 192 -25.63 -24.33 -7.59
N LYS A 193 -26.53 -24.29 -6.61
CA LYS A 193 -26.16 -24.55 -5.23
C LYS A 193 -27.40 -24.86 -4.39
N VAL A 194 -27.20 -25.04 -3.09
CA VAL A 194 -28.30 -25.34 -2.17
C VAL A 194 -29.10 -24.08 -1.86
N ALA A 195 -30.41 -24.24 -1.73
CA ALA A 195 -31.30 -23.12 -1.42
C ALA A 195 -32.07 -23.37 -0.14
N PRO A 196 -31.39 -23.27 1.01
CA PRO A 196 -31.99 -23.48 2.32
C PRO A 196 -32.98 -22.37 2.69
N LYS A 197 -33.68 -22.56 3.81
CA LYS A 197 -34.64 -21.56 4.28
C LYS A 197 -34.49 -21.33 5.78
N ALA A 198 -35.42 -20.56 6.35
CA ALA A 198 -35.39 -20.26 7.77
C ALA A 198 -36.77 -20.44 8.39
N THR A 199 -36.89 -20.08 9.67
CA THR A 199 -38.15 -20.21 10.38
C THR A 199 -38.51 -18.90 11.09
N THR A 200 -39.72 -18.85 11.66
CA THR A 200 -40.19 -17.67 12.37
C THR A 200 -41.08 -18.05 13.54
N GLY A 201 -41.12 -17.20 14.56
CA GLY A 201 -41.94 -17.46 15.73
C GLY A 201 -43.08 -16.47 15.86
N ARG A 202 -43.64 -16.40 17.06
CA ARG A 202 -44.76 -15.49 17.32
C ARG A 202 -44.76 -15.05 18.79
N ARG A 203 -45.59 -14.05 19.10
CA ARG A 203 -45.69 -13.55 20.46
C ARG A 203 -47.04 -13.89 21.07
N PHE A 204 -47.25 -13.47 22.31
CA PHE A 204 -48.50 -13.75 23.02
C PHE A 204 -49.24 -12.45 23.34
N LEU A 205 -50.45 -12.58 23.87
CA LEU A 205 -51.26 -11.42 24.21
C LEU A 205 -51.43 -11.32 25.73
N LEU A 206 -51.62 -10.10 26.21
CA LEU A 206 -51.81 -9.86 27.64
C LEU A 206 -53.25 -9.48 27.95
N PHE A 207 -53.76 -9.98 29.07
CA PHE A 207 -55.13 -9.69 29.49
C PHE A 207 -55.19 -9.37 30.98
N GLY A 1 -17.27 -21.34 -0.45
CA GLY A 1 -18.59 -20.70 -0.46
C GLY A 1 -19.66 -21.58 -1.06
N PRO A 2 -20.93 -21.21 -0.86
CA PRO A 2 -22.07 -21.96 -1.38
C PRO A 2 -22.18 -21.86 -2.90
N HIS A 3 -23.02 -22.71 -3.48
CA HIS A 3 -23.22 -22.71 -4.92
C HIS A 3 -24.58 -23.32 -5.29
N MET A 4 -25.47 -22.49 -5.82
CA MET A 4 -26.79 -22.95 -6.21
C MET A 4 -26.95 -22.92 -7.72
N ALA A 5 -28.09 -23.43 -8.20
CA ALA A 5 -28.36 -23.47 -9.63
C ALA A 5 -28.81 -22.11 -10.14
N THR A 6 -27.92 -21.12 -10.01
CA THR A 6 -28.22 -19.76 -10.46
C THR A 6 -26.96 -18.91 -10.53
N PRO A 7 -26.08 -19.25 -11.48
CA PRO A 7 -24.82 -18.53 -11.69
C PRO A 7 -25.03 -17.13 -12.24
N LYS A 8 -24.99 -16.14 -11.36
CA LYS A 8 -25.18 -14.75 -11.76
C LYS A 8 -23.99 -13.89 -11.32
N ALA A 9 -24.05 -12.60 -11.65
CA ALA A 9 -22.98 -11.68 -11.28
C ALA A 9 -22.99 -11.39 -9.79
N ASN A 10 -22.13 -10.47 -9.35
CA ASN A 10 -22.04 -10.12 -7.94
C ASN A 10 -21.57 -8.67 -7.78
N ALA A 11 -21.38 -8.25 -6.53
CA ALA A 11 -20.94 -6.89 -6.24
C ALA A 11 -19.85 -6.89 -5.19
N THR A 12 -19.40 -5.70 -4.79
CA THR A 12 -18.36 -5.56 -3.78
C THR A 12 -18.81 -4.67 -2.64
N THR A 13 -18.01 -4.61 -1.58
CA THR A 13 -18.32 -3.80 -0.42
C THR A 13 -17.08 -3.50 0.41
N ALA A 14 -17.13 -2.43 1.20
CA ALA A 14 -16.00 -2.05 2.04
C ALA A 14 -16.36 -0.86 2.92
N LYS A 15 -15.83 -0.86 4.13
CA LYS A 15 -16.10 0.22 5.08
C LYS A 15 -15.28 0.05 6.36
N PRO A 16 -13.96 0.31 6.26
CA PRO A 16 -13.05 0.18 7.39
C PRO A 16 -13.28 1.26 8.46
N ALA A 17 -12.45 1.26 9.49
CA ALA A 17 -12.56 2.22 10.56
C ALA A 17 -11.42 2.08 11.56
N SER A 18 -10.96 3.21 12.09
CA SER A 18 -9.86 3.21 13.05
C SER A 18 -9.60 4.62 13.57
N THR A 19 -9.25 4.71 14.86
CA THR A 19 -8.97 6.00 15.48
C THR A 19 -7.77 5.91 16.41
N THR A 20 -7.09 7.04 16.60
CA THR A 20 -5.92 7.09 17.46
C THR A 20 -5.80 8.44 18.15
N SER A 21 -4.77 8.60 18.97
CA SER A 21 -4.54 9.85 19.69
C SER A 21 -3.05 10.17 19.76
N THR A 22 -2.66 11.25 19.08
CA THR A 22 -1.27 11.67 19.06
C THR A 22 -1.14 13.15 18.72
N PRO A 23 0.01 13.75 19.08
CA PRO A 23 0.28 15.16 18.82
C PRO A 23 0.48 15.45 17.35
N VAL A 24 0.87 16.69 17.03
CA VAL A 24 1.10 17.09 15.65
C VAL A 24 2.49 16.69 15.19
N TYR A 25 2.68 16.62 13.88
CA TYR A 25 3.96 16.25 13.29
C TYR A 25 5.02 17.32 13.56
N ALA A 26 6.22 16.88 13.92
CA ALA A 26 7.31 17.80 14.20
C ALA A 26 8.24 17.94 13.00
N THR A 27 8.68 16.80 12.47
CA THR A 27 9.57 16.80 11.31
C THR A 27 9.57 15.44 10.62
N LEU A 28 10.02 15.42 9.37
CA LEU A 28 10.06 14.19 8.59
C LEU A 28 10.77 13.08 9.37
N SER A 29 11.94 13.40 9.90
CA SER A 29 12.71 12.43 10.67
C SER A 29 11.85 11.79 11.76
N ASN A 30 11.02 12.60 12.41
CA ASN A 30 10.15 12.11 13.47
C ASN A 30 9.13 11.12 12.92
N ALA A 31 8.58 11.43 11.74
CA ALA A 31 7.59 10.57 11.11
C ALA A 31 8.17 9.18 10.85
N VAL A 32 9.34 9.14 10.22
CA VAL A 32 10.00 7.89 9.90
C VAL A 32 10.20 7.04 11.16
N THR A 33 10.73 7.66 12.21
CA THR A 33 10.98 6.97 13.46
C THR A 33 9.66 6.58 14.14
N ALA A 34 8.63 7.39 13.94
CA ALA A 34 7.32 7.14 14.53
C ALA A 34 6.76 5.80 14.04
N GLY A 35 6.66 5.65 12.73
CA GLY A 35 6.13 4.43 12.15
C GLY A 35 7.00 3.23 12.47
N ALA A 36 8.31 3.41 12.39
CA ALA A 36 9.26 2.33 12.68
C ALA A 36 9.10 1.81 14.10
N ALA A 37 8.74 2.72 15.01
CA ALA A 37 8.55 2.36 16.41
C ALA A 37 7.30 1.51 16.60
N ALA A 38 6.32 1.70 15.72
CA ALA A 38 5.07 0.95 15.78
C ALA A 38 5.19 -0.37 15.03
N PRO A 39 4.48 -1.40 15.52
CA PRO A 39 4.49 -2.73 14.91
C PRO A 39 3.76 -2.75 13.57
N GLN A 40 2.74 -1.90 13.43
CA GLN A 40 1.97 -1.82 12.20
C GLN A 40 2.89 -1.65 11.00
N LEU A 41 4.01 -0.97 11.20
CA LEU A 41 4.97 -0.73 10.14
C LEU A 41 6.24 -1.56 10.34
N THR A 42 6.07 -2.76 10.89
CA THR A 42 7.20 -3.65 11.13
C THR A 42 7.93 -3.98 9.84
N THR A 43 7.23 -4.65 8.92
CA THR A 43 7.82 -5.02 7.64
C THR A 43 8.29 -3.80 6.87
N LEU A 44 7.41 -2.82 6.72
CA LEU A 44 7.74 -1.59 6.00
C LEU A 44 9.04 -0.99 6.53
N PHE A 45 9.08 -0.77 7.84
CA PHE A 45 10.27 -0.19 8.47
C PHE A 45 11.53 -0.95 8.07
N ALA A 46 11.45 -2.28 8.10
CA ALA A 46 12.58 -3.11 7.73
C ALA A 46 12.99 -2.88 6.28
N ALA A 47 12.02 -2.54 5.44
CA ALA A 47 12.29 -2.28 4.03
C ALA A 47 12.86 -0.88 3.82
N VAL A 48 12.09 0.13 4.25
CA VAL A 48 12.51 1.52 4.11
C VAL A 48 13.88 1.74 4.76
N ARG A 49 14.14 1.01 5.84
CA ARG A 49 15.41 1.14 6.55
C ARG A 49 16.53 0.47 5.76
N ALA A 50 16.43 -0.85 5.60
CA ALA A 50 17.44 -1.61 4.87
C ALA A 50 17.68 -1.02 3.49
N ALA A 51 16.62 -0.50 2.88
CA ALA A 51 16.70 0.10 1.55
C ALA A 51 17.56 1.36 1.58
N ASN A 52 17.60 2.03 2.73
CA ASN A 52 18.38 3.25 2.89
C ASN A 52 17.84 4.35 1.98
N VAL A 53 16.53 4.35 1.76
CA VAL A 53 15.89 5.35 0.92
C VAL A 53 15.28 6.47 1.76
N THR A 54 15.88 6.72 2.91
CA THR A 54 15.40 7.77 3.81
C THR A 54 15.88 9.14 3.36
N GLY A 55 17.03 9.18 2.71
CA GLY A 55 17.58 10.44 2.24
C GLY A 55 16.69 11.10 1.21
N ALA A 56 15.74 10.34 0.67
CA ALA A 56 14.81 10.86 -0.33
C ALA A 56 13.84 11.85 0.29
N LEU A 57 13.54 11.66 1.57
CA LEU A 57 12.61 12.53 2.28
C LEU A 57 13.36 13.65 3.00
N THR A 58 13.52 14.78 2.33
CA THR A 58 14.22 15.93 2.89
C THR A 58 13.26 17.09 3.14
N ALA A 59 13.81 18.24 3.50
CA ALA A 59 13.02 19.44 3.75
C ALA A 59 12.45 20.01 2.46
N ASN A 60 11.30 20.68 2.57
CA ASN A 60 10.66 21.27 1.40
C ASN A 60 10.49 20.24 0.29
N THR A 61 10.35 18.98 0.67
CA THR A 61 10.17 17.90 -0.29
C THR A 61 8.76 17.33 -0.24
N THR A 62 7.99 17.59 -1.28
CA THR A 62 6.61 17.10 -1.34
C THR A 62 6.55 15.72 -1.99
N TRP A 63 6.18 14.71 -1.20
CA TRP A 63 6.09 13.35 -1.71
C TRP A 63 5.03 12.56 -0.95
N THR A 64 4.29 11.72 -1.66
CA THR A 64 3.24 10.91 -1.06
C THR A 64 3.64 9.45 -1.00
N ILE A 65 3.93 8.96 0.20
CA ILE A 65 4.32 7.57 0.39
C ILE A 65 3.22 6.77 1.07
N LEU A 66 3.14 5.48 0.75
CA LEU A 66 2.13 4.60 1.33
C LEU A 66 2.75 3.65 2.35
N ALA A 67 2.28 3.74 3.59
CA ALA A 67 2.78 2.89 4.66
C ALA A 67 1.73 1.86 5.09
N PRO A 68 1.62 0.77 4.32
CA PRO A 68 0.66 -0.30 4.60
C PRO A 68 1.03 -1.10 5.84
N THR A 69 0.02 -1.56 6.57
CA THR A 69 0.23 -2.33 7.78
C THR A 69 1.06 -3.58 7.49
N ASN A 70 1.51 -4.25 8.55
CA ASN A 70 2.31 -5.46 8.42
C ASN A 70 1.51 -6.57 7.73
N ASP A 71 0.24 -6.68 8.09
CA ASP A 71 -0.64 -7.69 7.51
C ASP A 71 -0.57 -7.65 5.98
N ALA A 72 -0.43 -6.45 5.44
CA ALA A 72 -0.36 -6.27 4.00
C ALA A 72 0.82 -7.04 3.41
N PHE A 73 2.01 -6.77 3.93
CA PHE A 73 3.22 -7.43 3.45
C PHE A 73 3.12 -8.94 3.64
N ALA A 74 2.92 -9.36 4.88
CA ALA A 74 2.80 -10.78 5.20
C ALA A 74 1.79 -11.47 4.29
N LYS A 75 0.75 -10.72 3.90
CA LYS A 75 -0.29 -11.27 3.03
C LYS A 75 0.27 -11.54 1.63
N ARG A 76 1.04 -10.60 1.11
CA ARG A 76 1.63 -10.75 -0.22
C ARG A 76 2.65 -11.88 -0.24
N LEU A 77 3.46 -11.96 0.80
CA LEU A 77 4.48 -12.99 0.90
C LEU A 77 3.85 -14.39 0.81
N ALA A 78 2.85 -14.63 1.66
CA ALA A 78 2.17 -15.91 1.68
C ALA A 78 1.47 -16.18 0.35
N LYS A 79 0.74 -15.17 -0.14
CA LYS A 79 0.03 -15.31 -1.41
C LYS A 79 0.98 -15.65 -2.55
N LEU A 80 2.16 -15.03 -2.54
CA LEU A 80 3.17 -15.28 -3.56
C LEU A 80 3.91 -16.58 -3.30
N ASN A 81 3.84 -17.07 -2.06
CA ASN A 81 4.49 -18.31 -1.68
C ASN A 81 6.01 -18.19 -1.82
N LEU A 82 6.57 -17.13 -1.24
CA LEU A 82 8.00 -16.89 -1.30
C LEU A 82 8.53 -16.45 0.06
N THR A 83 9.86 -16.33 0.16
CA THR A 83 10.49 -15.92 1.41
C THR A 83 10.72 -14.41 1.43
N ALA A 84 10.57 -13.81 2.61
CA ALA A 84 10.75 -12.38 2.77
C ALA A 84 12.23 -12.03 2.87
N ASP A 85 12.99 -12.86 3.57
CA ASP A 85 14.42 -12.64 3.74
C ASP A 85 15.09 -12.40 2.39
N ALA A 86 14.73 -13.21 1.40
CA ALA A 86 15.30 -13.09 0.06
C ALA A 86 15.12 -11.68 -0.49
N VAL A 87 14.00 -11.06 -0.14
CA VAL A 87 13.71 -9.71 -0.61
C VAL A 87 14.44 -8.67 0.23
N LEU A 88 14.23 -8.71 1.55
CA LEU A 88 14.87 -7.79 2.45
C LEU A 88 16.38 -7.78 2.26
N LYS A 89 16.93 -8.95 1.99
CA LYS A 89 18.38 -9.09 1.78
C LYS A 89 18.76 -8.63 0.37
N ASN A 90 17.80 -8.69 -0.55
CA ASN A 90 18.04 -8.29 -1.93
C ASN A 90 17.61 -6.84 -2.16
N LYS A 91 18.58 -5.94 -2.26
CA LYS A 91 18.30 -4.53 -2.48
C LYS A 91 17.54 -4.32 -3.78
N ASP A 92 17.91 -5.09 -4.80
CA ASP A 92 17.27 -5.00 -6.10
C ASP A 92 15.74 -5.09 -5.97
N LEU A 93 15.28 -6.18 -5.36
CA LEU A 93 13.86 -6.39 -5.16
C LEU A 93 13.28 -5.39 -4.18
N LEU A 94 14.07 -5.04 -3.17
CA LEU A 94 13.64 -4.08 -2.15
C LEU A 94 13.14 -2.79 -2.80
N VAL A 95 14.04 -2.11 -3.51
CA VAL A 95 13.69 -0.87 -4.18
C VAL A 95 12.64 -1.10 -5.26
N LYS A 96 12.69 -2.26 -5.90
CA LYS A 96 11.73 -2.60 -6.95
C LYS A 96 10.31 -2.40 -6.46
N ILE A 97 9.98 -3.01 -5.33
CA ILE A 97 8.65 -2.89 -4.75
C ILE A 97 8.42 -1.52 -4.13
N LEU A 98 9.42 -1.05 -3.38
CA LEU A 98 9.33 0.25 -2.73
C LEU A 98 9.01 1.35 -3.75
N SER A 99 9.49 1.17 -4.97
CA SER A 99 9.25 2.14 -6.04
C SER A 99 7.77 2.48 -6.14
N TYR A 100 6.94 1.45 -6.14
CA TYR A 100 5.49 1.64 -6.24
C TYR A 100 4.94 2.28 -4.97
N HIS A 101 5.52 1.93 -3.83
CA HIS A 101 5.08 2.46 -2.55
C HIS A 101 5.23 3.98 -2.53
N VAL A 102 6.14 4.49 -3.34
CA VAL A 102 6.38 5.94 -3.42
C VAL A 102 5.55 6.57 -4.53
N ILE A 103 4.89 7.68 -4.21
CA ILE A 103 4.06 8.38 -5.19
C ILE A 103 4.54 9.83 -5.37
N PRO A 104 5.36 10.04 -6.41
CA PRO A 104 5.91 11.37 -6.72
C PRO A 104 4.83 12.32 -7.23
N SER A 105 3.65 11.79 -7.50
CA SER A 105 2.55 12.60 -8.00
C SER A 105 2.33 13.83 -7.13
N GLY A 106 2.60 13.69 -5.84
CA GLY A 106 2.43 14.80 -4.92
C GLY A 106 1.26 14.61 -3.98
N ALA A 107 1.25 15.35 -2.89
CA ALA A 107 0.17 15.26 -1.90
C ALA A 107 -1.20 15.38 -2.57
N VAL A 108 -1.91 14.28 -2.65
CA VAL A 108 -3.24 14.27 -3.27
C VAL A 108 -4.24 15.03 -2.41
N TYR A 109 -5.14 15.75 -3.07
CA TYR A 109 -6.16 16.53 -2.37
C TYR A 109 -7.51 15.84 -2.43
N SER A 110 -8.25 15.91 -1.33
CA SER A 110 -9.57 15.29 -1.25
C SER A 110 -10.44 15.73 -2.42
N LYS A 111 -10.31 16.99 -2.82
CA LYS A 111 -11.09 17.53 -3.92
C LYS A 111 -10.62 16.95 -5.25
N ALA A 112 -9.31 16.73 -5.37
CA ALA A 112 -8.75 16.17 -6.61
C ALA A 112 -9.06 14.69 -6.72
N LEU A 113 -9.28 14.04 -5.58
CA LEU A 113 -9.59 12.61 -5.56
C LEU A 113 -10.86 12.31 -6.36
N LYS A 114 -10.91 11.13 -6.94
CA LYS A 114 -12.07 10.71 -7.73
C LYS A 114 -12.02 9.21 -8.03
N ASP A 115 -13.05 8.73 -8.71
CA ASP A 115 -13.12 7.31 -9.07
C ASP A 115 -12.25 7.01 -10.29
N ASN A 116 -12.20 7.95 -11.22
CA ASN A 116 -11.41 7.79 -12.44
C ASN A 116 -10.00 8.35 -12.24
N ALA A 117 -9.87 9.31 -11.34
CA ALA A 117 -8.57 9.92 -11.06
C ALA A 117 -7.49 8.85 -10.87
N THR A 118 -6.45 8.94 -11.69
CA THR A 118 -5.35 7.98 -11.61
C THR A 118 -4.15 8.58 -10.90
N VAL A 119 -3.32 7.72 -10.32
CA VAL A 119 -2.12 8.17 -9.60
C VAL A 119 -0.87 7.52 -10.17
N ALA A 120 0.18 8.32 -10.34
CA ALA A 120 1.45 7.82 -10.86
C ALA A 120 2.45 7.59 -9.74
N THR A 121 3.12 6.44 -9.78
CA THR A 121 4.11 6.10 -8.76
C THR A 121 5.53 6.36 -9.27
N ALA A 122 6.50 6.22 -8.39
CA ALA A 122 7.90 6.43 -8.74
C ALA A 122 8.35 5.43 -9.80
N LEU A 123 7.75 4.24 -9.79
CA LEU A 123 8.09 3.20 -10.74
C LEU A 123 7.51 3.51 -12.12
N LYS A 124 8.29 3.23 -13.15
CA LYS A 124 7.85 3.46 -14.52
C LYS A 124 6.75 2.49 -14.92
N ASP A 125 5.76 3.01 -15.64
CA ASP A 125 4.63 2.19 -16.09
C ASP A 125 3.86 1.63 -14.89
N ALA A 126 3.77 2.43 -13.83
CA ALA A 126 3.05 2.02 -12.63
C ALA A 126 2.07 3.10 -12.19
N SER A 127 0.79 2.86 -12.45
CA SER A 127 -0.26 3.80 -12.09
C SER A 127 -1.48 3.08 -11.52
N VAL A 128 -2.05 3.65 -10.45
CA VAL A 128 -3.22 3.06 -9.81
C VAL A 128 -4.43 3.97 -9.95
N THR A 129 -5.62 3.41 -9.70
CA THR A 129 -6.86 4.18 -9.79
C THR A 129 -7.36 4.57 -8.40
N VAL A 130 -7.92 5.77 -8.29
CA VAL A 130 -8.45 6.25 -7.03
C VAL A 130 -9.91 5.87 -6.86
N ARG A 131 -10.29 5.54 -5.62
CA ARG A 131 -11.66 5.17 -5.32
C ARG A 131 -12.12 5.76 -3.99
N LEU A 132 -13.11 6.66 -4.07
CA LEU A 132 -13.63 7.30 -2.86
C LEU A 132 -14.85 6.56 -2.34
N TYR A 133 -14.87 6.31 -1.04
CA TYR A 133 -15.98 5.60 -0.41
C TYR A 133 -16.00 5.86 1.10
N GLN A 134 -17.12 6.37 1.59
CA GLN A 134 -17.27 6.66 3.01
C GLN A 134 -16.19 7.63 3.49
N GLY A 135 -15.94 8.66 2.70
CA GLY A 135 -14.94 9.64 3.05
C GLY A 135 -13.56 9.02 3.23
N LYS A 136 -13.33 7.91 2.56
CA LYS A 136 -12.04 7.21 2.64
C LYS A 136 -11.46 6.95 1.26
N VAL A 137 -10.14 6.92 1.17
CA VAL A 137 -9.46 6.67 -0.09
C VAL A 137 -9.16 5.19 -0.29
N MET A 138 -9.36 4.70 -1.51
CA MET A 138 -9.11 3.30 -1.82
C MET A 138 -8.40 3.17 -3.16
N PHE A 139 -7.46 2.22 -3.24
CA PHE A 139 -6.70 1.99 -4.46
C PHE A 139 -7.20 0.73 -5.17
N LYS A 140 -7.03 0.69 -6.49
CA LYS A 140 -7.45 -0.45 -7.29
C LYS A 140 -6.66 -0.53 -8.59
N GLY A 141 -6.32 -1.75 -8.99
CA GLY A 141 -5.56 -1.93 -10.22
C GLY A 141 -6.01 -3.16 -11.00
N PRO A 142 -5.17 -3.62 -11.94
CA PRO A 142 -5.47 -4.78 -12.77
C PRO A 142 -5.44 -6.08 -11.96
N VAL A 143 -4.59 -6.12 -10.95
CA VAL A 143 -4.47 -7.31 -10.09
C VAL A 143 -4.43 -6.93 -8.63
N ASN A 144 -5.38 -7.46 -7.85
CA ASN A 144 -5.46 -7.17 -6.44
C ASN A 144 -5.73 -5.69 -6.19
N LYS A 145 -6.21 -5.38 -4.98
CA LYS A 145 -6.50 -3.99 -4.62
C LYS A 145 -6.49 -3.81 -3.10
N ALA A 146 -6.13 -2.62 -2.65
CA ALA A 146 -6.08 -2.32 -1.23
C ALA A 146 -6.82 -1.03 -0.91
N GLN A 147 -7.11 -0.82 0.37
CA GLN A 147 -7.83 0.38 0.79
C GLN A 147 -7.09 1.07 1.95
N VAL A 148 -7.04 2.40 1.89
CA VAL A 148 -6.38 3.18 2.92
C VAL A 148 -7.15 3.16 4.23
N THR A 149 -6.64 2.43 5.21
CA THR A 149 -7.28 2.32 6.52
C THR A 149 -7.25 3.66 7.25
N VAL A 150 -6.05 4.20 7.42
CA VAL A 150 -5.88 5.48 8.11
C VAL A 150 -5.03 6.44 7.29
N ALA A 151 -5.65 7.52 6.82
CA ALA A 151 -4.95 8.52 6.02
C ALA A 151 -4.86 9.85 6.76
N ASP A 152 -4.40 10.87 6.07
CA ASP A 152 -4.27 12.20 6.65
C ASP A 152 -3.21 12.21 7.76
N ILE A 153 -2.17 11.41 7.57
CA ILE A 153 -1.09 11.32 8.55
C ILE A 153 -0.27 12.61 8.60
N LYS A 154 -0.42 13.35 9.69
CA LYS A 154 0.30 14.60 9.86
C LYS A 154 1.80 14.40 9.67
N ALA A 155 2.38 15.12 8.71
CA ALA A 155 3.80 15.03 8.45
C ALA A 155 4.38 16.38 8.04
N GLY A 156 5.71 16.46 7.99
CA GLY A 156 6.37 17.70 7.63
C GLY A 156 7.04 17.62 6.27
N GLY A 157 6.53 18.38 5.30
CA GLY A 157 7.11 18.37 3.97
C GLY A 157 6.49 17.30 3.08
N SER A 158 6.20 16.15 3.66
CA SER A 158 5.61 15.04 2.91
C SER A 158 4.36 14.52 3.61
N VAL A 159 3.74 13.51 3.01
CA VAL A 159 2.53 12.90 3.58
C VAL A 159 2.52 11.39 3.38
N ILE A 160 2.06 10.67 4.40
CA ILE A 160 2.00 9.22 4.33
C ILE A 160 0.58 8.72 4.59
N HIS A 161 0.23 7.60 3.96
CA HIS A 161 -1.10 7.02 4.13
C HIS A 161 -1.00 5.55 4.58
N VAL A 162 -1.80 5.19 5.56
CA VAL A 162 -1.81 3.82 6.08
C VAL A 162 -2.81 2.95 5.33
N ILE A 163 -2.31 1.91 4.68
CA ILE A 163 -3.17 0.99 3.93
C ILE A 163 -3.23 -0.38 4.60
N ASN A 164 -4.30 -1.12 4.30
CA ASN A 164 -4.49 -2.45 4.88
C ASN A 164 -3.74 -3.50 4.06
N ASP A 165 -3.72 -3.31 2.74
CA ASP A 165 -3.05 -4.24 1.83
C ASP A 165 -2.01 -3.51 0.98
N VAL A 166 -1.18 -4.28 0.29
CA VAL A 166 -0.15 -3.72 -0.56
C VAL A 166 -0.48 -3.92 -2.04
N LEU A 167 -0.13 -2.93 -2.86
CA LEU A 167 -0.38 -3.01 -4.29
C LEU A 167 0.87 -3.43 -5.06
N LEU A 168 0.67 -4.23 -6.09
CA LEU A 168 1.79 -4.71 -6.91
C LEU A 168 1.61 -4.30 -8.37
N PRO A 169 2.73 -4.01 -9.04
CA PRO A 169 2.72 -3.60 -10.46
C PRO A 169 2.35 -4.76 -11.38
N PRO A 170 2.07 -4.42 -12.65
CA PRO A 170 1.70 -5.43 -13.66
C PRO A 170 2.88 -6.31 -14.05
N GLY A 171 2.56 -7.55 -14.45
CA GLY A 171 3.60 -8.48 -14.85
C GLY A 171 4.05 -9.37 -13.70
N VAL A 172 3.96 -8.84 -12.48
CA VAL A 172 4.36 -9.60 -11.29
C VAL A 172 3.46 -10.81 -11.09
N VAL A 173 2.18 -10.65 -11.41
CA VAL A 173 1.21 -11.74 -11.25
C VAL A 173 1.25 -12.67 -12.45
N SER A 174 1.56 -13.94 -12.20
CA SER A 174 1.63 -14.93 -13.27
C SER A 174 0.25 -15.53 -13.54
N ASP A 175 0.17 -16.38 -14.56
CA ASP A 175 -1.09 -17.01 -14.93
C ASP A 175 -1.63 -17.86 -13.78
N ALA A 176 -0.80 -18.76 -13.28
CA ALA A 176 -1.19 -19.64 -12.18
C ALA A 176 -1.39 -18.84 -10.89
N VAL A 177 -0.52 -17.86 -10.68
CA VAL A 177 -0.58 -17.02 -9.49
C VAL A 177 -1.95 -16.35 -9.37
N ALA A 178 -2.31 -15.57 -10.38
CA ALA A 178 -3.60 -14.89 -10.39
C ALA A 178 -4.75 -15.88 -10.31
N LYS A 179 -4.67 -16.94 -11.09
CA LYS A 179 -5.71 -17.96 -11.11
C LYS A 179 -6.03 -18.44 -9.70
N GLN A 180 -4.99 -18.68 -8.90
CA GLN A 180 -5.17 -19.13 -7.52
C GLN A 180 -6.04 -18.16 -6.74
N TRP A 181 -5.75 -16.88 -6.88
CA TRP A 181 -6.51 -15.84 -6.18
C TRP A 181 -7.96 -15.81 -6.66
N LYS A 182 -8.15 -15.93 -7.97
CA LYS A 182 -9.49 -15.92 -8.56
C LYS A 182 -10.34 -17.03 -7.97
N ALA A 183 -9.76 -18.21 -7.80
CA ALA A 183 -10.47 -19.35 -7.24
C ALA A 183 -10.76 -19.14 -5.76
N GLU A 184 -9.74 -18.81 -4.99
CA GLU A 184 -9.89 -18.58 -3.56
C GLU A 184 -10.93 -17.50 -3.29
N TRP A 185 -10.89 -16.44 -4.09
CA TRP A 185 -11.83 -15.34 -3.94
C TRP A 185 -13.26 -15.80 -4.20
N GLU A 186 -13.46 -16.53 -5.29
CA GLU A 186 -14.78 -17.04 -5.65
C GLU A 186 -15.38 -17.84 -4.50
N ALA A 187 -14.56 -18.69 -3.89
CA ALA A 187 -15.01 -19.52 -2.78
C ALA A 187 -15.25 -18.68 -1.52
N MET A 188 -14.26 -17.88 -1.17
CA MET A 188 -14.36 -17.02 0.01
C MET A 188 -15.62 -16.17 -0.04
N LYS A 189 -15.98 -15.73 -1.24
CA LYS A 189 -17.17 -14.91 -1.43
C LYS A 189 -18.39 -15.56 -0.78
N ALA A 190 -19.30 -14.74 -0.28
CA ALA A 190 -20.51 -15.23 0.35
C ALA A 190 -21.57 -15.59 -0.68
N GLU A 191 -22.77 -15.94 -0.21
CA GLU A 191 -23.87 -16.30 -1.09
C GLU A 191 -24.09 -15.22 -2.15
N LYS A 192 -24.55 -15.63 -3.33
CA LYS A 192 -24.81 -14.71 -4.41
C LYS A 192 -25.73 -13.57 -3.96
N LYS A 193 -25.88 -12.56 -4.81
CA LYS A 193 -26.72 -11.42 -4.49
C LYS A 193 -27.86 -11.29 -5.51
N VAL A 194 -28.66 -10.24 -5.37
CA VAL A 194 -29.78 -9.99 -6.27
C VAL A 194 -29.33 -10.03 -7.72
N ALA A 195 -30.10 -10.73 -8.55
CA ALA A 195 -29.78 -10.84 -9.97
C ALA A 195 -30.91 -11.51 -10.74
N PRO A 196 -32.01 -10.77 -10.93
CA PRO A 196 -33.19 -11.27 -11.65
C PRO A 196 -32.93 -11.46 -13.14
N LYS A 197 -32.32 -10.45 -13.75
CA LYS A 197 -32.00 -10.49 -15.18
C LYS A 197 -30.56 -10.09 -15.44
N ALA A 198 -29.69 -11.09 -15.57
CA ALA A 198 -28.28 -10.83 -15.82
C ALA A 198 -27.71 -11.84 -16.83
N THR A 199 -26.41 -11.75 -17.07
CA THR A 199 -25.74 -12.64 -18.01
C THR A 199 -24.94 -13.71 -17.28
N THR A 200 -24.58 -14.77 -18.00
CA THR A 200 -23.81 -15.86 -17.42
C THR A 200 -23.41 -16.88 -18.48
N GLY A 201 -22.54 -17.81 -18.11
CA GLY A 201 -22.09 -18.82 -19.04
C GLY A 201 -20.79 -19.47 -18.61
N ARG A 202 -20.72 -20.80 -18.71
CA ARG A 202 -19.53 -21.53 -18.33
C ARG A 202 -19.42 -22.84 -19.11
N ARG A 203 -18.27 -23.50 -18.99
CA ARG A 203 -18.04 -24.76 -19.69
C ARG A 203 -17.16 -25.69 -18.85
N PHE A 204 -16.90 -26.88 -19.39
CA PHE A 204 -16.08 -27.86 -18.69
C PHE A 204 -15.39 -28.79 -19.69
N LEU A 205 -14.07 -28.91 -19.56
CA LEU A 205 -13.29 -29.77 -20.45
C LEU A 205 -12.73 -30.97 -19.70
N LEU A 206 -13.16 -32.17 -20.09
CA LEU A 206 -12.70 -33.40 -19.45
C LEU A 206 -11.19 -33.55 -19.60
N PHE A 207 -10.66 -34.62 -19.01
CA PHE A 207 -9.22 -34.89 -19.07
C PHE A 207 -8.96 -36.31 -19.55
N GLY A 1 5.12 -38.35 -12.78
CA GLY A 1 5.68 -37.45 -11.80
C GLY A 1 4.69 -37.09 -10.71
N PRO A 2 4.43 -38.03 -9.80
CA PRO A 2 3.49 -37.83 -8.69
C PRO A 2 4.01 -36.84 -7.65
N HIS A 3 3.51 -35.61 -7.70
CA HIS A 3 3.93 -34.58 -6.76
C HIS A 3 2.80 -34.24 -5.78
N MET A 4 3.18 -33.89 -4.56
CA MET A 4 2.20 -33.54 -3.54
C MET A 4 1.52 -32.22 -3.85
N ALA A 5 0.53 -31.87 -3.04
CA ALA A 5 -0.20 -30.62 -3.24
C ALA A 5 0.38 -29.49 -2.40
N THR A 6 0.59 -29.77 -1.11
CA THR A 6 1.14 -28.77 -0.21
C THR A 6 0.29 -27.52 -0.17
N PRO A 7 -0.89 -27.62 0.47
CA PRO A 7 -1.82 -26.50 0.58
C PRO A 7 -1.30 -25.39 1.51
N LYS A 8 -1.86 -24.20 1.38
CA LYS A 8 -1.46 -23.07 2.20
C LYS A 8 -2.65 -22.50 2.96
N ALA A 9 -2.80 -22.93 4.22
CA ALA A 9 -3.91 -22.46 5.05
C ALA A 9 -3.50 -21.21 5.84
N ASN A 10 -4.09 -20.08 5.50
CA ASN A 10 -3.80 -18.82 6.18
C ASN A 10 -5.04 -18.25 6.86
N ALA A 11 -4.84 -17.65 8.03
CA ALA A 11 -5.96 -17.08 8.77
C ALA A 11 -5.49 -15.89 9.61
N THR A 12 -6.40 -15.34 10.41
CA THR A 12 -6.08 -14.20 11.26
C THR A 12 -6.52 -14.45 12.70
N THR A 13 -6.38 -15.69 13.16
CA THR A 13 -6.77 -16.06 14.51
C THR A 13 -6.16 -15.10 15.54
N ALA A 14 -4.92 -14.69 15.28
CA ALA A 14 -4.22 -13.77 16.18
C ALA A 14 -5.07 -12.55 16.49
N LYS A 15 -4.73 -11.85 17.56
CA LYS A 15 -5.46 -10.66 17.97
C LYS A 15 -4.50 -9.48 18.16
N PRO A 16 -3.99 -8.95 17.04
CA PRO A 16 -3.06 -7.81 17.05
C PRO A 16 -3.75 -6.52 17.46
N ALA A 17 -3.10 -5.76 18.34
CA ALA A 17 -3.66 -4.50 18.81
C ALA A 17 -2.55 -3.56 19.27
N SER A 18 -2.35 -2.46 18.52
CA SER A 18 -1.32 -1.49 18.85
C SER A 18 -1.93 -0.26 19.53
N THR A 19 -1.07 0.66 19.96
CA THR A 19 -1.52 1.87 20.63
C THR A 19 -1.13 3.11 19.82
N THR A 20 -2.04 4.08 19.77
CA THR A 20 -1.80 5.32 19.05
C THR A 20 -1.12 6.36 19.92
N SER A 21 0.11 6.69 19.59
CA SER A 21 0.88 7.68 20.36
C SER A 21 1.52 8.71 19.44
N THR A 22 1.55 9.95 19.89
CA THR A 22 2.13 11.04 19.11
C THR A 22 1.35 11.27 17.83
N PRO A 23 0.14 11.86 17.97
CA PRO A 23 -0.73 12.15 16.83
C PRO A 23 -0.18 13.27 15.95
N VAL A 24 0.58 14.18 16.55
CA VAL A 24 1.16 15.30 15.82
C VAL A 24 2.68 15.18 15.77
N TYR A 25 3.21 14.94 14.58
CA TYR A 25 4.65 14.80 14.39
C TYR A 25 5.30 16.16 14.18
N ALA A 26 6.62 16.19 14.24
CA ALA A 26 7.38 17.43 14.06
C ALA A 26 7.77 17.62 12.61
N THR A 27 8.37 16.58 12.02
CA THR A 27 8.80 16.64 10.62
C THR A 27 8.95 15.23 10.04
N LEU A 28 9.37 15.16 8.78
CA LEU A 28 9.55 13.89 8.11
C LEU A 28 10.33 12.92 8.98
N SER A 29 11.46 13.38 9.51
CA SER A 29 12.29 12.55 10.37
C SER A 29 11.48 11.92 11.49
N ASN A 30 10.61 12.72 12.10
CA ASN A 30 9.76 12.23 13.18
C ASN A 30 8.81 11.14 12.70
N ALA A 31 8.34 11.29 11.46
CA ALA A 31 7.43 10.31 10.88
C ALA A 31 8.12 8.96 10.70
N VAL A 32 9.30 8.98 10.09
CA VAL A 32 10.06 7.75 9.86
C VAL A 32 10.31 7.01 11.17
N THR A 33 10.80 7.74 12.16
CA THR A 33 11.09 7.15 13.46
C THR A 33 9.81 6.70 14.17
N ALA A 34 8.72 7.43 13.92
CA ALA A 34 7.44 7.12 14.53
C ALA A 34 6.96 5.73 14.11
N GLY A 35 6.82 5.52 12.81
CA GLY A 35 6.37 4.24 12.30
C GLY A 35 7.31 3.11 12.68
N ALA A 36 8.61 3.36 12.57
CA ALA A 36 9.61 2.35 12.90
C ALA A 36 9.48 1.91 14.36
N ALA A 37 9.07 2.84 15.21
CA ALA A 37 8.91 2.54 16.63
C ALA A 37 7.70 1.65 16.87
N ALA A 38 6.71 1.75 15.99
CA ALA A 38 5.50 0.95 16.10
C ALA A 38 5.66 -0.40 15.42
N PRO A 39 5.09 -1.45 16.02
CA PRO A 39 5.16 -2.81 15.50
C PRO A 39 4.35 -2.98 14.21
N GLN A 40 3.24 -2.24 14.12
CA GLN A 40 2.38 -2.31 12.95
C GLN A 40 3.17 -2.11 11.66
N LEU A 41 4.23 -1.29 11.74
CA LEU A 41 5.07 -1.02 10.58
C LEU A 41 6.40 -1.76 10.71
N THR A 42 6.36 -2.94 11.31
CA THR A 42 7.57 -3.74 11.48
C THR A 42 8.19 -4.10 10.14
N THR A 43 7.44 -4.82 9.31
CA THR A 43 7.92 -5.22 8.00
C THR A 43 8.39 -4.02 7.19
N LEU A 44 7.49 -3.06 7.01
CA LEU A 44 7.81 -1.86 6.25
C LEU A 44 9.09 -1.21 6.76
N PHE A 45 9.16 -1.01 8.08
CA PHE A 45 10.34 -0.41 8.70
C PHE A 45 11.61 -1.09 8.24
N ALA A 46 11.58 -2.43 8.17
CA ALA A 46 12.73 -3.21 7.74
C ALA A 46 13.05 -2.96 6.28
N ALA A 47 12.00 -2.72 5.49
CA ALA A 47 12.16 -2.47 4.06
C ALA A 47 12.72 -1.08 3.81
N VAL A 48 12.02 -0.06 4.30
CA VAL A 48 12.44 1.32 4.13
C VAL A 48 13.84 1.54 4.68
N ARG A 49 14.19 0.80 5.73
CA ARG A 49 15.51 0.91 6.35
C ARG A 49 16.56 0.18 5.51
N ALA A 50 16.39 -1.12 5.35
CA ALA A 50 17.32 -1.93 4.58
C ALA A 50 17.49 -1.37 3.17
N ALA A 51 16.44 -0.75 2.65
CA ALA A 51 16.47 -0.18 1.31
C ALA A 51 17.42 1.01 1.25
N ASN A 52 17.67 1.62 2.40
CA ASN A 52 18.58 2.77 2.48
C ASN A 52 18.01 3.96 1.71
N VAL A 53 16.69 4.11 1.75
CA VAL A 53 16.03 5.21 1.05
C VAL A 53 15.76 6.38 2.00
N THR A 54 15.86 6.11 3.30
CA THR A 54 15.64 7.14 4.31
C THR A 54 16.44 8.40 4.01
N GLY A 55 17.64 8.21 3.46
CA GLY A 55 18.49 9.33 3.13
C GLY A 55 17.81 10.33 2.22
N ALA A 56 16.97 9.83 1.32
CA ALA A 56 16.24 10.69 0.40
C ALA A 56 15.09 11.41 1.09
N LEU A 57 14.53 10.77 2.11
CA LEU A 57 13.42 11.35 2.85
C LEU A 57 13.84 12.63 3.55
N THR A 58 13.60 13.77 2.90
CA THR A 58 13.96 15.06 3.45
C THR A 58 12.73 15.95 3.64
N ALA A 59 12.86 16.99 4.45
CA ALA A 59 11.77 17.91 4.70
C ALA A 59 11.34 18.63 3.42
N ASN A 60 12.26 19.39 2.84
CA ASN A 60 11.98 20.12 1.61
C ASN A 60 11.36 19.21 0.55
N THR A 61 11.75 17.94 0.58
CA THR A 61 11.25 16.96 -0.37
C THR A 61 9.80 16.60 -0.06
N THR A 62 8.89 17.05 -0.93
CA THR A 62 7.47 16.77 -0.75
C THR A 62 7.03 15.59 -1.61
N TRP A 63 6.64 14.50 -0.96
CA TRP A 63 6.19 13.30 -1.67
C TRP A 63 5.09 12.58 -0.88
N THR A 64 4.46 11.61 -1.52
CA THR A 64 3.38 10.85 -0.89
C THR A 64 3.72 9.37 -0.84
N ILE A 65 4.03 8.87 0.35
CA ILE A 65 4.36 7.47 0.53
C ILE A 65 3.26 6.72 1.28
N LEU A 66 3.13 5.43 1.01
CA LEU A 66 2.12 4.61 1.66
C LEU A 66 2.75 3.63 2.63
N ALA A 67 2.21 3.56 3.85
CA ALA A 67 2.72 2.65 4.87
C ALA A 67 1.65 1.67 5.31
N PRO A 68 1.50 0.57 4.55
CA PRO A 68 0.50 -0.47 4.85
C PRO A 68 0.87 -1.27 6.10
N THR A 69 -0.15 -1.74 6.81
CA THR A 69 0.06 -2.53 8.02
C THR A 69 0.91 -3.76 7.74
N ASN A 70 1.50 -4.31 8.79
CA ASN A 70 2.34 -5.51 8.67
C ASN A 70 1.54 -6.67 8.10
N ASP A 71 0.31 -6.84 8.58
CA ASP A 71 -0.55 -7.92 8.12
C ASP A 71 -0.63 -7.93 6.59
N ALA A 72 -0.63 -6.75 6.00
CA ALA A 72 -0.70 -6.63 4.54
C ALA A 72 0.50 -7.27 3.88
N PHE A 73 1.67 -7.11 4.49
CA PHE A 73 2.90 -7.69 3.96
C PHE A 73 2.91 -9.21 4.10
N ALA A 74 2.73 -9.67 5.33
CA ALA A 74 2.72 -11.11 5.61
C ALA A 74 1.75 -11.84 4.68
N LYS A 75 0.66 -11.17 4.32
CA LYS A 75 -0.34 -11.75 3.43
C LYS A 75 0.19 -11.82 2.01
N ARG A 76 0.75 -10.73 1.52
CA ARG A 76 1.29 -10.67 0.18
C ARG A 76 2.32 -11.77 -0.06
N LEU A 77 3.37 -11.77 0.76
CA LEU A 77 4.42 -12.78 0.65
C LEU A 77 3.86 -14.18 0.83
N ALA A 78 2.92 -14.32 1.76
CA ALA A 78 2.29 -15.61 2.03
C ALA A 78 1.78 -16.25 0.74
N LYS A 79 0.93 -15.53 0.03
CA LYS A 79 0.35 -16.04 -1.22
C LYS A 79 1.44 -16.16 -2.28
N LEU A 80 2.49 -15.36 -2.16
CA LEU A 80 3.59 -15.39 -3.11
C LEU A 80 4.49 -16.59 -2.87
N ASN A 81 4.39 -17.17 -1.68
CA ASN A 81 5.20 -18.34 -1.32
C ASN A 81 6.68 -18.05 -1.50
N LEU A 82 7.16 -16.99 -0.83
CA LEU A 82 8.56 -16.61 -0.91
C LEU A 82 9.10 -16.21 0.46
N THR A 83 10.42 -16.05 0.55
CA THR A 83 11.05 -15.67 1.81
C THR A 83 11.43 -14.18 1.80
N ALA A 84 11.28 -13.54 2.95
CA ALA A 84 11.60 -12.13 3.08
C ALA A 84 13.11 -11.90 3.05
N ASP A 85 13.85 -12.84 3.63
CA ASP A 85 15.31 -12.74 3.68
C ASP A 85 15.88 -12.51 2.29
N ALA A 86 15.28 -13.14 1.29
CA ALA A 86 15.72 -13.01 -0.09
C ALA A 86 15.48 -11.59 -0.60
N VAL A 87 14.38 -10.99 -0.17
CA VAL A 87 14.02 -9.63 -0.58
C VAL A 87 14.87 -8.60 0.15
N LEU A 88 14.91 -8.70 1.47
CA LEU A 88 15.69 -7.78 2.29
C LEU A 88 17.14 -7.71 1.82
N LYS A 89 17.69 -8.87 1.46
CA LYS A 89 19.06 -8.94 0.99
C LYS A 89 19.17 -8.47 -0.46
N ASN A 90 18.07 -8.55 -1.19
CA ASN A 90 18.04 -8.12 -2.59
C ASN A 90 17.49 -6.70 -2.70
N LYS A 91 18.37 -5.72 -2.54
CA LYS A 91 17.98 -4.32 -2.63
C LYS A 91 17.22 -4.05 -3.93
N ASP A 92 17.64 -4.72 -5.00
CA ASP A 92 17.00 -4.56 -6.29
C ASP A 92 15.51 -4.85 -6.21
N LEU A 93 15.15 -5.87 -5.44
CA LEU A 93 13.76 -6.27 -5.27
C LEU A 93 13.03 -5.31 -4.32
N LEU A 94 13.71 -4.94 -3.23
CA LEU A 94 13.13 -4.04 -2.25
C LEU A 94 12.70 -2.73 -2.91
N VAL A 95 13.63 -2.08 -3.59
CA VAL A 95 13.34 -0.81 -4.26
C VAL A 95 12.30 -1.00 -5.37
N LYS A 96 12.37 -2.16 -6.03
CA LYS A 96 11.43 -2.46 -7.11
C LYS A 96 9.99 -2.34 -6.64
N ILE A 97 9.66 -3.05 -5.56
CA ILE A 97 8.31 -3.01 -5.02
C ILE A 97 8.06 -1.71 -4.27
N LEU A 98 9.06 -1.27 -3.51
CA LEU A 98 8.95 -0.03 -2.74
C LEU A 98 8.62 1.15 -3.66
N SER A 99 9.13 1.10 -4.88
CA SER A 99 8.89 2.17 -5.85
C SER A 99 7.40 2.49 -5.95
N TYR A 100 6.59 1.45 -6.04
CA TYR A 100 5.13 1.62 -6.14
C TYR A 100 4.58 2.26 -4.87
N HIS A 101 5.10 1.83 -3.73
CA HIS A 101 4.65 2.36 -2.44
C HIS A 101 4.86 3.86 -2.37
N VAL A 102 5.84 4.36 -3.12
CA VAL A 102 6.14 5.79 -3.14
C VAL A 102 5.40 6.48 -4.28
N ILE A 103 5.04 7.74 -4.05
CA ILE A 103 4.34 8.53 -5.07
C ILE A 103 5.05 9.85 -5.32
N PRO A 104 5.79 9.91 -6.45
CA PRO A 104 6.53 11.11 -6.84
C PRO A 104 5.61 12.24 -7.27
N SER A 105 4.39 11.89 -7.66
CA SER A 105 3.41 12.89 -8.11
C SER A 105 3.32 14.03 -7.11
N GLY A 106 3.46 13.72 -5.83
CA GLY A 106 3.39 14.73 -4.79
C GLY A 106 2.12 14.63 -3.96
N ALA A 107 2.08 15.37 -2.87
CA ALA A 107 0.93 15.37 -1.98
C ALA A 107 -0.36 15.64 -2.75
N VAL A 108 -1.17 14.60 -2.95
CA VAL A 108 -2.42 14.74 -3.67
C VAL A 108 -3.48 15.45 -2.82
N TYR A 109 -3.91 16.62 -3.29
CA TYR A 109 -4.91 17.40 -2.56
C TYR A 109 -6.17 16.57 -2.34
N SER A 110 -6.75 16.70 -1.14
CA SER A 110 -7.95 15.97 -0.79
C SER A 110 -9.06 16.22 -1.81
N LYS A 111 -9.10 17.44 -2.32
CA LYS A 111 -10.10 17.82 -3.31
C LYS A 111 -9.82 17.17 -4.66
N ALA A 112 -8.55 16.84 -4.90
CA ALA A 112 -8.15 16.20 -6.15
C ALA A 112 -8.65 14.76 -6.21
N LEU A 113 -8.86 14.16 -5.05
CA LEU A 113 -9.33 12.78 -4.97
C LEU A 113 -10.61 12.60 -5.77
N LYS A 114 -10.55 11.80 -6.83
CA LYS A 114 -11.72 11.54 -7.66
C LYS A 114 -11.78 10.07 -8.05
N ASP A 115 -12.82 9.72 -8.82
CA ASP A 115 -12.99 8.34 -9.27
C ASP A 115 -12.11 8.03 -10.46
N ASN A 116 -11.95 9.02 -11.34
CA ASN A 116 -11.13 8.86 -12.54
C ASN A 116 -9.69 9.30 -12.27
N ALA A 117 -9.53 10.20 -11.30
CA ALA A 117 -8.21 10.70 -10.94
C ALA A 117 -7.20 9.56 -10.79
N THR A 118 -6.14 9.60 -11.59
CA THR A 118 -5.11 8.57 -11.54
C THR A 118 -3.86 9.07 -10.83
N VAL A 119 -3.09 8.14 -10.27
CA VAL A 119 -1.86 8.49 -9.56
C VAL A 119 -0.66 7.76 -10.15
N ALA A 120 0.43 8.48 -10.32
CA ALA A 120 1.66 7.90 -10.87
C ALA A 120 2.66 7.57 -9.77
N THR A 121 3.27 6.40 -9.86
CA THR A 121 4.24 5.97 -8.86
C THR A 121 5.67 6.09 -9.39
N ALA A 122 6.65 5.96 -8.51
CA ALA A 122 8.04 6.05 -8.89
C ALA A 122 8.40 5.01 -9.94
N LEU A 123 7.67 3.89 -9.93
CA LEU A 123 7.91 2.81 -10.88
C LEU A 123 7.37 3.18 -12.26
N LYS A 124 8.19 2.93 -13.28
CA LYS A 124 7.80 3.23 -14.65
C LYS A 124 6.63 2.36 -15.09
N ASP A 125 5.65 2.97 -15.76
CA ASP A 125 4.49 2.25 -16.23
C ASP A 125 3.66 1.71 -15.06
N ALA A 126 3.61 2.48 -13.99
CA ALA A 126 2.87 2.08 -12.80
C ALA A 126 1.94 3.21 -12.33
N SER A 127 0.66 3.06 -12.59
CA SER A 127 -0.33 4.07 -12.20
C SER A 127 -1.57 3.41 -11.61
N VAL A 128 -2.11 4.01 -10.56
CA VAL A 128 -3.31 3.48 -9.91
C VAL A 128 -4.46 4.46 -10.02
N THR A 129 -5.68 3.94 -9.89
CA THR A 129 -6.88 4.78 -9.98
C THR A 129 -7.44 5.09 -8.60
N VAL A 130 -7.93 6.31 -8.42
CA VAL A 130 -8.49 6.73 -7.14
C VAL A 130 -9.99 6.43 -7.08
N ARG A 131 -10.43 5.94 -5.92
CA ARG A 131 -11.84 5.61 -5.72
C ARG A 131 -12.33 6.08 -4.36
N LEU A 132 -13.41 6.85 -4.35
CA LEU A 132 -13.97 7.36 -3.11
C LEU A 132 -15.02 6.40 -2.54
N TYR A 133 -14.75 5.90 -1.34
CA TYR A 133 -15.67 4.97 -0.68
C TYR A 133 -15.80 5.29 0.81
N GLN A 134 -16.97 5.81 1.19
CA GLN A 134 -17.22 6.16 2.57
C GLN A 134 -16.17 7.13 3.10
N GLY A 135 -15.82 8.12 2.27
CA GLY A 135 -14.83 9.09 2.68
C GLY A 135 -13.45 8.49 2.85
N LYS A 136 -13.20 7.39 2.13
CA LYS A 136 -11.91 6.71 2.21
C LYS A 136 -11.27 6.58 0.83
N VAL A 137 -9.99 6.90 0.73
CA VAL A 137 -9.27 6.81 -0.53
C VAL A 137 -8.88 5.37 -0.84
N MET A 138 -9.52 4.79 -1.86
CA MET A 138 -9.23 3.42 -2.26
C MET A 138 -8.45 3.39 -3.57
N PHE A 139 -7.42 2.55 -3.62
CA PHE A 139 -6.58 2.43 -4.80
C PHE A 139 -6.87 1.11 -5.53
N LYS A 140 -6.79 1.14 -6.86
CA LYS A 140 -7.03 -0.04 -7.66
C LYS A 140 -5.99 -0.16 -8.78
N GLY A 141 -5.65 -1.40 -9.13
CA GLY A 141 -4.67 -1.63 -10.18
C GLY A 141 -5.03 -2.81 -11.06
N PRO A 142 -4.07 -3.25 -11.88
CA PRO A 142 -4.28 -4.38 -12.81
C PRO A 142 -4.40 -5.70 -12.07
N VAL A 143 -3.72 -5.80 -10.93
CA VAL A 143 -3.75 -7.02 -10.14
C VAL A 143 -3.70 -6.71 -8.64
N ASN A 144 -4.70 -7.18 -7.90
CA ASN A 144 -4.77 -6.95 -6.47
C ASN A 144 -5.01 -5.48 -6.17
N LYS A 145 -6.00 -5.22 -5.32
CA LYS A 145 -6.35 -3.85 -4.94
C LYS A 145 -6.46 -3.72 -3.43
N ALA A 146 -6.10 -2.54 -2.91
CA ALA A 146 -6.16 -2.28 -1.48
C ALA A 146 -6.91 -0.99 -1.19
N GLN A 147 -7.23 -0.76 0.08
CA GLN A 147 -7.95 0.43 0.49
C GLN A 147 -7.30 1.07 1.71
N VAL A 148 -7.15 2.39 1.68
CA VAL A 148 -6.54 3.13 2.77
C VAL A 148 -7.42 3.10 4.02
N THR A 149 -6.83 2.74 5.15
CA THR A 149 -7.56 2.66 6.40
C THR A 149 -7.39 3.93 7.22
N VAL A 150 -6.14 4.35 7.40
CA VAL A 150 -5.83 5.55 8.16
C VAL A 150 -4.88 6.47 7.40
N ALA A 151 -5.39 7.62 6.98
CA ALA A 151 -4.58 8.59 6.24
C ALA A 151 -4.54 9.93 6.95
N ASP A 152 -4.00 10.94 6.27
CA ASP A 152 -3.89 12.27 6.84
C ASP A 152 -2.88 12.31 7.98
N ILE A 153 -1.74 11.66 7.76
CA ILE A 153 -0.69 11.61 8.77
C ILE A 153 0.12 12.91 8.79
N LYS A 154 -0.12 13.73 9.81
CA LYS A 154 0.58 15.00 9.94
C LYS A 154 2.09 14.80 9.90
N ALA A 155 2.71 15.22 8.80
CA ALA A 155 4.16 15.07 8.65
C ALA A 155 4.75 16.28 7.92
N GLY A 156 5.62 17.02 8.62
CA GLY A 156 6.24 18.18 8.03
C GLY A 156 7.29 17.82 6.99
N GLY A 157 7.03 18.16 5.74
CA GLY A 157 7.96 17.85 4.68
C GLY A 157 7.41 16.85 3.68
N SER A 158 6.61 15.90 4.17
CA SER A 158 6.02 14.89 3.31
C SER A 158 4.75 14.33 3.94
N VAL A 159 3.97 13.61 3.13
CA VAL A 159 2.72 13.02 3.59
C VAL A 159 2.72 11.50 3.41
N ILE A 160 2.17 10.80 4.39
CA ILE A 160 2.11 9.34 4.33
C ILE A 160 0.71 8.84 4.68
N HIS A 161 0.29 7.77 4.01
CA HIS A 161 -1.03 7.18 4.27
C HIS A 161 -0.90 5.70 4.59
N VAL A 162 -1.67 5.25 5.58
CA VAL A 162 -1.65 3.85 5.99
C VAL A 162 -2.70 3.05 5.25
N ILE A 163 -2.27 1.93 4.66
CA ILE A 163 -3.19 1.06 3.92
C ILE A 163 -3.44 -0.24 4.66
N ASN A 164 -4.57 -0.87 4.37
CA ASN A 164 -4.94 -2.13 5.00
C ASN A 164 -4.27 -3.31 4.30
N ASP A 165 -4.13 -3.20 2.99
CA ASP A 165 -3.51 -4.26 2.20
C ASP A 165 -2.38 -3.70 1.33
N VAL A 166 -1.63 -4.60 0.70
CA VAL A 166 -0.53 -4.19 -0.16
C VAL A 166 -0.81 -4.56 -1.62
N LEU A 167 -0.36 -3.71 -2.54
CA LEU A 167 -0.56 -3.96 -3.96
C LEU A 167 0.76 -4.30 -4.64
N LEU A 168 0.68 -5.09 -5.71
CA LEU A 168 1.87 -5.49 -6.45
C LEU A 168 1.75 -5.11 -7.93
N PRO A 169 2.89 -4.74 -8.53
CA PRO A 169 2.94 -4.34 -9.94
C PRO A 169 2.71 -5.52 -10.88
N PRO A 170 2.46 -5.21 -12.16
CA PRO A 170 2.23 -6.24 -13.19
C PRO A 170 3.48 -7.04 -13.51
N GLY A 171 3.33 -8.36 -13.54
CA GLY A 171 4.46 -9.22 -13.85
C GLY A 171 4.94 -9.99 -12.63
N VAL A 172 4.77 -9.40 -11.45
CA VAL A 172 5.20 -10.04 -10.21
C VAL A 172 4.23 -11.14 -9.79
N VAL A 173 2.94 -10.92 -10.05
CA VAL A 173 1.91 -11.89 -9.71
C VAL A 173 1.86 -13.03 -10.74
N SER A 174 1.74 -14.25 -10.25
CA SER A 174 1.69 -15.42 -11.12
C SER A 174 0.29 -15.60 -11.69
N ASP A 175 0.16 -16.54 -12.63
CA ASP A 175 -1.13 -16.81 -13.26
C ASP A 175 -2.11 -17.41 -12.25
N ALA A 176 -1.70 -18.50 -11.61
CA ALA A 176 -2.55 -19.16 -10.61
C ALA A 176 -2.89 -18.21 -9.47
N VAL A 177 -1.88 -17.55 -8.93
CA VAL A 177 -2.08 -16.61 -7.84
C VAL A 177 -3.17 -15.60 -8.17
N ALA A 178 -3.10 -15.03 -9.37
CA ALA A 178 -4.09 -14.05 -9.81
C ALA A 178 -5.46 -14.70 -9.99
N LYS A 179 -5.47 -15.92 -10.51
CA LYS A 179 -6.72 -16.64 -10.73
C LYS A 179 -7.51 -16.76 -9.43
N GLN A 180 -6.83 -17.14 -8.36
CA GLN A 180 -7.49 -17.29 -7.06
C GLN A 180 -8.27 -16.04 -6.70
N TRP A 181 -7.65 -14.88 -6.88
CA TRP A 181 -8.30 -13.61 -6.58
C TRP A 181 -9.51 -13.37 -7.48
N LYS A 182 -9.39 -13.78 -8.74
CA LYS A 182 -10.47 -13.63 -9.71
C LYS A 182 -11.63 -14.53 -9.37
N ALA A 183 -11.33 -15.73 -8.87
CA ALA A 183 -12.36 -16.69 -8.50
C ALA A 183 -13.40 -16.06 -7.58
N GLU A 184 -12.93 -15.31 -6.59
CA GLU A 184 -13.81 -14.65 -5.63
C GLU A 184 -14.87 -13.83 -6.35
N TRP A 185 -14.44 -13.05 -7.34
CA TRP A 185 -15.35 -12.21 -8.11
C TRP A 185 -16.22 -13.06 -9.04
N GLU A 186 -15.63 -14.10 -9.61
CA GLU A 186 -16.33 -14.99 -10.51
C GLU A 186 -17.63 -15.50 -9.87
N ALA A 187 -17.52 -16.00 -8.64
CA ALA A 187 -18.67 -16.51 -7.91
C ALA A 187 -19.74 -15.43 -7.73
N MET A 188 -19.27 -14.20 -7.52
CA MET A 188 -20.18 -13.07 -7.32
C MET A 188 -20.99 -12.79 -8.59
N LYS A 189 -20.35 -12.98 -9.74
CA LYS A 189 -21.01 -12.75 -11.03
C LYS A 189 -22.33 -13.51 -11.10
N ALA A 190 -23.33 -12.88 -11.70
CA ALA A 190 -24.64 -13.49 -11.84
C ALA A 190 -25.31 -13.07 -13.15
N GLU A 191 -26.56 -13.49 -13.34
CA GLU A 191 -27.30 -13.16 -14.55
C GLU A 191 -28.36 -12.08 -14.26
N LYS A 192 -28.72 -11.33 -15.30
CA LYS A 192 -29.72 -10.28 -15.16
C LYS A 192 -30.02 -9.64 -16.51
N LYS A 193 -30.90 -8.65 -16.51
CA LYS A 193 -31.28 -7.95 -17.73
C LYS A 193 -31.42 -6.45 -17.48
N VAL A 194 -30.91 -5.65 -18.41
CA VAL A 194 -30.98 -4.20 -18.30
C VAL A 194 -31.13 -3.55 -19.66
N ALA A 195 -31.33 -2.23 -19.67
CA ALA A 195 -31.48 -1.48 -20.90
C ALA A 195 -30.12 -1.25 -21.58
N PRO A 196 -30.16 -0.95 -22.89
CA PRO A 196 -28.94 -0.70 -23.68
C PRO A 196 -28.27 0.61 -23.29
N LYS A 197 -29.05 1.67 -23.20
CA LYS A 197 -28.53 2.99 -22.85
C LYS A 197 -29.66 3.99 -22.66
N ALA A 198 -29.30 5.22 -22.31
CA ALA A 198 -30.29 6.27 -22.10
C ALA A 198 -30.30 7.25 -23.26
N THR A 199 -31.36 8.07 -23.34
CA THR A 199 -31.49 9.05 -24.41
C THR A 199 -31.51 10.47 -23.86
N THR A 200 -30.89 11.39 -24.58
CA THR A 200 -30.84 12.78 -24.17
C THR A 200 -30.84 13.72 -25.37
N GLY A 201 -31.48 14.87 -25.21
CA GLY A 201 -31.55 15.83 -26.30
C GLY A 201 -31.39 17.26 -25.81
N ARG A 202 -30.33 17.93 -26.26
CA ARG A 202 -30.06 19.30 -25.87
C ARG A 202 -30.22 20.25 -27.05
N ARG A 203 -30.24 21.55 -26.77
CA ARG A 203 -30.41 22.55 -27.82
C ARG A 203 -29.73 23.86 -27.41
N PHE A 204 -29.05 24.48 -28.37
CA PHE A 204 -28.36 25.74 -28.11
C PHE A 204 -28.78 26.81 -29.12
N LEU A 205 -29.90 27.45 -28.84
CA LEU A 205 -30.42 28.50 -29.72
C LEU A 205 -29.65 29.80 -29.54
N LEU A 206 -29.56 30.59 -30.60
CA LEU A 206 -28.84 31.87 -30.56
C LEU A 206 -29.31 32.78 -31.68
N PHE A 207 -29.96 33.89 -31.32
CA PHE A 207 -30.45 34.84 -32.31
C PHE A 207 -29.29 35.47 -33.08
N GLY A 1 -47.21 37.05 38.39
CA GLY A 1 -46.67 36.84 37.04
C GLY A 1 -45.32 36.16 37.06
N PRO A 2 -45.31 34.87 37.42
CA PRO A 2 -44.08 34.08 37.48
C PRO A 2 -43.49 33.80 36.10
N HIS A 3 -42.22 34.16 35.91
CA HIS A 3 -41.55 33.95 34.63
C HIS A 3 -40.03 33.96 34.81
N MET A 4 -39.36 33.06 34.11
CA MET A 4 -37.90 32.95 34.20
C MET A 4 -37.29 32.82 32.80
N ALA A 5 -35.98 32.98 32.72
CA ALA A 5 -35.26 32.88 31.46
C ALA A 5 -34.65 31.49 31.29
N THR A 6 -33.63 31.20 32.10
CA THR A 6 -32.95 29.91 32.03
C THR A 6 -32.62 29.53 30.59
N PRO A 7 -31.69 30.29 29.98
CA PRO A 7 -31.26 30.05 28.60
C PRO A 7 -30.46 28.76 28.46
N LYS A 8 -29.99 28.49 27.24
CA LYS A 8 -29.21 27.29 26.97
C LYS A 8 -28.01 27.63 26.08
N ALA A 9 -26.85 27.12 26.46
CA ALA A 9 -25.62 27.35 25.70
C ALA A 9 -24.50 26.45 26.17
N ASN A 10 -23.55 26.17 25.28
CA ASN A 10 -22.41 25.32 25.61
C ASN A 10 -21.14 25.81 24.92
N ALA A 11 -20.11 26.07 25.71
CA ALA A 11 -18.83 26.54 25.17
C ALA A 11 -17.70 26.29 26.16
N THR A 12 -16.66 25.61 25.69
CA THR A 12 -15.50 25.30 26.52
C THR A 12 -14.27 24.99 25.68
N THR A 13 -13.18 25.68 25.94
CA THR A 13 -11.93 25.48 25.21
C THR A 13 -10.96 24.62 26.00
N ALA A 14 -11.16 23.31 25.98
CA ALA A 14 -10.30 22.39 26.70
C ALA A 14 -9.93 21.19 25.83
N LYS A 15 -8.65 20.83 25.84
CA LYS A 15 -8.16 19.70 25.05
C LYS A 15 -8.97 18.44 25.37
N PRO A 16 -9.01 17.51 24.40
CA PRO A 16 -9.74 16.25 24.55
C PRO A 16 -9.09 15.31 25.57
N ALA A 17 -9.83 14.30 26.00
CA ALA A 17 -9.32 13.34 26.97
C ALA A 17 -9.43 11.91 26.43
N SER A 18 -8.87 10.96 27.18
CA SER A 18 -8.90 9.57 26.78
C SER A 18 -8.28 9.38 25.40
N THR A 19 -7.24 10.16 25.12
CA THR A 19 -6.56 10.09 23.83
C THR A 19 -5.07 9.80 24.01
N THR A 20 -4.63 8.67 23.48
CA THR A 20 -3.22 8.28 23.59
C THR A 20 -2.31 9.38 23.08
N SER A 21 -1.06 9.37 23.56
CA SER A 21 -0.08 10.37 23.16
C SER A 21 0.05 10.43 21.64
N THR A 22 -0.55 11.47 21.05
CA THR A 22 -0.51 11.65 19.60
C THR A 22 -0.15 13.08 19.24
N PRO A 23 1.13 13.44 19.39
CA PRO A 23 1.62 14.79 19.08
C PRO A 23 1.63 15.07 17.59
N VAL A 24 2.09 16.25 17.22
CA VAL A 24 2.15 16.65 15.81
C VAL A 24 3.49 16.28 15.20
N TYR A 25 3.52 16.21 13.87
CA TYR A 25 4.75 15.86 13.16
C TYR A 25 5.80 16.95 13.31
N ALA A 26 7.05 16.54 13.48
CA ALA A 26 8.15 17.48 13.65
C ALA A 26 8.92 17.65 12.34
N THR A 27 9.34 16.53 11.75
CA THR A 27 10.08 16.56 10.50
C THR A 27 10.03 15.20 9.80
N LEU A 28 10.56 15.15 8.59
CA LEU A 28 10.58 13.92 7.81
C LEU A 28 11.12 12.75 8.65
N SER A 29 12.34 12.92 9.16
CA SER A 29 12.96 11.89 9.97
C SER A 29 12.08 11.49 11.15
N ASN A 30 11.49 12.49 11.79
CA ASN A 30 10.60 12.26 12.93
C ASN A 30 9.52 11.25 12.58
N ALA A 31 8.93 11.41 11.40
CA ALA A 31 7.87 10.51 10.95
C ALA A 31 8.42 9.10 10.72
N VAL A 32 9.57 9.01 10.06
CA VAL A 32 10.19 7.73 9.78
C VAL A 32 10.34 6.90 11.05
N THR A 33 10.78 7.54 12.13
CA THR A 33 10.97 6.87 13.40
C THR A 33 9.64 6.61 14.08
N ALA A 34 8.69 7.53 13.89
CA ALA A 34 7.37 7.40 14.49
C ALA A 34 6.71 6.09 14.09
N GLY A 35 6.55 5.88 12.78
CA GLY A 35 5.93 4.67 12.29
C GLY A 35 6.82 3.45 12.48
N ALA A 36 8.11 3.63 12.24
CA ALA A 36 9.08 2.53 12.39
C ALA A 36 9.06 1.97 13.81
N ALA A 37 8.75 2.83 14.78
CA ALA A 37 8.70 2.41 16.17
C ALA A 37 7.49 1.52 16.43
N ALA A 38 6.44 1.72 15.65
CA ALA A 38 5.22 0.92 15.80
C ALA A 38 5.34 -0.41 15.06
N PRO A 39 4.64 -1.44 15.57
CA PRO A 39 4.65 -2.77 14.98
C PRO A 39 3.93 -2.82 13.64
N GLN A 40 2.90 -2.00 13.51
CA GLN A 40 2.12 -1.95 12.27
C GLN A 40 3.03 -1.77 11.06
N LEU A 41 4.14 -1.05 11.26
CA LEU A 41 5.09 -0.79 10.19
C LEU A 41 6.35 -1.64 10.37
N THR A 42 6.17 -2.84 10.91
CA THR A 42 7.30 -3.75 11.13
C THR A 42 8.01 -4.08 9.83
N THR A 43 7.29 -4.72 8.91
CA THR A 43 7.86 -5.09 7.62
C THR A 43 8.35 -3.86 6.86
N LEU A 44 7.50 -2.85 6.77
CA LEU A 44 7.85 -1.61 6.07
C LEU A 44 9.14 -1.02 6.62
N PHE A 45 9.19 -0.84 7.93
CA PHE A 45 10.37 -0.28 8.59
C PHE A 45 11.63 -1.03 8.17
N ALA A 46 11.53 -2.35 8.13
CA ALA A 46 12.66 -3.19 7.73
C ALA A 46 13.07 -2.92 6.30
N ALA A 47 12.10 -2.61 5.45
CA ALA A 47 12.36 -2.33 4.05
C ALA A 47 12.93 -0.92 3.87
N VAL A 48 12.18 0.08 4.31
CA VAL A 48 12.61 1.47 4.20
C VAL A 48 13.99 1.67 4.81
N ARG A 49 14.28 0.88 5.85
CA ARG A 49 15.57 0.98 6.54
C ARG A 49 16.66 0.29 5.73
N ALA A 50 16.53 -1.02 5.55
CA ALA A 50 17.50 -1.80 4.80
C ALA A 50 17.72 -1.20 3.41
N ALA A 51 16.68 -0.59 2.87
CA ALA A 51 16.76 0.02 1.55
C ALA A 51 17.72 1.21 1.54
N ASN A 52 17.88 1.83 2.70
CA ASN A 52 18.77 2.98 2.84
C ASN A 52 18.24 4.16 2.02
N VAL A 53 16.93 4.31 1.98
CA VAL A 53 16.30 5.41 1.24
C VAL A 53 15.97 6.57 2.16
N THR A 54 15.99 6.31 3.47
CA THR A 54 15.68 7.34 4.46
C THR A 54 16.48 8.61 4.19
N GLY A 55 17.71 8.44 3.70
CA GLY A 55 18.55 9.59 3.41
C GLY A 55 17.94 10.52 2.39
N ALA A 56 17.18 9.95 1.45
CA ALA A 56 16.54 10.74 0.41
C ALA A 56 15.36 11.53 0.97
N LEU A 57 14.72 10.97 1.99
CA LEU A 57 13.58 11.62 2.62
C LEU A 57 13.97 12.96 3.23
N THR A 58 13.78 14.02 2.46
CA THR A 58 14.12 15.37 2.92
C THR A 58 12.86 16.19 3.16
N ALA A 59 12.93 17.08 4.15
CA ALA A 59 11.79 17.94 4.48
C ALA A 59 11.28 18.68 3.25
N ASN A 60 12.17 19.45 2.62
CA ASN A 60 11.80 20.20 1.43
C ASN A 60 11.13 19.30 0.39
N THR A 61 11.60 18.06 0.31
CA THR A 61 11.05 17.10 -0.64
C THR A 61 9.63 16.70 -0.26
N THR A 62 8.66 17.02 -1.12
CA THR A 62 7.26 16.70 -0.88
C THR A 62 6.82 15.51 -1.70
N TRP A 63 6.51 14.41 -1.04
CA TRP A 63 6.07 13.19 -1.71
C TRP A 63 5.04 12.44 -0.88
N THR A 64 4.29 11.55 -1.52
CA THR A 64 3.28 10.77 -0.84
C THR A 64 3.64 9.30 -0.81
N ILE A 65 4.02 8.81 0.37
CA ILE A 65 4.39 7.41 0.54
C ILE A 65 3.27 6.61 1.20
N LEU A 66 3.20 5.32 0.88
CA LEU A 66 2.18 4.45 1.45
C LEU A 66 2.78 3.50 2.48
N ALA A 67 2.29 3.59 3.71
CA ALA A 67 2.77 2.73 4.78
C ALA A 67 1.71 1.71 5.20
N PRO A 68 1.60 0.62 4.44
CA PRO A 68 0.62 -0.44 4.71
C PRO A 68 0.97 -1.23 5.97
N THR A 69 -0.06 -1.69 6.67
CA THR A 69 0.13 -2.46 7.89
C THR A 69 0.97 -3.71 7.63
N ASN A 70 1.46 -4.32 8.70
CA ASN A 70 2.28 -5.52 8.58
C ASN A 70 1.49 -6.65 7.91
N ASP A 71 0.23 -6.78 8.29
CA ASP A 71 -0.63 -7.83 7.73
C ASP A 71 -0.59 -7.79 6.21
N ALA A 72 -0.48 -6.59 5.65
CA ALA A 72 -0.44 -6.41 4.20
C ALA A 72 0.77 -7.14 3.60
N PHE A 73 1.95 -6.86 4.13
CA PHE A 73 3.17 -7.49 3.65
C PHE A 73 3.10 -9.00 3.79
N ALA A 74 2.84 -9.46 5.01
CA ALA A 74 2.74 -10.89 5.28
C ALA A 74 1.80 -11.58 4.31
N LYS A 75 0.76 -10.86 3.89
CA LYS A 75 -0.22 -11.39 2.95
C LYS A 75 0.39 -11.58 1.57
N ARG A 76 0.86 -10.50 0.98
CA ARG A 76 1.49 -10.55 -0.35
C ARG A 76 2.65 -11.54 -0.36
N LEU A 77 3.37 -11.60 0.75
CA LEU A 77 4.52 -12.51 0.86
C LEU A 77 4.07 -13.96 0.83
N ALA A 78 2.96 -14.25 1.51
CA ALA A 78 2.42 -15.60 1.55
C ALA A 78 1.76 -15.97 0.23
N LYS A 79 1.00 -15.04 -0.33
CA LYS A 79 0.31 -15.27 -1.59
C LYS A 79 1.31 -15.56 -2.71
N LEU A 80 2.45 -14.87 -2.67
CA LEU A 80 3.49 -15.05 -3.68
C LEU A 80 4.27 -16.33 -3.43
N ASN A 81 4.18 -16.85 -2.21
CA ASN A 81 4.88 -18.08 -1.85
C ASN A 81 6.39 -17.89 -1.94
N LEU A 82 6.90 -16.85 -1.29
CA LEU A 82 8.32 -16.55 -1.30
C LEU A 82 8.82 -16.21 0.10
N THR A 83 10.13 -16.07 0.24
CA THR A 83 10.73 -15.73 1.52
C THR A 83 10.91 -14.22 1.67
N ALA A 84 10.70 -13.73 2.89
CA ALA A 84 10.83 -12.30 3.17
C ALA A 84 12.31 -11.90 3.23
N ASP A 85 13.10 -12.70 3.92
CA ASP A 85 14.53 -12.42 4.06
C ASP A 85 15.18 -12.24 2.69
N ALA A 86 14.76 -13.04 1.72
CA ALA A 86 15.30 -12.96 0.37
C ALA A 86 15.12 -11.56 -0.21
N VAL A 87 13.99 -10.93 0.10
CA VAL A 87 13.70 -9.59 -0.38
C VAL A 87 14.46 -8.53 0.41
N LEU A 88 14.37 -8.61 1.73
CA LEU A 88 15.04 -7.67 2.61
C LEU A 88 16.54 -7.64 2.33
N LYS A 89 17.10 -8.81 2.02
CA LYS A 89 18.53 -8.92 1.72
C LYS A 89 18.82 -8.49 0.28
N ASN A 90 17.80 -8.60 -0.58
CA ASN A 90 17.95 -8.22 -1.98
C ASN A 90 17.53 -6.77 -2.20
N LYS A 91 18.50 -5.86 -2.13
CA LYS A 91 18.22 -4.44 -2.32
C LYS A 91 17.53 -4.20 -3.67
N ASP A 92 17.93 -4.95 -4.68
CA ASP A 92 17.36 -4.82 -6.01
C ASP A 92 15.83 -4.91 -5.95
N LEU A 93 15.33 -6.00 -5.38
CA LEU A 93 13.89 -6.21 -5.26
C LEU A 93 13.28 -5.25 -4.24
N LEU A 94 14.04 -4.98 -3.17
CA LEU A 94 13.57 -4.07 -2.13
C LEU A 94 13.10 -2.75 -2.72
N VAL A 95 13.97 -2.09 -3.47
CA VAL A 95 13.64 -0.82 -4.10
C VAL A 95 12.65 -1.01 -5.24
N LYS A 96 12.78 -2.13 -5.95
CA LYS A 96 11.89 -2.43 -7.06
C LYS A 96 10.43 -2.34 -6.64
N ILE A 97 10.08 -3.01 -5.56
CA ILE A 97 8.72 -3.00 -5.05
C ILE A 97 8.43 -1.72 -4.27
N LEU A 98 9.36 -1.35 -3.40
CA LEU A 98 9.21 -0.15 -2.58
C LEU A 98 8.89 1.06 -3.46
N SER A 99 9.47 1.08 -4.66
CA SER A 99 9.25 2.18 -5.60
C SER A 99 7.76 2.44 -5.79
N TYR A 100 6.99 1.37 -5.96
CA TYR A 100 5.55 1.48 -6.16
C TYR A 100 4.88 2.03 -4.91
N HIS A 101 5.41 1.66 -3.75
CA HIS A 101 4.86 2.12 -2.48
C HIS A 101 4.95 3.64 -2.36
N VAL A 102 5.92 4.23 -3.05
CA VAL A 102 6.12 5.67 -3.02
C VAL A 102 5.39 6.35 -4.19
N ILE A 103 4.97 7.59 -3.97
CA ILE A 103 4.26 8.34 -5.00
C ILE A 103 4.95 9.68 -5.27
N PRO A 104 5.61 9.78 -6.42
CA PRO A 104 6.32 11.00 -6.82
C PRO A 104 5.36 12.14 -7.16
N SER A 105 4.12 11.80 -7.47
CA SER A 105 3.11 12.79 -7.81
C SER A 105 3.06 13.90 -6.77
N GLY A 106 3.21 13.53 -5.50
CA GLY A 106 3.19 14.50 -4.42
C GLY A 106 1.93 14.40 -3.59
N ALA A 107 1.79 15.33 -2.63
CA ALA A 107 0.63 15.34 -1.76
C ALA A 107 -0.66 15.54 -2.55
N VAL A 108 -1.44 14.47 -2.67
CA VAL A 108 -2.70 14.54 -3.41
C VAL A 108 -3.71 15.44 -2.72
N TYR A 109 -4.59 16.06 -3.49
CA TYR A 109 -5.60 16.95 -2.95
C TYR A 109 -6.98 16.29 -2.96
N SER A 110 -7.76 16.55 -1.93
CA SER A 110 -9.11 15.98 -1.83
C SER A 110 -9.96 16.38 -3.03
N LYS A 111 -9.77 17.60 -3.51
CA LYS A 111 -10.52 18.11 -4.65
C LYS A 111 -10.13 17.37 -5.93
N ALA A 112 -8.86 17.00 -6.02
CA ALA A 112 -8.36 16.29 -7.20
C ALA A 112 -8.88 14.85 -7.22
N LEU A 113 -9.19 14.32 -6.05
CA LEU A 113 -9.69 12.95 -5.92
C LEU A 113 -10.87 12.73 -6.87
N LYS A 114 -10.90 11.56 -7.49
CA LYS A 114 -11.97 11.21 -8.42
C LYS A 114 -11.87 9.75 -8.85
N ASP A 115 -13.02 9.13 -9.11
CA ASP A 115 -13.06 7.74 -9.53
C ASP A 115 -12.09 7.50 -10.69
N ASN A 116 -11.95 8.50 -11.55
CA ASN A 116 -11.06 8.39 -12.70
C ASN A 116 -9.67 8.91 -12.36
N ALA A 117 -9.60 9.82 -11.40
CA ALA A 117 -8.34 10.40 -10.99
C ALA A 117 -7.30 9.32 -10.73
N THR A 118 -6.28 9.27 -11.58
CA THR A 118 -5.22 8.27 -11.46
C THR A 118 -3.97 8.88 -10.82
N VAL A 119 -3.16 8.04 -10.19
CA VAL A 119 -1.94 8.49 -9.54
C VAL A 119 -0.72 7.78 -10.12
N ALA A 120 0.33 8.54 -10.39
CA ALA A 120 1.56 7.98 -10.93
C ALA A 120 2.56 7.65 -9.83
N THR A 121 3.07 6.42 -9.84
CA THR A 121 4.03 5.97 -8.84
C THR A 121 5.45 6.19 -9.31
N ALA A 122 6.42 5.88 -8.45
CA ALA A 122 7.83 6.03 -8.78
C ALA A 122 8.25 5.03 -9.85
N LEU A 123 7.63 3.86 -9.84
CA LEU A 123 7.95 2.81 -10.81
C LEU A 123 7.35 3.14 -12.17
N LYS A 124 8.18 3.05 -13.21
CA LYS A 124 7.74 3.33 -14.56
C LYS A 124 6.63 2.37 -14.99
N ASP A 125 5.63 2.90 -15.69
CA ASP A 125 4.53 2.08 -16.16
C ASP A 125 3.72 1.53 -14.99
N ALA A 126 3.57 2.34 -13.94
CA ALA A 126 2.83 1.93 -12.75
C ALA A 126 1.97 3.07 -12.23
N SER A 127 0.66 2.86 -12.24
CA SER A 127 -0.29 3.88 -11.76
C SER A 127 -1.49 3.23 -11.10
N VAL A 128 -2.09 3.94 -10.14
CA VAL A 128 -3.26 3.43 -9.43
C VAL A 128 -4.46 4.36 -9.61
N THR A 129 -5.65 3.80 -9.49
CA THR A 129 -6.87 4.58 -9.63
C THR A 129 -7.48 4.91 -8.28
N VAL A 130 -8.08 6.09 -8.17
CA VAL A 130 -8.70 6.52 -6.93
C VAL A 130 -10.16 6.10 -6.87
N ARG A 131 -10.62 5.73 -5.68
CA ARG A 131 -12.01 5.30 -5.49
C ARG A 131 -12.57 5.86 -4.19
N LEU A 132 -13.69 6.57 -4.31
CA LEU A 132 -14.33 7.16 -3.14
C LEU A 132 -15.49 6.29 -2.66
N TYR A 133 -15.45 5.91 -1.39
CA TYR A 133 -16.49 5.08 -0.81
C TYR A 133 -16.66 5.38 0.68
N GLN A 134 -17.86 5.81 1.07
CA GLN A 134 -18.14 6.12 2.46
C GLN A 134 -17.19 7.19 2.99
N GLY A 135 -16.83 8.13 2.13
CA GLY A 135 -15.93 9.19 2.51
C GLY A 135 -14.52 8.70 2.74
N LYS A 136 -14.16 7.62 2.05
CA LYS A 136 -12.82 7.04 2.18
C LYS A 136 -12.12 6.99 0.83
N VAL A 137 -10.79 6.88 0.85
CA VAL A 137 -10.01 6.82 -0.36
C VAL A 137 -9.37 5.46 -0.54
N MET A 138 -9.82 4.71 -1.54
CA MET A 138 -9.29 3.38 -1.81
C MET A 138 -8.55 3.35 -3.15
N PHE A 139 -7.66 2.37 -3.31
CA PHE A 139 -6.90 2.24 -4.54
C PHE A 139 -7.21 0.92 -5.24
N LYS A 140 -7.11 0.91 -6.56
CA LYS A 140 -7.39 -0.28 -7.35
C LYS A 140 -6.65 -0.24 -8.68
N GLY A 141 -6.14 -1.39 -9.11
CA GLY A 141 -5.42 -1.46 -10.37
C GLY A 141 -5.77 -2.70 -11.17
N PRO A 142 -4.91 -3.04 -12.14
CA PRO A 142 -5.12 -4.22 -13.00
C PRO A 142 -4.95 -5.53 -12.24
N VAL A 143 -4.08 -5.52 -11.24
CA VAL A 143 -3.83 -6.71 -10.44
C VAL A 143 -3.82 -6.38 -8.95
N ASN A 144 -4.72 -7.02 -8.20
CA ASN A 144 -4.82 -6.81 -6.77
C ASN A 144 -5.27 -5.37 -6.46
N LYS A 145 -5.90 -5.19 -5.32
CA LYS A 145 -6.39 -3.88 -4.91
C LYS A 145 -6.40 -3.75 -3.39
N ALA A 146 -6.07 -2.56 -2.90
CA ALA A 146 -6.05 -2.30 -1.46
C ALA A 146 -6.88 -1.06 -1.12
N GLN A 147 -7.02 -0.80 0.18
CA GLN A 147 -7.78 0.34 0.64
C GLN A 147 -7.10 1.01 1.84
N VAL A 148 -7.11 2.34 1.85
CA VAL A 148 -6.49 3.09 2.94
C VAL A 148 -7.37 3.09 4.19
N THR A 149 -6.86 2.51 5.26
CA THR A 149 -7.60 2.44 6.51
C THR A 149 -7.47 3.74 7.30
N VAL A 150 -6.25 4.22 7.46
CA VAL A 150 -5.98 5.45 8.18
C VAL A 150 -5.12 6.41 7.37
N ALA A 151 -5.71 7.52 6.96
CA ALA A 151 -5.00 8.52 6.16
C ALA A 151 -4.84 9.83 6.94
N ASP A 152 -4.35 10.86 6.26
CA ASP A 152 -4.16 12.16 6.89
C ASP A 152 -3.12 12.08 8.00
N ILE A 153 -2.11 11.24 7.80
CA ILE A 153 -1.05 11.07 8.79
C ILE A 153 -0.15 12.31 8.86
N LYS A 154 -0.06 12.88 10.06
CA LYS A 154 0.76 14.07 10.25
C LYS A 154 2.24 13.76 10.03
N ALA A 155 2.81 14.37 9.00
CA ALA A 155 4.23 14.16 8.68
C ALA A 155 4.90 15.47 8.28
N GLY A 156 6.22 15.53 8.45
CA GLY A 156 6.96 16.73 8.11
C GLY A 156 7.70 16.59 6.79
N GLY A 157 7.40 17.50 5.86
CA GLY A 157 8.05 17.45 4.56
C GLY A 157 7.28 16.62 3.55
N SER A 158 6.66 15.55 4.01
CA SER A 158 5.89 14.67 3.14
C SER A 158 4.65 14.14 3.86
N VAL A 159 3.87 13.33 3.16
CA VAL A 159 2.66 12.75 3.73
C VAL A 159 2.62 11.24 3.52
N ILE A 160 2.19 10.52 4.54
CA ILE A 160 2.09 9.07 4.46
C ILE A 160 0.68 8.59 4.75
N HIS A 161 0.29 7.48 4.11
CA HIS A 161 -1.04 6.92 4.29
C HIS A 161 -0.96 5.45 4.71
N VAL A 162 -1.79 5.07 5.67
CA VAL A 162 -1.81 3.70 6.16
C VAL A 162 -2.83 2.85 5.40
N ILE A 163 -2.34 1.81 4.74
CA ILE A 163 -3.20 0.93 3.96
C ILE A 163 -3.31 -0.45 4.63
N ASN A 164 -4.39 -1.17 4.33
CA ASN A 164 -4.61 -2.49 4.89
C ASN A 164 -3.86 -3.55 4.09
N ASP A 165 -3.79 -3.35 2.78
CA ASP A 165 -3.10 -4.29 1.90
C ASP A 165 -2.03 -3.58 1.09
N VAL A 166 -1.16 -4.37 0.45
CA VAL A 166 -0.08 -3.81 -0.36
C VAL A 166 -0.31 -4.11 -1.84
N LEU A 167 0.08 -3.17 -2.70
CA LEU A 167 -0.07 -3.33 -4.14
C LEU A 167 1.28 -3.49 -4.81
N LEU A 168 1.29 -4.20 -5.94
CA LEU A 168 2.52 -4.43 -6.69
C LEU A 168 2.38 -3.97 -8.13
N PRO A 169 3.48 -3.44 -8.69
CA PRO A 169 3.49 -2.95 -10.08
C PRO A 169 3.39 -4.08 -11.09
N PRO A 170 3.15 -3.72 -12.36
CA PRO A 170 3.02 -4.69 -13.46
C PRO A 170 4.34 -5.35 -13.81
N GLY A 171 4.28 -6.61 -14.23
CA GLY A 171 5.48 -7.33 -14.59
C GLY A 171 6.02 -8.17 -13.45
N VAL A 172 5.77 -7.73 -12.22
CA VAL A 172 6.22 -8.45 -11.05
C VAL A 172 5.45 -9.75 -10.86
N VAL A 173 4.16 -9.72 -11.20
CA VAL A 173 3.32 -10.90 -11.08
C VAL A 173 3.37 -11.76 -12.34
N SER A 174 3.82 -13.00 -12.18
CA SER A 174 3.92 -13.91 -13.31
C SER A 174 2.54 -14.33 -13.82
N ASP A 175 2.49 -14.78 -15.07
CA ASP A 175 1.23 -15.20 -15.66
C ASP A 175 0.53 -16.23 -14.78
N ALA A 176 1.29 -17.22 -14.32
CA ALA A 176 0.73 -18.26 -13.46
C ALA A 176 0.24 -17.69 -12.14
N VAL A 177 1.05 -16.81 -11.54
CA VAL A 177 0.69 -16.18 -10.28
C VAL A 177 -0.65 -15.46 -10.37
N ALA A 178 -0.73 -14.50 -11.29
CA ALA A 178 -1.96 -13.74 -11.49
C ALA A 178 -3.13 -14.66 -11.83
N LYS A 179 -2.84 -15.70 -12.61
CA LYS A 179 -3.87 -16.66 -13.02
C LYS A 179 -4.50 -17.33 -11.80
N GLN A 180 -3.68 -17.63 -10.80
CA GLN A 180 -4.16 -18.27 -9.58
C GLN A 180 -5.19 -17.39 -8.87
N TRP A 181 -4.86 -16.11 -8.73
CA TRP A 181 -5.76 -15.17 -8.07
C TRP A 181 -7.08 -15.05 -8.82
N LYS A 182 -7.00 -14.95 -10.14
CA LYS A 182 -8.20 -14.84 -10.97
C LYS A 182 -9.10 -16.06 -10.78
N ALA A 183 -8.52 -17.24 -10.81
CA ALA A 183 -9.27 -18.47 -10.64
C ALA A 183 -9.94 -18.51 -9.26
N GLU A 184 -9.22 -18.07 -8.24
CA GLU A 184 -9.74 -18.07 -6.88
C GLU A 184 -11.09 -17.35 -6.82
N TRP A 185 -11.16 -16.19 -7.46
CA TRP A 185 -12.39 -15.40 -7.48
C TRP A 185 -13.46 -16.09 -8.32
N GLU A 186 -13.03 -16.73 -9.41
CA GLU A 186 -13.95 -17.43 -10.30
C GLU A 186 -14.59 -18.62 -9.60
N ALA A 187 -13.81 -19.29 -8.75
CA ALA A 187 -14.30 -20.45 -8.02
C ALA A 187 -15.60 -20.13 -7.29
N MET A 188 -15.67 -18.94 -6.70
CA MET A 188 -16.85 -18.51 -5.98
C MET A 188 -18.10 -18.66 -6.84
N LYS A 189 -17.96 -18.41 -8.14
CA LYS A 189 -19.08 -18.52 -9.06
C LYS A 189 -18.60 -18.97 -10.44
N ALA A 190 -18.89 -20.23 -10.77
CA ALA A 190 -18.48 -20.78 -12.06
C ALA A 190 -19.09 -22.17 -12.27
N GLU A 191 -18.72 -22.81 -13.37
CA GLU A 191 -19.22 -24.14 -13.68
C GLU A 191 -18.09 -25.17 -13.67
N LYS A 192 -18.35 -26.31 -13.04
CA LYS A 192 -17.36 -27.38 -12.95
C LYS A 192 -18.02 -28.70 -12.59
N LYS A 193 -17.35 -29.80 -12.92
CA LYS A 193 -17.87 -31.14 -12.62
C LYS A 193 -18.15 -31.29 -11.13
N VAL A 194 -18.96 -32.29 -10.79
CA VAL A 194 -19.31 -32.55 -9.40
C VAL A 194 -18.06 -32.85 -8.57
N ALA A 195 -18.00 -32.27 -7.38
CA ALA A 195 -16.87 -32.48 -6.49
C ALA A 195 -17.22 -32.13 -5.05
N PRO A 196 -16.43 -32.66 -4.09
CA PRO A 196 -16.65 -32.42 -2.67
C PRO A 196 -16.34 -30.98 -2.27
N LYS A 197 -17.40 -30.19 -2.06
CA LYS A 197 -17.25 -28.79 -1.67
C LYS A 197 -17.93 -28.52 -0.34
N ALA A 198 -17.82 -27.29 0.14
CA ALA A 198 -18.43 -26.90 1.41
C ALA A 198 -19.90 -26.54 1.23
N THR A 199 -20.72 -26.90 2.21
CA THR A 199 -22.15 -26.62 2.15
C THR A 199 -22.49 -25.38 2.98
N THR A 200 -23.75 -24.94 2.89
CA THR A 200 -24.20 -23.78 3.64
C THR A 200 -25.72 -23.73 3.70
N GLY A 201 -26.25 -23.14 4.76
CA GLY A 201 -27.69 -23.03 4.91
C GLY A 201 -28.14 -21.62 5.25
N ARG A 202 -29.41 -21.47 5.56
CA ARG A 202 -29.97 -20.16 5.90
C ARG A 202 -31.35 -20.30 6.52
N ARG A 203 -31.60 -19.54 7.57
CA ARG A 203 -32.89 -19.57 8.26
C ARG A 203 -34.01 -19.09 7.34
N PHE A 204 -35.24 -19.50 7.65
CA PHE A 204 -36.39 -19.11 6.85
C PHE A 204 -37.47 -18.46 7.73
N LEU A 205 -38.39 -17.76 7.09
CA LEU A 205 -39.47 -17.08 7.81
C LEU A 205 -40.58 -18.07 8.17
N LEU A 206 -40.86 -18.19 9.47
CA LEU A 206 -41.89 -19.10 9.94
C LEU A 206 -42.98 -18.33 10.69
N PHE A 207 -44.09 -19.02 10.98
CA PHE A 207 -45.19 -18.41 11.69
C PHE A 207 -45.20 -18.82 13.17
N GLY A 1 6.14 -16.68 6.50
CA GLY A 1 6.56 -16.68 7.90
C GLY A 1 5.40 -16.89 8.85
N PRO A 2 5.64 -16.62 10.14
CA PRO A 2 4.61 -16.77 11.17
C PRO A 2 3.51 -15.73 11.07
N HIS A 3 2.39 -15.99 11.72
CA HIS A 3 1.25 -15.07 11.69
C HIS A 3 0.49 -15.12 13.02
N MET A 4 -0.09 -13.98 13.38
CA MET A 4 -0.85 -13.89 14.62
C MET A 4 -2.07 -12.98 14.45
N ALA A 5 -3.21 -13.43 14.96
CA ALA A 5 -4.46 -12.67 14.86
C ALA A 5 -5.51 -13.21 15.81
N THR A 6 -6.18 -12.30 16.52
CA THR A 6 -7.21 -12.68 17.48
C THR A 6 -7.82 -11.46 18.15
N PRO A 7 -8.65 -10.73 17.38
CA PRO A 7 -9.32 -9.52 17.89
C PRO A 7 -10.39 -9.84 18.92
N LYS A 8 -10.93 -8.80 19.55
CA LYS A 8 -11.97 -8.97 20.56
C LYS A 8 -12.58 -7.62 20.93
N ALA A 9 -13.90 -7.52 20.80
CA ALA A 9 -14.61 -6.28 21.14
C ALA A 9 -16.08 -6.56 21.43
N ASN A 10 -16.83 -5.50 21.66
CA ASN A 10 -18.26 -5.63 21.96
C ASN A 10 -19.11 -4.90 20.92
N ALA A 11 -18.78 -3.64 20.67
CA ALA A 11 -19.50 -2.83 19.69
C ALA A 11 -19.06 -3.18 18.27
N THR A 12 -19.91 -2.85 17.31
CA THR A 12 -19.61 -3.12 15.90
C THR A 12 -20.07 -1.97 15.01
N THR A 13 -19.11 -1.20 14.51
CA THR A 13 -19.40 -0.07 13.64
C THR A 13 -18.18 0.35 12.84
N ALA A 14 -18.40 1.10 11.77
CA ALA A 14 -17.32 1.57 10.92
C ALA A 14 -16.97 3.02 11.22
N LYS A 15 -15.92 3.23 12.01
CA LYS A 15 -15.48 4.58 12.38
C LYS A 15 -13.98 4.63 12.57
N PRO A 16 -13.40 5.83 12.48
CA PRO A 16 -11.96 6.04 12.65
C PRO A 16 -11.51 5.83 14.09
N ALA A 17 -10.25 6.18 14.36
CA ALA A 17 -9.70 6.03 15.71
C ALA A 17 -8.98 7.30 16.15
N SER A 18 -9.35 7.80 17.33
CA SER A 18 -8.75 9.02 17.86
C SER A 18 -8.14 8.75 19.24
N THR A 19 -8.81 7.91 20.02
CA THR A 19 -8.35 7.59 21.36
C THR A 19 -7.08 6.74 21.32
N THR A 20 -6.10 7.09 22.14
CA THR A 20 -4.84 6.36 22.19
C THR A 20 -4.24 6.22 20.80
N SER A 21 -4.17 7.32 20.07
CA SER A 21 -3.61 7.31 18.71
C SER A 21 -3.59 8.72 18.13
N THR A 22 -3.21 8.82 16.86
CA THR A 22 -3.13 10.11 16.19
C THR A 22 -2.06 11.00 16.82
N PRO A 23 -0.79 10.62 16.64
CA PRO A 23 0.34 11.37 17.17
C PRO A 23 0.55 12.70 16.47
N VAL A 24 1.68 13.35 16.75
CA VAL A 24 2.00 14.64 16.14
C VAL A 24 3.45 14.68 15.68
N TYR A 25 3.64 14.68 14.36
CA TYR A 25 4.98 14.72 13.79
C TYR A 25 5.09 15.82 12.74
N ALA A 26 5.81 16.89 13.10
CA ALA A 26 5.99 18.01 12.19
C ALA A 26 7.32 17.91 11.46
N THR A 27 8.11 16.91 11.83
CA THR A 27 9.41 16.70 11.19
C THR A 27 9.48 15.34 10.51
N LEU A 28 10.09 15.31 9.33
CA LEU A 28 10.22 14.07 8.57
C LEU A 28 10.92 13.00 9.39
N SER A 29 12.07 13.34 9.97
CA SER A 29 12.83 12.42 10.79
C SER A 29 11.95 11.77 11.85
N ASN A 30 11.03 12.57 12.41
CA ASN A 30 10.13 12.07 13.44
C ASN A 30 9.17 11.04 12.87
N ALA A 31 8.65 11.32 11.68
CA ALA A 31 7.71 10.42 11.02
C ALA A 31 8.34 9.05 10.79
N VAL A 32 9.50 9.04 10.14
CA VAL A 32 10.20 7.80 9.86
C VAL A 32 10.44 6.99 11.12
N THR A 33 10.95 7.65 12.16
CA THR A 33 11.23 6.99 13.43
C THR A 33 9.93 6.53 14.10
N ALA A 34 8.86 7.31 13.90
CA ALA A 34 7.57 6.97 14.48
C ALA A 34 7.08 5.62 13.99
N GLY A 35 7.01 5.45 12.68
CA GLY A 35 6.56 4.20 12.10
C GLY A 35 7.46 3.03 12.46
N ALA A 36 8.76 3.27 12.44
CA ALA A 36 9.74 2.24 12.76
C ALA A 36 9.56 1.75 14.19
N ALA A 37 9.18 2.66 15.07
CA ALA A 37 8.97 2.32 16.49
C ALA A 37 7.72 1.47 16.66
N ALA A 38 6.76 1.65 15.76
CA ALA A 38 5.51 0.89 15.82
C ALA A 38 5.63 -0.44 15.09
N PRO A 39 5.00 -1.48 15.63
CA PRO A 39 5.02 -2.83 15.05
C PRO A 39 4.25 -2.91 13.75
N GLN A 40 3.19 -2.10 13.64
CA GLN A 40 2.36 -2.08 12.45
C GLN A 40 3.20 -1.90 11.19
N LEU A 41 4.29 -1.15 11.33
CA LEU A 41 5.19 -0.90 10.20
C LEU A 41 6.49 -1.69 10.35
N THR A 42 6.38 -2.88 10.92
CA THR A 42 7.54 -3.74 11.12
C THR A 42 8.22 -4.06 9.80
N THR A 43 7.50 -4.74 8.91
CA THR A 43 8.03 -5.11 7.61
C THR A 43 8.49 -3.88 6.84
N LEU A 44 7.59 -2.92 6.69
CA LEU A 44 7.90 -1.68 5.97
C LEU A 44 9.19 -1.05 6.49
N PHE A 45 9.26 -0.87 7.81
CA PHE A 45 10.44 -0.28 8.43
C PHE A 45 11.71 -0.98 7.97
N ALA A 46 11.67 -2.31 7.98
CA ALA A 46 12.82 -3.11 7.56
C ALA A 46 13.18 -2.83 6.10
N ALA A 47 12.17 -2.55 5.29
CA ALA A 47 12.38 -2.26 3.88
C ALA A 47 12.93 -0.85 3.68
N VAL A 48 12.19 0.14 4.17
CA VAL A 48 12.60 1.54 4.04
C VAL A 48 13.98 1.76 4.64
N ARG A 49 14.27 1.03 5.72
CA ARG A 49 15.55 1.15 6.40
C ARG A 49 16.66 0.51 5.58
N ALA A 50 16.56 -0.81 5.39
CA ALA A 50 17.55 -1.54 4.61
C ALA A 50 17.76 -0.92 3.24
N ALA A 51 16.68 -0.37 2.68
CA ALA A 51 16.74 0.25 1.36
C ALA A 51 17.60 1.52 1.40
N ASN A 52 17.66 2.16 2.57
CA ASN A 52 18.44 3.37 2.73
C ASN A 52 17.89 4.50 1.85
N VAL A 53 16.57 4.51 1.69
CA VAL A 53 15.93 5.54 0.86
C VAL A 53 15.37 6.67 1.73
N THR A 54 15.97 6.86 2.90
CA THR A 54 15.53 7.90 3.82
C THR A 54 16.09 9.26 3.41
N GLY A 55 17.30 9.25 2.86
CA GLY A 55 17.92 10.49 2.43
C GLY A 55 17.03 11.31 1.52
N ALA A 56 16.12 10.63 0.82
CA ALA A 56 15.22 11.30 -0.10
C ALA A 56 14.20 12.15 0.67
N LEU A 57 13.86 11.71 1.87
CA LEU A 57 12.90 12.43 2.71
C LEU A 57 13.59 13.47 3.56
N THR A 58 13.30 14.75 3.29
CA THR A 58 13.90 15.85 4.04
C THR A 58 12.86 16.92 4.35
N ALA A 59 13.33 18.05 4.86
CA ALA A 59 12.44 19.16 5.20
C ALA A 59 12.00 19.92 3.95
N ASN A 60 10.86 20.58 4.04
CA ASN A 60 10.33 21.34 2.91
C ASN A 60 10.28 20.47 1.65
N THR A 61 10.12 19.17 1.83
CA THR A 61 10.07 18.24 0.71
C THR A 61 8.67 17.67 0.54
N THR A 62 8.05 17.93 -0.62
CA THR A 62 6.71 17.45 -0.90
C THR A 62 6.76 16.05 -1.52
N TRP A 63 6.29 15.06 -0.75
CA TRP A 63 6.28 13.68 -1.23
C TRP A 63 5.17 12.89 -0.55
N THR A 64 4.57 11.96 -1.28
CA THR A 64 3.49 11.13 -0.75
C THR A 64 3.87 9.66 -0.78
N ILE A 65 4.13 9.09 0.39
CA ILE A 65 4.50 7.69 0.50
C ILE A 65 3.39 6.88 1.17
N LEU A 66 3.30 5.60 0.82
CA LEU A 66 2.29 4.72 1.39
C LEU A 66 2.91 3.73 2.37
N ALA A 67 2.47 3.80 3.62
CA ALA A 67 2.98 2.92 4.67
C ALA A 67 1.93 1.89 5.07
N PRO A 68 1.85 0.79 4.31
CA PRO A 68 0.89 -0.29 4.58
C PRO A 68 1.24 -1.08 5.84
N THR A 69 0.22 -1.46 6.59
CA THR A 69 0.41 -2.21 7.82
C THR A 69 1.16 -3.52 7.56
N ASN A 70 1.48 -4.23 8.62
CA ASN A 70 2.20 -5.51 8.50
C ASN A 70 1.35 -6.55 7.77
N ASP A 71 0.06 -6.59 8.10
CA ASP A 71 -0.85 -7.53 7.48
C ASP A 71 -0.74 -7.47 5.95
N ALA A 72 -0.51 -6.27 5.44
CA ALA A 72 -0.38 -6.07 4.00
C ALA A 72 0.75 -6.92 3.42
N PHE A 73 1.95 -6.75 3.97
CA PHE A 73 3.11 -7.48 3.51
C PHE A 73 2.92 -8.99 3.72
N ALA A 74 2.65 -9.38 4.96
CA ALA A 74 2.43 -10.78 5.30
C ALA A 74 1.41 -11.42 4.37
N LYS A 75 0.44 -10.62 3.94
CA LYS A 75 -0.61 -11.11 3.04
C LYS A 75 -0.03 -11.45 1.67
N ARG A 76 0.61 -10.46 1.05
CA ARG A 76 1.21 -10.65 -0.27
C ARG A 76 2.27 -11.75 -0.24
N LEU A 77 3.02 -11.80 0.86
CA LEU A 77 4.07 -12.80 1.02
C LEU A 77 3.47 -14.18 1.25
N ALA A 78 2.35 -14.23 1.96
CA ALA A 78 1.68 -15.49 2.25
C ALA A 78 1.02 -16.05 0.99
N LYS A 79 0.14 -15.26 0.39
CA LYS A 79 -0.57 -15.67 -0.81
C LYS A 79 0.41 -16.11 -1.90
N LEU A 80 1.47 -15.34 -2.07
CA LEU A 80 2.49 -15.65 -3.08
C LEU A 80 3.43 -16.74 -2.57
N ASN A 81 3.45 -16.95 -1.26
CA ASN A 81 4.31 -17.96 -0.65
C ASN A 81 5.77 -17.69 -0.97
N LEU A 82 6.24 -16.50 -0.61
CA LEU A 82 7.62 -16.11 -0.85
C LEU A 82 8.36 -15.89 0.46
N THR A 83 9.69 -15.79 0.39
CA THR A 83 10.51 -15.58 1.57
C THR A 83 10.66 -14.09 1.88
N ALA A 84 10.68 -13.75 3.16
CA ALA A 84 10.82 -12.37 3.59
C ALA A 84 12.27 -11.93 3.55
N ASP A 85 13.16 -12.79 4.04
CA ASP A 85 14.59 -12.49 4.06
C ASP A 85 15.11 -12.24 2.65
N ALA A 86 14.66 -13.06 1.69
CA ALA A 86 15.09 -12.91 0.31
C ALA A 86 14.78 -11.52 -0.22
N VAL A 87 13.66 -10.96 0.21
CA VAL A 87 13.24 -9.63 -0.22
C VAL A 87 14.12 -8.55 0.42
N LEU A 88 14.31 -8.66 1.73
CA LEU A 88 15.12 -7.70 2.46
C LEU A 88 16.57 -7.74 2.00
N LYS A 89 17.04 -8.93 1.66
CA LYS A 89 18.41 -9.11 1.20
C LYS A 89 18.55 -8.69 -0.27
N ASN A 90 17.44 -8.73 -1.00
CA ASN A 90 17.44 -8.35 -2.40
C ASN A 90 17.05 -6.89 -2.57
N LYS A 91 18.04 -6.01 -2.56
CA LYS A 91 17.79 -4.57 -2.72
C LYS A 91 17.05 -4.29 -4.02
N ASP A 92 17.45 -4.97 -5.09
CA ASP A 92 16.83 -4.78 -6.39
C ASP A 92 15.32 -4.93 -6.29
N LEU A 93 14.88 -6.06 -5.75
CA LEU A 93 13.44 -6.32 -5.60
C LEU A 93 12.83 -5.40 -4.55
N LEU A 94 13.52 -5.25 -3.43
CA LEU A 94 13.04 -4.39 -2.34
C LEU A 94 12.66 -3.01 -2.87
N VAL A 95 13.66 -2.30 -3.40
CA VAL A 95 13.43 -0.96 -3.95
C VAL A 95 12.33 -0.98 -5.01
N LYS A 96 12.24 -2.09 -5.74
CA LYS A 96 11.24 -2.22 -6.79
C LYS A 96 9.83 -2.05 -6.22
N ILE A 97 9.52 -2.82 -5.18
CA ILE A 97 8.21 -2.73 -4.54
C ILE A 97 8.01 -1.39 -3.85
N LEU A 98 9.01 -0.98 -3.08
CA LEU A 98 8.95 0.28 -2.36
C LEU A 98 8.71 1.45 -3.32
N SER A 99 9.28 1.34 -4.52
CA SER A 99 9.13 2.38 -5.54
C SER A 99 7.67 2.73 -5.74
N TYR A 100 6.84 1.70 -5.91
CA TYR A 100 5.41 1.90 -6.13
C TYR A 100 4.78 2.64 -4.95
N HIS A 101 5.27 2.36 -3.75
CA HIS A 101 4.76 3.00 -2.54
C HIS A 101 5.13 4.48 -2.50
N VAL A 102 6.08 4.86 -3.36
CA VAL A 102 6.53 6.24 -3.43
C VAL A 102 5.77 7.02 -4.50
N ILE A 103 5.15 8.12 -4.09
CA ILE A 103 4.39 8.96 -5.01
C ILE A 103 4.93 10.38 -5.04
N PRO A 104 5.92 10.61 -5.91
CA PRO A 104 6.55 11.92 -6.07
C PRO A 104 5.61 12.94 -6.71
N SER A 105 4.47 12.47 -7.19
CA SER A 105 3.48 13.33 -7.83
C SER A 105 3.20 14.56 -6.96
N GLY A 106 3.24 14.37 -5.64
CA GLY A 106 2.98 15.47 -4.73
C GLY A 106 1.76 15.23 -3.87
N ALA A 107 1.68 15.93 -2.74
CA ALA A 107 0.55 15.80 -1.84
C ALA A 107 -0.78 16.01 -2.57
N VAL A 108 -1.67 15.03 -2.47
CA VAL A 108 -2.97 15.12 -3.11
C VAL A 108 -4.08 15.26 -2.09
N TYR A 109 -5.10 16.06 -2.42
CA TYR A 109 -6.22 16.27 -1.52
C TYR A 109 -7.44 15.48 -1.97
N SER A 110 -8.30 15.11 -1.03
CA SER A 110 -9.50 14.34 -1.33
C SER A 110 -10.45 15.14 -2.20
N LYS A 111 -10.57 16.43 -1.90
CA LYS A 111 -11.45 17.31 -2.65
C LYS A 111 -11.13 17.27 -4.14
N ALA A 112 -9.84 17.13 -4.45
CA ALA A 112 -9.39 17.08 -5.83
C ALA A 112 -9.42 15.64 -6.36
N LEU A 113 -9.31 14.69 -5.45
CA LEU A 113 -9.33 13.27 -5.83
C LEU A 113 -10.69 12.87 -6.38
N LYS A 114 -10.72 11.79 -7.15
CA LYS A 114 -11.95 11.30 -7.75
C LYS A 114 -11.83 9.83 -8.13
N ASP A 115 -12.87 9.29 -8.75
CA ASP A 115 -12.87 7.89 -9.16
C ASP A 115 -11.97 7.67 -10.37
N ASN A 116 -11.88 8.69 -11.23
CA ASN A 116 -11.05 8.60 -12.43
C ASN A 116 -9.65 9.14 -12.15
N ALA A 117 -9.41 9.54 -10.90
CA ALA A 117 -8.11 10.09 -10.51
C ALA A 117 -7.02 9.04 -10.64
N THR A 118 -5.94 9.40 -11.35
CA THR A 118 -4.83 8.50 -11.56
C THR A 118 -3.57 9.01 -10.87
N VAL A 119 -2.90 8.11 -10.14
CA VAL A 119 -1.68 8.47 -9.42
C VAL A 119 -0.46 7.84 -10.08
N ALA A 120 0.59 8.63 -10.25
CA ALA A 120 1.82 8.16 -10.85
C ALA A 120 2.89 7.88 -9.79
N THR A 121 3.42 6.67 -9.81
CA THR A 121 4.44 6.27 -8.85
C THR A 121 5.84 6.46 -9.42
N ALA A 122 6.84 6.49 -8.55
CA ALA A 122 8.22 6.67 -8.96
C ALA A 122 8.62 5.64 -10.01
N LEU A 123 7.96 4.49 -9.98
CA LEU A 123 8.24 3.41 -10.94
C LEU A 123 7.67 3.74 -12.31
N LYS A 124 8.48 3.58 -13.34
CA LYS A 124 8.05 3.85 -14.71
C LYS A 124 6.95 2.89 -15.14
N ASP A 125 5.93 3.41 -15.82
CA ASP A 125 4.82 2.59 -16.27
C ASP A 125 4.05 2.00 -15.10
N ALA A 126 3.95 2.78 -14.02
CA ALA A 126 3.23 2.33 -12.83
C ALA A 126 2.27 3.40 -12.34
N SER A 127 0.97 3.20 -12.60
CA SER A 127 -0.05 4.15 -12.18
C SER A 127 -1.27 3.43 -11.62
N VAL A 128 -1.84 3.98 -10.56
CA VAL A 128 -3.01 3.39 -9.93
C VAL A 128 -4.21 4.34 -9.99
N THR A 129 -5.41 3.78 -9.97
CA THR A 129 -6.63 4.57 -10.02
C THR A 129 -7.27 4.69 -8.64
N VAL A 130 -7.86 5.85 -8.37
CA VAL A 130 -8.50 6.10 -7.09
C VAL A 130 -9.97 5.69 -7.12
N ARG A 131 -10.44 5.10 -6.03
CA ARG A 131 -11.82 4.65 -5.94
C ARG A 131 -12.41 4.99 -4.57
N LEU A 132 -13.60 5.58 -4.56
CA LEU A 132 -14.27 5.95 -3.33
C LEU A 132 -15.15 4.82 -2.82
N TYR A 133 -14.98 4.47 -1.55
CA TYR A 133 -15.76 3.40 -0.93
C TYR A 133 -15.81 3.56 0.58
N GLN A 134 -17.02 3.55 1.13
CA GLN A 134 -17.20 3.70 2.58
C GLN A 134 -16.56 4.99 3.07
N GLY A 135 -16.71 6.06 2.30
CA GLY A 135 -16.15 7.34 2.69
C GLY A 135 -14.64 7.28 2.86
N LYS A 136 -14.00 6.36 2.15
CA LYS A 136 -12.55 6.20 2.24
C LYS A 136 -11.94 6.15 0.84
N VAL A 137 -10.64 6.45 0.75
CA VAL A 137 -9.94 6.45 -0.52
C VAL A 137 -9.10 5.18 -0.67
N MET A 138 -9.51 4.30 -1.57
CA MET A 138 -8.79 3.06 -1.82
C MET A 138 -8.10 3.08 -3.18
N PHE A 139 -7.12 2.21 -3.35
CA PHE A 139 -6.38 2.13 -4.60
C PHE A 139 -6.76 0.88 -5.38
N LYS A 140 -6.70 0.96 -6.70
CA LYS A 140 -7.05 -0.16 -7.57
C LYS A 140 -6.18 -0.16 -8.83
N GLY A 141 -5.72 -1.35 -9.22
CA GLY A 141 -4.90 -1.46 -10.41
C GLY A 141 -5.31 -2.63 -11.29
N PRO A 142 -4.41 -3.02 -12.21
CA PRO A 142 -4.67 -4.13 -13.14
C PRO A 142 -4.67 -5.48 -12.43
N VAL A 143 -3.91 -5.58 -11.35
CA VAL A 143 -3.83 -6.82 -10.58
C VAL A 143 -3.78 -6.54 -9.07
N ASN A 144 -4.73 -7.09 -8.35
CA ASN A 144 -4.80 -6.89 -6.90
C ASN A 144 -5.08 -5.44 -6.56
N LYS A 145 -5.78 -5.23 -5.45
CA LYS A 145 -6.12 -3.87 -5.00
C LYS A 145 -5.97 -3.75 -3.49
N ALA A 146 -5.99 -2.52 -3.00
CA ALA A 146 -5.87 -2.25 -1.57
C ALA A 146 -6.66 -1.01 -1.17
N GLN A 147 -6.94 -0.90 0.13
CA GLN A 147 -7.70 0.24 0.65
C GLN A 147 -6.95 0.91 1.79
N VAL A 148 -7.12 2.23 1.91
CA VAL A 148 -6.46 2.99 2.95
C VAL A 148 -7.34 3.09 4.20
N THR A 149 -6.79 2.68 5.34
CA THR A 149 -7.52 2.72 6.59
C THR A 149 -7.33 4.06 7.30
N VAL A 150 -6.07 4.42 7.55
CA VAL A 150 -5.75 5.67 8.22
C VAL A 150 -4.74 6.48 7.40
N ALA A 151 -5.20 7.61 6.88
CA ALA A 151 -4.34 8.48 6.08
C ALA A 151 -4.27 9.88 6.68
N ASP A 152 -3.67 10.81 5.95
CA ASP A 152 -3.53 12.18 6.42
C ASP A 152 -2.63 12.26 7.64
N ILE A 153 -1.61 11.40 7.68
CA ILE A 153 -0.68 11.38 8.79
C ILE A 153 0.05 12.71 8.94
N LYS A 154 0.22 13.15 10.17
CA LYS A 154 0.90 14.41 10.46
C LYS A 154 2.35 14.35 10.00
N ALA A 155 2.66 15.05 8.93
CA ALA A 155 4.02 15.09 8.39
C ALA A 155 4.36 16.46 7.82
N GLY A 156 5.38 17.10 8.38
CA GLY A 156 5.78 18.41 7.92
C GLY A 156 6.49 18.36 6.58
N GLY A 157 5.87 18.93 5.55
CA GLY A 157 6.48 18.93 4.23
C GLY A 157 6.06 17.72 3.40
N SER A 158 5.99 16.57 4.05
CA SER A 158 5.60 15.33 3.37
C SER A 158 4.31 14.78 3.93
N VAL A 159 3.85 13.66 3.38
CA VAL A 159 2.62 13.03 3.82
C VAL A 159 2.65 11.52 3.57
N ILE A 160 2.12 10.76 4.52
CA ILE A 160 2.09 9.30 4.40
C ILE A 160 0.70 8.76 4.70
N HIS A 161 0.33 7.69 4.00
CA HIS A 161 -0.98 7.07 4.21
C HIS A 161 -0.83 5.60 4.61
N VAL A 162 -1.67 5.17 5.54
CA VAL A 162 -1.63 3.79 6.02
C VAL A 162 -2.62 2.91 5.26
N ILE A 163 -2.11 1.89 4.59
CA ILE A 163 -2.95 0.97 3.83
C ILE A 163 -3.02 -0.40 4.49
N ASN A 164 -4.08 -1.14 4.20
CA ASN A 164 -4.27 -2.47 4.76
C ASN A 164 -3.57 -3.53 3.92
N ASP A 165 -3.58 -3.33 2.60
CA ASP A 165 -2.95 -4.25 1.68
C ASP A 165 -1.93 -3.54 0.80
N VAL A 166 -0.95 -4.30 0.29
CA VAL A 166 0.08 -3.73 -0.56
C VAL A 166 -0.21 -4.02 -2.03
N LEU A 167 0.13 -3.07 -2.90
CA LEU A 167 -0.08 -3.21 -4.33
C LEU A 167 1.21 -3.61 -5.05
N LEU A 168 1.13 -4.65 -5.87
CA LEU A 168 2.29 -5.12 -6.61
C LEU A 168 2.19 -4.72 -8.09
N PRO A 169 3.35 -4.42 -8.69
CA PRO A 169 3.43 -4.02 -10.11
C PRO A 169 3.11 -5.17 -11.05
N PRO A 170 2.90 -4.84 -12.33
CA PRO A 170 2.59 -5.83 -13.36
C PRO A 170 3.78 -6.73 -13.68
N GLY A 171 3.49 -7.97 -14.10
CA GLY A 171 4.56 -8.90 -14.43
C GLY A 171 4.86 -9.86 -13.29
N VAL A 172 4.65 -9.39 -12.06
CA VAL A 172 4.91 -10.21 -10.89
C VAL A 172 3.67 -10.95 -10.45
N VAL A 173 2.96 -11.53 -11.42
CA VAL A 173 1.73 -12.28 -11.13
C VAL A 173 1.61 -13.50 -12.03
N SER A 174 1.57 -14.68 -11.43
CA SER A 174 1.46 -15.92 -12.17
C SER A 174 0.02 -16.15 -12.65
N ASP A 175 -0.16 -17.13 -13.53
CA ASP A 175 -1.48 -17.44 -14.06
C ASP A 175 -2.42 -17.87 -12.94
N ALA A 176 -2.01 -18.89 -12.18
CA ALA A 176 -2.81 -19.39 -11.08
C ALA A 176 -3.01 -18.33 -10.01
N VAL A 177 -1.94 -17.61 -9.71
CA VAL A 177 -1.99 -16.55 -8.70
C VAL A 177 -3.08 -15.52 -9.03
N ALA A 178 -2.93 -14.87 -10.18
CA ALA A 178 -3.89 -13.86 -10.61
C ALA A 178 -5.31 -14.42 -10.60
N LYS A 179 -5.46 -15.66 -11.09
CA LYS A 179 -6.77 -16.30 -11.13
C LYS A 179 -7.43 -16.30 -9.75
N GLN A 180 -6.64 -16.59 -8.73
CA GLN A 180 -7.14 -16.62 -7.36
C GLN A 180 -7.66 -15.24 -6.94
N TRP A 181 -6.93 -14.20 -7.31
CA TRP A 181 -7.32 -12.83 -6.98
C TRP A 181 -8.61 -12.45 -7.68
N LYS A 182 -8.74 -12.86 -8.94
CA LYS A 182 -9.94 -12.56 -9.72
C LYS A 182 -11.17 -13.21 -9.11
N ALA A 183 -10.99 -14.41 -8.56
CA ALA A 183 -12.10 -15.14 -7.94
C ALA A 183 -12.82 -14.27 -6.92
N GLU A 184 -12.05 -13.50 -6.16
CA GLU A 184 -12.62 -12.62 -5.15
C GLU A 184 -13.53 -11.58 -5.78
N TRP A 185 -13.15 -11.09 -6.95
CA TRP A 185 -13.94 -10.09 -7.66
C TRP A 185 -15.19 -10.71 -8.28
N GLU A 186 -15.04 -11.95 -8.76
CA GLU A 186 -16.16 -12.65 -9.38
C GLU A 186 -17.29 -12.86 -8.38
N ALA A 187 -16.94 -13.24 -7.16
CA ALA A 187 -17.92 -13.46 -6.11
C ALA A 187 -18.56 -12.16 -5.67
N MET A 188 -17.77 -11.09 -5.65
CA MET A 188 -18.26 -9.77 -5.24
C MET A 188 -19.52 -9.40 -6.02
N LYS A 189 -19.57 -9.80 -7.29
CA LYS A 189 -20.71 -9.51 -8.14
C LYS A 189 -22.01 -9.95 -7.48
N ALA A 190 -21.96 -11.05 -6.75
CA ALA A 190 -23.13 -11.59 -6.06
C ALA A 190 -23.79 -10.51 -5.21
N GLU A 191 -25.01 -10.79 -4.76
CA GLU A 191 -25.75 -9.84 -3.93
C GLU A 191 -25.51 -10.11 -2.45
N LYS A 192 -24.25 -9.99 -2.03
CA LYS A 192 -23.89 -10.21 -0.64
C LYS A 192 -22.43 -9.87 -0.40
N LYS A 193 -22.19 -8.89 0.46
CA LYS A 193 -20.83 -8.46 0.79
C LYS A 193 -20.82 -7.58 2.03
N VAL A 194 -20.25 -8.09 3.11
CA VAL A 194 -20.17 -7.35 4.36
C VAL A 194 -18.95 -7.76 5.17
N ALA A 195 -18.41 -6.82 5.94
CA ALA A 195 -17.24 -7.10 6.77
C ALA A 195 -16.86 -5.86 7.59
N PRO A 196 -17.69 -5.55 8.61
CA PRO A 196 -17.45 -4.40 9.49
C PRO A 196 -16.25 -4.61 10.40
N LYS A 197 -16.08 -3.70 11.36
CA LYS A 197 -14.97 -3.78 12.31
C LYS A 197 -15.45 -3.53 13.73
N ALA A 198 -14.51 -3.51 14.67
CA ALA A 198 -14.84 -3.28 16.07
C ALA A 198 -14.68 -1.81 16.44
N THR A 199 -15.70 -1.01 16.16
CA THR A 199 -15.68 0.41 16.45
C THR A 199 -17.06 0.91 16.88
N THR A 200 -17.10 2.14 17.41
CA THR A 200 -18.35 2.72 17.86
C THR A 200 -19.02 3.52 16.75
N GLY A 201 -20.25 3.96 17.00
CA GLY A 201 -20.98 4.73 16.01
C GLY A 201 -22.30 5.25 16.53
N ARG A 202 -23.26 5.45 15.64
CA ARG A 202 -24.58 5.95 16.02
C ARG A 202 -25.68 5.07 15.44
N ARG A 203 -25.58 3.77 15.70
CA ARG A 203 -26.58 2.82 15.21
C ARG A 203 -26.79 2.99 13.71
N PHE A 204 -25.71 3.29 12.99
CA PHE A 204 -25.78 3.47 11.54
C PHE A 204 -26.87 4.47 11.17
N LEU A 205 -26.97 5.54 11.96
CA LEU A 205 -27.96 6.58 11.72
C LEU A 205 -27.52 7.52 10.59
N LEU A 206 -28.42 7.75 9.64
CA LEU A 206 -28.12 8.63 8.51
C LEU A 206 -29.37 9.35 8.04
N PHE A 207 -29.21 10.20 7.03
CA PHE A 207 -30.34 10.96 6.48
C PHE A 207 -30.57 10.58 5.01
N GLY A 1 -10.86 -12.95 -39.20
CA GLY A 1 -10.74 -12.28 -37.93
C GLY A 1 -12.07 -12.21 -37.18
N PRO A 2 -12.55 -13.37 -36.73
CA PRO A 2 -13.82 -13.47 -36.00
C PRO A 2 -13.73 -12.86 -34.60
N HIS A 3 -14.89 -12.63 -33.99
CA HIS A 3 -14.93 -12.05 -32.65
C HIS A 3 -16.12 -12.61 -31.86
N MET A 4 -15.91 -12.83 -30.56
CA MET A 4 -16.96 -13.35 -29.70
C MET A 4 -17.15 -12.47 -28.47
N ALA A 5 -17.06 -11.15 -28.67
CA ALA A 5 -17.22 -10.20 -27.59
C ALA A 5 -18.70 -9.89 -27.35
N THR A 6 -19.11 -9.94 -26.09
CA THR A 6 -20.49 -9.67 -25.73
C THR A 6 -20.70 -9.73 -24.22
N PRO A 7 -20.15 -8.73 -23.51
CA PRO A 7 -20.26 -8.65 -22.04
C PRO A 7 -21.67 -8.34 -21.58
N LYS A 8 -22.20 -9.17 -20.69
CA LYS A 8 -23.54 -8.98 -20.16
C LYS A 8 -23.71 -9.72 -18.83
N ALA A 9 -24.14 -8.99 -17.81
CA ALA A 9 -24.36 -9.58 -16.49
C ALA A 9 -25.10 -8.61 -15.57
N ASN A 10 -25.78 -9.16 -14.57
CA ASN A 10 -26.53 -8.34 -13.62
C ASN A 10 -26.17 -8.71 -12.18
N ALA A 11 -25.20 -8.00 -11.62
CA ALA A 11 -24.76 -8.25 -10.26
C ALA A 11 -23.79 -7.18 -9.78
N THR A 12 -24.11 -6.55 -8.66
CA THR A 12 -23.26 -5.50 -8.10
C THR A 12 -23.66 -5.18 -6.67
N THR A 13 -22.68 -4.95 -5.81
CA THR A 13 -22.93 -4.63 -4.41
C THR A 13 -21.76 -3.85 -3.81
N ALA A 14 -21.90 -3.48 -2.54
CA ALA A 14 -20.86 -2.73 -1.84
C ALA A 14 -21.11 -2.71 -0.34
N LYS A 15 -20.02 -2.72 0.43
CA LYS A 15 -20.12 -2.71 1.89
C LYS A 15 -19.53 -1.42 2.45
N PRO A 16 -19.94 -1.08 3.70
CA PRO A 16 -19.47 0.12 4.38
C PRO A 16 -18.00 0.03 4.77
N ALA A 17 -17.53 1.01 5.55
CA ALA A 17 -16.15 1.03 5.99
C ALA A 17 -16.03 1.65 7.38
N SER A 18 -14.80 1.81 7.86
CA SER A 18 -14.55 2.39 9.17
C SER A 18 -13.66 3.62 9.07
N THR A 19 -13.56 4.36 10.17
CA THR A 19 -12.74 5.56 10.20
C THR A 19 -11.76 5.53 11.37
N THR A 20 -10.66 6.28 11.24
CA THR A 20 -9.66 6.33 12.29
C THR A 20 -8.92 7.66 12.28
N SER A 21 -8.24 7.97 13.38
CA SER A 21 -7.50 9.23 13.49
C SER A 21 -6.00 8.96 13.54
N THR A 22 -5.23 10.01 13.85
CA THR A 22 -3.78 9.89 13.94
C THR A 22 -3.18 11.07 14.70
N PRO A 23 -2.08 10.80 15.42
CA PRO A 23 -1.38 11.82 16.20
C PRO A 23 -0.68 12.85 15.33
N VAL A 24 0.13 13.70 15.95
CA VAL A 24 0.86 14.73 15.22
C VAL A 24 2.37 14.60 15.44
N TYR A 25 3.14 14.89 14.41
CA TYR A 25 4.59 14.80 14.49
C TYR A 25 5.24 16.17 14.24
N ALA A 26 6.53 16.27 14.53
CA ALA A 26 7.27 17.51 14.34
C ALA A 26 7.68 17.68 12.88
N THR A 27 8.32 16.66 12.32
CA THR A 27 8.78 16.71 10.94
C THR A 27 8.91 15.30 10.37
N LEU A 28 9.33 15.22 9.11
CA LEU A 28 9.51 13.93 8.44
C LEU A 28 10.33 12.98 9.31
N SER A 29 11.44 13.47 9.84
CA SER A 29 12.32 12.66 10.67
C SER A 29 11.52 12.00 11.80
N ASN A 30 10.62 12.77 12.41
CA ASN A 30 9.80 12.26 13.50
C ASN A 30 8.86 11.17 13.01
N ALA A 31 8.36 11.33 11.79
CA ALA A 31 7.44 10.36 11.19
C ALA A 31 8.15 9.03 10.95
N VAL A 32 9.27 9.08 10.24
CA VAL A 32 10.04 7.89 9.93
C VAL A 32 10.36 7.09 11.19
N THR A 33 10.85 7.79 12.20
CA THR A 33 11.20 7.16 13.47
C THR A 33 9.96 6.61 14.17
N ALA A 34 8.84 7.30 14.01
CA ALA A 34 7.58 6.88 14.62
C ALA A 34 7.17 5.49 14.12
N GLY A 35 7.05 5.35 12.81
CA GLY A 35 6.66 4.07 12.24
C GLY A 35 7.64 2.97 12.56
N ALA A 36 8.93 3.29 12.53
CA ALA A 36 9.97 2.31 12.83
C ALA A 36 9.82 1.78 14.24
N ALA A 37 9.37 2.63 15.16
CA ALA A 37 9.19 2.25 16.55
C ALA A 37 7.91 1.44 16.73
N ALA A 38 6.93 1.70 15.87
CA ALA A 38 5.65 1.00 15.93
C ALA A 38 5.72 -0.35 15.24
N PRO A 39 5.05 -1.36 15.82
CA PRO A 39 5.03 -2.72 15.27
C PRO A 39 4.24 -2.82 13.98
N GLN A 40 3.18 -2.02 13.87
CA GLN A 40 2.35 -2.00 12.69
C GLN A 40 3.18 -1.83 11.43
N LEU A 41 4.26 -1.06 11.54
CA LEU A 41 5.15 -0.82 10.40
C LEU A 41 6.44 -1.62 10.55
N THR A 42 6.33 -2.81 11.12
CA THR A 42 7.49 -3.67 11.31
C THR A 42 8.15 -4.00 9.97
N THR A 43 7.41 -4.68 9.11
CA THR A 43 7.92 -5.07 7.79
C THR A 43 8.37 -3.85 7.00
N LEU A 44 7.47 -2.87 6.87
CA LEU A 44 7.78 -1.65 6.13
C LEU A 44 9.07 -1.03 6.63
N PHE A 45 9.16 -0.81 7.93
CA PHE A 45 10.35 -0.22 8.53
C PHE A 45 11.62 -0.94 8.06
N ALA A 46 11.57 -2.27 8.09
CA ALA A 46 12.71 -3.08 7.65
C ALA A 46 13.06 -2.82 6.20
N ALA A 47 12.04 -2.54 5.39
CA ALA A 47 12.24 -2.27 3.97
C ALA A 47 12.78 -0.86 3.76
N VAL A 48 12.03 0.14 4.24
CA VAL A 48 12.43 1.54 4.09
C VAL A 48 13.81 1.77 4.69
N ARG A 49 14.12 1.03 5.76
CA ARG A 49 15.41 1.17 6.42
C ARG A 49 16.52 0.52 5.60
N ALA A 50 16.42 -0.80 5.42
CA ALA A 50 17.41 -1.54 4.65
C ALA A 50 17.59 -0.94 3.26
N ALA A 51 16.51 -0.40 2.71
CA ALA A 51 16.56 0.21 1.39
C ALA A 51 17.42 1.47 1.39
N ASN A 52 17.50 2.12 2.55
CA ASN A 52 18.30 3.34 2.69
C ASN A 52 17.73 4.46 1.82
N VAL A 53 16.40 4.52 1.73
CA VAL A 53 15.74 5.54 0.93
C VAL A 53 15.30 6.71 1.80
N THR A 54 15.27 6.50 3.11
CA THR A 54 14.87 7.53 4.06
C THR A 54 15.62 8.84 3.79
N GLY A 55 16.87 8.71 3.35
CA GLY A 55 17.66 9.89 3.06
C GLY A 55 16.97 10.85 2.12
N ALA A 56 16.08 10.31 1.29
CA ALA A 56 15.34 11.13 0.33
C ALA A 56 14.34 12.05 1.04
N LEU A 57 13.84 11.60 2.18
CA LEU A 57 12.88 12.38 2.95
C LEU A 57 13.55 13.59 3.59
N THR A 58 13.56 14.71 2.85
CA THR A 58 14.18 15.93 3.35
C THR A 58 13.12 17.01 3.60
N ALA A 59 13.58 18.22 3.92
CA ALA A 59 12.67 19.33 4.19
C ALA A 59 12.21 19.97 2.89
N ASN A 60 11.06 20.64 2.94
CA ASN A 60 10.50 21.30 1.77
C ASN A 60 10.32 20.31 0.61
N THR A 61 10.20 19.03 0.95
CA THR A 61 10.04 17.98 -0.04
C THR A 61 8.63 17.38 0.02
N THR A 62 7.82 17.68 -0.99
CA THR A 62 6.46 17.17 -1.05
C THR A 62 6.41 15.82 -1.76
N TRP A 63 6.08 14.77 -1.02
CA TRP A 63 5.99 13.43 -1.59
C TRP A 63 4.94 12.60 -0.85
N THR A 64 4.20 11.80 -1.61
CA THR A 64 3.15 10.96 -1.03
C THR A 64 3.60 9.50 -0.96
N ILE A 65 3.88 9.03 0.24
CA ILE A 65 4.31 7.64 0.44
C ILE A 65 3.22 6.82 1.11
N LEU A 66 3.16 5.54 0.76
CA LEU A 66 2.17 4.63 1.34
C LEU A 66 2.81 3.70 2.36
N ALA A 67 2.34 3.77 3.59
CA ALA A 67 2.86 2.92 4.66
C ALA A 67 1.83 1.89 5.10
N PRO A 68 1.74 0.79 4.33
CA PRO A 68 0.81 -0.30 4.62
C PRO A 68 1.19 -1.09 5.87
N THR A 69 0.18 -1.55 6.60
CA THR A 69 0.41 -2.31 7.82
C THR A 69 1.25 -3.56 7.54
N ASN A 70 1.76 -4.17 8.60
CA ASN A 70 2.58 -5.37 8.47
C ASN A 70 1.78 -6.51 7.84
N ASP A 71 0.53 -6.65 8.27
CA ASP A 71 -0.34 -7.70 7.74
C ASP A 71 -0.36 -7.67 6.21
N ALA A 72 -0.26 -6.48 5.64
CA ALA A 72 -0.26 -6.33 4.19
C ALA A 72 0.89 -7.10 3.55
N PHE A 73 2.10 -6.86 4.05
CA PHE A 73 3.29 -7.53 3.53
C PHE A 73 3.18 -9.04 3.71
N ALA A 74 2.82 -9.46 4.92
CA ALA A 74 2.68 -10.88 5.22
C ALA A 74 1.67 -11.54 4.30
N LYS A 75 0.67 -10.78 3.88
CA LYS A 75 -0.36 -11.30 2.99
C LYS A 75 0.20 -11.52 1.59
N ARG A 76 0.67 -10.45 0.96
CA ARG A 76 1.23 -10.55 -0.38
C ARG A 76 2.30 -11.63 -0.45
N LEU A 77 3.06 -11.78 0.63
CA LEU A 77 4.11 -12.79 0.68
C LEU A 77 3.53 -14.19 0.78
N ALA A 78 2.42 -14.31 1.50
CA ALA A 78 1.76 -15.60 1.67
C ALA A 78 1.11 -16.06 0.37
N LYS A 79 0.34 -15.17 -0.25
CA LYS A 79 -0.33 -15.48 -1.50
C LYS A 79 0.68 -15.85 -2.59
N LEU A 80 1.78 -15.12 -2.63
CA LEU A 80 2.83 -15.37 -3.63
C LEU A 80 3.67 -16.58 -3.23
N ASN A 81 3.60 -16.96 -1.96
CA ASN A 81 4.35 -18.09 -1.45
C ASN A 81 5.85 -17.90 -1.67
N LEU A 82 6.38 -16.82 -1.12
CA LEU A 82 7.80 -16.51 -1.25
C LEU A 82 8.44 -16.27 0.11
N THR A 83 9.75 -16.02 0.12
CA THR A 83 10.47 -15.78 1.36
C THR A 83 10.72 -14.30 1.57
N ALA A 84 10.65 -13.86 2.83
CA ALA A 84 10.86 -12.46 3.17
C ALA A 84 12.34 -12.13 3.22
N ASP A 85 13.13 -13.05 3.78
CA ASP A 85 14.58 -12.84 3.90
C ASP A 85 15.19 -12.57 2.52
N ALA A 86 14.76 -13.33 1.52
CA ALA A 86 15.26 -13.17 0.17
C ALA A 86 15.05 -11.75 -0.34
N VAL A 87 13.93 -11.14 0.06
CA VAL A 87 13.60 -9.79 -0.35
C VAL A 87 14.43 -8.77 0.42
N LEU A 88 14.38 -8.85 1.75
CA LEU A 88 15.12 -7.94 2.60
C LEU A 88 16.61 -7.99 2.29
N LYS A 89 17.11 -9.19 1.98
CA LYS A 89 18.52 -9.37 1.66
C LYS A 89 18.82 -8.86 0.25
N ASN A 90 17.79 -8.84 -0.60
CA ASN A 90 17.96 -8.37 -1.97
C ASN A 90 17.49 -6.93 -2.12
N LYS A 91 18.42 -6.00 -1.91
CA LYS A 91 18.11 -4.57 -2.02
C LYS A 91 17.47 -4.26 -3.36
N ASP A 92 17.96 -4.91 -4.42
CA ASP A 92 17.43 -4.70 -5.76
C ASP A 92 15.91 -4.86 -5.78
N LEU A 93 15.42 -5.94 -5.16
CA LEU A 93 13.99 -6.21 -5.11
C LEU A 93 13.29 -5.21 -4.19
N LEU A 94 13.93 -4.88 -3.08
CA LEU A 94 13.37 -3.94 -2.12
C LEU A 94 12.94 -2.65 -2.81
N VAL A 95 13.90 -1.96 -3.41
CA VAL A 95 13.63 -0.70 -4.11
C VAL A 95 12.61 -0.92 -5.23
N LYS A 96 12.69 -2.07 -5.87
CA LYS A 96 11.77 -2.40 -6.96
C LYS A 96 10.33 -2.24 -6.52
N ILE A 97 9.92 -3.03 -5.55
CA ILE A 97 8.56 -2.98 -5.03
C ILE A 97 8.29 -1.66 -4.30
N LEU A 98 9.31 -1.17 -3.60
CA LEU A 98 9.20 0.08 -2.86
C LEU A 98 8.87 1.25 -3.79
N SER A 99 9.37 1.17 -5.01
CA SER A 99 9.14 2.22 -6.01
C SER A 99 7.65 2.53 -6.12
N TYR A 100 6.84 1.49 -6.21
CA TYR A 100 5.39 1.65 -6.33
C TYR A 100 4.80 2.23 -5.04
N HIS A 101 5.35 1.80 -3.91
CA HIS A 101 4.88 2.27 -2.61
C HIS A 101 5.00 3.78 -2.52
N VAL A 102 5.93 4.35 -3.28
CA VAL A 102 6.16 5.79 -3.28
C VAL A 102 5.37 6.47 -4.39
N ILE A 103 4.91 7.69 -4.12
CA ILE A 103 4.14 8.44 -5.10
C ILE A 103 4.68 9.86 -5.25
N PRO A 104 5.62 10.03 -6.19
CA PRO A 104 6.25 11.33 -6.45
C PRO A 104 5.28 12.31 -7.11
N SER A 105 4.12 11.81 -7.51
CA SER A 105 3.11 12.64 -8.16
C SER A 105 2.87 13.92 -7.36
N GLY A 106 2.95 13.81 -6.04
CA GLY A 106 2.72 14.95 -5.19
C GLY A 106 1.54 14.77 -4.25
N ALA A 107 1.52 15.55 -3.19
CA ALA A 107 0.44 15.47 -2.20
C ALA A 107 -0.93 15.62 -2.87
N VAL A 108 -1.76 14.60 -2.76
CA VAL A 108 -3.10 14.62 -3.35
C VAL A 108 -4.15 15.02 -2.33
N TYR A 109 -5.15 15.76 -2.77
CA TYR A 109 -6.23 16.21 -1.90
C TYR A 109 -7.58 15.65 -2.34
N SER A 110 -8.45 15.39 -1.38
CA SER A 110 -9.77 14.85 -1.68
C SER A 110 -10.47 15.67 -2.75
N LYS A 111 -10.25 16.99 -2.70
CA LYS A 111 -10.87 17.89 -3.67
C LYS A 111 -10.58 17.44 -5.10
N ALA A 112 -9.42 16.83 -5.29
CA ALA A 112 -9.02 16.34 -6.62
C ALA A 112 -9.30 14.85 -6.76
N LEU A 113 -9.31 14.16 -5.63
CA LEU A 113 -9.56 12.70 -5.63
C LEU A 113 -10.88 12.38 -6.33
N LYS A 114 -10.86 11.32 -7.13
CA LYS A 114 -12.06 10.89 -7.86
C LYS A 114 -12.01 9.40 -8.16
N ASP A 115 -13.03 8.91 -8.85
CA ASP A 115 -13.10 7.50 -9.19
C ASP A 115 -12.24 7.20 -10.41
N ASN A 116 -12.16 8.14 -11.34
CA ASN A 116 -11.37 7.97 -12.54
C ASN A 116 -9.96 8.50 -12.35
N ALA A 117 -9.81 9.45 -11.43
CA ALA A 117 -8.51 10.04 -11.14
C ALA A 117 -7.45 8.96 -10.97
N THR A 118 -6.40 9.03 -11.77
CA THR A 118 -5.31 8.06 -11.70
C THR A 118 -4.10 8.64 -10.99
N VAL A 119 -3.28 7.77 -10.42
CA VAL A 119 -2.07 8.20 -9.72
C VAL A 119 -0.83 7.53 -10.29
N ALA A 120 0.22 8.32 -10.49
CA ALA A 120 1.47 7.81 -11.03
C ALA A 120 2.50 7.57 -9.92
N THR A 121 3.16 6.42 -9.97
CA THR A 121 4.16 6.08 -8.97
C THR A 121 5.57 6.28 -9.51
N ALA A 122 6.55 6.30 -8.61
CA ALA A 122 7.94 6.48 -9.00
C ALA A 122 8.36 5.46 -10.05
N LEU A 123 7.74 4.29 -10.02
CA LEU A 123 8.04 3.23 -10.97
C LEU A 123 7.45 3.54 -12.34
N LYS A 124 8.24 3.36 -13.39
CA LYS A 124 7.79 3.62 -14.75
C LYS A 124 6.72 2.61 -15.16
N ASP A 125 5.69 3.10 -15.84
CA ASP A 125 4.60 2.24 -16.30
C ASP A 125 3.83 1.66 -15.11
N ALA A 126 3.70 2.45 -14.06
CA ALA A 126 2.99 2.01 -12.86
C ALA A 126 2.03 3.09 -12.36
N SER A 127 0.74 2.89 -12.61
CA SER A 127 -0.28 3.85 -12.20
C SER A 127 -1.50 3.13 -11.64
N VAL A 128 -2.07 3.69 -10.58
CA VAL A 128 -3.24 3.11 -9.94
C VAL A 128 -4.45 4.04 -10.05
N THR A 129 -5.64 3.48 -9.84
CA THR A 129 -6.87 4.26 -9.93
C THR A 129 -7.39 4.62 -8.53
N VAL A 130 -7.94 5.81 -8.40
CA VAL A 130 -8.47 6.28 -7.13
C VAL A 130 -9.95 5.90 -6.98
N ARG A 131 -10.34 5.54 -5.76
CA ARG A 131 -11.71 5.16 -5.48
C ARG A 131 -12.18 5.75 -4.15
N LEU A 132 -13.17 6.64 -4.23
CA LEU A 132 -13.71 7.28 -3.04
C LEU A 132 -14.92 6.53 -2.52
N TYR A 133 -14.99 6.35 -1.20
CA TYR A 133 -16.09 5.64 -0.58
C TYR A 133 -16.18 5.97 0.91
N GLN A 134 -17.30 6.56 1.31
CA GLN A 134 -17.51 6.92 2.70
C GLN A 134 -16.40 7.85 3.19
N GLY A 135 -15.96 8.74 2.32
CA GLY A 135 -14.90 9.67 2.69
C GLY A 135 -13.56 8.99 2.87
N LYS A 136 -13.38 7.86 2.18
CA LYS A 136 -12.13 7.10 2.26
C LYS A 136 -11.48 6.97 0.89
N VAL A 137 -10.16 6.87 0.87
CA VAL A 137 -9.42 6.73 -0.38
C VAL A 137 -8.94 5.29 -0.57
N MET A 138 -9.55 4.60 -1.51
CA MET A 138 -9.19 3.21 -1.81
C MET A 138 -8.46 3.11 -3.15
N PHE A 139 -7.47 2.23 -3.21
CA PHE A 139 -6.71 2.04 -4.44
C PHE A 139 -7.09 0.72 -5.12
N LYS A 140 -6.99 0.71 -6.44
CA LYS A 140 -7.33 -0.47 -7.23
C LYS A 140 -6.65 -0.44 -8.59
N GLY A 141 -6.17 -1.60 -9.04
CA GLY A 141 -5.50 -1.68 -10.33
C GLY A 141 -5.84 -2.95 -11.07
N PRO A 142 -5.05 -3.27 -12.10
CA PRO A 142 -5.25 -4.47 -12.92
C PRO A 142 -4.93 -5.75 -12.15
N VAL A 143 -3.98 -5.66 -11.22
CA VAL A 143 -3.60 -6.82 -10.41
C VAL A 143 -3.36 -6.42 -8.97
N ASN A 144 -4.09 -7.05 -8.06
CA ASN A 144 -3.96 -6.76 -6.63
C ASN A 144 -4.46 -5.35 -6.31
N LYS A 145 -5.21 -5.22 -5.22
CA LYS A 145 -5.73 -3.93 -4.81
C LYS A 145 -5.73 -3.81 -3.29
N ALA A 146 -5.71 -2.58 -2.80
CA ALA A 146 -5.71 -2.32 -1.36
C ALA A 146 -6.51 -1.07 -1.03
N GLN A 147 -6.88 -0.92 0.25
CA GLN A 147 -7.65 0.23 0.69
C GLN A 147 -6.96 0.92 1.86
N VAL A 148 -6.96 2.26 1.85
CA VAL A 148 -6.34 3.04 2.90
C VAL A 148 -7.19 3.02 4.17
N THR A 149 -6.65 2.42 5.23
CA THR A 149 -7.36 2.34 6.50
C THR A 149 -7.26 3.66 7.26
N VAL A 150 -6.04 4.09 7.54
CA VAL A 150 -5.81 5.33 8.27
C VAL A 150 -4.97 6.31 7.45
N ALA A 151 -5.60 7.41 7.03
CA ALA A 151 -4.91 8.42 6.24
C ALA A 151 -4.80 9.73 7.01
N ASP A 152 -4.37 10.78 6.31
CA ASP A 152 -4.21 12.10 6.93
C ASP A 152 -3.19 12.05 8.05
N ILE A 153 -2.03 11.47 7.77
CA ILE A 153 -0.96 11.36 8.76
C ILE A 153 -0.17 12.66 8.85
N LYS A 154 -0.35 13.39 9.94
CA LYS A 154 0.35 14.65 10.15
C LYS A 154 1.86 14.47 10.01
N ALA A 155 2.41 14.98 8.92
CA ALA A 155 3.84 14.88 8.67
C ALA A 155 4.45 16.24 8.35
N GLY A 156 5.78 16.28 8.18
CA GLY A 156 6.45 17.52 7.88
C GLY A 156 7.10 17.51 6.50
N GLY A 157 6.56 18.32 5.60
CA GLY A 157 7.10 18.39 4.24
C GLY A 157 6.47 17.37 3.32
N SER A 158 6.18 16.18 3.85
CA SER A 158 5.58 15.11 3.06
C SER A 158 4.35 14.56 3.75
N VAL A 159 3.70 13.58 3.12
CA VAL A 159 2.50 12.97 3.68
C VAL A 159 2.53 11.45 3.48
N ILE A 160 2.04 10.72 4.48
CA ILE A 160 2.01 9.27 4.42
C ILE A 160 0.60 8.74 4.69
N HIS A 161 0.25 7.64 4.03
CA HIS A 161 -1.07 7.04 4.21
C HIS A 161 -0.94 5.57 4.63
N VAL A 162 -1.73 5.18 5.63
CA VAL A 162 -1.70 3.81 6.13
C VAL A 162 -2.70 2.93 5.38
N ILE A 163 -2.19 1.90 4.74
CA ILE A 163 -3.05 0.98 3.98
C ILE A 163 -3.11 -0.38 4.66
N ASN A 164 -4.18 -1.12 4.39
CA ASN A 164 -4.37 -2.45 4.97
C ASN A 164 -3.64 -3.51 4.15
N ASP A 165 -3.61 -3.32 2.84
CA ASP A 165 -2.95 -4.26 1.94
C ASP A 165 -1.91 -3.55 1.10
N VAL A 166 -1.05 -4.33 0.44
CA VAL A 166 0.00 -3.77 -0.41
C VAL A 166 -0.26 -4.08 -1.88
N LEU A 167 0.09 -3.14 -2.75
CA LEU A 167 -0.11 -3.31 -4.18
C LEU A 167 1.18 -3.75 -4.87
N LEU A 168 1.12 -4.83 -5.61
CA LEU A 168 2.28 -5.36 -6.33
C LEU A 168 2.40 -4.73 -7.70
N PRO A 169 3.65 -4.52 -8.15
CA PRO A 169 3.95 -3.92 -9.46
C PRO A 169 3.58 -4.87 -10.61
N PRO A 170 3.57 -4.32 -11.83
CA PRO A 170 3.24 -5.08 -13.04
C PRO A 170 4.33 -6.10 -13.40
N GLY A 171 3.96 -7.14 -14.13
CA GLY A 171 4.91 -8.15 -14.52
C GLY A 171 5.35 -9.02 -13.36
N VAL A 172 4.49 -9.13 -12.35
CA VAL A 172 4.78 -9.93 -11.17
C VAL A 172 3.78 -11.07 -11.02
N VAL A 173 2.51 -10.78 -11.33
CA VAL A 173 1.46 -11.78 -11.22
C VAL A 173 1.35 -12.61 -12.50
N SER A 174 1.36 -13.92 -12.34
CA SER A 174 1.27 -14.83 -13.49
C SER A 174 -0.19 -15.06 -13.88
N ASP A 175 -0.39 -15.75 -14.99
CA ASP A 175 -1.73 -16.05 -15.48
C ASP A 175 -2.51 -16.88 -14.47
N ALA A 176 -1.93 -18.02 -14.09
CA ALA A 176 -2.56 -18.91 -13.13
C ALA A 176 -2.66 -18.26 -11.76
N VAL A 177 -1.65 -17.48 -11.40
CA VAL A 177 -1.62 -16.80 -10.10
C VAL A 177 -2.79 -15.81 -9.99
N ALA A 178 -2.94 -14.98 -11.00
CA ALA A 178 -4.01 -13.98 -11.02
C ALA A 178 -5.38 -14.65 -11.09
N LYS A 179 -5.45 -15.76 -11.82
CA LYS A 179 -6.70 -16.50 -11.97
C LYS A 179 -7.18 -17.03 -10.62
N GLN A 180 -6.24 -17.48 -9.79
CA GLN A 180 -6.57 -18.02 -8.49
C GLN A 180 -7.43 -17.04 -7.69
N TRP A 181 -6.97 -15.80 -7.58
CA TRP A 181 -7.70 -14.77 -6.86
C TRP A 181 -9.02 -14.46 -7.55
N LYS A 182 -9.01 -14.42 -8.87
CA LYS A 182 -10.20 -14.14 -9.65
C LYS A 182 -11.28 -15.18 -9.39
N ALA A 183 -10.88 -16.43 -9.26
CA ALA A 183 -11.81 -17.52 -9.00
C ALA A 183 -12.31 -17.48 -7.56
N GLU A 184 -11.40 -17.17 -6.63
CA GLU A 184 -11.76 -17.11 -5.22
C GLU A 184 -12.69 -15.93 -4.94
N TRP A 185 -12.42 -14.80 -5.59
CA TRP A 185 -13.22 -13.61 -5.42
C TRP A 185 -14.59 -13.77 -6.07
N GLU A 186 -14.62 -14.47 -7.20
CA GLU A 186 -15.87 -14.70 -7.92
C GLU A 186 -16.69 -15.79 -7.24
N ALA A 187 -16.01 -16.79 -6.70
CA ALA A 187 -16.68 -17.89 -6.02
C ALA A 187 -17.28 -17.44 -4.70
N MET A 188 -16.49 -16.71 -3.91
CA MET A 188 -16.95 -16.22 -2.61
C MET A 188 -17.78 -14.95 -2.79
N LYS A 189 -17.18 -13.94 -3.41
CA LYS A 189 -17.87 -12.67 -3.63
C LYS A 189 -18.46 -12.13 -2.33
N ALA A 190 -17.74 -12.35 -1.24
CA ALA A 190 -18.19 -11.87 0.07
C ALA A 190 -17.00 -11.58 0.98
N GLU A 191 -17.28 -10.94 2.12
CA GLU A 191 -16.23 -10.60 3.07
C GLU A 191 -16.64 -11.00 4.49
N LYS A 192 -15.76 -10.75 5.45
CA LYS A 192 -16.01 -11.09 6.84
C LYS A 192 -17.27 -10.37 7.35
N LYS A 193 -18.02 -11.05 8.20
CA LYS A 193 -19.24 -10.47 8.77
C LYS A 193 -18.93 -9.61 9.98
N VAL A 194 -19.75 -8.59 10.20
CA VAL A 194 -19.56 -7.68 11.34
C VAL A 194 -19.73 -8.42 12.66
N ALA A 195 -18.91 -8.04 13.64
CA ALA A 195 -18.96 -8.67 14.96
C ALA A 195 -20.25 -8.31 15.69
N PRO A 196 -20.44 -7.00 15.93
CA PRO A 196 -21.63 -6.49 16.62
C PRO A 196 -22.90 -6.64 15.78
N LYS A 197 -23.98 -7.05 16.41
CA LYS A 197 -25.25 -7.23 15.73
C LYS A 197 -25.79 -5.89 15.23
N ALA A 198 -26.37 -5.89 14.02
CA ALA A 198 -26.92 -4.68 13.44
C ALA A 198 -28.03 -5.01 12.45
N THR A 199 -28.62 -3.97 11.86
CA THR A 199 -29.70 -4.16 10.89
C THR A 199 -29.16 -4.18 9.47
N THR A 200 -29.83 -4.93 8.60
CA THR A 200 -29.41 -5.04 7.20
C THR A 200 -30.25 -4.15 6.31
N GLY A 201 -30.59 -2.95 6.81
CA GLY A 201 -31.38 -2.02 6.04
C GLY A 201 -32.87 -2.30 6.15
N ARG A 202 -33.34 -3.28 5.38
CA ARG A 202 -34.75 -3.64 5.39
C ARG A 202 -35.15 -4.26 6.72
N ARG A 203 -36.27 -3.83 7.27
CA ARG A 203 -36.76 -4.35 8.54
C ARG A 203 -37.50 -5.67 8.35
N PHE A 204 -36.82 -6.76 8.67
CA PHE A 204 -37.40 -8.10 8.53
C PHE A 204 -38.74 -8.18 9.26
N LEU A 205 -39.64 -9.00 8.73
CA LEU A 205 -40.97 -9.17 9.32
C LEU A 205 -40.88 -10.00 10.60
N LEU A 206 -41.21 -9.38 11.72
CA LEU A 206 -41.18 -10.06 13.02
C LEU A 206 -42.55 -10.02 13.70
N PHE A 207 -43.06 -11.19 14.07
CA PHE A 207 -44.35 -11.28 14.73
C PHE A 207 -44.32 -10.63 16.10
N GLY A 1 43.91 -34.65 -8.37
CA GLY A 1 43.58 -35.41 -7.17
C GLY A 1 42.38 -34.85 -6.43
N PRO A 2 42.11 -35.41 -5.25
CA PRO A 2 40.98 -34.98 -4.41
C PRO A 2 41.20 -33.60 -3.81
N HIS A 3 40.31 -32.66 -4.14
CA HIS A 3 40.40 -31.30 -3.63
C HIS A 3 39.87 -31.20 -2.21
N MET A 4 38.76 -31.90 -1.96
CA MET A 4 38.15 -31.90 -0.64
C MET A 4 37.80 -30.47 -0.20
N ALA A 5 37.17 -29.72 -1.09
CA ALA A 5 36.79 -28.35 -0.80
C ALA A 5 35.28 -28.22 -0.67
N THR A 6 34.78 -28.34 0.55
CA THR A 6 33.35 -28.24 0.81
C THR A 6 32.87 -26.81 0.64
N PRO A 7 31.54 -26.65 0.43
CA PRO A 7 30.92 -25.33 0.24
C PRO A 7 30.92 -24.51 1.53
N LYS A 8 31.07 -23.20 1.38
CA LYS A 8 31.08 -22.29 2.52
C LYS A 8 30.13 -21.12 2.29
N ALA A 9 29.45 -20.70 3.35
CA ALA A 9 28.51 -19.58 3.27
C ALA A 9 28.11 -19.09 4.66
N ASN A 10 27.59 -17.88 4.72
CA ASN A 10 27.17 -17.29 5.99
C ASN A 10 25.91 -16.45 5.81
N ALA A 11 25.38 -15.93 6.92
CA ALA A 11 24.18 -15.11 6.88
C ALA A 11 23.88 -14.51 8.25
N THR A 12 22.89 -13.63 8.31
CA THR A 12 22.50 -13.00 9.56
C THR A 12 21.08 -12.47 9.50
N THR A 13 20.44 -12.37 10.66
CA THR A 13 19.06 -11.88 10.73
C THR A 13 18.82 -11.11 12.03
N ALA A 14 18.07 -10.03 11.93
CA ALA A 14 17.75 -9.21 13.10
C ALA A 14 16.56 -8.30 12.83
N LYS A 15 15.71 -8.13 13.84
CA LYS A 15 14.53 -7.29 13.71
C LYS A 15 13.76 -7.22 15.02
N PRO A 16 14.34 -6.51 16.01
CA PRO A 16 13.73 -6.36 17.33
C PRO A 16 12.48 -5.47 17.30
N ALA A 17 11.74 -5.45 18.40
CA ALA A 17 10.53 -4.65 18.49
C ALA A 17 10.19 -4.33 19.94
N SER A 18 9.60 -3.17 20.17
CA SER A 18 9.23 -2.74 21.52
C SER A 18 8.02 -1.81 21.48
N THR A 19 7.62 -1.33 22.66
CA THR A 19 6.47 -0.43 22.76
C THR A 19 6.91 1.03 22.76
N THR A 20 6.14 1.88 22.09
CA THR A 20 6.45 3.30 22.02
C THR A 20 5.19 4.12 21.73
N SER A 21 5.06 5.26 22.42
CA SER A 21 3.91 6.13 22.23
C SER A 21 3.76 6.54 20.76
N THR A 22 2.70 7.27 20.46
CA THR A 22 2.46 7.73 19.11
C THR A 22 1.97 9.18 19.09
N PRO A 23 2.87 10.10 19.45
CA PRO A 23 2.57 11.53 19.48
C PRO A 23 2.37 12.12 18.09
N VAL A 24 2.28 13.45 18.02
CA VAL A 24 2.10 14.13 16.74
C VAL A 24 3.44 14.41 16.06
N TYR A 25 3.60 13.88 14.86
CA TYR A 25 4.83 14.06 14.10
C TYR A 25 4.79 15.34 13.28
N ALA A 26 5.62 16.31 13.64
CA ALA A 26 5.67 17.58 12.93
C ALA A 26 6.82 17.60 11.92
N THR A 27 7.83 16.78 12.17
CA THR A 27 8.98 16.71 11.29
C THR A 27 9.12 15.32 10.67
N LEU A 28 9.61 15.26 9.44
CA LEU A 28 9.79 14.00 8.74
C LEU A 28 10.57 13.01 9.60
N SER A 29 11.69 13.46 10.15
CA SER A 29 12.52 12.62 11.00
C SER A 29 11.68 11.91 12.06
N ASN A 30 10.73 12.64 12.64
CA ASN A 30 9.87 12.08 13.67
C ASN A 30 8.95 11.01 13.09
N ALA A 31 8.41 11.27 11.91
CA ALA A 31 7.53 10.32 11.24
C ALA A 31 8.23 8.99 11.00
N VAL A 32 9.39 9.04 10.35
CA VAL A 32 10.16 7.84 10.06
C VAL A 32 10.42 7.04 11.33
N THR A 33 10.94 7.71 12.35
CA THR A 33 11.24 7.05 13.62
C THR A 33 9.97 6.49 14.25
N ALA A 34 8.86 7.18 14.04
CA ALA A 34 7.58 6.74 14.60
C ALA A 34 7.19 5.36 14.06
N GLY A 35 7.08 5.26 12.74
CA GLY A 35 6.71 4.00 12.12
C GLY A 35 7.69 2.89 12.44
N ALA A 36 8.96 3.25 12.59
CA ALA A 36 10.00 2.27 12.90
C ALA A 36 9.84 1.73 14.32
N ALA A 37 9.39 2.60 15.23
CA ALA A 37 9.18 2.20 16.62
C ALA A 37 7.93 1.35 16.78
N ALA A 38 6.96 1.58 15.89
CA ALA A 38 5.70 0.84 15.94
C ALA A 38 5.85 -0.54 15.31
N PRO A 39 5.28 -1.56 15.95
CA PRO A 39 5.33 -2.94 15.47
C PRO A 39 4.52 -3.15 14.20
N GLN A 40 3.36 -2.48 14.14
CA GLN A 40 2.48 -2.60 12.98
C GLN A 40 3.24 -2.33 11.69
N LEU A 41 4.24 -1.46 11.76
CA LEU A 41 5.06 -1.11 10.60
C LEU A 41 6.42 -1.78 10.67
N THR A 42 6.46 -2.99 11.22
CA THR A 42 7.70 -3.73 11.35
C THR A 42 8.29 -4.07 9.99
N THR A 43 7.52 -4.78 9.17
CA THR A 43 7.96 -5.16 7.84
C THR A 43 8.41 -3.95 7.04
N LEU A 44 7.50 -3.00 6.86
CA LEU A 44 7.80 -1.78 6.10
C LEU A 44 9.07 -1.12 6.64
N PHE A 45 9.16 -0.99 7.95
CA PHE A 45 10.31 -0.37 8.59
C PHE A 45 11.61 -1.00 8.07
N ALA A 46 11.63 -2.32 8.02
CA ALA A 46 12.82 -3.05 7.54
C ALA A 46 13.05 -2.79 6.05
N ALA A 47 11.96 -2.61 5.30
CA ALA A 47 12.05 -2.36 3.87
C ALA A 47 12.65 -0.98 3.60
N VAL A 48 12.01 0.06 4.15
CA VAL A 48 12.47 1.43 3.96
C VAL A 48 13.92 1.58 4.41
N ARG A 49 14.29 0.86 5.47
CA ARG A 49 15.64 0.92 6.00
C ARG A 49 16.61 0.13 5.12
N ALA A 50 16.36 -1.17 4.99
CA ALA A 50 17.20 -2.03 4.18
C ALA A 50 17.35 -1.48 2.77
N ALA A 51 16.32 -0.81 2.28
CA ALA A 51 16.33 -0.24 0.94
C ALA A 51 17.35 0.88 0.84
N ASN A 52 17.63 1.53 1.98
CA ASN A 52 18.58 2.63 2.02
C ASN A 52 18.09 3.82 1.20
N VAL A 53 16.77 4.01 1.20
CA VAL A 53 16.16 5.12 0.46
C VAL A 53 15.72 6.22 1.40
N THR A 54 16.38 6.32 2.55
CA THR A 54 16.04 7.34 3.54
C THR A 54 16.65 8.69 3.17
N GLY A 55 17.77 8.65 2.45
CA GLY A 55 18.43 9.87 2.05
C GLY A 55 17.50 10.83 1.35
N ALA A 56 16.51 10.30 0.63
CA ALA A 56 15.54 11.11 -0.07
C ALA A 56 14.62 11.84 0.89
N LEU A 57 14.37 11.22 2.04
CA LEU A 57 13.49 11.80 3.06
C LEU A 57 14.17 12.99 3.73
N THR A 58 13.97 14.18 3.17
CA THR A 58 14.55 15.39 3.72
C THR A 58 13.48 16.43 4.04
N ALA A 59 13.92 17.64 4.38
CA ALA A 59 12.98 18.71 4.70
C ALA A 59 12.55 19.45 3.44
N ASN A 60 11.43 20.18 3.54
CA ASN A 60 10.90 20.93 2.41
C ASN A 60 10.66 20.02 1.22
N THR A 61 10.47 18.74 1.49
CA THR A 61 10.22 17.76 0.43
C THR A 61 8.79 17.25 0.48
N THR A 62 8.00 17.66 -0.51
CA THR A 62 6.60 17.25 -0.58
C THR A 62 6.44 15.97 -1.39
N TRP A 63 6.08 14.88 -0.72
CA TRP A 63 5.90 13.59 -1.40
C TRP A 63 4.86 12.75 -0.66
N THR A 64 4.23 11.83 -1.40
CA THR A 64 3.22 10.95 -0.83
C THR A 64 3.69 9.50 -0.79
N ILE A 65 4.00 9.02 0.40
CA ILE A 65 4.46 7.64 0.57
C ILE A 65 3.40 6.78 1.23
N LEU A 66 3.34 5.51 0.84
CA LEU A 66 2.37 4.57 1.41
C LEU A 66 3.02 3.71 2.48
N ALA A 67 2.28 3.48 3.57
CA ALA A 67 2.77 2.67 4.67
C ALA A 67 1.70 1.70 5.15
N PRO A 68 1.56 0.57 4.44
CA PRO A 68 0.57 -0.46 4.79
C PRO A 68 0.93 -1.20 6.07
N THR A 69 -0.09 -1.47 6.89
CA THR A 69 0.11 -2.17 8.15
C THR A 69 0.78 -3.52 7.93
N ASN A 70 1.15 -4.19 9.03
CA ASN A 70 1.78 -5.50 8.95
C ASN A 70 0.86 -6.52 8.29
N ASP A 71 -0.43 -6.42 8.59
CA ASP A 71 -1.41 -7.34 8.03
C ASP A 71 -1.27 -7.43 6.51
N ALA A 72 -0.94 -6.31 5.89
CA ALA A 72 -0.77 -6.26 4.43
C ALA A 72 0.36 -7.17 3.99
N PHE A 73 1.54 -6.98 4.57
CA PHE A 73 2.71 -7.79 4.23
C PHE A 73 2.48 -9.24 4.60
N ALA A 74 2.00 -9.47 5.82
CA ALA A 74 1.73 -10.83 6.29
C ALA A 74 0.87 -11.60 5.30
N LYS A 75 -0.07 -10.90 4.69
CA LYS A 75 -0.97 -11.52 3.71
C LYS A 75 -0.23 -11.84 2.42
N ARG A 76 0.29 -10.80 1.77
CA ARG A 76 1.01 -10.96 0.52
C ARG A 76 2.12 -12.00 0.66
N LEU A 77 2.73 -12.04 1.85
CA LEU A 77 3.81 -12.99 2.11
C LEU A 77 3.28 -14.41 2.17
N ALA A 78 2.16 -14.60 2.86
CA ALA A 78 1.54 -15.92 2.97
C ALA A 78 0.99 -16.40 1.64
N LYS A 79 0.15 -15.57 1.02
CA LYS A 79 -0.44 -15.90 -0.26
C LYS A 79 0.62 -16.29 -1.27
N LEU A 80 1.69 -15.51 -1.34
CA LEU A 80 2.79 -15.77 -2.26
C LEU A 80 3.68 -16.89 -1.74
N ASN A 81 3.59 -17.15 -0.44
CA ASN A 81 4.40 -18.19 0.19
C ASN A 81 5.87 -18.02 -0.15
N LEU A 82 6.38 -16.80 0.04
CA LEU A 82 7.77 -16.51 -0.25
C LEU A 82 8.50 -16.04 1.02
N THR A 83 9.77 -15.65 0.85
CA THR A 83 10.56 -15.18 1.97
C THR A 83 10.86 -13.69 1.85
N ALA A 84 10.86 -13.00 2.98
CA ALA A 84 11.12 -11.56 3.01
C ALA A 84 12.62 -11.29 2.93
N ASP A 85 13.40 -12.05 3.68
CA ASP A 85 14.84 -11.88 3.70
C ASP A 85 15.45 -12.17 2.33
N ALA A 86 14.86 -13.13 1.63
CA ALA A 86 15.33 -13.50 0.29
C ALA A 86 15.40 -12.30 -0.62
N VAL A 87 14.39 -11.43 -0.52
CA VAL A 87 14.33 -10.23 -1.35
C VAL A 87 15.10 -9.08 -0.70
N LEU A 88 15.04 -9.01 0.63
CA LEU A 88 15.72 -7.96 1.37
C LEU A 88 17.22 -7.99 1.08
N LYS A 89 17.73 -9.15 0.70
CA LYS A 89 19.15 -9.30 0.40
C LYS A 89 19.51 -8.60 -0.90
N ASN A 90 18.51 -8.42 -1.78
CA ASN A 90 18.72 -7.76 -3.06
C ASN A 90 18.04 -6.40 -3.07
N LYS A 91 18.84 -5.34 -3.08
CA LYS A 91 18.32 -3.98 -3.10
C LYS A 91 17.63 -3.68 -4.43
N ASP A 92 18.12 -4.31 -5.50
CA ASP A 92 17.55 -4.12 -6.82
C ASP A 92 16.02 -4.25 -6.79
N LEU A 93 15.55 -5.41 -6.35
CA LEU A 93 14.12 -5.68 -6.27
C LEU A 93 13.49 -4.91 -5.11
N LEU A 94 14.22 -4.83 -4.00
CA LEU A 94 13.72 -4.12 -2.82
C LEU A 94 13.27 -2.70 -3.18
N VAL A 95 14.14 -1.97 -3.86
CA VAL A 95 13.84 -0.60 -4.26
C VAL A 95 12.78 -0.59 -5.37
N LYS A 96 12.81 -1.60 -6.22
CA LYS A 96 11.85 -1.71 -7.31
C LYS A 96 10.42 -1.71 -6.79
N ILE A 97 10.15 -2.59 -5.82
CA ILE A 97 8.82 -2.69 -5.24
C ILE A 97 8.50 -1.46 -4.40
N LEU A 98 9.36 -1.15 -3.43
CA LEU A 98 9.15 0.00 -2.56
C LEU A 98 8.93 1.26 -3.38
N SER A 99 9.60 1.35 -4.53
CA SER A 99 9.46 2.50 -5.40
C SER A 99 8.00 2.79 -5.72
N TYR A 100 7.24 1.72 -5.99
CA TYR A 100 5.83 1.86 -6.31
C TYR A 100 5.05 2.45 -5.13
N HIS A 101 5.46 2.09 -3.92
CA HIS A 101 4.81 2.58 -2.71
C HIS A 101 5.01 4.09 -2.56
N VAL A 102 5.99 4.62 -3.28
CA VAL A 102 6.29 6.05 -3.23
C VAL A 102 5.56 6.79 -4.34
N ILE A 103 5.12 8.01 -4.03
CA ILE A 103 4.41 8.83 -5.01
C ILE A 103 5.10 10.18 -5.20
N PRO A 104 5.87 10.30 -6.29
CA PRO A 104 6.60 11.53 -6.61
C PRO A 104 5.67 12.66 -7.03
N SER A 105 4.47 12.30 -7.47
CA SER A 105 3.49 13.29 -7.90
C SER A 105 3.34 14.40 -6.86
N GLY A 106 3.42 14.01 -5.58
CA GLY A 106 3.29 14.98 -4.52
C GLY A 106 1.99 14.82 -3.75
N ALA A 107 1.86 15.57 -2.66
CA ALA A 107 0.66 15.51 -1.84
C ALA A 107 -0.59 15.71 -2.68
N VAL A 108 -1.51 14.74 -2.60
CA VAL A 108 -2.75 14.81 -3.37
C VAL A 108 -3.85 15.51 -2.58
N TYR A 109 -4.44 16.53 -3.18
CA TYR A 109 -5.50 17.30 -2.54
C TYR A 109 -6.75 16.43 -2.32
N SER A 110 -7.33 16.54 -1.13
CA SER A 110 -8.52 15.77 -0.80
C SER A 110 -9.62 15.99 -1.84
N LYS A 111 -9.69 17.20 -2.36
CA LYS A 111 -10.70 17.55 -3.38
C LYS A 111 -10.36 16.90 -4.72
N ALA A 112 -9.07 16.62 -4.93
CA ALA A 112 -8.63 15.99 -6.17
C ALA A 112 -9.07 14.54 -6.25
N LEU A 113 -9.28 13.93 -5.08
CA LEU A 113 -9.70 12.54 -5.01
C LEU A 113 -10.96 12.30 -5.86
N LYS A 114 -10.80 11.50 -6.91
CA LYS A 114 -11.92 11.19 -7.81
C LYS A 114 -11.89 9.72 -8.21
N ASP A 115 -12.87 9.32 -9.02
CA ASP A 115 -12.97 7.95 -9.49
C ASP A 115 -12.00 7.70 -10.64
N ASN A 116 -11.85 8.69 -11.51
CA ASN A 116 -10.96 8.58 -12.66
C ASN A 116 -9.57 9.11 -12.33
N ALA A 117 -9.51 10.00 -11.35
CA ALA A 117 -8.24 10.59 -10.92
C ALA A 117 -7.17 9.51 -10.74
N THR A 118 -6.13 9.56 -11.56
CA THR A 118 -5.05 8.59 -11.48
C THR A 118 -3.82 9.20 -10.83
N VAL A 119 -2.98 8.34 -10.24
CA VAL A 119 -1.76 8.80 -9.58
C VAL A 119 -0.54 8.10 -10.17
N ALA A 120 0.51 8.88 -10.43
CA ALA A 120 1.74 8.34 -10.98
C ALA A 120 2.77 8.06 -9.87
N THR A 121 3.37 6.87 -9.92
CA THR A 121 4.36 6.48 -8.93
C THR A 121 5.77 6.76 -9.42
N ALA A 122 6.76 6.36 -8.63
CA ALA A 122 8.16 6.56 -8.99
C ALA A 122 8.61 5.54 -10.02
N LEU A 123 7.98 4.37 -10.01
CA LEU A 123 8.31 3.31 -10.96
C LEU A 123 7.76 3.62 -12.35
N LYS A 124 8.63 3.54 -13.35
CA LYS A 124 8.24 3.81 -14.73
C LYS A 124 7.11 2.88 -15.16
N ASP A 125 6.10 3.44 -15.82
CA ASP A 125 4.97 2.67 -16.29
C ASP A 125 4.19 2.06 -15.12
N ALA A 126 3.98 2.87 -14.08
CA ALA A 126 3.26 2.42 -12.91
C ALA A 126 2.35 3.53 -12.35
N SER A 127 1.04 3.29 -12.39
CA SER A 127 0.08 4.26 -11.90
C SER A 127 -1.13 3.57 -11.28
N VAL A 128 -1.77 4.25 -10.32
CA VAL A 128 -2.93 3.69 -9.64
C VAL A 128 -4.15 4.60 -9.83
N THR A 129 -5.33 4.00 -9.77
CA THR A 129 -6.57 4.75 -9.92
C THR A 129 -7.23 5.02 -8.57
N VAL A 130 -7.80 6.21 -8.42
CA VAL A 130 -8.46 6.59 -7.18
C VAL A 130 -9.94 6.20 -7.20
N ARG A 131 -10.41 5.62 -6.10
CA ARG A 131 -11.80 5.20 -5.99
C ARG A 131 -12.40 5.66 -4.66
N LEU A 132 -13.62 6.19 -4.72
CA LEU A 132 -14.31 6.66 -3.52
C LEU A 132 -15.37 5.66 -3.09
N TYR A 133 -15.27 5.21 -1.84
CA TYR A 133 -16.23 4.26 -1.29
C TYR A 133 -16.26 4.33 0.23
N GLN A 134 -17.46 4.40 0.79
CA GLN A 134 -17.63 4.48 2.23
C GLN A 134 -16.81 5.63 2.82
N GLY A 135 -16.80 6.75 2.13
CA GLY A 135 -16.05 7.90 2.59
C GLY A 135 -14.57 7.60 2.78
N LYS A 136 -14.07 6.63 2.03
CA LYS A 136 -12.67 6.24 2.12
C LYS A 136 -12.02 6.22 0.74
N VAL A 137 -10.69 6.32 0.72
CA VAL A 137 -9.95 6.30 -0.54
C VAL A 137 -9.40 4.91 -0.84
N MET A 138 -9.84 4.33 -1.94
CA MET A 138 -9.39 3.00 -2.34
C MET A 138 -8.45 3.08 -3.53
N PHE A 139 -7.58 2.09 -3.67
CA PHE A 139 -6.61 2.05 -4.77
C PHE A 139 -6.79 0.77 -5.59
N LYS A 140 -6.54 0.89 -6.90
CA LYS A 140 -6.67 -0.26 -7.79
C LYS A 140 -5.67 -0.16 -8.94
N GLY A 141 -5.00 -1.26 -9.24
CA GLY A 141 -4.02 -1.28 -10.31
C GLY A 141 -4.20 -2.47 -11.24
N PRO A 142 -3.15 -2.76 -12.03
CA PRO A 142 -3.17 -3.88 -12.98
C PRO A 142 -3.14 -5.23 -12.27
N VAL A 143 -2.46 -5.29 -11.13
CA VAL A 143 -2.36 -6.51 -10.35
C VAL A 143 -2.55 -6.25 -8.87
N ASN A 144 -3.53 -6.91 -8.27
CA ASN A 144 -3.82 -6.75 -6.85
C ASN A 144 -4.28 -5.33 -6.55
N LYS A 145 -5.05 -5.18 -5.48
CA LYS A 145 -5.55 -3.87 -5.08
C LYS A 145 -5.54 -3.72 -3.55
N ALA A 146 -5.82 -2.51 -3.08
CA ALA A 146 -5.86 -2.24 -1.65
C ALA A 146 -6.74 -1.05 -1.34
N GLN A 147 -6.93 -0.77 -0.05
CA GLN A 147 -7.76 0.35 0.38
C GLN A 147 -7.15 1.04 1.60
N VAL A 148 -7.02 2.36 1.52
CA VAL A 148 -6.46 3.14 2.61
C VAL A 148 -7.39 3.16 3.82
N THR A 149 -6.88 2.69 4.96
CA THR A 149 -7.68 2.65 6.18
C THR A 149 -7.49 3.93 7.00
N VAL A 150 -6.27 4.17 7.45
CA VAL A 150 -5.95 5.36 8.24
C VAL A 150 -5.04 6.31 7.47
N ALA A 151 -5.57 7.47 7.12
CA ALA A 151 -4.80 8.47 6.39
C ALA A 151 -4.70 9.78 7.17
N ASP A 152 -4.19 10.82 6.52
CA ASP A 152 -4.04 12.11 7.15
C ASP A 152 -3.00 12.06 8.28
N ILE A 153 -1.93 11.32 8.05
CA ILE A 153 -0.87 11.17 9.05
C ILE A 153 -0.04 12.45 9.15
N LYS A 154 -0.20 13.17 10.26
CA LYS A 154 0.53 14.40 10.49
C LYS A 154 2.03 14.18 10.33
N ALA A 155 2.59 14.71 9.24
CA ALA A 155 4.01 14.57 8.98
C ALA A 155 4.67 15.93 8.75
N GLY A 156 5.98 15.93 8.53
CA GLY A 156 6.70 17.17 8.30
C GLY A 156 7.34 17.22 6.93
N GLY A 157 6.83 18.11 6.08
CA GLY A 157 7.37 18.25 4.73
C GLY A 157 6.69 17.31 3.76
N SER A 158 6.38 16.10 4.20
CA SER A 158 5.74 15.11 3.35
C SER A 158 4.50 14.52 4.03
N VAL A 159 3.82 13.62 3.34
CA VAL A 159 2.63 12.97 3.88
C VAL A 159 2.64 11.48 3.61
N ILE A 160 2.18 10.70 4.59
CA ILE A 160 2.14 9.25 4.45
C ILE A 160 0.75 8.72 4.78
N HIS A 161 0.30 7.72 4.02
CA HIS A 161 -1.00 7.12 4.23
C HIS A 161 -0.87 5.64 4.59
N VAL A 162 -1.77 5.16 5.44
CA VAL A 162 -1.76 3.76 5.86
C VAL A 162 -2.76 2.93 5.07
N ILE A 163 -2.29 1.85 4.47
CA ILE A 163 -3.15 0.97 3.68
C ILE A 163 -3.35 -0.37 4.38
N ASN A 164 -4.44 -1.06 4.02
CA ASN A 164 -4.74 -2.36 4.61
C ASN A 164 -3.97 -3.48 3.91
N ASP A 165 -3.77 -3.31 2.60
CA ASP A 165 -3.04 -4.30 1.82
C ASP A 165 -1.84 -3.67 1.12
N VAL A 166 -1.00 -4.50 0.52
CA VAL A 166 0.18 -4.03 -0.18
C VAL A 166 -0.07 -3.93 -1.69
N LEU A 167 0.53 -2.92 -2.31
CA LEU A 167 0.37 -2.72 -3.75
C LEU A 167 1.71 -2.89 -4.48
N LEU A 168 1.76 -3.87 -5.37
CA LEU A 168 2.99 -4.13 -6.14
C LEU A 168 2.86 -3.58 -7.55
N PRO A 169 3.98 -3.11 -8.10
CA PRO A 169 4.03 -2.55 -9.46
C PRO A 169 3.85 -3.62 -10.53
N PRO A 170 3.62 -3.18 -11.78
CA PRO A 170 3.43 -4.09 -12.91
C PRO A 170 4.71 -4.82 -13.30
N GLY A 171 4.57 -5.96 -13.95
CA GLY A 171 5.72 -6.73 -14.36
C GLY A 171 6.43 -7.39 -13.20
N VAL A 172 5.69 -7.63 -12.13
CA VAL A 172 6.26 -8.25 -10.93
C VAL A 172 5.56 -9.58 -10.61
N VAL A 173 4.25 -9.61 -10.85
CA VAL A 173 3.47 -10.81 -10.59
C VAL A 173 3.62 -11.83 -11.73
N SER A 174 3.85 -13.09 -11.34
CA SER A 174 4.01 -14.16 -12.31
C SER A 174 2.68 -14.57 -12.92
N ASP A 175 2.73 -15.43 -13.93
CA ASP A 175 1.52 -15.91 -14.58
C ASP A 175 0.67 -16.74 -13.63
N ALA A 176 1.30 -17.74 -13.01
CA ALA A 176 0.61 -18.62 -12.08
C ALA A 176 0.06 -17.83 -10.90
N VAL A 177 0.89 -16.96 -10.33
CA VAL A 177 0.49 -16.15 -9.18
C VAL A 177 -0.74 -15.32 -9.52
N ALA A 178 -0.62 -14.47 -10.52
CA ALA A 178 -1.72 -13.60 -10.94
C ALA A 178 -2.96 -14.43 -11.28
N LYS A 179 -2.74 -15.60 -11.87
CA LYS A 179 -3.83 -16.49 -12.25
C LYS A 179 -4.67 -16.86 -11.04
N GLN A 180 -4.00 -17.19 -9.94
CA GLN A 180 -4.69 -17.58 -8.71
C GLN A 180 -5.68 -16.50 -8.28
N TRP A 181 -5.22 -15.25 -8.30
CA TRP A 181 -6.07 -14.13 -7.92
C TRP A 181 -7.19 -13.92 -8.93
N LYS A 182 -6.90 -14.15 -10.21
CA LYS A 182 -7.88 -14.00 -11.27
C LYS A 182 -9.05 -14.95 -11.07
N ALA A 183 -8.75 -16.15 -10.58
CA ALA A 183 -9.77 -17.16 -10.34
C ALA A 183 -10.92 -16.60 -9.51
N GLU A 184 -10.59 -16.03 -8.36
CA GLU A 184 -11.58 -15.44 -7.47
C GLU A 184 -12.48 -14.46 -8.23
N TRP A 185 -11.87 -13.69 -9.12
CA TRP A 185 -12.61 -12.71 -9.91
C TRP A 185 -13.45 -13.38 -10.97
N GLU A 186 -12.94 -14.48 -11.53
CA GLU A 186 -13.66 -15.22 -12.56
C GLU A 186 -14.99 -15.73 -12.03
N ALA A 187 -14.96 -16.32 -10.83
CA ALA A 187 -16.17 -16.85 -10.21
C ALA A 187 -17.28 -15.82 -10.19
N MET A 188 -16.91 -14.56 -10.06
CA MET A 188 -17.87 -13.47 -10.02
C MET A 188 -18.83 -13.55 -11.21
N LYS A 189 -18.32 -14.01 -12.35
CA LYS A 189 -19.12 -14.14 -13.56
C LYS A 189 -20.39 -14.94 -13.27
N ALA A 190 -21.46 -14.62 -14.00
CA ALA A 190 -22.74 -15.30 -13.83
C ALA A 190 -22.58 -16.81 -14.01
N GLU A 191 -23.69 -17.54 -13.82
CA GLU A 191 -23.66 -18.99 -13.96
C GLU A 191 -25.08 -19.54 -14.04
N LYS A 192 -25.20 -20.86 -14.11
CA LYS A 192 -26.49 -21.52 -14.19
C LYS A 192 -27.42 -21.06 -13.06
N LYS A 193 -28.37 -20.20 -13.40
CA LYS A 193 -29.32 -19.69 -12.42
C LYS A 193 -30.76 -19.81 -12.94
N VAL A 194 -31.70 -19.35 -12.12
CA VAL A 194 -33.11 -19.39 -12.49
C VAL A 194 -33.68 -17.99 -12.67
N ALA A 195 -34.97 -17.91 -12.97
CA ALA A 195 -35.64 -16.62 -13.16
C ALA A 195 -36.48 -16.27 -11.95
N PRO A 196 -36.81 -14.97 -11.82
CA PRO A 196 -37.62 -14.46 -10.71
C PRO A 196 -39.07 -14.91 -10.80
N LYS A 197 -39.91 -14.40 -9.91
CA LYS A 197 -41.32 -14.75 -9.88
C LYS A 197 -42.19 -13.50 -9.98
N ALA A 198 -43.50 -13.68 -9.92
CA ALA A 198 -44.44 -12.57 -9.99
C ALA A 198 -45.84 -13.01 -9.56
N THR A 199 -46.61 -12.06 -9.03
CA THR A 199 -47.96 -12.34 -8.58
C THR A 199 -48.93 -11.24 -8.99
N THR A 200 -50.22 -11.57 -9.04
CA THR A 200 -51.24 -10.60 -9.43
C THR A 200 -52.50 -10.79 -8.60
N GLY A 201 -53.36 -9.78 -8.60
CA GLY A 201 -54.60 -9.85 -7.85
C GLY A 201 -55.72 -9.07 -8.51
N ARG A 202 -56.81 -8.86 -7.77
CA ARG A 202 -57.96 -8.13 -8.29
C ARG A 202 -58.98 -7.87 -7.19
N ARG A 203 -59.17 -6.60 -6.85
CA ARG A 203 -60.11 -6.22 -5.80
C ARG A 203 -60.22 -4.70 -5.71
N PHE A 204 -61.40 -4.18 -6.04
CA PHE A 204 -61.65 -2.74 -5.99
C PHE A 204 -63.14 -2.44 -6.03
N LEU A 205 -63.53 -1.35 -5.38
CA LEU A 205 -64.93 -0.95 -5.34
C LEU A 205 -65.16 0.34 -6.14
N LEU A 206 -66.32 0.44 -6.78
CA LEU A 206 -66.66 1.61 -7.57
C LEU A 206 -68.12 2.00 -7.39
N PHE A 207 -68.37 3.28 -7.11
CA PHE A 207 -69.73 3.77 -6.92
C PHE A 207 -70.61 3.41 -8.12
N GLY A 1 24.17 -44.07 32.03
CA GLY A 1 24.15 -42.87 31.21
C GLY A 1 25.49 -42.59 30.57
N PRO A 2 25.88 -43.43 29.60
CA PRO A 2 27.15 -43.29 28.89
C PRO A 2 27.16 -42.08 27.96
N HIS A 3 26.03 -41.83 27.31
CA HIS A 3 25.91 -40.70 26.40
C HIS A 3 24.65 -39.90 26.69
N MET A 4 24.34 -39.72 27.97
CA MET A 4 23.16 -38.97 28.38
C MET A 4 23.54 -37.75 29.21
N ALA A 5 22.89 -36.63 28.94
CA ALA A 5 23.16 -35.40 29.67
C ALA A 5 22.16 -34.31 29.30
N THR A 6 22.26 -33.17 29.98
CA THR A 6 21.35 -32.06 29.73
C THR A 6 22.01 -30.73 30.09
N PRO A 7 21.64 -29.66 29.35
CA PRO A 7 22.18 -28.32 29.57
C PRO A 7 21.68 -27.71 30.88
N LYS A 8 22.14 -26.50 31.17
CA LYS A 8 21.73 -25.79 32.38
C LYS A 8 20.50 -24.93 32.13
N ALA A 9 19.97 -24.34 33.20
CA ALA A 9 18.79 -23.49 33.10
C ALA A 9 19.17 -22.01 33.18
N ASN A 10 18.45 -21.18 32.45
CA ASN A 10 18.71 -19.74 32.45
C ASN A 10 17.50 -18.97 31.96
N ALA A 11 17.31 -17.76 32.49
CA ALA A 11 16.19 -16.92 32.11
C ALA A 11 16.66 -15.67 31.39
N THR A 12 15.76 -15.03 30.66
CA THR A 12 16.09 -13.81 29.92
C THR A 12 15.39 -12.59 30.52
N THR A 13 15.95 -11.41 30.25
CA THR A 13 15.38 -10.18 30.76
C THR A 13 14.91 -9.27 29.62
N ALA A 14 13.86 -9.69 28.94
CA ALA A 14 13.32 -8.91 27.82
C ALA A 14 11.87 -8.52 28.09
N LYS A 15 11.42 -7.47 27.40
CA LYS A 15 10.05 -6.99 27.56
C LYS A 15 9.59 -6.24 26.31
N PRO A 16 8.26 -6.16 26.13
CA PRO A 16 7.67 -5.47 24.99
C PRO A 16 7.85 -3.96 25.05
N ALA A 17 7.62 -3.29 23.94
CA ALA A 17 7.75 -1.84 23.86
C ALA A 17 7.02 -1.27 22.65
N SER A 18 6.23 -0.23 22.89
CA SER A 18 5.46 0.40 21.81
C SER A 18 5.23 1.88 22.11
N THR A 19 4.53 2.56 21.20
CA THR A 19 4.25 3.98 21.36
C THR A 19 2.74 4.24 21.37
N THR A 20 2.31 5.09 22.29
CA THR A 20 0.89 5.42 22.42
C THR A 20 0.59 6.80 21.83
N SER A 21 1.01 7.84 22.55
CA SER A 21 0.79 9.21 22.10
C SER A 21 1.38 9.43 20.71
N THR A 22 0.56 9.98 19.81
CA THR A 22 1.00 10.23 18.44
C THR A 22 0.59 11.63 17.99
N PRO A 23 1.22 12.65 18.60
CA PRO A 23 0.94 14.06 18.28
C PRO A 23 1.45 14.45 16.90
N VAL A 24 1.40 15.73 16.59
CA VAL A 24 1.87 16.25 15.31
C VAL A 24 3.38 16.15 15.19
N TYR A 25 3.85 15.45 14.16
CA TYR A 25 5.28 15.28 13.94
C TYR A 25 5.92 16.60 13.51
N ALA A 26 7.25 16.63 13.52
CA ALA A 26 7.98 17.82 13.12
C ALA A 26 8.43 17.74 11.67
N THR A 27 9.06 16.62 11.30
CA THR A 27 9.54 16.43 9.94
C THR A 27 9.57 14.94 9.59
N LEU A 28 10.01 14.64 8.37
CA LEU A 28 10.10 13.27 7.91
C LEU A 28 10.79 12.38 8.95
N SER A 29 11.90 12.87 9.49
CA SER A 29 12.65 12.13 10.49
C SER A 29 11.74 11.64 11.61
N ASN A 30 10.84 12.52 12.06
CA ASN A 30 9.90 12.18 13.12
C ASN A 30 8.90 11.14 12.66
N ALA A 31 8.48 11.24 11.41
CA ALA A 31 7.52 10.30 10.84
C ALA A 31 8.13 8.91 10.71
N VAL A 32 9.30 8.84 10.08
CA VAL A 32 10.00 7.57 9.88
C VAL A 32 10.22 6.86 11.21
N THR A 33 10.64 7.62 12.22
CA THR A 33 10.89 7.07 13.55
C THR A 33 9.59 6.63 14.22
N ALA A 34 8.52 7.39 13.98
CA ALA A 34 7.23 7.09 14.57
C ALA A 34 6.74 5.72 14.12
N GLY A 35 6.61 5.53 12.81
CA GLY A 35 6.16 4.26 12.28
C GLY A 35 7.07 3.11 12.64
N ALA A 36 8.36 3.37 12.64
CA ALA A 36 9.35 2.34 12.98
C ALA A 36 9.17 1.87 14.41
N ALA A 37 8.72 2.77 15.28
CA ALA A 37 8.50 2.43 16.68
C ALA A 37 7.29 1.53 16.85
N ALA A 38 6.34 1.64 15.93
CA ALA A 38 5.13 0.82 15.98
C ALA A 38 5.37 -0.55 15.35
N PRO A 39 4.75 -1.58 15.92
CA PRO A 39 4.88 -2.97 15.44
C PRO A 39 4.19 -3.17 14.09
N GLN A 40 3.02 -2.57 13.94
CA GLN A 40 2.27 -2.68 12.69
C GLN A 40 3.13 -2.32 11.49
N LEU A 41 4.11 -1.45 11.71
CA LEU A 41 5.01 -1.02 10.64
C LEU A 41 6.38 -1.66 10.80
N THR A 42 6.40 -2.91 11.28
CA THR A 42 7.64 -3.64 11.47
C THR A 42 8.28 -3.99 10.12
N THR A 43 7.57 -4.79 9.33
CA THR A 43 8.06 -5.22 8.03
C THR A 43 8.47 -4.02 7.19
N LEU A 44 7.54 -3.09 6.98
CA LEU A 44 7.81 -1.90 6.19
C LEU A 44 9.06 -1.17 6.70
N PHE A 45 9.12 -0.96 8.00
CA PHE A 45 10.26 -0.28 8.61
C PHE A 45 11.57 -0.91 8.15
N ALA A 46 11.61 -2.24 8.14
CA ALA A 46 12.80 -2.97 7.72
C ALA A 46 13.08 -2.75 6.23
N ALA A 47 12.02 -2.59 5.46
CA ALA A 47 12.15 -2.37 4.01
C ALA A 47 12.67 -0.97 3.72
N VAL A 48 11.96 0.04 4.21
CA VAL A 48 12.36 1.42 4.00
C VAL A 48 13.78 1.67 4.48
N ARG A 49 14.18 0.96 5.53
CA ARG A 49 15.52 1.11 6.10
C ARG A 49 16.55 0.39 5.23
N ALA A 50 16.40 -0.92 5.12
CA ALA A 50 17.31 -1.73 4.31
C ALA A 50 17.42 -1.19 2.89
N ALA A 51 16.34 -0.61 2.40
CA ALA A 51 16.31 -0.05 1.05
C ALA A 51 17.24 1.15 0.94
N ASN A 52 17.51 1.80 2.07
CA ASN A 52 18.39 2.96 2.09
C ASN A 52 17.77 4.12 1.31
N VAL A 53 16.45 4.24 1.37
CA VAL A 53 15.74 5.30 0.68
C VAL A 53 15.43 6.46 1.62
N THR A 54 15.53 6.20 2.92
CA THR A 54 15.26 7.22 3.93
C THR A 54 16.01 8.51 3.62
N GLY A 55 17.18 8.38 3.03
CA GLY A 55 17.98 9.55 2.68
C GLY A 55 17.20 10.57 1.88
N ALA A 56 16.23 10.09 1.10
CA ALA A 56 15.41 10.97 0.28
C ALA A 56 14.47 11.81 1.14
N LEU A 57 14.06 11.25 2.28
CA LEU A 57 13.16 11.94 3.19
C LEU A 57 13.89 13.05 3.93
N THR A 58 13.66 14.29 3.50
CA THR A 58 14.29 15.45 4.13
C THR A 58 13.30 16.57 4.35
N ALA A 59 13.79 17.73 4.75
CA ALA A 59 12.94 18.89 4.99
C ALA A 59 12.56 19.58 3.68
N ASN A 60 11.46 20.34 3.72
CA ASN A 60 11.00 21.05 2.54
C ASN A 60 10.81 20.10 1.36
N THR A 61 10.56 18.82 1.67
CA THR A 61 10.36 17.81 0.64
C THR A 61 8.92 17.34 0.61
N THR A 62 8.19 17.72 -0.45
CA THR A 62 6.80 17.34 -0.59
C THR A 62 6.67 16.02 -1.35
N TRP A 63 6.21 14.99 -0.66
CA TRP A 63 6.03 13.67 -1.27
C TRP A 63 4.89 12.92 -0.60
N THR A 64 4.38 11.90 -1.30
CA THR A 64 3.28 11.10 -0.78
C THR A 64 3.64 9.62 -0.77
N ILE A 65 3.86 9.08 0.42
CA ILE A 65 4.21 7.67 0.56
C ILE A 65 3.12 6.90 1.30
N LEU A 66 3.01 5.61 1.01
CA LEU A 66 2.00 4.77 1.65
C LEU A 66 2.66 3.74 2.56
N ALA A 67 2.22 3.69 3.81
CA ALA A 67 2.76 2.74 4.77
C ALA A 67 1.71 1.72 5.19
N PRO A 68 1.63 0.61 4.42
CA PRO A 68 0.66 -0.46 4.69
C PRO A 68 1.02 -1.25 5.95
N THR A 69 -0.01 -1.72 6.65
CA THR A 69 0.19 -2.49 7.88
C THR A 69 1.05 -3.72 7.61
N ASN A 70 1.45 -4.39 8.69
CA ASN A 70 2.27 -5.59 8.58
C ASN A 70 1.45 -6.77 8.06
N ASP A 71 0.21 -6.87 8.52
CA ASP A 71 -0.68 -7.95 8.11
C ASP A 71 -0.72 -8.06 6.59
N ALA A 72 -0.63 -6.92 5.91
CA ALA A 72 -0.65 -6.89 4.46
C ALA A 72 0.55 -7.62 3.87
N PHE A 73 1.73 -7.37 4.45
CA PHE A 73 2.96 -7.99 3.97
C PHE A 73 2.92 -9.50 4.23
N ALA A 74 2.75 -9.88 5.48
CA ALA A 74 2.70 -11.30 5.85
C ALA A 74 1.67 -12.05 5.00
N LYS A 75 0.61 -11.36 4.62
CA LYS A 75 -0.44 -11.96 3.81
C LYS A 75 0.03 -12.17 2.38
N ARG A 76 0.40 -11.08 1.71
CA ARG A 76 0.87 -11.15 0.33
C ARG A 76 2.00 -12.17 0.20
N LEU A 77 3.01 -12.04 1.04
CA LEU A 77 4.15 -12.96 1.02
C LEU A 77 3.70 -14.39 1.26
N ALA A 78 2.74 -14.57 2.16
CA ALA A 78 2.21 -15.89 2.47
C ALA A 78 1.62 -16.56 1.23
N LYS A 79 0.74 -15.84 0.54
CA LYS A 79 0.10 -16.36 -0.65
C LYS A 79 1.10 -16.44 -1.81
N LEU A 80 2.07 -15.54 -1.81
CA LEU A 80 3.08 -15.50 -2.85
C LEU A 80 4.12 -16.60 -2.65
N ASN A 81 4.17 -17.13 -1.42
CA ASN A 81 5.12 -18.18 -1.09
C ASN A 81 6.56 -17.68 -1.22
N LEU A 82 6.78 -16.42 -0.86
CA LEU A 82 8.11 -15.83 -0.93
C LEU A 82 8.71 -15.66 0.46
N THR A 83 9.99 -15.30 0.51
CA THR A 83 10.68 -15.11 1.77
C THR A 83 11.09 -13.65 1.96
N ALA A 84 10.98 -13.16 3.18
CA ALA A 84 11.35 -11.78 3.49
C ALA A 84 12.86 -11.58 3.42
N ASP A 85 13.60 -12.53 3.98
CA ASP A 85 15.06 -12.46 3.99
C ASP A 85 15.59 -12.26 2.56
N ALA A 86 14.97 -12.94 1.60
CA ALA A 86 15.38 -12.85 0.21
C ALA A 86 15.11 -11.46 -0.35
N VAL A 87 14.01 -10.85 0.09
CA VAL A 87 13.63 -9.51 -0.37
C VAL A 87 14.54 -8.45 0.24
N LEU A 88 14.61 -8.43 1.57
CA LEU A 88 15.43 -7.47 2.28
C LEU A 88 16.87 -7.51 1.79
N LYS A 89 17.34 -8.71 1.46
CA LYS A 89 18.70 -8.89 0.96
C LYS A 89 18.81 -8.47 -0.50
N ASN A 90 17.69 -8.52 -1.21
CA ASN A 90 17.66 -8.14 -2.62
C ASN A 90 17.22 -6.69 -2.78
N LYS A 91 18.17 -5.77 -2.63
CA LYS A 91 17.88 -4.35 -2.76
C LYS A 91 17.41 -4.02 -4.17
N ASP A 92 17.98 -4.71 -5.15
CA ASP A 92 17.62 -4.49 -6.55
C ASP A 92 16.10 -4.57 -6.73
N LEU A 93 15.53 -5.71 -6.34
CA LEU A 93 14.09 -5.91 -6.47
C LEU A 93 13.33 -5.14 -5.38
N LEU A 94 13.89 -5.12 -4.18
CA LEU A 94 13.28 -4.42 -3.06
C LEU A 94 12.90 -2.99 -3.45
N VAL A 95 13.90 -2.22 -3.90
CA VAL A 95 13.67 -0.84 -4.30
C VAL A 95 12.51 -0.74 -5.29
N LYS A 96 12.36 -1.77 -6.12
CA LYS A 96 11.30 -1.80 -7.12
C LYS A 96 9.93 -1.90 -6.45
N ILE A 97 9.82 -2.77 -5.45
CA ILE A 97 8.56 -2.95 -4.73
C ILE A 97 8.19 -1.68 -3.96
N LEU A 98 9.18 -1.06 -3.33
CA LEU A 98 8.95 0.16 -2.55
C LEU A 98 8.71 1.34 -3.48
N SER A 99 9.33 1.31 -4.65
CA SER A 99 9.19 2.38 -5.63
C SER A 99 7.72 2.72 -5.85
N TYR A 100 6.90 1.70 -6.03
CA TYR A 100 5.47 1.89 -6.25
C TYR A 100 4.80 2.50 -5.01
N HIS A 101 5.23 2.05 -3.83
CA HIS A 101 4.68 2.55 -2.58
C HIS A 101 4.86 4.06 -2.46
N VAL A 102 5.82 4.59 -3.23
CA VAL A 102 6.11 6.02 -3.22
C VAL A 102 5.34 6.75 -4.31
N ILE A 103 4.96 7.99 -4.04
CA ILE A 103 4.21 8.79 -4.99
C ILE A 103 4.79 10.20 -5.09
N PRO A 104 5.64 10.42 -6.10
CA PRO A 104 6.29 11.72 -6.34
C PRO A 104 5.29 12.77 -6.82
N SER A 105 4.10 12.32 -7.20
CA SER A 105 3.06 13.22 -7.70
C SER A 105 2.87 14.40 -6.74
N GLY A 106 3.02 14.14 -5.45
CA GLY A 106 2.88 15.19 -4.46
C GLY A 106 1.63 15.00 -3.59
N ALA A 107 1.58 15.71 -2.48
CA ALA A 107 0.45 15.62 -1.57
C ALA A 107 -0.87 15.81 -2.31
N VAL A 108 -1.64 14.75 -2.44
CA VAL A 108 -2.93 14.80 -3.13
C VAL A 108 -3.97 15.54 -2.29
N TYR A 109 -4.90 16.20 -2.95
CA TYR A 109 -5.95 16.95 -2.27
C TYR A 109 -7.29 16.22 -2.39
N SER A 110 -8.07 16.27 -1.31
CA SER A 110 -9.38 15.62 -1.29
C SER A 110 -10.22 16.05 -2.49
N LYS A 111 -10.10 17.32 -2.86
CA LYS A 111 -10.85 17.85 -3.99
C LYS A 111 -10.37 17.24 -5.31
N ALA A 112 -9.07 17.00 -5.39
CA ALA A 112 -8.48 16.40 -6.59
C ALA A 112 -8.86 14.94 -6.73
N LEU A 113 -9.17 14.30 -5.60
CA LEU A 113 -9.55 12.89 -5.60
C LEU A 113 -10.76 12.66 -6.50
N LYS A 114 -10.71 11.57 -7.26
CA LYS A 114 -11.80 11.23 -8.17
C LYS A 114 -11.71 9.78 -8.61
N ASP A 115 -12.86 9.16 -8.86
CA ASP A 115 -12.89 7.77 -9.31
C ASP A 115 -12.00 7.56 -10.52
N ASN A 116 -11.92 8.57 -11.38
CA ASN A 116 -11.11 8.49 -12.59
C ASN A 116 -9.70 9.02 -12.32
N ALA A 117 -9.59 9.94 -11.37
CA ALA A 117 -8.30 10.52 -11.01
C ALA A 117 -7.23 9.44 -10.85
N THR A 118 -6.19 9.54 -11.66
CA THR A 118 -5.10 8.57 -11.61
C THR A 118 -3.90 9.13 -10.84
N VAL A 119 -3.10 8.24 -10.29
CA VAL A 119 -1.91 8.64 -9.53
C VAL A 119 -0.70 7.84 -9.94
N ALA A 120 0.27 8.50 -10.56
CA ALA A 120 1.50 7.85 -11.01
C ALA A 120 2.48 7.66 -9.85
N THR A 121 3.37 6.69 -9.99
CA THR A 121 4.36 6.42 -8.96
C THR A 121 5.78 6.67 -9.46
N ALA A 122 6.73 6.69 -8.54
CA ALA A 122 8.13 6.91 -8.90
C ALA A 122 8.60 5.91 -9.96
N LEU A 123 8.02 4.72 -9.92
CA LEU A 123 8.38 3.67 -10.88
C LEU A 123 7.77 3.95 -12.24
N LYS A 124 8.55 3.71 -13.30
CA LYS A 124 8.09 3.93 -14.66
C LYS A 124 7.03 2.90 -15.05
N ASP A 125 6.03 3.34 -15.80
CA ASP A 125 4.96 2.45 -16.24
C ASP A 125 4.17 1.93 -15.05
N ALA A 126 4.02 2.77 -14.03
CA ALA A 126 3.29 2.38 -12.83
C ALA A 126 2.30 3.47 -12.42
N SER A 127 1.01 3.23 -12.66
CA SER A 127 -0.03 4.18 -12.32
C SER A 127 -1.25 3.48 -11.74
N VAL A 128 -1.82 4.07 -10.69
CA VAL A 128 -3.00 3.50 -10.05
C VAL A 128 -4.19 4.44 -10.14
N THR A 129 -5.39 3.88 -9.99
CA THR A 129 -6.61 4.68 -10.05
C THR A 129 -7.15 4.98 -8.66
N VAL A 130 -7.70 6.18 -8.49
CA VAL A 130 -8.26 6.59 -7.22
C VAL A 130 -9.73 6.21 -7.10
N ARG A 131 -10.15 5.84 -5.90
CA ARG A 131 -11.54 5.46 -5.66
C ARG A 131 -12.04 6.03 -4.34
N LEU A 132 -13.19 6.69 -4.39
CA LEU A 132 -13.79 7.28 -3.21
C LEU A 132 -14.96 6.45 -2.69
N TYR A 133 -14.82 5.94 -1.48
CA TYR A 133 -15.88 5.12 -0.88
C TYR A 133 -15.95 5.35 0.63
N GLN A 134 -17.13 5.74 1.10
CA GLN A 134 -17.33 5.99 2.52
C GLN A 134 -16.36 7.06 3.03
N GLY A 135 -16.09 8.06 2.20
CA GLY A 135 -15.19 9.13 2.58
C GLY A 135 -13.77 8.62 2.81
N LYS A 136 -13.42 7.53 2.15
CA LYS A 136 -12.09 6.95 2.28
C LYS A 136 -11.42 6.80 0.91
N VAL A 137 -10.09 6.83 0.91
CA VAL A 137 -9.32 6.69 -0.33
C VAL A 137 -8.98 5.23 -0.61
N MET A 138 -9.41 4.76 -1.77
CA MET A 138 -9.15 3.38 -2.17
C MET A 138 -8.36 3.32 -3.47
N PHE A 139 -7.35 2.45 -3.51
CA PHE A 139 -6.51 2.30 -4.69
C PHE A 139 -6.83 1.00 -5.42
N LYS A 140 -6.55 0.98 -6.73
CA LYS A 140 -6.80 -0.20 -7.54
C LYS A 140 -5.96 -0.18 -8.81
N GLY A 141 -5.55 -1.36 -9.27
CA GLY A 141 -4.74 -1.45 -10.47
C GLY A 141 -5.11 -2.65 -11.32
N PRO A 142 -4.19 -3.02 -12.24
CA PRO A 142 -4.40 -4.16 -13.14
C PRO A 142 -4.34 -5.49 -12.41
N VAL A 143 -3.54 -5.54 -11.34
CA VAL A 143 -3.39 -6.76 -10.55
C VAL A 143 -3.40 -6.45 -9.06
N ASN A 144 -4.34 -7.06 -8.34
CA ASN A 144 -4.46 -6.84 -6.90
C ASN A 144 -4.84 -5.40 -6.59
N LYS A 145 -5.48 -5.19 -5.45
CA LYS A 145 -5.90 -3.85 -5.04
C LYS A 145 -5.84 -3.70 -3.52
N ALA A 146 -5.97 -2.47 -3.04
CA ALA A 146 -5.93 -2.20 -1.62
C ALA A 146 -6.79 -0.98 -1.26
N GLN A 147 -6.94 -0.73 0.03
CA GLN A 147 -7.73 0.40 0.50
C GLN A 147 -7.06 1.08 1.69
N VAL A 148 -6.93 2.40 1.62
CA VAL A 148 -6.31 3.17 2.69
C VAL A 148 -7.15 3.11 3.97
N THR A 149 -6.59 2.50 5.01
CA THR A 149 -7.30 2.37 6.28
C THR A 149 -7.25 3.68 7.06
N VAL A 150 -6.04 4.10 7.44
CA VAL A 150 -5.87 5.33 8.19
C VAL A 150 -4.95 6.30 7.44
N ALA A 151 -5.51 7.41 7.00
CA ALA A 151 -4.75 8.42 6.27
C ALA A 151 -4.73 9.74 7.02
N ASP A 152 -4.24 10.78 6.37
CA ASP A 152 -4.16 12.11 6.98
C ASP A 152 -3.16 12.12 8.13
N ILE A 153 -2.08 11.36 7.98
CA ILE A 153 -1.04 11.28 9.00
C ILE A 153 -0.28 12.60 9.11
N LYS A 154 -0.50 13.31 10.21
CA LYS A 154 0.16 14.58 10.43
C LYS A 154 1.68 14.44 10.32
N ALA A 155 2.24 14.97 9.24
CA ALA A 155 3.68 14.90 9.00
C ALA A 155 4.25 16.28 8.70
N GLY A 156 5.58 16.36 8.65
CA GLY A 156 6.23 17.62 8.37
C GLY A 156 6.96 17.62 7.04
N GLY A 157 6.48 18.42 6.09
CA GLY A 157 7.10 18.49 4.79
C GLY A 157 6.53 17.47 3.82
N SER A 158 6.21 16.28 4.34
CA SER A 158 5.66 15.21 3.51
C SER A 158 4.39 14.64 4.12
N VAL A 159 3.78 13.69 3.43
CA VAL A 159 2.55 13.06 3.90
C VAL A 159 2.56 11.56 3.65
N ILE A 160 2.05 10.80 4.61
CA ILE A 160 1.99 9.35 4.48
C ILE A 160 0.62 8.81 4.85
N HIS A 161 0.19 7.77 4.15
CA HIS A 161 -1.11 7.15 4.41
C HIS A 161 -0.97 5.66 4.69
N VAL A 162 -1.74 5.17 5.65
CA VAL A 162 -1.70 3.76 6.02
C VAL A 162 -2.70 2.95 5.21
N ILE A 163 -2.22 1.84 4.64
CA ILE A 163 -3.08 0.97 3.83
C ILE A 163 -3.33 -0.35 4.54
N ASN A 164 -4.38 -1.05 4.11
CA ASN A 164 -4.74 -2.33 4.70
C ASN A 164 -4.05 -3.48 3.98
N ASP A 165 -3.85 -3.31 2.67
CA ASP A 165 -3.20 -4.34 1.86
C ASP A 165 -1.96 -3.79 1.18
N VAL A 166 -1.18 -4.67 0.55
CA VAL A 166 0.03 -4.26 -0.15
C VAL A 166 -0.23 -4.02 -1.62
N LEU A 167 0.50 -3.08 -2.20
CA LEU A 167 0.35 -2.74 -3.61
C LEU A 167 1.58 -3.19 -4.40
N LEU A 168 1.53 -4.41 -4.93
CA LEU A 168 2.62 -4.95 -5.71
C LEU A 168 2.55 -4.47 -7.16
N PRO A 169 3.73 -4.25 -7.76
CA PRO A 169 3.83 -3.79 -9.15
C PRO A 169 3.40 -4.85 -10.16
N PRO A 170 3.14 -4.41 -11.40
CA PRO A 170 2.71 -5.31 -12.47
C PRO A 170 3.83 -6.24 -12.93
N GLY A 171 3.46 -7.38 -13.52
CA GLY A 171 4.44 -8.33 -13.99
C GLY A 171 4.74 -9.41 -12.97
N VAL A 172 4.55 -9.09 -11.69
CA VAL A 172 4.80 -10.03 -10.61
C VAL A 172 3.54 -10.83 -10.28
N VAL A 173 2.85 -11.30 -11.32
CA VAL A 173 1.63 -12.07 -11.13
C VAL A 173 1.43 -13.06 -12.28
N SER A 174 1.39 -14.34 -11.94
CA SER A 174 1.21 -15.39 -12.95
C SER A 174 -0.25 -15.48 -13.38
N ASP A 175 -0.48 -16.12 -14.52
CA ASP A 175 -1.83 -16.27 -15.04
C ASP A 175 -2.74 -16.97 -14.02
N ALA A 176 -2.25 -18.06 -13.45
CA ALA A 176 -2.99 -18.82 -12.46
C ALA A 176 -3.15 -18.02 -11.17
N VAL A 177 -2.11 -17.28 -10.80
CA VAL A 177 -2.13 -16.47 -9.58
C VAL A 177 -3.16 -15.35 -9.69
N ALA A 178 -3.14 -14.64 -10.81
CA ALA A 178 -4.08 -13.55 -11.04
C ALA A 178 -5.52 -14.05 -11.05
N LYS A 179 -5.81 -14.97 -11.96
CA LYS A 179 -7.16 -15.54 -12.07
C LYS A 179 -7.65 -16.05 -10.73
N GLN A 180 -6.73 -16.56 -9.92
CA GLN A 180 -7.08 -17.08 -8.60
C GLN A 180 -7.67 -15.99 -7.72
N TRP A 181 -7.15 -14.77 -7.87
CA TRP A 181 -7.63 -13.63 -7.09
C TRP A 181 -8.98 -13.15 -7.61
N LYS A 182 -9.09 -13.01 -8.93
CA LYS A 182 -10.33 -12.55 -9.55
C LYS A 182 -11.46 -13.54 -9.29
N ALA A 183 -11.25 -14.79 -9.68
CA ALA A 183 -12.25 -15.84 -9.49
C ALA A 183 -12.74 -15.88 -8.05
N GLU A 184 -11.79 -15.84 -7.11
CA GLU A 184 -12.12 -15.86 -5.69
C GLU A 184 -13.11 -14.76 -5.33
N TRP A 185 -12.96 -13.61 -5.99
CA TRP A 185 -13.84 -12.47 -5.73
C TRP A 185 -15.15 -12.62 -6.51
N GLU A 186 -15.06 -13.15 -7.72
CA GLU A 186 -16.24 -13.35 -8.56
C GLU A 186 -17.19 -14.37 -7.93
N ALA A 187 -16.61 -15.44 -7.38
CA ALA A 187 -17.40 -16.48 -6.75
C ALA A 187 -18.17 -15.95 -5.55
N MET A 188 -17.53 -15.08 -4.78
CA MET A 188 -18.16 -14.50 -3.60
C MET A 188 -19.41 -13.70 -3.99
N LYS A 189 -19.30 -12.93 -5.06
CA LYS A 189 -20.42 -12.13 -5.53
C LYS A 189 -20.84 -11.10 -4.48
N ALA A 190 -19.89 -10.28 -4.05
CA ALA A 190 -20.16 -9.26 -3.05
C ALA A 190 -20.67 -9.87 -1.75
N GLU A 191 -19.95 -10.90 -1.27
CA GLU A 191 -20.33 -11.58 -0.04
C GLU A 191 -20.03 -10.71 1.18
N LYS A 192 -20.93 -9.76 1.45
CA LYS A 192 -20.76 -8.86 2.58
C LYS A 192 -22.10 -8.56 3.24
N LYS A 193 -22.13 -8.62 4.56
CA LYS A 193 -23.35 -8.36 5.32
C LYS A 193 -23.17 -7.16 6.25
N VAL A 194 -24.29 -6.59 6.68
CA VAL A 194 -24.25 -5.44 7.58
C VAL A 194 -24.80 -5.79 8.95
N ALA A 195 -24.26 -5.16 9.99
CA ALA A 195 -24.70 -5.42 11.35
C ALA A 195 -25.73 -4.37 11.79
N PRO A 196 -26.49 -4.71 12.84
CA PRO A 196 -27.52 -3.82 13.38
C PRO A 196 -26.93 -2.61 14.08
N LYS A 197 -27.79 -1.79 14.67
CA LYS A 197 -27.36 -0.59 15.37
C LYS A 197 -27.74 -0.66 16.85
N ALA A 198 -26.99 0.06 17.69
CA ALA A 198 -27.25 0.08 19.11
C ALA A 198 -27.89 1.39 19.55
N THR A 199 -29.04 1.29 20.23
CA THR A 199 -29.76 2.47 20.68
C THR A 199 -29.93 2.46 22.20
N THR A 200 -29.88 3.63 22.81
CA THR A 200 -30.03 3.75 24.26
C THR A 200 -30.95 4.91 24.62
N GLY A 201 -31.82 4.69 25.61
CA GLY A 201 -32.73 5.72 26.03
C GLY A 201 -32.42 6.26 27.41
N ARG A 202 -33.27 7.14 27.92
CA ARG A 202 -33.07 7.73 29.24
C ARG A 202 -34.41 8.03 29.90
N ARG A 203 -34.64 7.41 31.06
CA ARG A 203 -35.88 7.61 31.80
C ARG A 203 -36.15 9.11 32.01
N PHE A 204 -37.39 9.43 32.34
CA PHE A 204 -37.78 10.82 32.56
C PHE A 204 -38.41 10.99 33.94
N LEU A 205 -39.29 10.06 34.31
CA LEU A 205 -39.96 10.12 35.60
C LEU A 205 -39.07 9.56 36.70
N LEU A 206 -38.63 10.44 37.59
CA LEU A 206 -37.76 10.04 38.69
C LEU A 206 -38.05 10.86 39.95
N PHE A 207 -38.22 10.18 41.07
CA PHE A 207 -38.51 10.86 42.34
C PHE A 207 -37.73 10.22 43.48
N GLY A 1 -59.62 7.70 43.69
CA GLY A 1 -58.40 7.00 43.31
C GLY A 1 -57.92 7.37 41.92
N PRO A 2 -57.46 8.60 41.76
CA PRO A 2 -56.95 9.11 40.48
C PRO A 2 -55.64 8.45 40.07
N HIS A 3 -55.64 7.82 38.90
CA HIS A 3 -54.44 7.15 38.40
C HIS A 3 -53.73 8.01 37.35
N MET A 4 -52.42 7.85 37.25
CA MET A 4 -51.63 8.61 36.29
C MET A 4 -50.60 7.72 35.60
N ALA A 5 -49.87 8.29 34.66
CA ALA A 5 -48.85 7.55 33.92
C ALA A 5 -47.55 8.34 33.83
N THR A 6 -46.52 7.89 34.53
CA THR A 6 -45.23 8.56 34.52
C THR A 6 -44.10 7.57 34.27
N PRO A 7 -43.98 7.11 33.01
CA PRO A 7 -42.95 6.15 32.61
C PRO A 7 -41.55 6.78 32.61
N LYS A 8 -40.55 5.95 32.86
CA LYS A 8 -39.16 6.41 32.89
C LYS A 8 -38.27 5.55 32.01
N ALA A 9 -37.27 6.17 31.40
CA ALA A 9 -36.34 5.45 30.53
C ALA A 9 -34.99 6.14 30.49
N ASN A 10 -33.95 5.43 30.94
CA ASN A 10 -32.60 5.98 30.95
C ASN A 10 -31.64 5.08 30.16
N ALA A 11 -31.83 5.05 28.84
CA ALA A 11 -30.99 4.22 27.98
C ALA A 11 -29.84 5.05 27.40
N THR A 12 -28.64 4.80 27.89
CA THR A 12 -27.45 5.52 27.44
C THR A 12 -26.18 4.70 27.67
N THR A 13 -25.40 4.53 26.60
CA THR A 13 -24.15 3.76 26.70
C THR A 13 -23.04 4.42 25.89
N ALA A 14 -21.91 4.66 26.54
CA ALA A 14 -20.77 5.29 25.88
C ALA A 14 -19.48 4.55 26.21
N LYS A 15 -18.85 3.97 25.18
CA LYS A 15 -17.61 3.23 25.36
C LYS A 15 -16.50 3.81 24.47
N PRO A 16 -16.05 5.03 24.80
CA PRO A 16 -15.00 5.71 24.05
C PRO A 16 -13.64 5.05 24.24
N ALA A 17 -13.41 3.96 23.51
CA ALA A 17 -12.15 3.23 23.59
C ALA A 17 -11.31 3.46 22.34
N SER A 18 -11.38 4.68 21.81
CA SER A 18 -10.62 5.03 20.60
C SER A 18 -9.22 5.51 20.96
N THR A 19 -8.39 4.60 21.45
CA THR A 19 -7.02 4.94 21.83
C THR A 19 -6.17 5.24 20.62
N THR A 20 -5.89 6.53 20.40
CA THR A 20 -5.08 6.96 19.26
C THR A 20 -4.83 8.45 19.31
N SER A 21 -3.57 8.85 19.14
CA SER A 21 -3.20 10.25 19.16
C SER A 21 -2.75 10.72 17.77
N THR A 22 -3.10 11.96 17.43
CA THR A 22 -2.73 12.52 16.14
C THR A 22 -1.82 13.74 16.30
N PRO A 23 -0.59 13.49 16.76
CA PRO A 23 0.41 14.55 16.97
C PRO A 23 0.90 15.15 15.66
N VAL A 24 1.92 15.99 15.75
CA VAL A 24 2.50 16.63 14.58
C VAL A 24 4.00 16.43 14.52
N TYR A 25 4.46 15.66 13.53
CA TYR A 25 5.88 15.39 13.37
C TYR A 25 6.63 16.64 12.93
N ALA A 26 7.95 16.59 12.99
CA ALA A 26 8.79 17.72 12.59
C ALA A 26 9.20 17.62 11.12
N THR A 27 9.71 16.46 10.74
CA THR A 27 10.14 16.23 9.36
C THR A 27 10.07 14.75 9.00
N LEU A 28 10.46 14.43 7.77
CA LEU A 28 10.45 13.05 7.30
C LEU A 28 11.13 12.12 8.30
N SER A 29 12.32 12.52 8.75
CA SER A 29 13.07 11.73 9.71
C SER A 29 12.23 11.40 10.93
N ASN A 30 11.50 12.40 11.43
CA ASN A 30 10.65 12.21 12.60
C ASN A 30 9.56 11.17 12.32
N ALA A 31 9.00 11.22 11.11
CA ALA A 31 7.96 10.27 10.72
C ALA A 31 8.51 8.87 10.55
N VAL A 32 9.64 8.76 9.85
CA VAL A 32 10.29 7.47 9.62
C VAL A 32 10.49 6.72 10.93
N THR A 33 11.04 7.40 11.92
CA THR A 33 11.28 6.80 13.23
C THR A 33 9.97 6.54 13.98
N ALA A 34 9.00 7.41 13.76
CA ALA A 34 7.69 7.27 14.40
C ALA A 34 7.06 5.92 14.08
N GLY A 35 6.87 5.65 12.79
CA GLY A 35 6.27 4.40 12.38
C GLY A 35 7.19 3.22 12.61
N ALA A 36 8.46 3.39 12.29
CA ALA A 36 9.45 2.33 12.46
C ALA A 36 9.44 1.80 13.89
N ALA A 37 9.14 2.68 14.84
CA ALA A 37 9.09 2.29 16.25
C ALA A 37 7.88 1.41 16.53
N ALA A 38 6.82 1.60 15.75
CA ALA A 38 5.60 0.82 15.91
C ALA A 38 5.68 -0.50 15.16
N PRO A 39 5.00 -1.53 15.69
CA PRO A 39 4.99 -2.86 15.09
C PRO A 39 4.20 -2.90 13.79
N GLN A 40 3.19 -2.04 13.69
CA GLN A 40 2.36 -1.97 12.49
C GLN A 40 3.22 -1.84 11.24
N LEU A 41 4.34 -1.13 11.37
CA LEU A 41 5.26 -0.93 10.25
C LEU A 41 6.51 -1.78 10.40
N THR A 42 6.34 -2.97 10.98
CA THR A 42 7.45 -3.88 11.18
C THR A 42 8.13 -4.23 9.85
N THR A 43 7.38 -4.86 8.96
CA THR A 43 7.90 -5.24 7.65
C THR A 43 8.37 -4.02 6.87
N LEU A 44 7.50 -3.03 6.75
CA LEU A 44 7.82 -1.81 6.02
C LEU A 44 9.13 -1.22 6.51
N PHE A 45 9.21 -0.98 7.82
CA PHE A 45 10.42 -0.41 8.42
C PHE A 45 11.66 -1.17 7.97
N ALA A 46 11.59 -2.49 8.02
CA ALA A 46 12.71 -3.33 7.62
C ALA A 46 13.09 -3.08 6.16
N ALA A 47 12.09 -2.77 5.34
CA ALA A 47 12.31 -2.51 3.92
C ALA A 47 12.88 -1.10 3.71
N VAL A 48 12.14 -0.10 4.19
CA VAL A 48 12.57 1.29 4.05
C VAL A 48 13.94 1.51 4.68
N ARG A 49 14.22 0.77 5.75
CA ARG A 49 15.50 0.89 6.44
C ARG A 49 16.62 0.26 5.63
N ALA A 50 16.51 -1.04 5.39
CA ALA A 50 17.50 -1.77 4.62
C ALA A 50 17.70 -1.15 3.24
N ALA A 51 16.61 -0.60 2.68
CA ALA A 51 16.67 0.03 1.37
C ALA A 51 17.45 1.34 1.43
N ASN A 52 17.78 1.79 2.63
CA ASN A 52 18.52 3.02 2.82
C ASN A 52 18.00 4.12 1.89
N VAL A 53 16.67 4.14 1.71
CA VAL A 53 16.04 5.13 0.85
C VAL A 53 15.46 6.27 1.69
N THR A 54 16.02 6.49 2.86
CA THR A 54 15.56 7.55 3.75
C THR A 54 16.11 8.90 3.32
N GLY A 55 17.32 8.90 2.76
CA GLY A 55 17.94 10.12 2.32
C GLY A 55 17.04 10.94 1.42
N ALA A 56 16.21 10.25 0.64
CA ALA A 56 15.29 10.92 -0.29
C ALA A 56 14.17 11.62 0.48
N LEU A 57 13.82 11.08 1.64
CA LEU A 57 12.76 11.66 2.46
C LEU A 57 13.27 12.87 3.22
N THR A 58 13.12 14.04 2.61
CA THR A 58 13.57 15.29 3.22
C THR A 58 12.40 16.23 3.47
N ALA A 59 12.59 17.19 4.37
CA ALA A 59 11.55 18.15 4.70
C ALA A 59 11.12 18.94 3.47
N ASN A 60 12.04 19.74 2.92
CA ASN A 60 11.76 20.54 1.75
C ASN A 60 11.12 19.69 0.65
N THR A 61 11.53 18.44 0.57
CA THR A 61 11.01 17.52 -0.44
C THR A 61 9.62 17.02 -0.06
N THR A 62 8.63 17.35 -0.86
CA THR A 62 7.25 16.94 -0.60
C THR A 62 6.88 15.72 -1.44
N TRP A 63 6.67 14.59 -0.77
CA TRP A 63 6.31 13.35 -1.45
C TRP A 63 5.25 12.59 -0.68
N THR A 64 4.48 11.76 -1.38
CA THR A 64 3.42 10.98 -0.76
C THR A 64 3.79 9.50 -0.73
N ILE A 65 4.08 8.98 0.46
CA ILE A 65 4.43 7.58 0.62
C ILE A 65 3.34 6.82 1.38
N LEU A 66 3.22 5.53 1.08
CA LEU A 66 2.22 4.70 1.74
C LEU A 66 2.89 3.74 2.73
N ALA A 67 2.23 3.55 3.88
CA ALA A 67 2.76 2.66 4.91
C ALA A 67 1.70 1.66 5.36
N PRO A 68 1.56 0.56 4.61
CA PRO A 68 0.58 -0.49 4.91
C PRO A 68 0.94 -1.28 6.17
N THR A 69 -0.06 -1.62 6.96
CA THR A 69 0.15 -2.37 8.19
C THR A 69 0.86 -3.70 7.91
N ASN A 70 1.38 -4.31 8.96
CA ASN A 70 2.08 -5.58 8.84
C ASN A 70 1.18 -6.63 8.20
N ASP A 71 -0.07 -6.65 8.60
CA ASP A 71 -1.04 -7.61 8.07
C ASP A 71 -1.02 -7.60 6.54
N ALA A 72 -0.81 -6.43 5.96
CA ALA A 72 -0.77 -6.29 4.51
C ALA A 72 0.35 -7.13 3.91
N PHE A 73 1.58 -6.89 4.36
CA PHE A 73 2.74 -7.61 3.87
C PHE A 73 2.55 -9.12 4.07
N ALA A 74 2.25 -9.50 5.30
CA ALA A 74 2.06 -10.92 5.64
C ALA A 74 1.06 -11.56 4.67
N LYS A 75 0.07 -10.79 4.23
CA LYS A 75 -0.94 -11.29 3.31
C LYS A 75 -0.35 -11.53 1.93
N ARG A 76 0.17 -10.47 1.33
CA ARG A 76 0.77 -10.57 0.00
C ARG A 76 1.82 -11.66 -0.04
N LEU A 77 2.75 -11.62 0.91
CA LEU A 77 3.81 -12.61 0.97
C LEU A 77 3.25 -14.02 1.15
N ALA A 78 2.17 -14.12 1.93
CA ALA A 78 1.53 -15.41 2.17
C ALA A 78 1.07 -16.05 0.86
N LYS A 79 0.41 -15.26 0.03
CA LYS A 79 -0.09 -15.74 -1.25
C LYS A 79 1.05 -15.84 -2.28
N LEU A 80 2.05 -14.97 -2.12
CA LEU A 80 3.20 -14.97 -3.03
C LEU A 80 4.14 -16.13 -2.74
N ASN A 81 4.02 -16.69 -1.53
CA ASN A 81 4.86 -17.81 -1.13
C ASN A 81 6.33 -17.50 -1.38
N LEU A 82 6.73 -16.27 -1.09
CA LEU A 82 8.11 -15.85 -1.29
C LEU A 82 8.83 -15.69 0.06
N THR A 83 10.12 -15.37 0.00
CA THR A 83 10.91 -15.20 1.21
C THR A 83 11.09 -13.71 1.53
N ALA A 84 11.11 -13.39 2.82
CA ALA A 84 11.28 -12.01 3.26
C ALA A 84 12.74 -11.61 3.24
N ASP A 85 13.61 -12.49 3.72
CA ASP A 85 15.04 -12.23 3.75
C ASP A 85 15.59 -12.02 2.33
N ALA A 86 15.09 -12.82 1.39
CA ALA A 86 15.52 -12.72 0.00
C ALA A 86 15.41 -11.28 -0.50
N VAL A 87 14.39 -10.57 -0.03
CA VAL A 87 14.19 -9.18 -0.44
C VAL A 87 15.07 -8.23 0.35
N LEU A 88 15.02 -8.35 1.67
CA LEU A 88 15.82 -7.49 2.55
C LEU A 88 17.29 -7.57 2.18
N LYS A 89 17.75 -8.76 1.83
CA LYS A 89 19.15 -8.97 1.44
C LYS A 89 19.41 -8.42 0.04
N ASN A 90 18.36 -8.34 -0.77
CA ASN A 90 18.48 -7.83 -2.13
C ASN A 90 17.92 -6.41 -2.23
N LYS A 91 18.79 -5.42 -2.16
CA LYS A 91 18.38 -4.02 -2.25
C LYS A 91 17.58 -3.78 -3.53
N ASP A 92 18.01 -4.41 -4.62
CA ASP A 92 17.34 -4.25 -5.90
C ASP A 92 15.85 -4.51 -5.77
N LEU A 93 15.50 -5.69 -5.25
CA LEU A 93 14.10 -6.07 -5.07
C LEU A 93 13.40 -5.10 -4.13
N LEU A 94 14.05 -4.77 -3.03
CA LEU A 94 13.49 -3.85 -2.04
C LEU A 94 13.04 -2.55 -2.70
N VAL A 95 13.98 -1.90 -3.39
CA VAL A 95 13.69 -0.64 -4.08
C VAL A 95 12.70 -0.86 -5.22
N LYS A 96 12.80 -2.01 -5.87
CA LYS A 96 11.92 -2.34 -6.98
C LYS A 96 10.46 -2.27 -6.55
N ILE A 97 10.13 -2.98 -5.47
CA ILE A 97 8.77 -3.00 -4.95
C ILE A 97 8.43 -1.70 -4.23
N LEU A 98 9.29 -1.32 -3.28
CA LEU A 98 9.09 -0.11 -2.52
C LEU A 98 8.86 1.09 -3.44
N SER A 99 9.49 1.05 -4.61
CA SER A 99 9.36 2.14 -5.58
C SER A 99 7.89 2.47 -5.83
N TYR A 100 7.06 1.43 -5.91
CA TYR A 100 5.63 1.61 -6.15
C TYR A 100 4.95 2.19 -4.91
N HIS A 101 5.43 1.78 -3.74
CA HIS A 101 4.85 2.25 -2.48
C HIS A 101 4.99 3.77 -2.35
N VAL A 102 5.91 4.34 -3.13
CA VAL A 102 6.13 5.79 -3.11
C VAL A 102 5.31 6.48 -4.19
N ILE A 103 4.97 7.74 -3.95
CA ILE A 103 4.20 8.53 -4.91
C ILE A 103 4.76 9.94 -5.05
N PRO A 104 5.76 10.10 -5.92
CA PRO A 104 6.39 11.39 -6.17
C PRO A 104 5.47 12.37 -6.89
N SER A 105 4.32 11.87 -7.32
CA SER A 105 3.34 12.70 -8.03
C SER A 105 3.08 14.00 -7.28
N GLY A 106 3.16 13.93 -5.95
CA GLY A 106 2.93 15.11 -5.14
C GLY A 106 1.81 14.92 -4.14
N ALA A 107 1.80 15.75 -3.10
CA ALA A 107 0.77 15.67 -2.08
C ALA A 107 -0.62 15.79 -2.68
N VAL A 108 -1.37 14.70 -2.67
CA VAL A 108 -2.72 14.69 -3.21
C VAL A 108 -3.71 15.30 -2.24
N TYR A 109 -4.41 16.35 -2.67
CA TYR A 109 -5.38 17.03 -1.84
C TYR A 109 -6.62 16.16 -1.64
N SER A 110 -7.19 16.21 -0.44
CA SER A 110 -8.37 15.43 -0.12
C SER A 110 -9.49 15.71 -1.12
N LYS A 111 -9.57 16.95 -1.59
CA LYS A 111 -10.59 17.35 -2.55
C LYS A 111 -10.30 16.77 -3.93
N ALA A 112 -9.01 16.50 -4.18
CA ALA A 112 -8.60 15.94 -5.46
C ALA A 112 -9.06 14.49 -5.61
N LEU A 113 -9.25 13.83 -4.48
CA LEU A 113 -9.69 12.44 -4.47
C LEU A 113 -10.96 12.26 -5.31
N LYS A 114 -10.83 11.50 -6.41
CA LYS A 114 -11.97 11.26 -7.28
C LYS A 114 -11.94 9.82 -7.80
N ASP A 115 -12.89 9.50 -8.68
CA ASP A 115 -12.98 8.15 -9.24
C ASP A 115 -11.98 7.99 -10.38
N ASN A 116 -11.81 9.04 -11.17
CA ASN A 116 -10.88 9.00 -12.30
C ASN A 116 -9.50 9.50 -11.88
N ALA A 117 -9.46 10.32 -10.85
CA ALA A 117 -8.21 10.86 -10.35
C ALA A 117 -7.16 9.76 -10.20
N THR A 118 -6.16 9.78 -11.07
CA THR A 118 -5.09 8.78 -11.04
C THR A 118 -3.84 9.34 -10.37
N VAL A 119 -3.02 8.45 -9.83
CA VAL A 119 -1.79 8.85 -9.16
C VAL A 119 -0.60 8.00 -9.63
N ALA A 120 0.33 8.63 -10.34
CA ALA A 120 1.50 7.94 -10.84
C ALA A 120 2.57 7.79 -9.76
N THR A 121 3.24 6.65 -9.74
CA THR A 121 4.28 6.39 -8.75
C THR A 121 5.65 6.73 -9.31
N ALA A 122 6.69 6.40 -8.53
CA ALA A 122 8.06 6.68 -8.95
C ALA A 122 8.49 5.75 -10.09
N LEU A 123 8.10 4.49 -9.99
CA LEU A 123 8.44 3.51 -11.01
C LEU A 123 7.56 3.69 -12.25
N LYS A 124 8.20 3.94 -13.39
CA LYS A 124 7.48 4.12 -14.64
C LYS A 124 6.52 2.97 -14.90
N ASP A 125 5.61 3.16 -15.84
CA ASP A 125 4.63 2.13 -16.18
C ASP A 125 3.92 1.62 -14.94
N ALA A 126 3.73 2.52 -13.96
CA ALA A 126 3.06 2.17 -12.72
C ALA A 126 2.19 3.32 -12.22
N SER A 127 0.88 3.12 -12.23
CA SER A 127 -0.06 4.14 -11.78
C SER A 127 -1.28 3.50 -11.13
N VAL A 128 -1.85 4.20 -10.14
CA VAL A 128 -3.02 3.71 -9.44
C VAL A 128 -4.20 4.67 -9.59
N THR A 129 -5.41 4.11 -9.61
CA THR A 129 -6.61 4.92 -9.75
C THR A 129 -7.31 5.10 -8.41
N VAL A 130 -7.87 6.29 -8.20
CA VAL A 130 -8.56 6.60 -6.96
C VAL A 130 -10.04 6.25 -7.05
N ARG A 131 -10.58 5.64 -6.00
CA ARG A 131 -11.99 5.25 -5.98
C ARG A 131 -12.62 5.63 -4.64
N LEU A 132 -13.74 6.35 -4.70
CA LEU A 132 -14.44 6.77 -3.49
C LEU A 132 -15.70 5.94 -3.29
N TYR A 133 -15.79 5.27 -2.13
CA TYR A 133 -16.94 4.45 -1.81
C TYR A 133 -17.06 4.23 -0.30
N GLN A 134 -18.29 4.12 0.18
CA GLN A 134 -18.53 3.90 1.61
C GLN A 134 -17.80 4.94 2.44
N GLY A 135 -17.65 6.14 1.88
CA GLY A 135 -16.97 7.21 2.59
C GLY A 135 -15.52 6.88 2.89
N LYS A 136 -14.92 6.04 2.05
CA LYS A 136 -13.53 5.64 2.22
C LYS A 136 -12.78 5.69 0.89
N VAL A 137 -11.49 5.97 0.95
CA VAL A 137 -10.66 6.05 -0.25
C VAL A 137 -9.89 4.75 -0.48
N MET A 138 -9.94 4.24 -1.70
CA MET A 138 -9.26 3.00 -2.05
C MET A 138 -8.54 3.13 -3.39
N PHE A 139 -7.50 2.34 -3.58
CA PHE A 139 -6.73 2.36 -4.82
C PHE A 139 -6.89 1.06 -5.59
N LYS A 140 -6.78 1.14 -6.91
CA LYS A 140 -6.91 -0.03 -7.77
C LYS A 140 -5.88 -0.01 -8.89
N GLY A 141 -5.35 -1.18 -9.22
CA GLY A 141 -4.36 -1.27 -10.28
C GLY A 141 -4.62 -2.43 -11.22
N PRO A 142 -3.62 -2.78 -12.03
CA PRO A 142 -3.72 -3.88 -13.00
C PRO A 142 -3.77 -5.24 -12.32
N VAL A 143 -3.16 -5.34 -11.14
CA VAL A 143 -3.14 -6.58 -10.38
C VAL A 143 -3.27 -6.32 -8.90
N ASN A 144 -4.31 -6.90 -8.29
CA ASN A 144 -4.55 -6.73 -6.87
C ASN A 144 -4.85 -5.27 -6.53
N LYS A 145 -5.49 -5.05 -5.39
CA LYS A 145 -5.84 -3.70 -4.95
C LYS A 145 -5.93 -3.63 -3.43
N ALA A 146 -5.91 -2.41 -2.90
CA ALA A 146 -5.99 -2.20 -1.46
C ALA A 146 -6.82 -0.96 -1.13
N GLN A 147 -7.08 -0.76 0.16
CA GLN A 147 -7.86 0.39 0.60
C GLN A 147 -7.19 1.08 1.78
N VAL A 148 -7.00 2.39 1.66
CA VAL A 148 -6.36 3.17 2.72
C VAL A 148 -7.15 3.09 4.02
N THR A 149 -6.53 2.52 5.05
CA THR A 149 -7.19 2.39 6.34
C THR A 149 -7.13 3.69 7.13
N VAL A 150 -5.91 4.12 7.48
CA VAL A 150 -5.72 5.35 8.23
C VAL A 150 -4.82 6.33 7.47
N ALA A 151 -5.41 7.43 7.03
CA ALA A 151 -4.67 8.45 6.30
C ALA A 151 -4.58 9.75 7.09
N ASP A 152 -4.13 10.81 6.42
CA ASP A 152 -4.00 12.12 7.06
C ASP A 152 -3.01 12.06 8.21
N ILE A 153 -1.85 11.48 7.95
CA ILE A 153 -0.81 11.37 8.98
C ILE A 153 0.03 12.64 9.05
N LYS A 154 -0.17 13.41 10.11
CA LYS A 154 0.58 14.65 10.30
C LYS A 154 2.08 14.40 10.21
N ALA A 155 2.67 14.86 9.12
CA ALA A 155 4.11 14.69 8.90
C ALA A 155 4.78 16.04 8.63
N GLY A 156 6.11 16.01 8.48
CA GLY A 156 6.85 17.23 8.22
C GLY A 156 7.55 17.22 6.87
N GLY A 157 7.10 18.08 5.98
CA GLY A 157 7.70 18.14 4.65
C GLY A 157 7.00 17.25 3.65
N SER A 158 6.54 16.09 4.11
CA SER A 158 5.86 15.14 3.25
C SER A 158 4.63 14.56 3.94
N VAL A 159 3.91 13.69 3.24
CA VAL A 159 2.71 13.07 3.79
C VAL A 159 2.73 11.56 3.57
N ILE A 160 2.19 10.82 4.54
CA ILE A 160 2.14 9.37 4.45
C ILE A 160 0.77 8.83 4.87
N HIS A 161 0.30 7.82 4.16
CA HIS A 161 -1.00 7.21 4.46
C HIS A 161 -0.85 5.72 4.69
N VAL A 162 -1.60 5.21 5.67
CA VAL A 162 -1.57 3.78 6.00
C VAL A 162 -2.62 3.01 5.23
N ILE A 163 -2.22 1.89 4.63
CA ILE A 163 -3.14 1.07 3.86
C ILE A 163 -3.37 -0.28 4.54
N ASN A 164 -4.44 -0.96 4.16
CA ASN A 164 -4.78 -2.25 4.74
C ASN A 164 -4.03 -3.37 4.03
N ASP A 165 -3.82 -3.21 2.73
CA ASP A 165 -3.11 -4.21 1.93
C ASP A 165 -1.92 -3.59 1.21
N VAL A 166 -1.09 -4.43 0.60
CA VAL A 166 0.08 -3.97 -0.12
C VAL A 166 -0.09 -4.14 -1.63
N LEU A 167 0.45 -3.20 -2.39
CA LEU A 167 0.36 -3.26 -3.84
C LEU A 167 1.72 -3.58 -4.47
N LEU A 168 1.70 -4.34 -5.56
CA LEU A 168 2.93 -4.71 -6.25
C LEU A 168 2.88 -4.28 -7.71
N PRO A 169 4.04 -3.84 -8.24
CA PRO A 169 4.16 -3.39 -9.62
C PRO A 169 4.04 -4.55 -10.62
N PRO A 170 3.83 -4.21 -11.90
CA PRO A 170 3.70 -5.20 -12.97
C PRO A 170 5.02 -5.92 -13.27
N GLY A 171 4.95 -7.24 -13.35
CA GLY A 171 6.14 -8.03 -13.63
C GLY A 171 6.59 -8.84 -12.43
N VAL A 172 6.32 -8.32 -11.23
CA VAL A 172 6.71 -9.01 -10.00
C VAL A 172 5.86 -10.25 -9.78
N VAL A 173 4.59 -10.17 -10.17
CA VAL A 173 3.68 -11.30 -10.01
C VAL A 173 3.90 -12.35 -11.09
N SER A 174 3.90 -13.62 -10.69
CA SER A 174 4.12 -14.72 -11.62
C SER A 174 2.82 -15.06 -12.36
N ASP A 175 2.96 -15.71 -13.51
CA ASP A 175 1.81 -16.10 -14.31
C ASP A 175 0.86 -16.98 -13.50
N ALA A 176 1.41 -17.99 -12.84
CA ALA A 176 0.61 -18.90 -12.03
C ALA A 176 -0.07 -18.16 -10.88
N VAL A 177 0.69 -17.34 -10.18
CA VAL A 177 0.15 -16.58 -9.06
C VAL A 177 -1.01 -15.71 -9.49
N ALA A 178 -0.76 -14.84 -10.48
CA ALA A 178 -1.80 -13.95 -11.00
C ALA A 178 -2.97 -14.75 -11.57
N LYS A 179 -2.65 -15.84 -12.26
CA LYS A 179 -3.67 -16.68 -12.87
C LYS A 179 -4.67 -17.18 -11.82
N GLN A 180 -4.16 -17.45 -10.62
CA GLN A 180 -5.01 -17.93 -9.53
C GLN A 180 -6.08 -16.90 -9.18
N TRP A 181 -5.68 -15.64 -9.12
CA TRP A 181 -6.62 -14.56 -8.80
C TRP A 181 -7.64 -14.37 -9.92
N LYS A 182 -7.19 -14.56 -11.16
CA LYS A 182 -8.07 -14.41 -12.32
C LYS A 182 -9.03 -15.60 -12.43
N ALA A 183 -8.55 -16.77 -12.05
CA ALA A 183 -9.36 -17.98 -12.11
C ALA A 183 -10.70 -17.77 -11.42
N GLU A 184 -10.70 -16.98 -10.34
CA GLU A 184 -11.91 -16.70 -9.60
C GLU A 184 -13.02 -16.22 -10.53
N TRP A 185 -12.68 -15.34 -11.45
CA TRP A 185 -13.65 -14.81 -12.40
C TRP A 185 -13.80 -15.72 -13.61
N GLU A 186 -12.68 -16.34 -14.01
CA GLU A 186 -12.69 -17.23 -15.16
C GLU A 186 -13.77 -18.30 -15.01
N ALA A 187 -14.00 -18.74 -13.78
CA ALA A 187 -15.00 -19.75 -13.50
C ALA A 187 -16.35 -19.38 -14.11
N MET A 188 -16.65 -18.07 -14.12
CA MET A 188 -17.90 -17.58 -14.67
C MET A 188 -17.87 -17.60 -16.19
N LYS A 189 -16.71 -17.23 -16.75
CA LYS A 189 -16.55 -17.20 -18.21
C LYS A 189 -16.42 -18.60 -18.77
N ALA A 190 -17.10 -18.85 -19.89
CA ALA A 190 -17.05 -20.16 -20.54
C ALA A 190 -17.51 -21.25 -19.58
N GLU A 191 -18.67 -21.05 -18.96
CA GLU A 191 -19.21 -22.02 -18.01
C GLU A 191 -19.42 -23.37 -18.68
N LYS A 192 -19.79 -24.36 -17.89
CA LYS A 192 -20.04 -25.71 -18.41
C LYS A 192 -21.39 -25.79 -19.11
N LYS A 193 -21.55 -26.81 -19.95
CA LYS A 193 -22.81 -27.00 -20.68
C LYS A 193 -23.21 -28.47 -20.69
N VAL A 194 -24.50 -28.72 -20.81
CA VAL A 194 -25.02 -30.08 -20.83
C VAL A 194 -24.89 -30.69 -22.23
N ALA A 195 -24.50 -31.97 -22.27
CA ALA A 195 -24.35 -32.68 -23.54
C ALA A 195 -25.04 -34.03 -23.50
N PRO A 196 -25.31 -34.59 -24.69
CA PRO A 196 -25.97 -35.89 -24.82
C PRO A 196 -25.08 -37.04 -24.38
N LYS A 197 -23.81 -36.99 -24.79
CA LYS A 197 -22.86 -38.03 -24.43
C LYS A 197 -22.83 -38.26 -22.92
N ALA A 198 -22.44 -39.46 -22.51
CA ALA A 198 -22.36 -39.80 -21.09
C ALA A 198 -21.02 -39.39 -20.49
N THR A 199 -21.06 -38.78 -19.31
CA THR A 199 -19.86 -38.34 -18.63
C THR A 199 -19.67 -39.07 -17.31
N THR A 200 -18.45 -39.04 -16.80
CA THR A 200 -18.13 -39.71 -15.53
C THR A 200 -18.98 -39.14 -14.40
N GLY A 201 -19.35 -40.00 -13.45
CA GLY A 201 -20.15 -39.56 -12.32
C GLY A 201 -19.31 -39.26 -11.09
N ARG A 202 -19.74 -38.27 -10.33
CA ARG A 202 -19.01 -37.88 -9.11
C ARG A 202 -19.92 -37.06 -8.19
N ARG A 203 -20.26 -37.65 -7.04
CA ARG A 203 -21.12 -36.98 -6.07
C ARG A 203 -21.10 -37.72 -4.74
N PHE A 204 -21.62 -37.08 -3.70
CA PHE A 204 -21.68 -37.67 -2.37
C PHE A 204 -22.96 -37.28 -1.65
N LEU A 205 -23.69 -38.29 -1.19
CA LEU A 205 -24.95 -38.06 -0.47
C LEU A 205 -24.70 -37.79 1.01
N LEU A 206 -25.22 -36.68 1.51
CA LEU A 206 -25.06 -36.31 2.90
C LEU A 206 -26.41 -36.26 3.62
N PHE A 207 -26.45 -36.80 4.83
CA PHE A 207 -27.68 -36.83 5.62
C PHE A 207 -27.73 -35.64 6.57
N GLY A 1 -0.27 43.93 -29.65
CA GLY A 1 0.20 42.57 -29.45
C GLY A 1 1.22 42.47 -28.34
N PRO A 2 0.74 42.59 -27.09
CA PRO A 2 1.60 42.51 -25.90
C PRO A 2 2.14 41.10 -25.67
N HIS A 3 3.21 41.00 -24.89
CA HIS A 3 3.83 39.71 -24.60
C HIS A 3 4.11 39.57 -23.10
N MET A 4 4.02 38.35 -22.60
CA MET A 4 4.28 38.10 -21.18
C MET A 4 5.13 36.84 -21.00
N ALA A 5 6.43 37.05 -20.83
CA ALA A 5 7.36 35.94 -20.65
C ALA A 5 8.43 36.28 -19.62
N THR A 6 8.71 35.33 -18.74
CA THR A 6 9.71 35.53 -17.69
C THR A 6 10.47 34.24 -17.40
N PRO A 7 11.73 34.39 -16.96
CA PRO A 7 12.59 33.24 -16.63
C PRO A 7 12.12 32.50 -15.39
N LYS A 8 12.19 31.17 -15.44
CA LYS A 8 11.78 30.34 -14.30
C LYS A 8 12.98 29.64 -13.68
N ALA A 9 13.07 29.72 -12.36
CA ALA A 9 14.17 29.09 -11.63
C ALA A 9 13.89 29.03 -10.14
N ASN A 10 14.59 28.14 -9.44
CA ASN A 10 14.40 27.98 -8.00
C ASN A 10 15.55 27.17 -7.39
N ALA A 11 15.85 27.43 -6.13
CA ALA A 11 16.91 26.72 -5.43
C ALA A 11 16.91 27.05 -3.94
N THR A 12 17.12 26.03 -3.11
CA THR A 12 17.15 26.22 -1.67
C THR A 12 17.90 25.08 -0.98
N THR A 13 18.14 25.24 0.32
CA THR A 13 18.85 24.24 1.09
C THR A 13 18.54 24.35 2.58
N ALA A 14 19.01 23.39 3.36
CA ALA A 14 18.78 23.39 4.80
C ALA A 14 19.63 22.33 5.49
N LYS A 15 19.44 22.18 6.80
CA LYS A 15 20.20 21.21 7.58
C LYS A 15 19.26 20.23 8.26
N PRO A 16 19.80 19.06 8.66
CA PRO A 16 19.03 18.01 9.33
C PRO A 16 18.61 18.41 10.74
N ALA A 17 18.04 17.47 11.47
CA ALA A 17 17.59 17.72 12.83
C ALA A 17 17.24 16.42 13.54
N SER A 18 16.86 16.53 14.82
CA SER A 18 16.50 15.36 15.61
C SER A 18 15.68 15.76 16.83
N THR A 19 14.40 15.41 16.82
CA THR A 19 13.51 15.74 17.93
C THR A 19 12.56 14.58 18.24
N THR A 20 12.07 14.53 19.46
CA THR A 20 11.15 13.48 19.88
C THR A 20 10.14 14.00 20.89
N SER A 21 9.06 14.59 20.38
CA SER A 21 8.01 15.14 21.23
C SER A 21 6.84 15.64 20.40
N THR A 22 5.71 15.90 21.07
CA THR A 22 4.52 16.38 20.39
C THR A 22 3.98 15.34 19.41
N PRO A 23 2.67 15.41 19.13
CA PRO A 23 2.01 14.48 18.20
C PRO A 23 2.43 14.72 16.75
N VAL A 24 2.38 15.98 16.32
CA VAL A 24 2.75 16.33 14.96
C VAL A 24 4.25 16.14 14.74
N TYR A 25 4.60 15.33 13.73
CA TYR A 25 5.99 15.06 13.42
C TYR A 25 6.68 16.32 12.88
N ALA A 26 7.92 16.54 13.30
CA ALA A 26 8.69 17.70 12.86
C ALA A 26 9.08 17.58 11.39
N THR A 27 9.62 16.42 11.02
CA THR A 27 10.04 16.18 9.65
C THR A 27 9.99 14.69 9.31
N LEU A 28 10.38 14.35 8.09
CA LEU A 28 10.37 12.96 7.65
C LEU A 28 11.09 12.06 8.65
N SER A 29 12.23 12.53 9.15
CA SER A 29 13.02 11.77 10.12
C SER A 29 12.14 11.34 11.29
N ASN A 30 11.34 12.26 11.80
CA ASN A 30 10.45 11.98 12.92
C ASN A 30 9.40 10.95 12.54
N ALA A 31 8.85 11.09 11.34
CA ALA A 31 7.83 10.18 10.84
C ALA A 31 8.39 8.77 10.70
N VAL A 32 9.54 8.65 10.05
CA VAL A 32 10.18 7.36 9.84
C VAL A 32 10.38 6.63 11.16
N THR A 33 10.90 7.35 12.15
CA THR A 33 11.14 6.76 13.47
C THR A 33 9.83 6.39 14.15
N ALA A 34 8.80 7.19 13.93
CA ALA A 34 7.49 6.94 14.53
C ALA A 34 6.94 5.59 14.09
N GLY A 35 6.81 5.40 12.79
CA GLY A 35 6.29 4.15 12.27
C GLY A 35 7.17 2.97 12.61
N ALA A 36 8.48 3.18 12.54
CA ALA A 36 9.45 2.12 12.85
C ALA A 36 9.29 1.64 14.29
N ALA A 37 8.87 2.55 15.16
CA ALA A 37 8.69 2.21 16.57
C ALA A 37 7.47 1.32 16.77
N ALA A 38 6.50 1.45 15.86
CA ALA A 38 5.28 0.64 15.93
C ALA A 38 5.49 -0.73 15.30
N PRO A 39 4.87 -1.76 15.90
CA PRO A 39 4.97 -3.13 15.42
C PRO A 39 4.25 -3.34 14.09
N GLN A 40 3.15 -2.61 13.90
CA GLN A 40 2.38 -2.71 12.67
C GLN A 40 3.24 -2.39 11.44
N LEU A 41 4.21 -1.51 11.64
CA LEU A 41 5.10 -1.11 10.56
C LEU A 41 6.47 -1.78 10.70
N THR A 42 6.47 -3.02 11.19
CA THR A 42 7.70 -3.76 11.38
C THR A 42 8.34 -4.10 10.04
N THR A 43 7.58 -4.78 9.18
CA THR A 43 8.08 -5.17 7.86
C THR A 43 8.51 -3.94 7.06
N LEU A 44 7.61 -2.98 6.92
CA LEU A 44 7.90 -1.75 6.17
C LEU A 44 9.19 -1.11 6.68
N PHE A 45 9.28 -0.93 7.99
CA PHE A 45 10.46 -0.32 8.60
C PHE A 45 11.74 -1.01 8.12
N ALA A 46 11.70 -2.35 8.09
CA ALA A 46 12.85 -3.13 7.66
C ALA A 46 13.18 -2.86 6.20
N ALA A 47 12.15 -2.61 5.40
CA ALA A 47 12.34 -2.33 3.98
C ALA A 47 12.87 -0.92 3.76
N VAL A 48 12.12 0.07 4.26
CA VAL A 48 12.52 1.46 4.11
C VAL A 48 13.91 1.71 4.69
N ARG A 49 14.24 0.98 5.76
CA ARG A 49 15.53 1.11 6.40
C ARG A 49 16.63 0.46 5.56
N ALA A 50 16.53 -0.85 5.38
CA ALA A 50 17.51 -1.59 4.59
C ALA A 50 17.67 -0.98 3.21
N ALA A 51 16.59 -0.42 2.68
CA ALA A 51 16.62 0.20 1.36
C ALA A 51 17.50 1.45 1.36
N ASN A 52 17.63 2.07 2.51
CA ASN A 52 18.44 3.28 2.65
C ASN A 52 17.84 4.43 1.84
N VAL A 53 16.52 4.49 1.80
CA VAL A 53 15.83 5.54 1.07
C VAL A 53 15.42 6.69 1.99
N THR A 54 15.44 6.42 3.29
CA THR A 54 15.08 7.43 4.27
C THR A 54 15.84 8.73 4.05
N GLY A 55 17.08 8.61 3.59
CA GLY A 55 17.90 9.78 3.34
C GLY A 55 17.19 10.80 2.47
N ALA A 56 16.46 10.31 1.47
CA ALA A 56 15.74 11.19 0.56
C ALA A 56 14.56 11.86 1.27
N LEU A 57 13.99 11.16 2.25
CA LEU A 57 12.86 11.69 3.00
C LEU A 57 13.29 12.84 3.91
N THR A 58 13.22 14.06 3.37
CA THR A 58 13.60 15.25 4.13
C THR A 58 12.45 16.25 4.19
N ALA A 59 12.62 17.28 5.00
CA ALA A 59 11.60 18.32 5.15
C ALA A 59 11.32 18.99 3.82
N ASN A 60 12.34 19.64 3.27
CA ASN A 60 12.21 20.35 1.99
C ASN A 60 11.58 19.43 0.93
N THR A 61 11.93 18.16 0.99
CA THR A 61 11.42 17.18 0.03
C THR A 61 9.97 16.80 0.36
N THR A 62 9.06 17.13 -0.54
CA THR A 62 7.65 16.84 -0.35
C THR A 62 7.20 15.69 -1.27
N TRP A 63 6.84 14.56 -0.66
CA TRP A 63 6.39 13.40 -1.41
C TRP A 63 5.33 12.62 -0.63
N THR A 64 4.51 11.87 -1.37
CA THR A 64 3.45 11.09 -0.74
C THR A 64 3.80 9.60 -0.76
N ILE A 65 4.12 9.06 0.42
CA ILE A 65 4.47 7.66 0.55
C ILE A 65 3.33 6.87 1.20
N LEU A 66 3.23 5.60 0.83
CA LEU A 66 2.19 4.72 1.38
C LEU A 66 2.78 3.70 2.35
N ALA A 67 2.36 3.77 3.61
CA ALA A 67 2.85 2.86 4.63
C ALA A 67 1.76 1.87 5.04
N PRO A 68 1.64 0.77 4.28
CA PRO A 68 0.65 -0.28 4.55
C PRO A 68 0.96 -1.07 5.82
N THR A 69 -0.09 -1.48 6.52
CA THR A 69 0.08 -2.25 7.75
C THR A 69 0.88 -3.52 7.50
N ASN A 70 1.33 -4.15 8.58
CA ASN A 70 2.11 -5.38 8.48
C ASN A 70 1.25 -6.52 7.94
N ASP A 71 -0.02 -6.54 8.34
CA ASP A 71 -0.94 -7.58 7.89
C ASP A 71 -0.91 -7.72 6.37
N ALA A 72 -0.72 -6.59 5.68
CA ALA A 72 -0.67 -6.60 4.23
C ALA A 72 0.47 -7.45 3.71
N PHE A 73 1.69 -7.11 4.13
CA PHE A 73 2.87 -7.85 3.71
C PHE A 73 2.73 -9.33 4.03
N ALA A 74 2.41 -9.64 5.27
CA ALA A 74 2.24 -11.03 5.71
C ALA A 74 1.25 -11.75 4.81
N LYS A 75 0.25 -11.03 4.31
CA LYS A 75 -0.76 -11.61 3.43
C LYS A 75 -0.16 -12.00 2.09
N ARG A 76 0.44 -11.03 1.41
CA ARG A 76 1.06 -11.27 0.11
C ARG A 76 2.18 -12.30 0.23
N LEU A 77 2.90 -12.26 1.34
CA LEU A 77 4.00 -13.18 1.58
C LEU A 77 3.50 -14.62 1.66
N ALA A 78 2.40 -14.82 2.37
CA ALA A 78 1.81 -16.14 2.53
C ALA A 78 1.10 -16.58 1.26
N LYS A 79 0.21 -15.72 0.75
CA LYS A 79 -0.55 -16.03 -0.46
C LYS A 79 0.39 -16.43 -1.59
N LEU A 80 1.55 -15.79 -1.65
CA LEU A 80 2.54 -16.08 -2.69
C LEU A 80 3.52 -17.15 -2.21
N ASN A 81 3.59 -17.35 -0.90
CA ASN A 81 4.48 -18.35 -0.32
C ASN A 81 5.93 -17.99 -0.59
N LEU A 82 6.31 -16.75 -0.29
CA LEU A 82 7.67 -16.28 -0.50
C LEU A 82 8.34 -15.93 0.82
N THR A 83 9.66 -15.76 0.78
CA THR A 83 10.42 -15.41 1.98
C THR A 83 10.67 -13.92 2.07
N ALA A 84 10.61 -13.39 3.29
CA ALA A 84 10.84 -11.95 3.51
C ALA A 84 12.32 -11.64 3.52
N ASP A 85 13.11 -12.46 4.19
CA ASP A 85 14.55 -12.27 4.27
C ASP A 85 15.16 -12.13 2.88
N ALA A 86 14.76 -13.01 1.97
CA ALA A 86 15.27 -12.99 0.61
C ALA A 86 15.12 -11.60 -0.01
N VAL A 87 14.04 -10.92 0.34
CA VAL A 87 13.79 -9.57 -0.17
C VAL A 87 14.61 -8.53 0.58
N LEU A 88 14.64 -8.65 1.90
CA LEU A 88 15.38 -7.71 2.74
C LEU A 88 16.83 -7.58 2.25
N LYS A 89 17.43 -8.72 1.91
CA LYS A 89 18.81 -8.73 1.43
C LYS A 89 18.89 -8.23 0.00
N ASN A 90 17.79 -8.33 -0.73
CA ASN A 90 17.73 -7.89 -2.12
C ASN A 90 17.43 -6.39 -2.19
N LYS A 91 18.46 -5.61 -2.52
CA LYS A 91 18.31 -4.16 -2.62
C LYS A 91 17.68 -3.78 -3.96
N ASP A 92 18.24 -4.29 -5.04
CA ASP A 92 17.73 -4.00 -6.38
C ASP A 92 16.23 -4.28 -6.47
N LEU A 93 15.79 -5.32 -5.77
CA LEU A 93 14.38 -5.69 -5.76
C LEU A 93 13.59 -4.82 -4.79
N LEU A 94 14.17 -4.56 -3.62
CA LEU A 94 13.52 -3.74 -2.61
C LEU A 94 13.06 -2.41 -3.20
N VAL A 95 14.00 -1.68 -3.81
CA VAL A 95 13.68 -0.40 -4.42
C VAL A 95 12.68 -0.56 -5.56
N LYS A 96 12.78 -1.67 -6.28
CA LYS A 96 11.88 -1.94 -7.39
C LYS A 96 10.43 -1.89 -6.95
N ILE A 97 10.10 -2.67 -5.93
CA ILE A 97 8.74 -2.71 -5.40
C ILE A 97 8.42 -1.44 -4.60
N LEU A 98 9.31 -1.11 -3.67
CA LEU A 98 9.13 0.08 -2.84
C LEU A 98 8.86 1.31 -3.69
N SER A 99 9.47 1.35 -4.88
CA SER A 99 9.29 2.48 -5.79
C SER A 99 7.82 2.77 -6.01
N TYR A 100 7.01 1.72 -6.12
CA TYR A 100 5.58 1.86 -6.33
C TYR A 100 4.89 2.39 -5.08
N HIS A 101 5.39 1.98 -3.92
CA HIS A 101 4.83 2.41 -2.64
C HIS A 101 4.96 3.92 -2.48
N VAL A 102 5.91 4.52 -3.19
CA VAL A 102 6.14 5.96 -3.12
C VAL A 102 5.38 6.68 -4.24
N ILE A 103 5.02 7.93 -3.98
CA ILE A 103 4.29 8.73 -4.96
C ILE A 103 4.93 10.10 -5.13
N PRO A 104 5.61 10.30 -6.27
CA PRO A 104 6.28 11.56 -6.58
C PRO A 104 5.28 12.70 -6.87
N SER A 105 4.05 12.32 -7.18
CA SER A 105 3.01 13.30 -7.48
C SER A 105 2.98 14.39 -6.41
N GLY A 106 3.11 13.99 -5.16
CA GLY A 106 3.09 14.95 -4.06
C GLY A 106 1.83 14.85 -3.23
N ALA A 107 1.68 15.76 -2.28
CA ALA A 107 0.51 15.78 -1.41
C ALA A 107 -0.76 16.08 -2.21
N VAL A 108 -1.59 15.05 -2.38
CA VAL A 108 -2.83 15.20 -3.13
C VAL A 108 -3.96 15.70 -2.23
N TYR A 109 -4.49 16.88 -2.54
CA TYR A 109 -5.56 17.47 -1.76
C TYR A 109 -6.78 16.55 -1.74
N SER A 110 -7.45 16.49 -0.59
CA SER A 110 -8.63 15.65 -0.42
C SER A 110 -9.66 15.96 -1.50
N LYS A 111 -9.76 17.23 -1.88
CA LYS A 111 -10.71 17.66 -2.89
C LYS A 111 -10.28 17.17 -4.28
N ALA A 112 -8.98 16.95 -4.45
CA ALA A 112 -8.44 16.47 -5.71
C ALA A 112 -8.85 15.03 -5.98
N LEU A 113 -9.10 14.29 -4.90
CA LEU A 113 -9.50 12.89 -5.01
C LEU A 113 -10.76 12.75 -5.86
N LYS A 114 -10.90 11.58 -6.50
CA LYS A 114 -12.07 11.32 -7.35
C LYS A 114 -12.07 9.87 -7.81
N ASP A 115 -13.05 9.53 -8.65
CA ASP A 115 -13.17 8.17 -9.17
C ASP A 115 -12.21 7.95 -10.33
N ASN A 116 -12.05 8.98 -11.15
CA ASN A 116 -11.15 8.90 -12.31
C ASN A 116 -9.75 9.40 -11.95
N ALA A 117 -9.68 10.26 -10.93
CA ALA A 117 -8.40 10.81 -10.50
C ALA A 117 -7.35 9.72 -10.35
N THR A 118 -6.34 9.77 -11.21
CA THR A 118 -5.27 8.77 -11.17
C THR A 118 -4.02 9.33 -10.49
N VAL A 119 -3.20 8.44 -9.94
CA VAL A 119 -1.98 8.85 -9.26
C VAL A 119 -0.75 8.19 -9.90
N ALA A 120 0.29 9.00 -10.12
CA ALA A 120 1.51 8.50 -10.74
C ALA A 120 2.55 8.17 -9.66
N THR A 121 3.13 6.98 -9.76
CA THR A 121 4.15 6.55 -8.80
C THR A 121 5.56 6.85 -9.31
N ALA A 122 6.56 6.52 -8.50
CA ALA A 122 7.94 6.76 -8.87
C ALA A 122 8.38 5.82 -10.00
N LEU A 123 7.80 4.62 -10.02
CA LEU A 123 8.12 3.64 -11.04
C LEU A 123 7.47 4.00 -12.37
N LYS A 124 8.29 4.09 -13.42
CA LYS A 124 7.80 4.43 -14.75
C LYS A 124 6.75 3.42 -15.21
N ASP A 125 5.71 3.93 -15.86
CA ASP A 125 4.63 3.08 -16.35
C ASP A 125 3.90 2.41 -15.19
N ALA A 126 3.74 3.15 -14.10
CA ALA A 126 3.05 2.62 -12.92
C ALA A 126 2.17 3.69 -12.28
N SER A 127 0.86 3.48 -12.33
CA SER A 127 -0.08 4.43 -11.75
C SER A 127 -1.31 3.71 -11.19
N VAL A 128 -1.95 4.33 -10.21
CA VAL A 128 -3.14 3.74 -9.58
C VAL A 128 -4.35 4.67 -9.73
N THR A 129 -5.53 4.08 -9.71
CA THR A 129 -6.77 4.84 -9.85
C THR A 129 -7.43 5.04 -8.49
N VAL A 130 -7.99 6.22 -8.28
CA VAL A 130 -8.67 6.55 -7.02
C VAL A 130 -10.15 6.19 -7.09
N ARG A 131 -10.61 5.43 -6.10
CA ARG A 131 -12.00 5.02 -6.05
C ARG A 131 -12.61 5.32 -4.67
N LEU A 132 -13.75 6.00 -4.66
CA LEU A 132 -14.43 6.35 -3.42
C LEU A 132 -15.31 5.21 -2.95
N TYR A 133 -15.22 4.88 -1.66
CA TYR A 133 -16.01 3.82 -1.08
C TYR A 133 -16.16 3.99 0.42
N GLN A 134 -17.40 4.10 0.88
CA GLN A 134 -17.67 4.28 2.31
C GLN A 134 -16.95 5.51 2.85
N GLY A 135 -16.90 6.56 2.04
CA GLY A 135 -16.25 7.79 2.46
C GLY A 135 -14.77 7.60 2.70
N LYS A 136 -14.18 6.62 2.02
CA LYS A 136 -12.76 6.33 2.17
C LYS A 136 -12.08 6.23 0.81
N VAL A 137 -10.78 6.51 0.77
CA VAL A 137 -10.02 6.46 -0.47
C VAL A 137 -9.49 5.04 -0.72
N MET A 138 -9.67 4.57 -1.95
CA MET A 138 -9.21 3.23 -2.32
C MET A 138 -8.30 3.29 -3.54
N PHE A 139 -7.45 2.28 -3.69
CA PHE A 139 -6.52 2.22 -4.81
C PHE A 139 -6.72 0.94 -5.60
N LYS A 140 -6.88 1.07 -6.92
CA LYS A 140 -7.08 -0.07 -7.79
C LYS A 140 -6.04 -0.09 -8.91
N GLY A 141 -5.65 -1.29 -9.33
CA GLY A 141 -4.66 -1.42 -10.40
C GLY A 141 -4.95 -2.60 -11.30
N PRO A 142 -3.93 -3.00 -12.09
CA PRO A 142 -4.06 -4.13 -13.02
C PRO A 142 -4.16 -5.46 -12.31
N VAL A 143 -3.52 -5.56 -11.16
CA VAL A 143 -3.54 -6.80 -10.37
C VAL A 143 -3.68 -6.50 -8.88
N ASN A 144 -4.73 -7.02 -8.27
CA ASN A 144 -4.97 -6.81 -6.85
C ASN A 144 -5.22 -5.34 -6.56
N LYS A 145 -5.87 -5.07 -5.43
CA LYS A 145 -6.17 -3.69 -5.02
C LYS A 145 -6.15 -3.56 -3.51
N ALA A 146 -6.08 -2.31 -3.04
CA ALA A 146 -6.04 -2.05 -1.61
C ALA A 146 -6.89 -0.83 -1.25
N GLN A 147 -7.02 -0.55 0.04
CA GLN A 147 -7.81 0.58 0.51
C GLN A 147 -7.14 1.26 1.70
N VAL A 148 -7.02 2.57 1.63
CA VAL A 148 -6.40 3.34 2.70
C VAL A 148 -7.26 3.32 3.96
N THR A 149 -6.73 2.74 5.03
CA THR A 149 -7.46 2.66 6.29
C THR A 149 -7.35 3.95 7.08
N VAL A 150 -6.12 4.29 7.49
CA VAL A 150 -5.87 5.51 8.24
C VAL A 150 -4.93 6.44 7.49
N ALA A 151 -5.45 7.59 7.06
CA ALA A 151 -4.66 8.57 6.34
C ALA A 151 -4.58 9.89 7.10
N ASP A 152 -4.05 10.92 6.44
CA ASP A 152 -3.92 12.23 7.06
C ASP A 152 -2.91 12.20 8.20
N ILE A 153 -1.82 11.48 8.00
CA ILE A 153 -0.77 11.37 9.01
C ILE A 153 0.05 12.65 9.09
N LYS A 154 -0.13 13.40 10.18
CA LYS A 154 0.61 14.64 10.37
C LYS A 154 2.11 14.42 10.24
N ALA A 155 2.68 14.91 9.15
CA ALA A 155 4.11 14.77 8.90
C ALA A 155 4.76 16.12 8.63
N GLY A 156 6.08 16.12 8.51
CA GLY A 156 6.80 17.36 8.25
C GLY A 156 7.50 17.34 6.90
N GLY A 157 7.05 18.20 5.99
CA GLY A 157 7.65 18.27 4.68
C GLY A 157 6.97 17.33 3.68
N SER A 158 6.58 16.16 4.16
CA SER A 158 5.93 15.16 3.31
C SER A 158 4.69 14.61 3.98
N VAL A 159 4.00 13.70 3.29
CA VAL A 159 2.79 13.08 3.82
C VAL A 159 2.79 11.57 3.58
N ILE A 160 2.26 10.83 4.54
CA ILE A 160 2.20 9.38 4.43
C ILE A 160 0.81 8.85 4.80
N HIS A 161 0.35 7.85 4.07
CA HIS A 161 -0.96 7.26 4.33
C HIS A 161 -0.84 5.78 4.69
N VAL A 162 -1.72 5.31 5.55
CA VAL A 162 -1.71 3.91 5.98
C VAL A 162 -2.73 3.10 5.21
N ILE A 163 -2.28 2.03 4.56
CA ILE A 163 -3.17 1.17 3.80
C ILE A 163 -3.30 -0.21 4.46
N ASN A 164 -4.41 -0.89 4.17
CA ASN A 164 -4.66 -2.20 4.74
C ASN A 164 -3.93 -3.29 3.94
N ASP A 165 -3.83 -3.08 2.62
CA ASP A 165 -3.16 -4.04 1.76
C ASP A 165 -2.00 -3.37 1.02
N VAL A 166 -1.21 -4.17 0.32
CA VAL A 166 -0.06 -3.67 -0.44
C VAL A 166 -0.31 -3.78 -1.94
N LEU A 167 0.22 -2.82 -2.69
CA LEU A 167 0.06 -2.81 -4.14
C LEU A 167 1.41 -2.93 -4.84
N LEU A 168 1.47 -3.77 -5.85
CA LEU A 168 2.71 -3.98 -6.61
C LEU A 168 2.59 -3.41 -8.01
N PRO A 169 3.71 -2.87 -8.53
CA PRO A 169 3.75 -2.28 -9.87
C PRO A 169 3.63 -3.33 -10.97
N PRO A 170 3.38 -2.87 -12.20
CA PRO A 170 3.24 -3.76 -13.37
C PRO A 170 4.56 -4.40 -13.77
N GLY A 171 4.48 -5.54 -14.44
CA GLY A 171 5.67 -6.24 -14.88
C GLY A 171 6.45 -6.84 -13.72
N VAL A 172 5.75 -7.14 -12.64
CA VAL A 172 6.37 -7.73 -11.46
C VAL A 172 5.71 -9.05 -11.08
N VAL A 173 4.40 -9.13 -11.28
CA VAL A 173 3.64 -10.33 -10.97
C VAL A 173 3.82 -11.39 -12.05
N SER A 174 4.11 -12.62 -11.63
CA SER A 174 4.30 -13.73 -12.56
C SER A 174 2.96 -14.27 -13.05
N ASP A 175 2.98 -14.89 -14.23
CA ASP A 175 1.76 -15.45 -14.81
C ASP A 175 1.12 -16.45 -13.86
N ALA A 176 1.91 -17.39 -13.37
CA ALA A 176 1.42 -18.40 -12.44
C ALA A 176 0.75 -17.76 -11.23
N VAL A 177 1.36 -16.70 -10.72
CA VAL A 177 0.83 -15.99 -9.57
C VAL A 177 -0.58 -15.46 -9.84
N ALA A 178 -0.71 -14.72 -10.93
CA ALA A 178 -2.00 -14.15 -11.32
C ALA A 178 -3.00 -15.24 -11.66
N LYS A 179 -2.51 -16.32 -12.28
CA LYS A 179 -3.36 -17.43 -12.66
C LYS A 179 -4.01 -18.07 -11.44
N GLN A 180 -3.27 -18.11 -10.34
CA GLN A 180 -3.77 -18.70 -9.10
C GLN A 180 -5.01 -17.95 -8.61
N TRP A 181 -4.93 -16.63 -8.59
CA TRP A 181 -6.04 -15.79 -8.15
C TRP A 181 -7.20 -15.87 -9.13
N LYS A 182 -6.88 -15.95 -10.42
CA LYS A 182 -7.90 -16.03 -11.45
C LYS A 182 -8.61 -17.38 -11.42
N ALA A 183 -7.87 -18.42 -11.06
CA ALA A 183 -8.42 -19.77 -10.99
C ALA A 183 -9.71 -19.78 -10.16
N GLU A 184 -9.77 -18.92 -9.15
CA GLU A 184 -10.94 -18.84 -8.30
C GLU A 184 -12.22 -18.70 -9.12
N TRP A 185 -12.14 -17.90 -10.18
CA TRP A 185 -13.28 -17.68 -11.05
C TRP A 185 -13.39 -18.78 -12.12
N GLU A 186 -12.23 -19.25 -12.58
CA GLU A 186 -12.19 -20.29 -13.60
C GLU A 186 -12.85 -21.57 -13.09
N ALA A 187 -12.74 -21.81 -11.79
CA ALA A 187 -13.33 -23.00 -11.18
C ALA A 187 -14.79 -23.15 -11.58
N MET A 188 -15.48 -22.03 -11.72
CA MET A 188 -16.89 -22.04 -12.10
C MET A 188 -17.11 -22.89 -13.36
N LYS A 189 -16.14 -22.84 -14.27
CA LYS A 189 -16.23 -23.60 -15.50
C LYS A 189 -15.00 -24.49 -15.69
N ALA A 190 -14.59 -25.15 -14.61
CA ALA A 190 -13.44 -26.04 -14.65
C ALA A 190 -13.78 -27.41 -14.06
N GLU A 191 -12.75 -28.23 -13.87
CA GLU A 191 -12.94 -29.57 -13.33
C GLU A 191 -12.89 -29.54 -11.80
N LYS A 192 -13.00 -30.72 -11.19
CA LYS A 192 -12.97 -30.83 -9.74
C LYS A 192 -11.53 -30.82 -9.21
N LYS A 193 -11.28 -29.98 -8.22
CA LYS A 193 -9.95 -29.88 -7.63
C LYS A 193 -10.02 -29.93 -6.10
N VAL A 194 -9.61 -31.05 -5.53
CA VAL A 194 -9.62 -31.22 -4.08
C VAL A 194 -8.32 -30.73 -3.45
N ALA A 195 -8.43 -30.05 -2.32
CA ALA A 195 -7.26 -29.54 -1.62
C ALA A 195 -7.66 -28.84 -0.31
N PRO A 196 -8.13 -29.64 0.66
CA PRO A 196 -8.56 -29.12 1.96
C PRO A 196 -7.38 -28.64 2.80
N LYS A 197 -7.65 -28.32 4.07
CA LYS A 197 -6.62 -27.85 4.97
C LYS A 197 -7.11 -27.88 6.42
N ALA A 198 -6.25 -28.31 7.32
CA ALA A 198 -6.58 -28.39 8.73
C ALA A 198 -6.24 -27.10 9.46
N THR A 199 -6.96 -26.81 10.54
CA THR A 199 -6.74 -25.60 11.32
C THR A 199 -6.28 -25.93 12.73
N THR A 200 -5.41 -25.09 13.28
CA THR A 200 -4.89 -25.28 14.62
C THR A 200 -5.07 -24.04 15.48
N GLY A 201 -5.63 -24.22 16.68
CA GLY A 201 -5.85 -23.10 17.57
C GLY A 201 -4.91 -23.11 18.76
N ARG A 202 -5.40 -22.65 19.91
CA ARG A 202 -4.60 -22.61 21.12
C ARG A 202 -5.49 -22.60 22.36
N ARG A 203 -5.02 -23.23 23.42
CA ARG A 203 -5.78 -23.30 24.68
C ARG A 203 -4.99 -22.66 25.81
N PHE A 204 -5.71 -22.17 26.82
CA PHE A 204 -5.08 -21.54 27.98
C PHE A 204 -5.32 -22.35 29.24
N LEU A 205 -4.49 -22.13 30.26
CA LEU A 205 -4.61 -22.84 31.52
C LEU A 205 -5.12 -21.91 32.62
N LEU A 206 -6.18 -22.32 33.29
CA LEU A 206 -6.77 -21.53 34.37
C LEU A 206 -6.48 -22.16 35.73
N PHE A 207 -5.67 -21.48 36.54
CA PHE A 207 -5.33 -21.97 37.86
C PHE A 207 -6.56 -22.00 38.77
N GLY A 1 -43.11 61.86 -20.12
CA GLY A 1 -42.55 62.00 -18.80
C GLY A 1 -43.54 61.71 -17.70
N PRO A 2 -43.87 60.41 -17.53
CA PRO A 2 -44.82 59.97 -16.50
C PRO A 2 -44.27 60.13 -15.09
N HIS A 3 -43.00 59.78 -14.91
CA HIS A 3 -42.35 59.88 -13.62
C HIS A 3 -43.05 58.98 -12.59
N MET A 4 -43.50 57.83 -13.04
CA MET A 4 -44.19 56.88 -12.16
C MET A 4 -43.64 55.46 -12.35
N ALA A 5 -42.62 55.13 -11.58
CA ALA A 5 -42.01 53.80 -11.66
C ALA A 5 -41.93 53.15 -10.29
N THR A 6 -42.21 51.85 -10.24
CA THR A 6 -42.18 51.10 -8.99
C THR A 6 -41.13 50.00 -9.03
N PRO A 7 -39.85 50.39 -8.98
CA PRO A 7 -38.73 49.45 -9.01
C PRO A 7 -38.63 48.62 -7.74
N LYS A 8 -38.19 47.37 -7.87
CA LYS A 8 -38.05 46.47 -6.73
C LYS A 8 -36.75 46.75 -5.98
N ALA A 9 -36.71 46.38 -4.71
CA ALA A 9 -35.53 46.58 -3.87
C ALA A 9 -35.34 45.42 -2.91
N ASN A 10 -34.15 44.83 -2.92
CA ASN A 10 -33.84 43.71 -2.05
C ASN A 10 -32.45 43.87 -1.43
N ALA A 11 -32.36 43.65 -0.12
CA ALA A 11 -31.10 43.77 0.59
C ALA A 11 -30.70 42.45 1.25
N THR A 12 -29.74 41.77 0.64
CA THR A 12 -29.28 40.49 1.16
C THR A 12 -27.91 40.11 0.57
N THR A 13 -27.05 39.56 1.41
CA THR A 13 -25.71 39.16 0.98
C THR A 13 -25.06 38.24 2.01
N ALA A 14 -24.40 37.20 1.51
CA ALA A 14 -23.72 36.24 2.38
C ALA A 14 -22.21 36.27 2.16
N LYS A 15 -21.47 35.86 3.18
CA LYS A 15 -20.01 35.84 3.11
C LYS A 15 -19.45 34.54 3.68
N PRO A 16 -19.68 33.43 2.95
CA PRO A 16 -19.21 32.10 3.36
C PRO A 16 -17.69 31.97 3.27
N ALA A 17 -17.05 31.82 4.42
CA ALA A 17 -15.59 31.68 4.47
C ALA A 17 -15.12 31.33 5.87
N SER A 18 -14.34 30.26 5.99
CA SER A 18 -13.83 29.83 7.27
C SER A 18 -12.44 29.20 7.13
N THR A 19 -11.72 29.10 8.23
CA THR A 19 -10.38 28.52 8.22
C THR A 19 -10.30 27.32 9.15
N THR A 20 -9.60 26.27 8.69
CA THR A 20 -9.45 25.05 9.48
C THR A 20 -8.41 24.13 8.86
N SER A 21 -7.56 23.55 9.71
CA SER A 21 -6.51 22.66 9.24
C SER A 21 -5.95 21.83 10.40
N THR A 22 -5.74 20.54 10.16
CA THR A 22 -5.21 19.65 11.18
C THR A 22 -3.72 19.90 11.40
N PRO A 23 -3.21 19.45 12.56
CA PRO A 23 -1.80 19.60 12.91
C PRO A 23 -0.88 18.73 12.07
N VAL A 24 0.42 18.99 12.14
CA VAL A 24 1.40 18.22 11.38
C VAL A 24 2.60 17.86 12.24
N TYR A 25 3.33 16.83 11.82
CA TYR A 25 4.51 16.38 12.55
C TYR A 25 5.62 17.43 12.50
N ALA A 26 6.65 17.23 13.31
CA ALA A 26 7.78 18.15 13.35
C ALA A 26 8.56 18.12 12.05
N THR A 27 8.97 16.92 11.62
CA THR A 27 9.72 16.76 10.39
C THR A 27 9.66 15.31 9.90
N LEU A 28 10.10 15.09 8.67
CA LEU A 28 10.10 13.76 8.08
C LEU A 28 10.80 12.76 9.00
N SER A 29 12.00 13.11 9.44
CA SER A 29 12.77 12.24 10.32
C SER A 29 11.93 11.79 11.51
N ASN A 30 11.15 12.72 12.06
CA ASN A 30 10.30 12.42 13.21
C ASN A 30 9.25 11.37 12.85
N ALA A 31 8.64 11.53 11.68
CA ALA A 31 7.62 10.60 11.21
C ALA A 31 8.22 9.22 10.98
N VAL A 32 9.35 9.17 10.29
CA VAL A 32 10.01 7.91 9.99
C VAL A 32 10.23 7.10 11.27
N THR A 33 10.75 7.76 12.30
CA THR A 33 11.01 7.09 13.58
C THR A 33 9.71 6.67 14.26
N ALA A 34 8.66 7.46 14.04
CA ALA A 34 7.35 7.17 14.64
C ALA A 34 6.81 5.83 14.14
N GLY A 35 6.70 5.68 12.83
CA GLY A 35 6.19 4.45 12.26
C GLY A 35 7.07 3.26 12.59
N ALA A 36 8.39 3.45 12.49
CA ALA A 36 9.34 2.39 12.79
C ALA A 36 9.20 1.90 14.23
N ALA A 37 8.82 2.82 15.12
CA ALA A 37 8.65 2.49 16.53
C ALA A 37 7.42 1.61 16.74
N ALA A 38 6.44 1.76 15.86
CA ALA A 38 5.21 0.97 15.95
C ALA A 38 5.36 -0.38 15.24
N PRO A 39 4.69 -1.40 15.79
CA PRO A 39 4.74 -2.75 15.23
C PRO A 39 4.02 -2.85 13.89
N GLN A 40 2.96 -2.06 13.73
CA GLN A 40 2.18 -2.06 12.50
C GLN A 40 3.08 -1.88 11.28
N LEU A 41 4.16 -1.14 11.47
CA LEU A 41 5.12 -0.89 10.39
C LEU A 41 6.39 -1.69 10.58
N THR A 42 6.26 -2.89 11.15
CA THR A 42 7.41 -3.75 11.39
C THR A 42 8.11 -4.11 10.09
N THR A 43 7.40 -4.82 9.21
CA THR A 43 7.95 -5.23 7.93
C THR A 43 8.39 -4.02 7.11
N LEU A 44 7.52 -3.03 7.01
CA LEU A 44 7.82 -1.82 6.26
C LEU A 44 9.11 -1.17 6.76
N PHE A 45 9.17 -0.92 8.06
CA PHE A 45 10.34 -0.30 8.67
C PHE A 45 11.61 -1.04 8.25
N ALA A 46 11.55 -2.36 8.26
CA ALA A 46 12.70 -3.18 7.89
C ALA A 46 13.07 -2.98 6.43
N ALA A 47 12.07 -2.72 5.59
CA ALA A 47 12.28 -2.50 4.18
C ALA A 47 12.81 -1.10 3.90
N VAL A 48 12.04 -0.09 4.31
CA VAL A 48 12.44 1.30 4.12
C VAL A 48 13.81 1.57 4.70
N ARG A 49 14.15 0.85 5.76
CA ARG A 49 15.45 1.01 6.41
C ARG A 49 16.55 0.33 5.60
N ALA A 50 16.45 -0.99 5.48
CA ALA A 50 17.43 -1.77 4.73
C ALA A 50 17.60 -1.23 3.32
N ALA A 51 16.52 -0.67 2.77
CA ALA A 51 16.55 -0.11 1.43
C ALA A 51 17.45 1.11 1.35
N ASN A 52 17.64 1.77 2.49
CA ASN A 52 18.48 2.96 2.55
C ASN A 52 17.88 4.10 1.73
N VAL A 53 16.56 4.19 1.72
CA VAL A 53 15.86 5.23 0.97
C VAL A 53 15.49 6.39 1.87
N THR A 54 15.54 6.17 3.17
CA THR A 54 15.21 7.20 4.14
C THR A 54 15.96 8.49 3.85
N GLY A 55 17.18 8.36 3.33
CA GLY A 55 17.99 9.52 3.01
C GLY A 55 17.25 10.52 2.14
N ALA A 56 16.32 10.02 1.32
CA ALA A 56 15.55 10.87 0.44
C ALA A 56 14.58 11.74 1.23
N LEU A 57 14.12 11.23 2.36
CA LEU A 57 13.17 11.96 3.21
C LEU A 57 13.89 13.10 3.95
N THR A 58 13.93 14.27 3.31
CA THR A 58 14.57 15.43 3.91
C THR A 58 13.56 16.56 4.15
N ALA A 59 14.06 17.72 4.53
CA ALA A 59 13.21 18.88 4.78
C ALA A 59 12.81 19.56 3.48
N ASN A 60 11.70 20.29 3.52
CA ASN A 60 11.21 21.00 2.34
C ASN A 60 10.99 20.03 1.18
N THR A 61 10.79 18.76 1.50
CA THR A 61 10.57 17.75 0.49
C THR A 61 9.13 17.23 0.52
N THR A 62 8.35 17.58 -0.48
CA THR A 62 6.96 17.16 -0.56
C THR A 62 6.83 15.85 -1.32
N TRP A 63 6.42 14.79 -0.62
CA TRP A 63 6.26 13.48 -1.24
C TRP A 63 5.16 12.69 -0.54
N THR A 64 4.45 11.87 -1.32
CA THR A 64 3.35 11.06 -0.78
C THR A 64 3.74 9.59 -0.74
N ILE A 65 3.91 9.06 0.47
CA ILE A 65 4.27 7.66 0.65
C ILE A 65 3.17 6.90 1.38
N LEU A 66 3.07 5.60 1.10
CA LEU A 66 2.06 4.76 1.73
C LEU A 66 2.71 3.75 2.67
N ALA A 67 2.19 3.66 3.88
CA ALA A 67 2.72 2.72 4.87
C ALA A 67 1.66 1.71 5.28
N PRO A 68 1.57 0.61 4.52
CA PRO A 68 0.60 -0.46 4.80
C PRO A 68 0.94 -1.24 6.05
N THR A 69 -0.10 -1.69 6.76
CA THR A 69 0.09 -2.46 8.00
C THR A 69 0.93 -3.70 7.74
N ASN A 70 1.41 -4.31 8.82
CA ASN A 70 2.22 -5.52 8.72
C ASN A 70 1.41 -6.68 8.17
N ASP A 71 0.16 -6.77 8.60
CA ASP A 71 -0.73 -7.84 8.16
C ASP A 71 -0.73 -7.94 6.64
N ALA A 72 -0.60 -6.80 5.97
CA ALA A 72 -0.58 -6.77 4.51
C ALA A 72 0.57 -7.60 3.96
N PHE A 73 1.79 -7.26 4.35
CA PHE A 73 2.98 -7.97 3.89
C PHE A 73 2.87 -9.46 4.19
N ALA A 74 2.50 -9.78 5.43
CA ALA A 74 2.35 -11.16 5.85
C ALA A 74 1.37 -11.91 4.94
N LYS A 75 0.36 -11.20 4.47
CA LYS A 75 -0.66 -11.80 3.59
C LYS A 75 -0.12 -11.95 2.17
N ARG A 76 0.25 -10.83 1.56
CA ARG A 76 0.77 -10.85 0.20
C ARG A 76 1.95 -11.83 0.08
N LEU A 77 2.75 -11.92 1.14
CA LEU A 77 3.90 -12.81 1.16
C LEU A 77 3.45 -14.27 1.26
N ALA A 78 2.48 -14.53 2.14
CA ALA A 78 1.97 -15.88 2.33
C ALA A 78 1.31 -16.40 1.06
N LYS A 79 0.65 -15.50 0.32
CA LYS A 79 -0.02 -15.88 -0.91
C LYS A 79 0.99 -16.11 -2.03
N LEU A 80 2.03 -15.29 -2.05
CA LEU A 80 3.08 -15.41 -3.06
C LEU A 80 4.03 -16.56 -2.74
N ASN A 81 4.02 -16.99 -1.48
CA ASN A 81 4.88 -18.08 -1.05
C ASN A 81 6.35 -17.77 -1.34
N LEU A 82 6.82 -16.65 -0.82
CA LEU A 82 8.21 -16.24 -1.04
C LEU A 82 8.86 -15.84 0.28
N THR A 83 10.17 -15.60 0.24
CA THR A 83 10.91 -15.21 1.43
C THR A 83 11.13 -13.70 1.47
N ALA A 84 11.09 -13.13 2.67
CA ALA A 84 11.28 -11.70 2.84
C ALA A 84 12.75 -11.33 2.80
N ASP A 85 13.57 -12.13 3.48
CA ASP A 85 15.02 -11.89 3.52
C ASP A 85 15.59 -11.79 2.11
N ALA A 86 15.15 -12.69 1.23
CA ALA A 86 15.62 -12.71 -0.15
C ALA A 86 15.49 -11.34 -0.79
N VAL A 87 14.43 -10.62 -0.44
CA VAL A 87 14.19 -9.29 -0.99
C VAL A 87 15.00 -8.24 -0.22
N LEU A 88 14.99 -8.33 1.10
CA LEU A 88 15.71 -7.38 1.94
C LEU A 88 17.16 -7.26 1.50
N LYS A 89 17.78 -8.41 1.20
CA LYS A 89 19.17 -8.43 0.76
C LYS A 89 19.28 -8.03 -0.71
N ASN A 90 18.20 -8.23 -1.45
CA ASN A 90 18.17 -7.90 -2.88
C ASN A 90 17.59 -6.50 -3.09
N LYS A 91 18.46 -5.50 -3.10
CA LYS A 91 18.04 -4.12 -3.31
C LYS A 91 17.26 -3.98 -4.62
N ASP A 92 17.67 -4.72 -5.63
CA ASP A 92 17.01 -4.69 -6.93
C ASP A 92 15.50 -4.91 -6.78
N LEU A 93 15.14 -6.03 -6.15
CA LEU A 93 13.73 -6.37 -5.94
C LEU A 93 13.13 -5.50 -4.84
N LEU A 94 13.89 -5.28 -3.77
CA LEU A 94 13.43 -4.48 -2.65
C LEU A 94 12.92 -3.11 -3.14
N VAL A 95 13.83 -2.33 -3.71
CA VAL A 95 13.47 -1.01 -4.22
C VAL A 95 12.42 -1.10 -5.31
N LYS A 96 12.48 -2.16 -6.10
CA LYS A 96 11.53 -2.37 -7.18
C LYS A 96 10.10 -2.30 -6.67
N ILE A 97 9.83 -2.97 -5.55
CA ILE A 97 8.51 -2.97 -4.96
C ILE A 97 8.23 -1.67 -4.23
N LEU A 98 9.14 -1.29 -3.34
CA LEU A 98 9.01 -0.06 -2.57
C LEU A 98 8.73 1.12 -3.49
N SER A 99 9.26 1.07 -4.71
CA SER A 99 9.07 2.14 -5.68
C SER A 99 7.60 2.52 -5.80
N TYR A 100 6.76 1.50 -5.97
CA TYR A 100 5.32 1.73 -6.11
C TYR A 100 4.74 2.34 -4.83
N HIS A 101 5.23 1.87 -3.68
CA HIS A 101 4.76 2.37 -2.39
C HIS A 101 4.95 3.89 -2.30
N VAL A 102 5.89 4.41 -3.08
CA VAL A 102 6.16 5.84 -3.08
C VAL A 102 5.38 6.55 -4.18
N ILE A 103 5.02 7.80 -3.93
CA ILE A 103 4.26 8.59 -4.90
C ILE A 103 4.83 10.00 -5.01
N PRO A 104 5.76 10.20 -5.95
CA PRO A 104 6.40 11.50 -6.18
C PRO A 104 5.44 12.52 -6.79
N SER A 105 4.25 12.04 -7.19
CA SER A 105 3.25 12.90 -7.80
C SER A 105 3.01 14.14 -6.95
N GLY A 106 3.13 13.98 -5.63
CA GLY A 106 2.92 15.10 -4.73
C GLY A 106 1.69 14.93 -3.88
N ALA A 107 1.64 15.66 -2.76
CA ALA A 107 0.49 15.59 -1.85
C ALA A 107 -0.82 15.81 -2.60
N VAL A 108 -1.70 14.81 -2.58
CA VAL A 108 -2.98 14.90 -3.26
C VAL A 108 -4.08 15.35 -2.29
N TYR A 109 -4.92 16.26 -2.75
CA TYR A 109 -6.02 16.77 -1.93
C TYR A 109 -7.34 16.15 -2.33
N SER A 110 -8.24 16.01 -1.36
CA SER A 110 -9.55 15.41 -1.62
C SER A 110 -10.27 16.15 -2.74
N LYS A 111 -10.13 17.47 -2.76
CA LYS A 111 -10.76 18.30 -3.78
C LYS A 111 -10.39 17.83 -5.18
N ALA A 112 -9.15 17.36 -5.33
CA ALA A 112 -8.67 16.87 -6.62
C ALA A 112 -8.93 15.37 -6.76
N LEU A 113 -9.00 14.68 -5.63
CA LEU A 113 -9.25 13.24 -5.63
C LEU A 113 -10.58 12.92 -6.28
N LYS A 114 -10.57 11.96 -7.21
CA LYS A 114 -11.79 11.55 -7.90
C LYS A 114 -11.78 10.05 -8.17
N ASP A 115 -12.81 9.57 -8.86
CA ASP A 115 -12.92 8.16 -9.18
C ASP A 115 -12.05 7.80 -10.38
N ASN A 116 -11.95 8.73 -11.33
CA ASN A 116 -11.15 8.51 -12.53
C ASN A 116 -9.73 9.00 -12.32
N ALA A 117 -9.55 9.97 -11.42
CA ALA A 117 -8.24 10.52 -11.12
C ALA A 117 -7.21 9.41 -10.92
N THR A 118 -6.14 9.46 -11.72
CA THR A 118 -5.08 8.46 -11.63
C THR A 118 -3.86 9.02 -10.90
N VAL A 119 -3.07 8.12 -10.32
CA VAL A 119 -1.87 8.52 -9.59
C VAL A 119 -0.62 7.84 -10.16
N ALA A 120 0.44 8.61 -10.35
CA ALA A 120 1.68 8.08 -10.88
C ALA A 120 2.70 7.84 -9.76
N THR A 121 3.33 6.67 -9.79
CA THR A 121 4.33 6.32 -8.78
C THR A 121 5.74 6.52 -9.31
N ALA A 122 6.71 6.51 -8.40
CA ALA A 122 8.11 6.68 -8.79
C ALA A 122 8.53 5.67 -9.84
N LEU A 123 7.89 4.50 -9.82
CA LEU A 123 8.20 3.44 -10.77
C LEU A 123 7.60 3.75 -12.14
N LYS A 124 8.38 3.51 -13.18
CA LYS A 124 7.93 3.76 -14.55
C LYS A 124 6.82 2.80 -14.94
N ASP A 125 5.88 3.29 -15.73
CA ASP A 125 4.75 2.47 -16.18
C ASP A 125 3.97 1.91 -14.99
N ALA A 126 3.88 2.71 -13.93
CA ALA A 126 3.15 2.30 -12.73
C ALA A 126 2.20 3.40 -12.26
N SER A 127 0.91 3.19 -12.52
CA SER A 127 -0.11 4.15 -12.13
C SER A 127 -1.35 3.46 -11.59
N VAL A 128 -1.92 4.01 -10.52
CA VAL A 128 -3.11 3.44 -9.90
C VAL A 128 -4.30 4.39 -10.03
N THR A 129 -5.50 3.84 -9.88
CA THR A 129 -6.72 4.63 -9.98
C THR A 129 -7.28 4.94 -8.58
N VAL A 130 -7.82 6.14 -8.44
CA VAL A 130 -8.40 6.56 -7.15
C VAL A 130 -9.88 6.19 -7.07
N ARG A 131 -10.28 5.65 -5.93
CA ARG A 131 -11.67 5.26 -5.72
C ARG A 131 -12.19 5.78 -4.38
N LEU A 132 -13.29 6.53 -4.44
CA LEU A 132 -13.88 7.10 -3.23
C LEU A 132 -15.03 6.22 -2.73
N TYR A 133 -15.00 5.91 -1.44
CA TYR A 133 -16.04 5.08 -0.83
C TYR A 133 -16.09 5.28 0.68
N GLN A 134 -17.26 5.69 1.17
CA GLN A 134 -17.43 5.92 2.60
C GLN A 134 -16.48 6.99 3.11
N GLY A 135 -16.14 7.93 2.23
CA GLY A 135 -15.22 9.00 2.61
C GLY A 135 -13.79 8.52 2.74
N LYS A 136 -13.45 7.46 2.02
CA LYS A 136 -12.11 6.90 2.06
C LYS A 136 -11.51 6.81 0.66
N VAL A 137 -10.18 6.72 0.60
CA VAL A 137 -9.49 6.62 -0.67
C VAL A 137 -8.97 5.20 -0.91
N MET A 138 -9.33 4.63 -2.06
CA MET A 138 -8.92 3.28 -2.40
C MET A 138 -8.09 3.29 -3.69
N PHE A 139 -7.09 2.41 -3.76
CA PHE A 139 -6.23 2.32 -4.93
C PHE A 139 -6.37 0.95 -5.60
N LYS A 140 -6.53 0.97 -6.92
CA LYS A 140 -6.68 -0.27 -7.68
C LYS A 140 -5.69 -0.31 -8.84
N GLY A 141 -5.28 -1.51 -9.22
CA GLY A 141 -4.34 -1.66 -10.32
C GLY A 141 -4.67 -2.84 -11.20
N PRO A 142 -3.70 -3.25 -12.04
CA PRO A 142 -3.88 -4.38 -12.96
C PRO A 142 -3.95 -5.71 -12.23
N VAL A 143 -3.18 -5.83 -11.15
CA VAL A 143 -3.16 -7.06 -10.36
C VAL A 143 -3.11 -6.76 -8.87
N ASN A 144 -4.12 -7.25 -8.14
CA ASN A 144 -4.19 -7.03 -6.70
C ASN A 144 -4.42 -5.55 -6.40
N LYS A 145 -5.25 -5.28 -5.39
CA LYS A 145 -5.55 -3.92 -4.99
C LYS A 145 -5.48 -3.77 -3.48
N ALA A 146 -5.63 -2.53 -3.00
CA ALA A 146 -5.59 -2.26 -1.56
C ALA A 146 -6.59 -1.17 -1.19
N GLN A 147 -6.73 -0.92 0.11
CA GLN A 147 -7.66 0.08 0.60
C GLN A 147 -7.07 0.83 1.80
N VAL A 148 -6.94 2.14 1.67
CA VAL A 148 -6.40 2.97 2.75
C VAL A 148 -7.32 2.96 3.96
N THR A 149 -6.78 2.50 5.09
CA THR A 149 -7.56 2.45 6.33
C THR A 149 -7.46 3.76 7.10
N VAL A 150 -6.24 4.11 7.51
CA VAL A 150 -6.01 5.33 8.26
C VAL A 150 -5.12 6.30 7.47
N ALA A 151 -5.70 7.42 7.06
CA ALA A 151 -4.96 8.42 6.30
C ALA A 151 -4.86 9.73 7.08
N ASP A 152 -4.37 10.77 6.41
CA ASP A 152 -4.22 12.08 7.04
C ASP A 152 -3.20 12.03 8.17
N ILE A 153 -2.16 11.22 7.99
CA ILE A 153 -1.12 11.07 9.01
C ILE A 153 -0.29 12.34 9.12
N LYS A 154 0.05 12.71 10.36
CA LYS A 154 0.84 13.91 10.61
C LYS A 154 2.28 13.69 10.21
N ALA A 155 2.70 14.34 9.12
CA ALA A 155 4.07 14.21 8.63
C ALA A 155 4.62 15.57 8.20
N GLY A 156 5.77 15.94 8.75
CA GLY A 156 6.38 17.21 8.40
C GLY A 156 7.15 17.15 7.10
N GLY A 157 6.80 18.04 6.17
CA GLY A 157 7.47 18.07 4.88
C GLY A 157 6.78 17.19 3.85
N SER A 158 6.27 16.05 4.29
CA SER A 158 5.58 15.12 3.41
C SER A 158 4.34 14.55 4.06
N VAL A 159 3.65 13.67 3.35
CA VAL A 159 2.43 13.05 3.87
C VAL A 159 2.45 11.55 3.63
N ILE A 160 1.96 10.79 4.61
CA ILE A 160 1.91 9.34 4.52
C ILE A 160 0.52 8.81 4.88
N HIS A 161 0.13 7.73 4.21
CA HIS A 161 -1.18 7.12 4.46
C HIS A 161 -1.03 5.64 4.80
N VAL A 162 -1.81 5.17 5.76
CA VAL A 162 -1.77 3.77 6.17
C VAL A 162 -2.76 2.93 5.36
N ILE A 163 -2.27 1.84 4.80
CA ILE A 163 -3.11 0.95 4.01
C ILE A 163 -3.30 -0.39 4.70
N ASN A 164 -4.34 -1.12 4.31
CA ASN A 164 -4.62 -2.43 4.90
C ASN A 164 -3.88 -3.53 4.14
N ASP A 165 -3.72 -3.34 2.83
CA ASP A 165 -3.03 -4.32 2.00
C ASP A 165 -1.87 -3.68 1.27
N VAL A 166 -1.03 -4.50 0.64
CA VAL A 166 0.12 -4.02 -0.09
C VAL A 166 -0.05 -4.23 -1.60
N LEU A 167 0.45 -3.28 -2.39
CA LEU A 167 0.36 -3.37 -3.84
C LEU A 167 1.73 -3.63 -4.46
N LEU A 168 1.79 -4.66 -5.31
CA LEU A 168 3.04 -5.01 -5.97
C LEU A 168 3.06 -4.51 -7.41
N PRO A 169 4.25 -4.12 -7.88
CA PRO A 169 4.43 -3.60 -9.25
C PRO A 169 4.26 -4.69 -10.30
N PRO A 170 4.15 -4.28 -11.57
CA PRO A 170 3.97 -5.20 -12.69
C PRO A 170 5.23 -6.01 -12.97
N GLY A 171 5.04 -7.25 -13.42
CA GLY A 171 6.17 -8.11 -13.71
C GLY A 171 6.49 -9.07 -12.58
N VAL A 172 6.19 -8.64 -11.35
CA VAL A 172 6.45 -9.46 -10.18
C VAL A 172 5.54 -10.69 -10.16
N VAL A 173 4.31 -10.52 -10.60
CA VAL A 173 3.34 -11.62 -10.64
C VAL A 173 3.60 -12.53 -11.84
N SER A 174 3.74 -13.82 -11.58
CA SER A 174 4.00 -14.80 -12.62
C SER A 174 2.69 -15.29 -13.24
N ASP A 175 2.80 -15.99 -14.36
CA ASP A 175 1.62 -16.50 -15.06
C ASP A 175 0.76 -17.33 -14.11
N ALA A 176 1.41 -18.16 -13.30
CA ALA A 176 0.70 -19.01 -12.34
C ALA A 176 0.01 -18.18 -11.28
N VAL A 177 0.72 -17.19 -10.75
CA VAL A 177 0.17 -16.32 -9.72
C VAL A 177 -1.09 -15.61 -10.21
N ALA A 178 -0.93 -14.77 -11.23
CA ALA A 178 -2.05 -14.04 -11.79
C ALA A 178 -3.18 -14.98 -12.20
N LYS A 179 -2.81 -16.17 -12.66
CA LYS A 179 -3.80 -17.16 -13.07
C LYS A 179 -4.63 -17.63 -11.89
N GLN A 180 -3.99 -17.75 -10.73
CA GLN A 180 -4.68 -18.18 -9.52
C GLN A 180 -5.85 -17.25 -9.19
N TRP A 181 -5.64 -15.95 -9.38
CA TRP A 181 -6.68 -14.97 -9.11
C TRP A 181 -7.63 -14.83 -10.30
N LYS A 182 -7.08 -14.94 -11.50
CA LYS A 182 -7.87 -14.83 -12.72
C LYS A 182 -8.87 -15.98 -12.83
N ALA A 183 -8.47 -17.14 -12.31
CA ALA A 183 -9.32 -18.32 -12.34
C ALA A 183 -10.71 -18.01 -11.81
N GLU A 184 -10.78 -17.12 -10.82
CA GLU A 184 -12.05 -16.73 -10.23
C GLU A 184 -13.07 -16.34 -11.30
N TRP A 185 -12.64 -15.46 -12.21
CA TRP A 185 -13.50 -14.99 -13.28
C TRP A 185 -13.46 -15.94 -14.47
N GLU A 186 -12.27 -16.49 -14.73
CA GLU A 186 -12.10 -17.42 -15.85
C GLU A 186 -13.09 -18.57 -15.75
N ALA A 187 -13.41 -18.98 -14.53
CA ALA A 187 -14.36 -20.07 -14.31
C ALA A 187 -15.64 -19.85 -15.09
N MET A 188 -16.05 -18.59 -15.20
CA MET A 188 -17.27 -18.23 -15.92
C MET A 188 -17.28 -18.84 -17.31
N LYS A 189 -16.10 -18.90 -17.93
CA LYS A 189 -15.96 -19.47 -19.27
C LYS A 189 -15.16 -20.77 -19.24
N ALA A 190 -14.92 -21.33 -20.41
CA ALA A 190 -14.16 -22.58 -20.52
C ALA A 190 -12.68 -22.30 -20.78
N GLU A 191 -11.91 -23.36 -20.95
CA GLU A 191 -10.48 -23.24 -21.21
C GLU A 191 -10.03 -24.18 -22.33
N LYS A 192 -9.88 -23.64 -23.52
CA LYS A 192 -9.46 -24.43 -24.67
C LYS A 192 -7.97 -24.77 -24.59
N LYS A 193 -7.57 -25.83 -25.28
CA LYS A 193 -6.17 -26.25 -25.29
C LYS A 193 -5.37 -25.46 -26.33
N VAL A 194 -4.27 -24.86 -25.88
CA VAL A 194 -3.41 -24.08 -26.78
C VAL A 194 -2.00 -23.97 -26.21
N ALA A 195 -1.01 -23.93 -27.11
CA ALA A 195 0.38 -23.81 -26.70
C ALA A 195 0.74 -24.86 -25.65
N PRO A 196 0.77 -26.14 -26.08
CA PRO A 196 1.10 -27.26 -25.20
C PRO A 196 2.57 -27.26 -24.78
N LYS A 197 2.86 -27.90 -23.65
CA LYS A 197 4.22 -27.97 -23.14
C LYS A 197 5.14 -28.66 -24.13
N ALA A 198 5.88 -27.86 -24.89
CA ALA A 198 6.82 -28.40 -25.88
C ALA A 198 8.19 -28.63 -25.27
N THR A 199 8.72 -29.84 -25.45
CA THR A 199 10.04 -30.18 -24.93
C THR A 199 11.13 -29.89 -25.94
N THR A 200 12.37 -29.87 -25.46
CA THR A 200 13.52 -29.61 -26.33
C THR A 200 14.74 -30.40 -25.88
N GLY A 201 15.38 -31.07 -26.83
CA GLY A 201 16.56 -31.86 -26.53
C GLY A 201 16.26 -33.34 -26.45
N ARG A 202 17.25 -34.12 -26.02
CA ARG A 202 17.09 -35.56 -25.91
C ARG A 202 16.78 -35.96 -24.47
N ARG A 203 15.80 -36.85 -24.29
CA ARG A 203 15.42 -37.31 -22.98
C ARG A 203 16.63 -37.86 -22.21
N PHE A 204 17.42 -38.67 -22.89
CA PHE A 204 18.61 -39.26 -22.27
C PHE A 204 19.58 -39.76 -23.33
N LEU A 205 20.80 -39.23 -23.32
CA LEU A 205 21.82 -39.63 -24.29
C LEU A 205 22.47 -40.94 -23.88
N LEU A 206 22.42 -41.92 -24.79
CA LEU A 206 23.02 -43.22 -24.52
C LEU A 206 24.37 -43.36 -25.20
N PHE A 207 25.31 -44.00 -24.51
CA PHE A 207 26.65 -44.19 -25.05
C PHE A 207 26.70 -45.44 -25.93
N GLY A 1 22.60 -3.53 -28.09
CA GLY A 1 21.77 -4.72 -27.94
C GLY A 1 21.92 -5.36 -26.58
N PRO A 2 23.06 -6.04 -26.36
CA PRO A 2 23.35 -6.71 -25.10
C PRO A 2 23.60 -5.74 -23.96
N HIS A 3 23.24 -6.13 -22.75
CA HIS A 3 23.43 -5.29 -21.57
C HIS A 3 24.38 -5.95 -20.58
N MET A 4 25.40 -5.21 -20.16
CA MET A 4 26.38 -5.73 -19.21
C MET A 4 26.17 -5.11 -17.83
N ALA A 5 25.69 -5.93 -16.90
CA ALA A 5 25.45 -5.47 -15.53
C ALA A 5 25.07 -6.63 -14.62
N THR A 6 25.89 -6.87 -13.59
CA THR A 6 25.65 -7.95 -12.66
C THR A 6 26.29 -7.66 -11.31
N PRO A 7 25.73 -6.70 -10.56
CA PRO A 7 26.23 -6.32 -9.24
C PRO A 7 26.01 -7.40 -8.19
N LYS A 8 26.66 -7.25 -7.05
CA LYS A 8 26.53 -8.21 -5.96
C LYS A 8 25.90 -7.57 -4.73
N ALA A 9 25.46 -8.39 -3.79
CA ALA A 9 24.84 -7.91 -2.56
C ALA A 9 24.89 -8.96 -1.46
N ASN A 10 24.71 -8.53 -0.22
CA ASN A 10 24.74 -9.43 0.91
C ASN A 10 23.63 -9.09 1.91
N ALA A 11 23.41 -9.98 2.88
CA ALA A 11 22.38 -9.77 3.88
C ALA A 11 22.80 -8.70 4.89
N THR A 12 21.84 -8.22 5.67
CA THR A 12 22.10 -7.20 6.67
C THR A 12 21.14 -7.30 7.83
N THR A 13 21.66 -7.24 9.06
CA THR A 13 20.84 -7.32 10.26
C THR A 13 20.17 -5.99 10.55
N ALA A 14 18.95 -6.04 11.07
CA ALA A 14 18.20 -4.84 11.41
C ALA A 14 17.96 -4.74 12.92
N LYS A 15 17.18 -5.69 13.45
CA LYS A 15 16.87 -5.72 14.87
C LYS A 15 16.14 -4.45 15.30
N PRO A 16 14.87 -4.33 14.88
CA PRO A 16 14.03 -3.17 15.21
C PRO A 16 13.66 -3.12 16.68
N ALA A 17 13.37 -1.92 17.17
CA ALA A 17 13.00 -1.74 18.58
C ALA A 17 11.55 -1.31 18.70
N SER A 18 11.04 -1.29 19.93
CA SER A 18 9.66 -0.90 20.19
C SER A 18 9.58 0.10 21.33
N THR A 19 8.82 1.17 21.12
CA THR A 19 8.65 2.21 22.14
C THR A 19 7.19 2.55 22.35
N THR A 20 6.85 2.97 23.56
CA THR A 20 5.47 3.34 23.89
C THR A 20 5.26 4.84 23.80
N SER A 21 5.21 5.35 22.57
CA SER A 21 5.02 6.78 22.35
C SER A 21 4.90 7.09 20.86
N THR A 22 3.88 7.86 20.51
CA THR A 22 3.65 8.22 19.11
C THR A 22 2.95 9.58 19.01
N PRO A 23 3.68 10.65 19.39
CA PRO A 23 3.16 12.01 19.34
C PRO A 23 2.98 12.52 17.91
N VAL A 24 2.63 13.79 17.79
CA VAL A 24 2.43 14.40 16.48
C VAL A 24 3.76 14.63 15.77
N TYR A 25 3.85 14.19 14.51
CA TYR A 25 5.05 14.34 13.73
C TYR A 25 5.11 15.70 13.05
N ALA A 26 6.04 16.54 13.49
CA ALA A 26 6.19 17.88 12.92
C ALA A 26 7.25 17.89 11.83
N THR A 27 8.13 16.89 11.83
CA THR A 27 9.19 16.78 10.85
C THR A 27 9.23 15.40 10.22
N LEU A 28 9.63 15.33 8.95
CA LEU A 28 9.71 14.06 8.24
C LEU A 28 10.51 13.04 9.04
N SER A 29 11.69 13.44 9.51
CA SER A 29 12.55 12.56 10.29
C SER A 29 11.77 11.92 11.44
N ASN A 30 10.94 12.72 12.10
CA ASN A 30 10.13 12.25 13.22
C ASN A 30 9.16 11.16 12.77
N ALA A 31 8.52 11.39 11.62
CA ALA A 31 7.56 10.45 11.08
C ALA A 31 8.20 9.08 10.85
N VAL A 32 9.37 9.09 10.21
CA VAL A 32 10.09 7.86 9.92
C VAL A 32 10.39 7.09 11.20
N THR A 33 10.90 7.78 12.21
CA THR A 33 11.24 7.16 13.48
C THR A 33 9.99 6.61 14.16
N ALA A 34 8.86 7.27 13.94
CA ALA A 34 7.59 6.84 14.52
C ALA A 34 7.16 5.48 13.98
N GLY A 35 7.03 5.40 12.65
CA GLY A 35 6.62 4.15 12.02
C GLY A 35 7.55 3.00 12.37
N ALA A 36 8.84 3.29 12.43
CA ALA A 36 9.84 2.27 12.75
C ALA A 36 9.69 1.79 14.19
N ALA A 37 9.29 2.71 15.06
CA ALA A 37 9.10 2.38 16.48
C ALA A 37 7.83 1.54 16.69
N ALA A 38 6.86 1.72 15.81
CA ALA A 38 5.60 0.99 15.89
C ALA A 38 5.71 -0.37 15.21
N PRO A 39 5.05 -1.37 15.78
CA PRO A 39 5.06 -2.74 15.24
C PRO A 39 4.28 -2.84 13.93
N GLN A 40 3.22 -2.06 13.81
CA GLN A 40 2.40 -2.06 12.60
C GLN A 40 3.26 -1.88 11.35
N LEU A 41 4.33 -1.10 11.50
CA LEU A 41 5.23 -0.85 10.38
C LEU A 41 6.52 -1.65 10.52
N THR A 42 6.41 -2.85 11.09
CA THR A 42 7.57 -3.71 11.29
C THR A 42 8.22 -4.07 9.95
N THR A 43 7.46 -4.73 9.09
CA THR A 43 7.97 -5.13 7.79
C THR A 43 8.42 -3.93 6.97
N LEU A 44 7.54 -2.94 6.86
CA LEU A 44 7.83 -1.73 6.11
C LEU A 44 9.15 -1.11 6.57
N PHE A 45 9.24 -0.88 7.89
CA PHE A 45 10.44 -0.29 8.46
C PHE A 45 11.70 -1.04 8.02
N ALA A 46 11.62 -2.36 8.03
CA ALA A 46 12.75 -3.19 7.62
C ALA A 46 13.09 -2.97 6.14
N ALA A 47 12.06 -2.69 5.34
CA ALA A 47 12.25 -2.46 3.91
C ALA A 47 12.81 -1.05 3.66
N VAL A 48 12.07 -0.04 4.11
CA VAL A 48 12.48 1.35 3.93
C VAL A 48 13.88 1.58 4.48
N ARG A 49 14.23 0.83 5.53
CA ARG A 49 15.54 0.95 6.15
C ARG A 49 16.61 0.26 5.31
N ALA A 50 16.48 -1.06 5.18
CA ALA A 50 17.43 -1.85 4.41
C ALA A 50 17.58 -1.31 2.99
N ALA A 51 16.49 -0.72 2.47
CA ALA A 51 16.50 -0.15 1.13
C ALA A 51 17.45 1.05 1.05
N ASN A 52 17.69 1.69 2.19
CA ASN A 52 18.57 2.85 2.25
C ASN A 52 17.97 4.01 1.45
N VAL A 53 16.65 4.14 1.49
CA VAL A 53 15.96 5.21 0.78
C VAL A 53 15.66 6.37 1.72
N THR A 54 15.76 6.13 3.02
CA THR A 54 15.49 7.16 4.01
C THR A 54 16.28 8.44 3.70
N GLY A 55 17.46 8.27 3.11
CA GLY A 55 18.28 9.42 2.77
C GLY A 55 17.51 10.46 1.98
N ALA A 56 16.59 10.00 1.14
CA ALA A 56 15.79 10.90 0.32
C ALA A 56 14.81 11.70 1.17
N LEU A 57 14.36 11.10 2.27
CA LEU A 57 13.42 11.75 3.17
C LEU A 57 14.07 12.92 3.89
N THR A 58 13.99 14.10 3.30
CA THR A 58 14.58 15.30 3.89
C THR A 58 13.51 16.34 4.23
N ALA A 59 13.94 17.51 4.65
CA ALA A 59 13.02 18.59 5.00
C ALA A 59 12.62 19.39 3.77
N ASN A 60 11.50 20.09 3.86
CA ASN A 60 11.01 20.90 2.74
C ASN A 60 10.81 20.05 1.49
N THR A 61 10.63 18.74 1.70
CA THR A 61 10.43 17.82 0.60
C THR A 61 9.01 17.27 0.59
N THR A 62 8.25 17.61 -0.46
CA THR A 62 6.88 17.14 -0.58
C THR A 62 6.79 15.82 -1.32
N TRP A 63 6.40 14.77 -0.60
CA TRP A 63 6.29 13.44 -1.20
C TRP A 63 5.21 12.62 -0.51
N THR A 64 4.43 11.89 -1.30
CA THR A 64 3.34 11.07 -0.76
C THR A 64 3.72 9.59 -0.77
N ILE A 65 3.98 9.04 0.41
CA ILE A 65 4.35 7.64 0.53
C ILE A 65 3.24 6.83 1.19
N LEU A 66 3.15 5.55 0.84
CA LEU A 66 2.13 4.68 1.40
C LEU A 66 2.74 3.68 2.37
N ALA A 67 2.32 3.76 3.62
CA ALA A 67 2.83 2.86 4.66
C ALA A 67 1.76 1.87 5.10
N PRO A 68 1.64 0.75 4.36
CA PRO A 68 0.67 -0.30 4.64
C PRO A 68 1.01 -1.07 5.92
N THR A 69 -0.03 -1.45 6.66
CA THR A 69 0.15 -2.19 7.91
C THR A 69 0.92 -3.49 7.67
N ASN A 70 1.41 -4.09 8.74
CA ASN A 70 2.17 -5.33 8.65
C ASN A 70 1.31 -6.44 8.05
N ASP A 71 0.04 -6.48 8.44
CA ASP A 71 -0.88 -7.49 7.94
C ASP A 71 -0.85 -7.55 6.42
N ALA A 72 -0.66 -6.40 5.79
CA ALA A 72 -0.61 -6.31 4.34
C ALA A 72 0.55 -7.13 3.79
N PHE A 73 1.73 -6.92 4.35
CA PHE A 73 2.93 -7.63 3.91
C PHE A 73 2.78 -9.14 4.14
N ALA A 74 2.46 -9.50 5.38
CA ALA A 74 2.29 -10.91 5.74
C ALA A 74 1.33 -11.60 4.79
N LYS A 75 0.34 -10.86 4.31
CA LYS A 75 -0.66 -11.41 3.39
C LYS A 75 -0.03 -11.70 2.02
N ARG A 76 0.54 -10.67 1.41
CA ARG A 76 1.17 -10.82 0.10
C ARG A 76 2.31 -11.83 0.16
N LEU A 77 3.00 -11.88 1.30
CA LEU A 77 4.10 -12.81 1.49
C LEU A 77 3.63 -14.26 1.38
N ALA A 78 2.61 -14.60 2.15
CA ALA A 78 2.05 -15.95 2.13
C ALA A 78 1.44 -16.27 0.77
N LYS A 79 0.84 -15.27 0.14
CA LYS A 79 0.22 -15.46 -1.17
C LYS A 79 1.27 -15.67 -2.25
N LEU A 80 2.38 -14.94 -2.13
CA LEU A 80 3.47 -15.05 -3.10
C LEU A 80 4.29 -16.31 -2.85
N ASN A 81 4.15 -16.88 -1.67
CA ASN A 81 4.88 -18.10 -1.31
C ASN A 81 6.38 -17.84 -1.28
N LEU A 82 6.79 -16.89 -0.44
CA LEU A 82 8.20 -16.55 -0.30
C LEU A 82 8.51 -16.05 1.11
N THR A 83 9.80 -15.96 1.42
CA THR A 83 10.23 -15.50 2.74
C THR A 83 10.80 -14.09 2.66
N ALA A 84 10.51 -13.29 3.69
CA ALA A 84 11.01 -11.91 3.76
C ALA A 84 12.53 -11.87 3.64
N ASP A 85 13.19 -12.87 4.21
CA ASP A 85 14.64 -12.94 4.18
C ASP A 85 15.17 -12.78 2.75
N ALA A 86 14.48 -13.41 1.81
CA ALA A 86 14.87 -13.34 0.41
C ALA A 86 14.72 -11.93 -0.13
N VAL A 87 13.66 -11.25 0.29
CA VAL A 87 13.40 -9.89 -0.16
C VAL A 87 14.40 -8.91 0.46
N LEU A 88 14.50 -8.94 1.78
CA LEU A 88 15.42 -8.05 2.50
C LEU A 88 16.84 -8.17 1.94
N LYS A 89 17.20 -9.39 1.54
CA LYS A 89 18.53 -9.65 0.99
C LYS A 89 18.61 -9.18 -0.46
N ASN A 90 17.47 -9.12 -1.13
CA ASN A 90 17.41 -8.68 -2.52
C ASN A 90 17.07 -7.19 -2.61
N LYS A 91 18.04 -6.36 -2.28
CA LYS A 91 17.85 -4.91 -2.33
C LYS A 91 17.47 -4.45 -3.74
N ASP A 92 18.04 -5.11 -4.74
CA ASP A 92 17.76 -4.78 -6.13
C ASP A 92 16.25 -4.78 -6.39
N LEU A 93 15.60 -5.88 -6.04
CA LEU A 93 14.16 -6.01 -6.23
C LEU A 93 13.39 -5.20 -5.19
N LEU A 94 13.92 -5.16 -3.98
CA LEU A 94 13.28 -4.43 -2.89
C LEU A 94 12.96 -3.00 -3.32
N VAL A 95 13.98 -2.27 -3.74
CA VAL A 95 13.80 -0.89 -4.18
C VAL A 95 12.68 -0.78 -5.21
N LYS A 96 12.52 -1.82 -6.02
CA LYS A 96 11.48 -1.84 -7.04
C LYS A 96 10.10 -1.88 -6.40
N ILE A 97 9.93 -2.74 -5.40
CA ILE A 97 8.66 -2.87 -4.71
C ILE A 97 8.31 -1.59 -3.96
N LEU A 98 9.25 -1.08 -3.19
CA LEU A 98 9.03 0.14 -2.43
C LEU A 98 8.85 1.35 -3.35
N SER A 99 9.55 1.32 -4.48
CA SER A 99 9.47 2.40 -5.46
C SER A 99 8.02 2.72 -5.80
N TYR A 100 7.24 1.68 -6.08
CA TYR A 100 5.83 1.85 -6.43
C TYR A 100 5.05 2.42 -5.24
N HIS A 101 5.43 2.01 -4.04
CA HIS A 101 4.77 2.47 -2.83
C HIS A 101 4.94 3.98 -2.66
N VAL A 102 5.91 4.54 -3.38
CA VAL A 102 6.19 5.96 -3.31
C VAL A 102 5.43 6.73 -4.39
N ILE A 103 4.92 7.90 -4.03
CA ILE A 103 4.18 8.74 -4.98
C ILE A 103 4.77 10.14 -5.05
N PRO A 104 5.71 10.35 -5.98
CA PRO A 104 6.36 11.64 -6.18
C PRO A 104 5.42 12.68 -6.76
N SER A 105 4.24 12.24 -7.19
CA SER A 105 3.25 13.13 -7.78
C SER A 105 3.03 14.35 -6.88
N GLY A 106 3.14 14.15 -5.58
CA GLY A 106 2.95 15.24 -4.64
C GLY A 106 1.71 15.05 -3.79
N ALA A 107 1.67 15.75 -2.65
CA ALA A 107 0.54 15.65 -1.74
C ALA A 107 -0.77 15.92 -2.47
N VAL A 108 -1.67 14.95 -2.44
CA VAL A 108 -2.97 15.09 -3.10
C VAL A 108 -4.02 15.61 -2.13
N TYR A 109 -4.97 16.38 -2.66
CA TYR A 109 -6.03 16.95 -1.84
C TYR A 109 -7.27 16.05 -1.85
N SER A 110 -7.94 15.95 -0.71
CA SER A 110 -9.13 15.13 -0.59
C SER A 110 -10.22 15.58 -1.57
N LYS A 111 -10.30 16.89 -1.78
CA LYS A 111 -11.28 17.46 -2.70
C LYS A 111 -10.97 17.06 -4.14
N ALA A 112 -9.68 16.98 -4.46
CA ALA A 112 -9.26 16.62 -5.81
C ALA A 112 -9.52 15.14 -6.08
N LEU A 113 -9.57 14.34 -5.02
CA LEU A 113 -9.82 12.91 -5.15
C LEU A 113 -11.07 12.65 -5.98
N LYS A 114 -11.00 11.62 -6.83
CA LYS A 114 -12.13 11.26 -7.68
C LYS A 114 -12.07 9.79 -8.06
N ASP A 115 -13.04 9.34 -8.86
CA ASP A 115 -13.09 7.95 -9.30
C ASP A 115 -12.14 7.71 -10.47
N ASN A 116 -12.03 8.70 -11.35
CA ASN A 116 -11.15 8.60 -12.50
C ASN A 116 -9.76 9.15 -12.18
N ALA A 117 -9.70 10.06 -11.22
CA ALA A 117 -8.43 10.67 -10.82
C ALA A 117 -7.36 9.60 -10.62
N THR A 118 -6.34 9.62 -11.48
CA THR A 118 -5.25 8.66 -11.40
C THR A 118 -4.02 9.27 -10.73
N VAL A 119 -3.19 8.43 -10.15
CA VAL A 119 -1.97 8.89 -9.48
C VAL A 119 -0.74 8.21 -10.06
N ALA A 120 0.30 9.01 -10.32
CA ALA A 120 1.55 8.50 -10.88
C ALA A 120 2.55 8.19 -9.77
N THR A 121 3.17 7.02 -9.85
CA THR A 121 4.16 6.61 -8.86
C THR A 121 5.57 6.90 -9.34
N ALA A 122 6.56 6.58 -8.50
CA ALA A 122 7.95 6.80 -8.85
C ALA A 122 8.43 5.82 -9.91
N LEU A 123 7.84 4.63 -9.92
CA LEU A 123 8.20 3.60 -10.89
C LEU A 123 7.62 3.91 -12.26
N LYS A 124 8.46 3.86 -13.28
CA LYS A 124 8.04 4.14 -14.65
C LYS A 124 6.93 3.18 -15.07
N ASP A 125 5.95 3.71 -15.81
CA ASP A 125 4.82 2.89 -16.28
C ASP A 125 4.08 2.27 -15.10
N ALA A 126 3.85 3.06 -14.07
CA ALA A 126 3.14 2.59 -12.88
C ALA A 126 2.24 3.68 -12.32
N SER A 127 0.93 3.43 -12.33
CA SER A 127 -0.04 4.39 -11.82
C SER A 127 -1.23 3.67 -11.19
N VAL A 128 -1.88 4.33 -10.25
CA VAL A 128 -3.04 3.76 -9.57
C VAL A 128 -4.27 4.65 -9.75
N THR A 129 -5.45 4.03 -9.67
CA THR A 129 -6.70 4.77 -9.83
C THR A 129 -7.36 5.03 -8.47
N VAL A 130 -7.93 6.21 -8.32
CA VAL A 130 -8.60 6.58 -7.07
C VAL A 130 -10.07 6.19 -7.10
N ARG A 131 -10.55 5.64 -5.98
CA ARG A 131 -11.94 5.23 -5.87
C ARG A 131 -12.51 5.58 -4.50
N LEU A 132 -13.68 6.21 -4.50
CA LEU A 132 -14.34 6.61 -3.26
C LEU A 132 -15.35 5.55 -2.81
N TYR A 133 -15.06 4.90 -1.69
CA TYR A 133 -15.95 3.87 -1.15
C TYR A 133 -16.10 4.01 0.35
N GLN A 134 -17.32 4.23 0.81
CA GLN A 134 -17.60 4.38 2.23
C GLN A 134 -16.74 5.47 2.84
N GLY A 135 -16.62 6.59 2.12
CA GLY A 135 -15.82 7.71 2.60
C GLY A 135 -14.39 7.32 2.87
N LYS A 136 -13.90 6.30 2.15
CA LYS A 136 -12.53 5.83 2.31
C LYS A 136 -11.83 5.75 0.96
N VAL A 137 -10.59 6.24 0.91
CA VAL A 137 -9.81 6.22 -0.32
C VAL A 137 -9.35 4.80 -0.65
N MET A 138 -9.71 4.34 -1.84
CA MET A 138 -9.33 3.01 -2.30
C MET A 138 -8.49 3.08 -3.57
N PHE A 139 -7.44 2.25 -3.62
CA PHE A 139 -6.56 2.21 -4.79
C PHE A 139 -6.76 0.94 -5.58
N LYS A 140 -6.68 1.04 -6.90
CA LYS A 140 -6.85 -0.10 -7.78
C LYS A 140 -5.81 -0.09 -8.90
N GLY A 141 -5.31 -1.27 -9.25
CA GLY A 141 -4.31 -1.39 -10.30
C GLY A 141 -4.58 -2.55 -11.23
N PRO A 142 -3.55 -2.93 -12.01
CA PRO A 142 -3.66 -4.05 -12.96
C PRO A 142 -3.78 -5.39 -12.27
N VAL A 143 -3.16 -5.52 -11.10
CA VAL A 143 -3.20 -6.76 -10.35
C VAL A 143 -3.31 -6.49 -8.85
N ASN A 144 -4.34 -7.04 -8.23
CA ASN A 144 -4.56 -6.86 -6.80
C ASN A 144 -4.87 -5.39 -6.48
N LYS A 145 -5.60 -5.17 -5.40
CA LYS A 145 -5.96 -3.82 -4.98
C LYS A 145 -5.97 -3.71 -3.46
N ALA A 146 -6.03 -2.48 -2.96
CA ALA A 146 -6.06 -2.23 -1.53
C ALA A 146 -6.85 -0.97 -1.20
N GLN A 147 -7.03 -0.71 0.09
CA GLN A 147 -7.77 0.47 0.54
C GLN A 147 -7.07 1.13 1.72
N VAL A 148 -7.06 2.46 1.72
CA VAL A 148 -6.44 3.22 2.79
C VAL A 148 -7.28 3.22 4.05
N THR A 149 -6.75 2.62 5.12
CA THR A 149 -7.47 2.54 6.38
C THR A 149 -7.35 3.85 7.15
N VAL A 150 -6.12 4.21 7.52
CA VAL A 150 -5.88 5.44 8.28
C VAL A 150 -4.96 6.38 7.49
N ALA A 151 -5.51 7.51 7.08
CA ALA A 151 -4.75 8.50 6.32
C ALA A 151 -4.69 9.83 7.07
N ASP A 152 -4.17 10.86 6.39
CA ASP A 152 -4.06 12.18 7.00
C ASP A 152 -3.05 12.18 8.14
N ILE A 153 -1.99 11.40 7.97
CA ILE A 153 -0.94 11.31 8.99
C ILE A 153 -0.15 12.61 9.08
N LYS A 154 -0.37 13.36 10.15
CA LYS A 154 0.33 14.61 10.36
C LYS A 154 1.84 14.42 10.27
N ALA A 155 2.43 14.91 9.17
CA ALA A 155 3.87 14.79 8.97
C ALA A 155 4.50 16.15 8.71
N GLY A 156 5.82 16.17 8.56
CA GLY A 156 6.52 17.42 8.31
C GLY A 156 7.22 17.43 6.96
N GLY A 157 6.73 18.28 6.06
CA GLY A 157 7.33 18.37 4.73
C GLY A 157 6.71 17.39 3.76
N SER A 158 6.38 16.20 4.24
CA SER A 158 5.78 15.16 3.40
C SER A 158 4.52 14.61 4.04
N VAL A 159 3.88 13.66 3.35
CA VAL A 159 2.66 13.04 3.85
C VAL A 159 2.66 11.54 3.59
N ILE A 160 2.15 10.78 4.55
CA ILE A 160 2.09 9.33 4.43
C ILE A 160 0.71 8.80 4.81
N HIS A 161 0.25 7.78 4.09
CA HIS A 161 -1.04 7.18 4.36
C HIS A 161 -0.90 5.71 4.73
N VAL A 162 -1.78 5.24 5.61
CA VAL A 162 -1.75 3.85 6.05
C VAL A 162 -2.77 3.02 5.30
N ILE A 163 -2.30 1.95 4.64
CA ILE A 163 -3.17 1.08 3.89
C ILE A 163 -3.29 -0.30 4.56
N ASN A 164 -4.39 -0.99 4.28
CA ASN A 164 -4.62 -2.30 4.86
C ASN A 164 -3.90 -3.39 4.05
N ASP A 165 -3.81 -3.18 2.75
CA ASP A 165 -3.15 -4.14 1.86
C ASP A 165 -2.00 -3.47 1.11
N VAL A 166 -1.15 -4.28 0.49
CA VAL A 166 -0.01 -3.76 -0.26
C VAL A 166 -0.32 -3.76 -1.76
N LEU A 167 0.25 -2.76 -2.45
CA LEU A 167 0.05 -2.63 -3.89
C LEU A 167 1.36 -2.82 -4.65
N LEU A 168 1.42 -3.87 -5.47
CA LEU A 168 2.61 -4.15 -6.25
C LEU A 168 2.53 -3.52 -7.64
N PRO A 169 3.69 -3.07 -8.16
CA PRO A 169 3.76 -2.45 -9.49
C PRO A 169 3.52 -3.46 -10.61
N PRO A 170 3.29 -2.92 -11.83
CA PRO A 170 3.04 -3.76 -13.02
C PRO A 170 4.28 -4.52 -13.46
N GLY A 171 4.08 -5.61 -14.18
CA GLY A 171 5.19 -6.41 -14.65
C GLY A 171 5.92 -7.13 -13.53
N VAL A 172 5.20 -7.40 -12.45
CA VAL A 172 5.77 -8.08 -11.30
C VAL A 172 4.89 -9.23 -10.84
N VAL A 173 4.38 -10.00 -11.80
CA VAL A 173 3.51 -11.13 -11.50
C VAL A 173 3.65 -12.22 -12.55
N SER A 174 4.03 -13.42 -12.12
CA SER A 174 4.21 -14.54 -13.02
C SER A 174 2.87 -15.25 -13.28
N ASP A 175 2.80 -15.98 -14.39
CA ASP A 175 1.58 -16.70 -14.74
C ASP A 175 1.08 -17.55 -13.58
N ALA A 176 2.00 -18.29 -12.97
CA ALA A 176 1.66 -19.15 -11.84
C ALA A 176 1.27 -18.32 -10.62
N VAL A 177 1.99 -17.23 -10.39
CA VAL A 177 1.71 -16.35 -9.26
C VAL A 177 0.28 -15.84 -9.30
N ALA A 178 -0.04 -15.09 -10.34
CA ALA A 178 -1.38 -14.54 -10.50
C ALA A 178 -2.43 -15.64 -10.50
N LYS A 179 -2.08 -16.79 -11.07
CA LYS A 179 -3.00 -17.93 -11.13
C LYS A 179 -3.42 -18.36 -9.72
N GLN A 180 -2.47 -18.38 -8.80
CA GLN A 180 -2.74 -18.77 -7.43
C GLN A 180 -3.90 -17.97 -6.85
N TRP A 181 -3.83 -16.65 -7.00
CA TRP A 181 -4.88 -15.77 -6.49
C TRP A 181 -6.20 -16.03 -7.21
N LYS A 182 -6.12 -16.33 -8.50
CA LYS A 182 -7.31 -16.59 -9.30
C LYS A 182 -8.02 -17.85 -8.80
N ALA A 183 -7.27 -18.77 -8.22
CA ALA A 183 -7.82 -20.00 -7.71
C ALA A 183 -9.05 -19.73 -6.84
N GLU A 184 -9.05 -18.59 -6.17
CA GLU A 184 -10.16 -18.21 -5.30
C GLU A 184 -11.49 -18.37 -6.03
N TRP A 185 -11.54 -17.93 -7.28
CA TRP A 185 -12.75 -18.03 -8.09
C TRP A 185 -12.85 -19.38 -8.76
N GLU A 186 -11.71 -19.94 -9.16
CA GLU A 186 -11.67 -21.23 -9.83
C GLU A 186 -12.27 -22.31 -8.92
N ALA A 187 -12.12 -22.13 -7.61
CA ALA A 187 -12.65 -23.09 -6.65
C ALA A 187 -14.09 -23.45 -6.96
N MET A 188 -14.83 -22.49 -7.50
CA MET A 188 -16.23 -22.70 -7.84
C MET A 188 -16.40 -23.97 -8.68
N LYS A 189 -15.42 -24.24 -9.54
CA LYS A 189 -15.45 -25.41 -10.39
C LYS A 189 -14.06 -25.79 -10.86
N ALA A 190 -13.43 -26.74 -10.16
CA ALA A 190 -12.10 -27.18 -10.49
C ALA A 190 -11.72 -28.44 -9.70
N GLU A 191 -10.45 -28.81 -9.76
CA GLU A 191 -9.96 -29.98 -9.05
C GLU A 191 -8.73 -29.64 -8.21
N LYS A 192 -8.96 -29.08 -7.03
CA LYS A 192 -7.88 -28.70 -6.13
C LYS A 192 -8.01 -29.42 -4.79
N LYS A 193 -7.06 -29.16 -3.89
CA LYS A 193 -7.08 -29.77 -2.57
C LYS A 193 -7.68 -28.82 -1.53
N VAL A 194 -8.33 -29.40 -0.52
CA VAL A 194 -8.95 -28.60 0.54
C VAL A 194 -7.91 -28.15 1.56
N ALA A 195 -8.13 -26.98 2.14
CA ALA A 195 -7.22 -26.44 3.14
C ALA A 195 -7.78 -25.17 3.76
N PRO A 196 -8.80 -25.32 4.62
CA PRO A 196 -9.45 -24.20 5.29
C PRO A 196 -8.54 -23.54 6.34
N LYS A 197 -9.11 -22.64 7.12
CA LYS A 197 -8.36 -21.94 8.17
C LYS A 197 -9.15 -21.89 9.47
N ALA A 198 -8.52 -21.39 10.52
CA ALA A 198 -9.17 -21.27 11.82
C ALA A 198 -10.24 -20.18 11.80
N THR A 199 -11.21 -20.29 12.71
CA THR A 199 -12.28 -19.31 12.79
C THR A 199 -12.08 -18.37 13.98
N THR A 200 -12.83 -17.27 13.99
CA THR A 200 -12.73 -16.30 15.07
C THR A 200 -14.11 -15.76 15.46
N GLY A 201 -14.27 -15.43 16.74
CA GLY A 201 -15.54 -14.91 17.21
C GLY A 201 -16.27 -15.89 18.11
N ARG A 202 -17.14 -15.38 18.96
CA ARG A 202 -17.90 -16.21 19.88
C ARG A 202 -18.68 -17.28 19.12
N ARG A 203 -18.69 -18.50 19.67
CA ARG A 203 -19.40 -19.60 19.04
C ARG A 203 -19.54 -20.77 20.01
N PHE A 204 -20.78 -21.18 20.26
CA PHE A 204 -21.05 -22.30 21.17
C PHE A 204 -20.45 -23.59 20.64
N LEU A 205 -19.62 -24.24 21.47
CA LEU A 205 -18.98 -25.48 21.08
C LEU A 205 -20.01 -26.59 20.87
N LEU A 206 -19.91 -27.27 19.73
CA LEU A 206 -20.83 -28.36 19.41
C LEU A 206 -20.20 -29.72 19.68
N PHE A 207 -19.03 -29.95 19.08
CA PHE A 207 -18.33 -31.21 19.25
C PHE A 207 -17.15 -31.04 20.21
N GLY A 1 -7.89 -34.66 3.85
CA GLY A 1 -8.09 -36.08 3.99
C GLY A 1 -7.01 -36.74 4.83
N PRO A 2 -7.07 -38.07 4.95
CA PRO A 2 -6.11 -38.85 5.73
C PRO A 2 -4.73 -38.87 5.09
N HIS A 3 -3.97 -37.78 5.28
CA HIS A 3 -2.63 -37.69 4.71
C HIS A 3 -1.77 -36.71 5.53
N MET A 4 -0.84 -37.24 6.30
CA MET A 4 0.04 -36.42 7.12
C MET A 4 0.94 -35.55 6.24
N ALA A 5 0.58 -34.27 6.11
CA ALA A 5 1.35 -33.34 5.31
C ALA A 5 2.49 -32.73 6.12
N THR A 6 3.71 -32.92 5.63
CA THR A 6 4.89 -32.38 6.31
C THR A 6 5.71 -31.51 5.39
N PRO A 7 5.18 -30.33 5.05
CA PRO A 7 5.86 -29.37 4.16
C PRO A 7 7.08 -28.74 4.81
N LYS A 8 6.98 -28.45 6.10
CA LYS A 8 8.08 -27.85 6.84
C LYS A 8 8.44 -26.49 6.26
N ALA A 9 7.42 -25.70 5.94
CA ALA A 9 7.63 -24.37 5.38
C ALA A 9 7.07 -23.29 6.30
N ASN A 10 7.32 -23.45 7.60
CA ASN A 10 6.84 -22.49 8.58
C ASN A 10 7.98 -21.64 9.13
N ALA A 11 8.20 -20.48 8.50
CA ALA A 11 9.27 -19.58 8.92
C ALA A 11 9.06 -19.11 10.36
N THR A 12 7.97 -18.40 10.58
CA THR A 12 7.64 -17.89 11.92
C THR A 12 6.16 -18.05 12.23
N THR A 13 5.87 -18.51 13.44
CA THR A 13 4.48 -18.71 13.86
C THR A 13 4.08 -17.70 14.93
N ALA A 14 4.41 -16.43 14.69
CA ALA A 14 4.08 -15.36 15.62
C ALA A 14 4.05 -14.02 14.92
N LYS A 15 3.08 -13.18 15.29
CA LYS A 15 2.95 -11.86 14.69
C LYS A 15 1.97 -11.00 15.50
N PRO A 16 2.42 -10.56 16.69
CA PRO A 16 1.61 -9.72 17.57
C PRO A 16 1.40 -8.32 17.03
N ALA A 17 0.64 -7.50 17.75
CA ALA A 17 0.38 -6.13 17.34
C ALA A 17 0.01 -5.26 18.54
N SER A 18 0.55 -4.04 18.57
CA SER A 18 0.28 -3.11 19.65
C SER A 18 0.57 -1.68 19.22
N THR A 19 -0.40 -0.80 19.46
CA THR A 19 -0.24 0.60 19.10
C THR A 19 0.76 1.31 20.00
N THR A 20 1.71 2.02 19.39
CA THR A 20 2.73 2.73 20.14
C THR A 20 2.83 4.19 19.69
N SER A 21 1.68 4.82 19.49
CA SER A 21 1.62 6.22 19.06
C SER A 21 1.09 7.10 20.18
N THR A 22 1.35 8.40 20.06
CA THR A 22 0.88 9.37 21.05
C THR A 22 1.21 10.80 20.63
N PRO A 23 2.53 11.08 20.48
CA PRO A 23 3.00 12.41 20.08
C PRO A 23 2.66 12.73 18.63
N VAL A 24 3.05 13.92 18.19
CA VAL A 24 2.79 14.34 16.81
C VAL A 24 4.09 14.54 16.05
N TYR A 25 4.09 14.14 14.78
CA TYR A 25 5.27 14.26 13.93
C TYR A 25 5.36 15.66 13.33
N ALA A 26 6.49 16.33 13.58
CA ALA A 26 6.72 17.67 13.07
C ALA A 26 7.55 17.65 11.79
N THR A 27 8.48 16.70 11.71
CA THR A 27 9.33 16.57 10.54
C THR A 27 9.39 15.12 10.06
N LEU A 28 9.82 14.93 8.82
CA LEU A 28 9.91 13.59 8.24
C LEU A 28 10.70 12.65 9.15
N SER A 29 11.83 13.13 9.64
CA SER A 29 12.67 12.33 10.53
C SER A 29 11.85 11.75 11.67
N ASN A 30 10.97 12.55 12.24
CA ASN A 30 10.12 12.11 13.34
C ASN A 30 9.13 11.05 12.88
N ALA A 31 8.60 11.24 11.66
CA ALA A 31 7.63 10.30 11.09
C ALA A 31 8.28 8.94 10.87
N VAL A 32 9.41 8.92 10.18
CA VAL A 32 10.13 7.68 9.90
C VAL A 32 10.40 6.90 11.18
N THR A 33 10.99 7.58 12.16
CA THR A 33 11.31 6.95 13.44
C THR A 33 10.06 6.41 14.12
N ALA A 34 8.94 7.11 13.93
CA ALA A 34 7.68 6.70 14.53
C ALA A 34 7.23 5.35 13.99
N GLY A 35 7.09 5.26 12.67
CA GLY A 35 6.67 4.01 12.05
C GLY A 35 7.58 2.85 12.41
N ALA A 36 8.88 3.11 12.44
CA ALA A 36 9.86 2.08 12.78
C ALA A 36 9.67 1.59 14.21
N ALA A 37 9.28 2.50 15.10
CA ALA A 37 9.06 2.15 16.50
C ALA A 37 7.79 1.32 16.66
N ALA A 38 6.84 1.51 15.77
CA ALA A 38 5.58 0.78 15.82
C ALA A 38 5.67 -0.53 15.05
N PRO A 39 5.00 -1.57 15.57
CA PRO A 39 5.00 -2.89 14.95
C PRO A 39 4.21 -2.92 13.63
N GLN A 40 3.20 -2.07 13.54
CA GLN A 40 2.36 -2.00 12.35
C GLN A 40 3.22 -1.82 11.10
N LEU A 41 4.33 -1.10 11.25
CA LEU A 41 5.24 -0.85 10.13
C LEU A 41 6.51 -1.69 10.28
N THR A 42 6.37 -2.89 10.83
CA THR A 42 7.52 -3.77 11.03
C THR A 42 8.20 -4.09 9.70
N THR A 43 7.47 -4.73 8.80
CA THR A 43 8.01 -5.09 7.50
C THR A 43 8.45 -3.86 6.73
N LEU A 44 7.56 -2.87 6.63
CA LEU A 44 7.86 -1.64 5.91
C LEU A 44 9.16 -1.03 6.42
N PHE A 45 9.25 -0.82 7.72
CA PHE A 45 10.44 -0.24 8.33
C PHE A 45 11.69 -0.98 7.88
N ALA A 46 11.63 -2.30 7.89
CA ALA A 46 12.76 -3.13 7.47
C ALA A 46 13.14 -2.85 6.02
N ALA A 47 12.14 -2.54 5.20
CA ALA A 47 12.37 -2.25 3.79
C ALA A 47 12.89 -0.83 3.60
N VAL A 48 12.13 0.15 4.07
CA VAL A 48 12.53 1.55 3.95
C VAL A 48 13.92 1.78 4.56
N ARG A 49 14.23 1.04 5.60
CA ARG A 49 15.51 1.15 6.27
C ARG A 49 16.62 0.52 5.44
N ALA A 50 16.54 -0.79 5.24
CA ALA A 50 17.53 -1.51 4.46
C ALA A 50 17.71 -0.90 3.08
N ALA A 51 16.63 -0.35 2.54
CA ALA A 51 16.66 0.28 1.23
C ALA A 51 17.52 1.54 1.24
N ASN A 52 17.61 2.17 2.41
CA ASN A 52 18.40 3.39 2.56
C ASN A 52 17.80 4.53 1.72
N VAL A 53 16.48 4.57 1.66
CA VAL A 53 15.79 5.61 0.90
C VAL A 53 15.36 6.76 1.80
N THR A 54 15.37 6.52 3.11
CA THR A 54 14.99 7.54 4.07
C THR A 54 15.74 8.85 3.83
N GLY A 55 16.98 8.73 3.37
CA GLY A 55 17.78 9.92 3.10
C GLY A 55 17.08 10.89 2.17
N ALA A 56 16.20 10.38 1.32
CA ALA A 56 15.46 11.21 0.39
C ALA A 56 14.44 12.09 1.12
N LEU A 57 13.93 11.58 2.25
CA LEU A 57 12.96 12.32 3.03
C LEU A 57 13.59 13.54 3.69
N THR A 58 13.56 14.67 2.98
CA THR A 58 14.14 15.91 3.49
C THR A 58 13.06 16.97 3.69
N ALA A 59 13.49 18.17 4.07
CA ALA A 59 12.56 19.27 4.29
C ALA A 59 12.23 19.99 2.98
N ASN A 60 11.09 20.68 2.97
CA ASN A 60 10.66 21.41 1.78
C ASN A 60 10.41 20.45 0.62
N THR A 61 10.28 19.16 0.93
CA THR A 61 10.05 18.16 -0.09
C THR A 61 8.64 17.58 0.03
N THR A 62 7.79 17.87 -0.96
CA THR A 62 6.43 17.38 -0.98
C THR A 62 6.32 16.03 -1.67
N TRP A 63 6.00 15.00 -0.89
CA TRP A 63 5.88 13.65 -1.44
C TRP A 63 4.84 12.84 -0.65
N THR A 64 4.17 11.92 -1.34
CA THR A 64 3.15 11.09 -0.71
C THR A 64 3.55 9.62 -0.75
N ILE A 65 3.92 9.09 0.40
CA ILE A 65 4.32 7.68 0.51
C ILE A 65 3.23 6.84 1.16
N LEU A 66 3.13 5.59 0.74
CA LEU A 66 2.13 4.68 1.29
C LEU A 66 2.76 3.73 2.32
N ALA A 67 2.28 3.81 3.55
CA ALA A 67 2.79 2.96 4.63
C ALA A 67 1.74 1.95 5.06
N PRO A 68 1.64 0.85 4.31
CA PRO A 68 0.68 -0.23 4.60
C PRO A 68 1.04 -1.01 5.86
N THR A 69 0.01 -1.43 6.60
CA THR A 69 0.22 -2.18 7.83
C THR A 69 1.03 -3.45 7.58
N ASN A 70 1.38 -4.15 8.65
CA ASN A 70 2.15 -5.38 8.54
C ASN A 70 1.32 -6.49 7.91
N ASP A 71 0.05 -6.54 8.26
CA ASP A 71 -0.86 -7.56 7.73
C ASP A 71 -0.79 -7.59 6.20
N ALA A 72 -0.60 -6.42 5.60
CA ALA A 72 -0.52 -6.31 4.15
C ALA A 72 0.60 -7.17 3.60
N PHE A 73 1.84 -6.85 3.97
CA PHE A 73 3.00 -7.60 3.52
C PHE A 73 2.82 -9.09 3.78
N ALA A 74 2.36 -9.42 4.98
CA ALA A 74 2.14 -10.82 5.35
C ALA A 74 1.14 -11.48 4.44
N LYS A 75 0.19 -10.70 3.94
CA LYS A 75 -0.84 -11.22 3.05
C LYS A 75 -0.27 -11.55 1.68
N ARG A 76 0.29 -10.54 1.02
CA ARG A 76 0.88 -10.73 -0.30
C ARG A 76 1.88 -11.88 -0.29
N LEU A 77 2.70 -11.94 0.75
CA LEU A 77 3.70 -12.99 0.87
C LEU A 77 3.04 -14.34 1.14
N ALA A 78 2.06 -14.34 2.04
CA ALA A 78 1.35 -15.57 2.38
C ALA A 78 0.85 -16.28 1.13
N LYS A 79 0.27 -15.51 0.21
CA LYS A 79 -0.25 -16.07 -1.04
C LYS A 79 0.88 -16.32 -2.03
N LEU A 80 1.97 -15.56 -1.89
CA LEU A 80 3.11 -15.70 -2.78
C LEU A 80 3.93 -16.94 -2.43
N ASN A 81 3.73 -17.45 -1.22
CA ASN A 81 4.44 -18.64 -0.77
C ASN A 81 5.95 -18.47 -0.96
N LEU A 82 6.50 -17.41 -0.40
CA LEU A 82 7.93 -17.14 -0.51
C LEU A 82 8.48 -16.55 0.79
N THR A 83 9.77 -16.29 0.81
CA THR A 83 10.42 -15.72 2.00
C THR A 83 10.66 -14.22 1.83
N ALA A 84 10.49 -13.48 2.92
CA ALA A 84 10.70 -12.04 2.90
C ALA A 84 12.18 -11.69 2.98
N ASP A 85 12.93 -12.48 3.75
CA ASP A 85 14.36 -12.25 3.92
C ASP A 85 15.06 -12.15 2.56
N ALA A 86 14.66 -13.00 1.62
CA ALA A 86 15.23 -12.98 0.29
C ALA A 86 15.19 -11.59 -0.32
N VAL A 87 14.12 -10.85 -0.02
CA VAL A 87 13.97 -9.50 -0.55
C VAL A 87 14.77 -8.49 0.27
N LEU A 88 14.58 -8.53 1.59
CA LEU A 88 15.28 -7.62 2.49
C LEU A 88 16.79 -7.72 2.28
N LYS A 89 17.27 -8.93 2.02
CA LYS A 89 18.70 -9.15 1.79
C LYS A 89 19.12 -8.63 0.42
N ASN A 90 18.16 -8.56 -0.49
CA ASN A 90 18.44 -8.09 -1.85
C ASN A 90 17.95 -6.66 -2.03
N LYS A 91 18.90 -5.72 -2.04
CA LYS A 91 18.58 -4.31 -2.20
C LYS A 91 17.86 -4.07 -3.52
N ASP A 92 18.31 -4.76 -4.57
CA ASP A 92 17.70 -4.62 -5.89
C ASP A 92 16.19 -4.81 -5.82
N LEU A 93 15.75 -5.84 -5.11
CA LEU A 93 14.33 -6.14 -4.97
C LEU A 93 13.68 -5.15 -4.00
N LEU A 94 14.41 -4.76 -2.97
CA LEU A 94 13.90 -3.83 -1.97
C LEU A 94 13.35 -2.57 -2.63
N VAL A 95 14.19 -1.93 -3.44
CA VAL A 95 13.79 -0.70 -4.13
C VAL A 95 12.73 -1.01 -5.20
N LYS A 96 12.85 -2.17 -5.83
CA LYS A 96 11.91 -2.58 -6.86
C LYS A 96 10.47 -2.45 -6.37
N ILE A 97 10.18 -3.07 -5.23
CA ILE A 97 8.84 -3.01 -4.65
C ILE A 97 8.52 -1.61 -4.14
N LEU A 98 9.49 -1.00 -3.47
CA LEU A 98 9.30 0.34 -2.91
C LEU A 98 8.93 1.32 -4.01
N SER A 99 9.38 1.04 -5.24
CA SER A 99 9.09 1.91 -6.38
C SER A 99 7.59 2.12 -6.53
N TYR A 100 6.83 1.05 -6.37
CA TYR A 100 5.37 1.13 -6.49
C TYR A 100 4.73 1.38 -5.13
N HIS A 101 5.42 2.12 -4.28
CA HIS A 101 4.91 2.43 -2.95
C HIS A 101 4.92 3.93 -2.70
N VAL A 102 5.88 4.63 -3.32
CA VAL A 102 5.98 6.07 -3.17
C VAL A 102 5.25 6.80 -4.29
N ILE A 103 4.76 7.99 -3.99
CA ILE A 103 4.05 8.80 -4.97
C ILE A 103 4.71 10.16 -5.16
N PRO A 104 5.54 10.28 -6.20
CA PRO A 104 6.24 11.52 -6.51
C PRO A 104 5.31 12.61 -7.02
N SER A 105 4.12 12.20 -7.44
CA SER A 105 3.13 13.14 -7.97
C SER A 105 2.96 14.33 -7.01
N GLY A 106 3.08 14.06 -5.71
CA GLY A 106 2.94 15.12 -4.73
C GLY A 106 1.74 14.90 -3.81
N ALA A 107 1.56 15.80 -2.85
CA ALA A 107 0.46 15.71 -1.92
C ALA A 107 -0.88 15.81 -2.63
N VAL A 108 -1.68 14.75 -2.55
CA VAL A 108 -2.99 14.72 -3.20
C VAL A 108 -4.05 15.36 -2.31
N TYR A 109 -4.90 16.18 -2.92
CA TYR A 109 -5.96 16.85 -2.19
C TYR A 109 -7.29 16.14 -2.36
N SER A 110 -8.14 16.19 -1.33
CA SER A 110 -9.44 15.54 -1.37
C SER A 110 -10.22 15.97 -2.59
N LYS A 111 -10.08 17.24 -2.97
CA LYS A 111 -10.78 17.78 -4.13
C LYS A 111 -10.29 17.12 -5.42
N ALA A 112 -9.00 16.83 -5.47
CA ALA A 112 -8.41 16.19 -6.64
C ALA A 112 -8.85 14.74 -6.75
N LEU A 113 -9.19 14.13 -5.61
CA LEU A 113 -9.62 12.74 -5.58
C LEU A 113 -10.85 12.54 -6.46
N LYS A 114 -10.84 11.46 -7.23
CA LYS A 114 -11.95 11.14 -8.12
C LYS A 114 -11.84 9.71 -8.66
N ASP A 115 -12.97 9.11 -8.97
CA ASP A 115 -13.00 7.74 -9.49
C ASP A 115 -12.05 7.60 -10.68
N ASN A 116 -11.94 8.66 -11.47
CA ASN A 116 -11.06 8.65 -12.63
C ASN A 116 -9.66 9.16 -12.28
N ALA A 117 -9.60 10.01 -11.26
CA ALA A 117 -8.33 10.56 -10.81
C ALA A 117 -7.28 9.48 -10.66
N THR A 118 -6.27 9.50 -11.52
CA THR A 118 -5.19 8.52 -11.48
C THR A 118 -3.99 9.04 -10.71
N VAL A 119 -3.20 8.13 -10.16
CA VAL A 119 -2.01 8.51 -9.40
C VAL A 119 -0.81 7.68 -9.82
N ALA A 120 0.25 8.36 -10.25
CA ALA A 120 1.47 7.68 -10.67
C ALA A 120 2.38 7.38 -9.49
N THR A 121 3.19 6.33 -9.61
CA THR A 121 4.11 5.94 -8.54
C THR A 121 5.55 6.04 -8.99
N ALA A 122 6.47 5.99 -8.04
CA ALA A 122 7.90 6.08 -8.34
C ALA A 122 8.31 5.01 -9.36
N LEU A 123 7.55 3.93 -9.41
CA LEU A 123 7.84 2.84 -10.34
C LEU A 123 7.45 3.22 -11.76
N LYS A 124 8.38 3.01 -12.69
CA LYS A 124 8.14 3.33 -14.10
C LYS A 124 6.94 2.55 -14.64
N ASP A 125 6.18 3.18 -15.52
CA ASP A 125 5.01 2.54 -16.11
C ASP A 125 4.10 1.97 -15.02
N ALA A 126 3.97 2.68 -13.92
CA ALA A 126 3.13 2.25 -12.81
C ALA A 126 2.15 3.34 -12.39
N SER A 127 0.87 3.08 -12.58
CA SER A 127 -0.16 4.05 -12.21
C SER A 127 -1.39 3.35 -11.63
N VAL A 128 -2.00 3.96 -10.62
CA VAL A 128 -3.17 3.41 -9.98
C VAL A 128 -4.35 4.36 -10.07
N THR A 129 -5.57 3.81 -9.96
CA THR A 129 -6.78 4.61 -10.03
C THR A 129 -7.35 4.85 -8.64
N VAL A 130 -7.93 6.05 -8.44
CA VAL A 130 -8.51 6.40 -7.15
C VAL A 130 -9.98 6.00 -7.10
N ARG A 131 -10.43 5.54 -5.93
CA ARG A 131 -11.82 5.14 -5.74
C ARG A 131 -12.33 5.57 -4.37
N LEU A 132 -13.51 6.19 -4.36
CA LEU A 132 -14.12 6.67 -3.12
C LEU A 132 -15.26 5.76 -2.70
N TYR A 133 -15.13 5.16 -1.51
CA TYR A 133 -16.16 4.26 -1.00
C TYR A 133 -16.34 4.47 0.50
N GLN A 134 -17.58 4.76 0.90
CA GLN A 134 -17.90 4.97 2.31
C GLN A 134 -17.04 6.10 2.90
N GLY A 135 -16.78 7.12 2.08
CA GLY A 135 -15.97 8.23 2.54
C GLY A 135 -14.53 7.84 2.78
N LYS A 136 -14.06 6.82 2.07
CA LYS A 136 -12.69 6.35 2.22
C LYS A 136 -11.95 6.43 0.89
N VAL A 137 -10.64 6.62 0.97
CA VAL A 137 -9.80 6.71 -0.23
C VAL A 137 -9.01 5.42 -0.45
N MET A 138 -9.40 4.68 -1.48
CA MET A 138 -8.74 3.41 -1.80
C MET A 138 -8.17 3.45 -3.22
N PHE A 139 -7.15 2.64 -3.46
CA PHE A 139 -6.52 2.57 -4.78
C PHE A 139 -6.76 1.21 -5.43
N LYS A 140 -6.63 1.17 -6.75
CA LYS A 140 -6.84 -0.07 -7.50
C LYS A 140 -5.85 -0.16 -8.67
N GLY A 141 -5.43 -1.38 -8.98
CA GLY A 141 -4.51 -1.59 -10.08
C GLY A 141 -4.90 -2.76 -10.97
N PRO A 142 -3.94 -3.24 -11.77
CA PRO A 142 -4.17 -4.37 -12.68
C PRO A 142 -4.36 -5.68 -11.94
N VAL A 143 -3.70 -5.81 -10.79
CA VAL A 143 -3.78 -7.02 -9.99
C VAL A 143 -3.82 -6.69 -8.50
N ASN A 144 -4.87 -7.15 -7.82
CA ASN A 144 -5.02 -6.89 -6.40
C ASN A 144 -5.18 -5.40 -6.12
N LYS A 145 -5.80 -5.08 -4.99
CA LYS A 145 -6.02 -3.69 -4.60
C LYS A 145 -6.01 -3.54 -3.09
N ALA A 146 -5.79 -2.32 -2.61
CA ALA A 146 -5.76 -2.04 -1.18
C ALA A 146 -6.47 -0.73 -0.86
N GLN A 147 -7.05 -0.65 0.34
CA GLN A 147 -7.76 0.55 0.77
C GLN A 147 -7.07 1.20 1.95
N VAL A 148 -7.20 2.51 2.05
CA VAL A 148 -6.58 3.26 3.13
C VAL A 148 -7.44 3.22 4.39
N THR A 149 -6.91 2.63 5.46
CA THR A 149 -7.63 2.53 6.72
C THR A 149 -7.49 3.79 7.54
N VAL A 150 -6.26 4.30 7.64
CA VAL A 150 -5.99 5.50 8.41
C VAL A 150 -5.09 6.46 7.62
N ALA A 151 -5.64 7.61 7.24
CA ALA A 151 -4.89 8.60 6.48
C ALA A 151 -4.79 9.91 7.25
N ASP A 152 -4.30 10.95 6.59
CA ASP A 152 -4.16 12.26 7.20
C ASP A 152 -3.10 12.25 8.30
N ILE A 153 -2.04 11.46 8.07
CA ILE A 153 -0.95 11.36 9.03
C ILE A 153 -0.14 12.64 9.10
N LYS A 154 -0.32 13.39 10.19
CA LYS A 154 0.39 14.64 10.39
C LYS A 154 1.91 14.45 10.23
N ALA A 155 2.45 14.96 9.13
CA ALA A 155 3.88 14.85 8.86
C ALA A 155 4.48 16.20 8.55
N GLY A 156 5.80 16.23 8.34
CA GLY A 156 6.48 17.47 8.02
C GLY A 156 7.11 17.46 6.65
N GLY A 157 6.59 18.29 5.76
CA GLY A 157 7.12 18.36 4.40
C GLY A 157 6.47 17.34 3.47
N SER A 158 6.18 16.16 4.00
CA SER A 158 5.56 15.11 3.20
C SER A 158 4.34 14.54 3.93
N VAL A 159 3.68 13.57 3.29
CA VAL A 159 2.50 12.95 3.86
C VAL A 159 2.51 11.44 3.62
N ILE A 160 2.04 10.68 4.61
CA ILE A 160 1.99 9.23 4.51
C ILE A 160 0.58 8.71 4.78
N HIS A 161 0.20 7.67 4.05
CA HIS A 161 -1.13 7.07 4.20
C HIS A 161 -1.01 5.61 4.63
N VAL A 162 -1.83 5.22 5.59
CA VAL A 162 -1.83 3.84 6.09
C VAL A 162 -2.83 2.98 5.32
N ILE A 163 -2.32 1.95 4.65
CA ILE A 163 -3.17 1.05 3.88
C ILE A 163 -3.24 -0.33 4.54
N ASN A 164 -4.31 -1.06 4.24
CA ASN A 164 -4.49 -2.39 4.81
C ASN A 164 -3.74 -3.44 3.98
N ASP A 165 -3.71 -3.23 2.67
CA ASP A 165 -3.02 -4.15 1.77
C ASP A 165 -1.93 -3.44 0.98
N VAL A 166 -1.06 -4.21 0.33
CA VAL A 166 0.02 -3.65 -0.46
C VAL A 166 -0.22 -3.87 -1.95
N LEU A 167 0.20 -2.89 -2.75
CA LEU A 167 0.03 -2.97 -4.20
C LEU A 167 1.31 -3.45 -4.87
N LEU A 168 1.29 -4.68 -5.38
CA LEU A 168 2.44 -5.26 -6.05
C LEU A 168 2.43 -4.91 -7.53
N PRO A 169 3.64 -4.71 -8.10
CA PRO A 169 3.81 -4.38 -9.52
C PRO A 169 3.45 -5.54 -10.43
N PRO A 170 3.33 -5.25 -11.74
CA PRO A 170 3.00 -6.26 -12.74
C PRO A 170 4.12 -7.26 -12.97
N GLY A 171 3.77 -8.48 -13.37
CA GLY A 171 4.76 -9.51 -13.61
C GLY A 171 5.27 -10.14 -12.33
N VAL A 172 4.44 -10.10 -11.29
CA VAL A 172 4.82 -10.66 -9.99
C VAL A 172 3.86 -11.78 -9.59
N VAL A 173 2.59 -11.60 -9.93
CA VAL A 173 1.57 -12.59 -9.59
C VAL A 173 1.53 -13.71 -10.61
N SER A 174 1.30 -14.93 -10.14
CA SER A 174 1.25 -16.10 -11.03
C SER A 174 -0.15 -16.31 -11.57
N ASP A 175 -0.28 -17.17 -12.57
CA ASP A 175 -1.57 -17.46 -13.18
C ASP A 175 -2.54 -18.02 -12.14
N ALA A 176 -2.12 -19.08 -11.46
CA ALA A 176 -2.96 -19.70 -10.44
C ALA A 176 -3.33 -18.70 -9.35
N VAL A 177 -2.32 -18.06 -8.77
CA VAL A 177 -2.54 -17.07 -7.72
C VAL A 177 -3.54 -16.01 -8.16
N ALA A 178 -3.22 -15.30 -9.24
CA ALA A 178 -4.10 -14.26 -9.75
C ALA A 178 -5.51 -14.78 -9.95
N LYS A 179 -5.63 -16.03 -10.39
CA LYS A 179 -6.93 -16.66 -10.62
C LYS A 179 -7.72 -16.76 -9.32
N GLN A 180 -7.02 -17.05 -8.23
CA GLN A 180 -7.66 -17.17 -6.93
C GLN A 180 -8.46 -15.92 -6.59
N TRP A 181 -7.86 -14.76 -6.85
CA TRP A 181 -8.50 -13.49 -6.58
C TRP A 181 -9.63 -13.22 -7.57
N LYS A 182 -9.35 -13.45 -8.85
CA LYS A 182 -10.34 -13.23 -9.90
C LYS A 182 -11.59 -14.05 -9.64
N ALA A 183 -11.41 -15.24 -9.08
CA ALA A 183 -12.54 -16.12 -8.78
C ALA A 183 -13.61 -15.38 -7.98
N GLU A 184 -13.17 -14.46 -7.13
CA GLU A 184 -14.10 -13.69 -6.31
C GLU A 184 -15.12 -12.96 -7.18
N TRP A 185 -14.68 -12.51 -8.35
CA TRP A 185 -15.54 -11.80 -9.28
C TRP A 185 -16.32 -12.77 -10.15
N GLU A 186 -15.61 -13.68 -10.80
CA GLU A 186 -16.24 -14.66 -11.68
C GLU A 186 -17.37 -15.38 -10.95
N ALA A 187 -17.22 -15.55 -9.64
CA ALA A 187 -18.24 -16.21 -8.83
C ALA A 187 -19.57 -15.47 -8.89
N MET A 188 -19.49 -14.14 -8.94
CA MET A 188 -20.69 -13.31 -9.00
C MET A 188 -21.26 -13.28 -10.41
N LYS A 189 -20.38 -13.30 -11.40
CA LYS A 189 -20.79 -13.26 -12.80
C LYS A 189 -21.84 -14.35 -13.08
N ALA A 190 -22.86 -13.99 -13.83
CA ALA A 190 -23.92 -14.93 -14.18
C ALA A 190 -24.29 -14.82 -15.65
N GLU A 191 -25.39 -15.48 -16.03
CA GLU A 191 -25.86 -15.46 -17.41
C GLU A 191 -27.33 -15.85 -17.50
N LYS A 192 -28.09 -15.12 -18.30
CA LYS A 192 -29.51 -15.40 -18.47
C LYS A 192 -30.12 -14.47 -19.53
N LYS A 193 -31.03 -15.02 -20.33
CA LYS A 193 -31.69 -14.25 -21.38
C LYS A 193 -33.20 -14.43 -21.31
N VAL A 194 -33.77 -14.12 -20.16
CA VAL A 194 -35.21 -14.25 -19.96
C VAL A 194 -35.97 -13.28 -20.86
N ALA A 195 -37.07 -13.75 -21.43
CA ALA A 195 -37.90 -12.94 -22.31
C ALA A 195 -39.20 -13.64 -22.67
N PRO A 196 -40.09 -13.78 -21.68
CA PRO A 196 -41.39 -14.44 -21.86
C PRO A 196 -42.34 -13.62 -22.73
N LYS A 197 -42.44 -12.32 -22.42
CA LYS A 197 -43.31 -11.43 -23.17
C LYS A 197 -42.94 -11.42 -24.65
N ALA A 198 -43.88 -11.02 -25.50
CA ALA A 198 -43.64 -10.96 -26.94
C ALA A 198 -43.30 -9.55 -27.37
N THR A 199 -43.09 -9.35 -28.67
CA THR A 199 -42.76 -8.05 -29.22
C THR A 199 -43.84 -7.58 -30.19
N THR A 200 -44.27 -6.33 -30.03
CA THR A 200 -45.28 -5.75 -30.89
C THR A 200 -44.68 -4.77 -31.89
N GLY A 201 -44.79 -5.10 -33.18
CA GLY A 201 -44.24 -4.23 -34.21
C GLY A 201 -43.06 -4.86 -34.91
N ARG A 202 -42.12 -4.01 -35.35
CA ARG A 202 -40.93 -4.49 -36.05
C ARG A 202 -39.72 -4.50 -35.12
N ARG A 203 -39.92 -5.00 -33.90
CA ARG A 203 -38.85 -5.07 -32.92
C ARG A 203 -38.33 -6.50 -32.77
N PHE A 204 -37.11 -6.62 -32.27
CA PHE A 204 -36.49 -7.93 -32.08
C PHE A 204 -35.16 -7.80 -31.36
N LEU A 205 -34.60 -8.94 -30.96
CA LEU A 205 -33.32 -8.96 -30.26
C LEU A 205 -32.18 -9.31 -31.21
N LEU A 206 -31.00 -8.77 -30.94
CA LEU A 206 -29.82 -9.02 -31.77
C LEU A 206 -28.66 -9.54 -30.93
N PHE A 207 -27.92 -10.50 -31.48
CA PHE A 207 -26.79 -11.08 -30.78
C PHE A 207 -25.93 -11.91 -31.73
N GLY A 1 26.65 62.89 -17.38
CA GLY A 1 27.19 62.08 -16.31
C GLY A 1 26.73 60.63 -16.39
N PRO A 2 27.24 59.90 -17.38
CA PRO A 2 26.89 58.49 -17.60
C PRO A 2 27.45 57.58 -16.51
N HIS A 3 26.62 56.67 -16.02
CA HIS A 3 27.03 55.73 -14.98
C HIS A 3 26.59 54.31 -15.31
N MET A 4 27.30 53.33 -14.75
CA MET A 4 26.97 51.93 -14.99
C MET A 4 26.68 51.21 -13.67
N ALA A 5 26.16 49.99 -13.78
CA ALA A 5 25.83 49.20 -12.60
C ALA A 5 25.92 47.70 -12.90
N THR A 6 26.50 46.95 -11.98
CA THR A 6 26.65 45.52 -12.14
C THR A 6 27.33 44.89 -10.92
N PRO A 7 26.58 44.80 -9.81
CA PRO A 7 27.09 44.22 -8.57
C PRO A 7 27.29 42.71 -8.66
N LYS A 8 27.66 42.09 -7.55
CA LYS A 8 27.89 40.66 -7.50
C LYS A 8 26.95 39.99 -6.50
N ALA A 9 26.22 38.98 -6.96
CA ALA A 9 25.29 38.26 -6.10
C ALA A 9 25.95 37.02 -5.49
N ASN A 10 25.25 36.37 -4.56
CA ASN A 10 25.78 35.18 -3.91
C ASN A 10 24.70 34.51 -3.05
N ALA A 11 24.83 33.21 -2.86
CA ALA A 11 23.86 32.45 -2.07
C ALA A 11 24.58 31.47 -1.15
N THR A 12 23.80 30.82 -0.28
CA THR A 12 24.36 29.85 0.65
C THR A 12 23.44 28.64 0.81
N THR A 13 23.92 27.61 1.50
CA THR A 13 23.15 26.41 1.72
C THR A 13 23.17 26.00 3.19
N ALA A 14 22.08 25.38 3.66
CA ALA A 14 21.98 24.93 5.03
C ALA A 14 20.97 23.81 5.17
N LYS A 15 21.18 22.93 6.14
CA LYS A 15 20.28 21.81 6.39
C LYS A 15 20.45 21.27 7.81
N PRO A 16 19.93 22.04 8.78
CA PRO A 16 20.00 21.67 10.20
C PRO A 16 19.12 20.47 10.53
N ALA A 17 19.17 20.02 11.78
CA ALA A 17 18.37 18.89 12.22
C ALA A 17 18.09 18.96 13.72
N SER A 18 17.21 18.09 14.20
CA SER A 18 16.86 18.05 15.61
C SER A 18 15.94 16.88 15.91
N THR A 19 16.24 16.17 17.00
CA THR A 19 15.45 15.02 17.41
C THR A 19 14.66 15.32 18.68
N THR A 20 13.51 14.64 18.84
CA THR A 20 12.66 14.82 20.00
C THR A 20 11.49 13.86 19.99
N SER A 21 10.91 13.62 21.16
CA SER A 21 9.78 12.71 21.28
C SER A 21 8.48 13.48 21.48
N THR A 22 7.49 13.18 20.66
CA THR A 22 6.19 13.84 20.75
C THR A 22 5.11 13.05 20.02
N PRO A 23 3.85 13.30 20.37
CA PRO A 23 2.70 12.63 19.75
C PRO A 23 2.50 13.04 18.30
N VAL A 24 2.90 14.26 17.97
CA VAL A 24 2.75 14.78 16.62
C VAL A 24 4.11 14.84 15.91
N TYR A 25 4.12 14.50 14.63
CA TYR A 25 5.35 14.52 13.84
C TYR A 25 5.62 15.91 13.29
N ALA A 26 6.84 16.40 13.51
CA ALA A 26 7.22 17.72 13.03
C ALA A 26 7.81 17.65 11.62
N THR A 27 8.65 16.64 11.39
CA THR A 27 9.28 16.46 10.09
C THR A 27 9.38 14.99 9.73
N LEU A 28 9.87 14.71 8.53
CA LEU A 28 10.01 13.34 8.05
C LEU A 28 10.75 12.48 9.08
N SER A 29 11.80 13.04 9.66
CA SER A 29 12.59 12.33 10.66
C SER A 29 11.69 11.74 11.74
N ASN A 30 10.74 12.54 12.21
CA ASN A 30 9.81 12.10 13.25
C ASN A 30 8.84 11.05 12.70
N ALA A 31 8.47 11.20 11.43
CA ALA A 31 7.55 10.26 10.80
C ALA A 31 8.19 8.89 10.64
N VAL A 32 9.38 8.85 10.05
CA VAL A 32 10.09 7.60 9.85
C VAL A 32 10.32 6.87 11.16
N THR A 33 10.89 7.58 12.13
CA THR A 33 11.16 7.01 13.45
C THR A 33 9.88 6.54 14.12
N ALA A 34 8.78 7.24 13.84
CA ALA A 34 7.49 6.90 14.41
C ALA A 34 7.03 5.52 13.95
N GLY A 35 6.91 5.34 12.64
CA GLY A 35 6.48 4.07 12.10
C GLY A 35 7.39 2.93 12.49
N ALA A 36 8.69 3.22 12.62
CA ALA A 36 9.66 2.21 12.99
C ALA A 36 9.47 1.77 14.44
N ALA A 37 9.05 2.71 15.29
CA ALA A 37 8.83 2.41 16.70
C ALA A 37 7.59 1.54 16.89
N ALA A 38 6.64 1.67 15.97
CA ALA A 38 5.41 0.89 16.03
C ALA A 38 5.57 -0.45 15.32
N PRO A 39 5.03 -1.51 15.94
CA PRO A 39 5.09 -2.87 15.39
C PRO A 39 4.24 -3.04 14.14
N GLN A 40 3.15 -2.28 14.07
CA GLN A 40 2.24 -2.34 12.93
C GLN A 40 3.00 -2.17 11.62
N LEU A 41 4.05 -1.37 11.66
CA LEU A 41 4.88 -1.12 10.47
C LEU A 41 6.21 -1.84 10.57
N THR A 42 6.20 -3.01 11.19
CA THR A 42 7.41 -3.80 11.36
C THR A 42 8.04 -4.14 10.01
N THR A 43 7.30 -4.89 9.18
CA THR A 43 7.79 -5.27 7.87
C THR A 43 8.23 -4.05 7.07
N LEU A 44 7.31 -3.11 6.87
CA LEU A 44 7.61 -1.90 6.12
C LEU A 44 8.87 -1.23 6.64
N PHE A 45 8.95 -1.06 7.96
CA PHE A 45 10.11 -0.43 8.59
C PHE A 45 11.40 -1.07 8.11
N ALA A 46 11.42 -2.40 8.06
CA ALA A 46 12.59 -3.14 7.62
C ALA A 46 12.87 -2.90 6.14
N ALA A 47 11.79 -2.71 5.37
CA ALA A 47 11.91 -2.47 3.94
C ALA A 47 12.50 -1.09 3.66
N VAL A 48 11.81 -0.05 4.16
CA VAL A 48 12.27 1.32 3.97
C VAL A 48 13.71 1.50 4.43
N ARG A 49 14.07 0.78 5.50
CA ARG A 49 15.41 0.87 6.05
C ARG A 49 16.42 0.13 5.16
N ALA A 50 16.21 -1.17 5.00
CA ALA A 50 17.09 -1.98 4.17
C ALA A 50 17.22 -1.40 2.77
N ALA A 51 16.16 -0.77 2.29
CA ALA A 51 16.16 -0.17 0.97
C ALA A 51 17.12 1.02 0.91
N ASN A 52 17.34 1.65 2.05
CA ASN A 52 18.23 2.81 2.12
C ASN A 52 17.69 3.97 1.30
N VAL A 53 16.38 4.11 1.26
CA VAL A 53 15.74 5.18 0.51
C VAL A 53 15.27 6.29 1.43
N THR A 54 15.93 6.44 2.57
CA THR A 54 15.58 7.46 3.55
C THR A 54 16.16 8.82 3.14
N GLY A 55 17.31 8.79 2.49
CA GLY A 55 17.93 10.03 2.06
C GLY A 55 17.00 10.91 1.26
N ALA A 56 16.03 10.30 0.61
CA ALA A 56 15.05 11.03 -0.20
C ALA A 56 14.13 11.87 0.68
N LEU A 57 13.87 11.38 1.89
CA LEU A 57 13.01 12.07 2.83
C LEU A 57 13.71 13.29 3.43
N THR A 58 13.57 14.43 2.76
CA THR A 58 14.20 15.66 3.23
C THR A 58 13.15 16.75 3.50
N ALA A 59 13.62 17.93 3.88
CA ALA A 59 12.73 19.05 4.16
C ALA A 59 12.30 19.75 2.87
N ASN A 60 11.17 20.44 2.92
CA ASN A 60 10.65 21.16 1.76
C ASN A 60 10.43 20.20 0.59
N THR A 61 10.29 18.91 0.91
CA THR A 61 10.07 17.90 -0.12
C THR A 61 8.66 17.33 -0.04
N THR A 62 7.83 17.64 -1.03
CA THR A 62 6.46 17.16 -1.06
C THR A 62 6.36 15.82 -1.80
N TRP A 63 6.05 14.77 -1.06
CA TRP A 63 5.93 13.44 -1.64
C TRP A 63 4.91 12.60 -0.88
N THR A 64 4.13 11.80 -1.61
CA THR A 64 3.12 10.95 -1.00
C THR A 64 3.57 9.50 -0.98
N ILE A 65 3.90 9.00 0.21
CA ILE A 65 4.34 7.62 0.37
C ILE A 65 3.25 6.77 1.02
N LEU A 66 3.16 5.52 0.60
CA LEU A 66 2.16 4.60 1.14
C LEU A 66 2.79 3.64 2.16
N ALA A 67 2.35 3.74 3.40
CA ALA A 67 2.87 2.89 4.47
C ALA A 67 1.82 1.87 4.92
N PRO A 68 1.72 0.75 4.18
CA PRO A 68 0.77 -0.31 4.48
C PRO A 68 1.12 -1.06 5.77
N THR A 69 0.10 -1.49 6.51
CA THR A 69 0.31 -2.22 7.75
C THR A 69 1.12 -3.48 7.51
N ASN A 70 1.44 -4.17 8.60
CA ASN A 70 2.22 -5.41 8.51
C ASN A 70 1.39 -6.54 7.91
N ASP A 71 0.13 -6.62 8.32
CA ASP A 71 -0.78 -7.65 7.82
C ASP A 71 -0.75 -7.70 6.30
N ALA A 72 -0.57 -6.54 5.67
CA ALA A 72 -0.53 -6.45 4.21
C ALA A 72 0.61 -7.30 3.65
N PHE A 73 1.79 -7.19 4.26
CA PHE A 73 2.95 -7.94 3.81
C PHE A 73 2.79 -9.42 4.14
N ALA A 74 2.45 -9.72 5.39
CA ALA A 74 2.26 -11.10 5.83
C ALA A 74 1.19 -11.80 5.00
N LYS A 75 0.21 -11.03 4.54
CA LYS A 75 -0.88 -11.59 3.73
C LYS A 75 -0.39 -11.96 2.34
N ARG A 76 0.11 -10.96 1.61
CA ARG A 76 0.61 -11.17 0.26
C ARG A 76 1.76 -12.18 0.26
N LEU A 77 2.57 -12.14 1.31
CA LEU A 77 3.70 -13.05 1.44
C LEU A 77 3.23 -14.50 1.57
N ALA A 78 2.36 -14.74 2.55
CA ALA A 78 1.82 -16.07 2.77
C ALA A 78 1.19 -16.64 1.52
N LYS A 79 0.55 -15.76 0.75
CA LYS A 79 -0.11 -16.17 -0.49
C LYS A 79 0.91 -16.39 -1.60
N LEU A 80 1.96 -15.58 -1.60
CA LEU A 80 3.00 -15.69 -2.61
C LEU A 80 3.93 -16.86 -2.31
N ASN A 81 3.90 -17.33 -1.07
CA ASN A 81 4.74 -18.45 -0.66
C ASN A 81 6.22 -18.11 -0.81
N LEU A 82 6.65 -17.05 -0.13
CA LEU A 82 8.04 -16.62 -0.19
C LEU A 82 8.45 -15.95 1.12
N THR A 83 9.76 -15.73 1.28
CA THR A 83 10.29 -15.10 2.49
C THR A 83 10.74 -13.67 2.20
N ALA A 84 10.50 -12.79 3.17
CA ALA A 84 10.89 -11.39 3.02
C ALA A 84 12.42 -11.24 3.01
N ASP A 85 13.09 -12.08 3.78
CA ASP A 85 14.54 -12.05 3.86
C ASP A 85 15.17 -12.07 2.46
N ALA A 86 14.55 -12.82 1.56
CA ALA A 86 15.04 -12.92 0.19
C ALA A 86 15.07 -11.55 -0.49
N VAL A 87 14.09 -10.71 -0.16
CA VAL A 87 14.00 -9.38 -0.74
C VAL A 87 14.85 -8.38 0.05
N LEU A 88 14.70 -8.41 1.38
CA LEU A 88 15.46 -7.51 2.25
C LEU A 88 16.94 -7.61 1.97
N LYS A 89 17.43 -8.82 1.74
CA LYS A 89 18.84 -9.06 1.46
C LYS A 89 19.21 -8.54 0.07
N ASN A 90 18.22 -8.47 -0.81
CA ASN A 90 18.44 -7.99 -2.17
C ASN A 90 17.87 -6.58 -2.35
N LYS A 91 18.69 -5.58 -2.03
CA LYS A 91 18.28 -4.19 -2.16
C LYS A 91 17.85 -3.88 -3.59
N ASP A 92 18.52 -4.50 -4.56
CA ASP A 92 18.19 -4.29 -5.96
C ASP A 92 16.71 -4.50 -6.21
N LEU A 93 16.12 -5.47 -5.52
CA LEU A 93 14.70 -5.78 -5.67
C LEU A 93 13.85 -4.87 -4.79
N LEU A 94 14.33 -4.62 -3.58
CA LEU A 94 13.61 -3.76 -2.63
C LEU A 94 13.24 -2.44 -3.29
N VAL A 95 14.24 -1.74 -3.83
CA VAL A 95 14.00 -0.47 -4.48
C VAL A 95 12.87 -0.56 -5.49
N LYS A 96 12.76 -1.71 -6.14
CA LYS A 96 11.71 -1.93 -7.13
C LYS A 96 10.33 -1.98 -6.47
N ILE A 97 10.26 -2.68 -5.35
CA ILE A 97 8.99 -2.81 -4.63
C ILE A 97 8.60 -1.49 -3.98
N LEU A 98 9.56 -0.87 -3.30
CA LEU A 98 9.31 0.41 -2.63
C LEU A 98 9.05 1.51 -3.65
N SER A 99 9.66 1.40 -4.82
CA SER A 99 9.48 2.39 -5.87
C SER A 99 8.01 2.67 -6.12
N TYR A 100 7.22 1.60 -6.24
CA TYR A 100 5.79 1.72 -6.48
C TYR A 100 5.08 2.26 -5.24
N HIS A 101 5.57 1.87 -4.07
CA HIS A 101 4.97 2.31 -2.81
C HIS A 101 5.04 3.83 -2.68
N VAL A 102 5.95 4.44 -3.44
CA VAL A 102 6.11 5.89 -3.41
C VAL A 102 5.28 6.56 -4.50
N ILE A 103 4.75 7.74 -4.19
CA ILE A 103 3.95 8.48 -5.15
C ILE A 103 4.44 9.91 -5.30
N PRO A 104 5.34 10.13 -6.27
CA PRO A 104 5.91 11.46 -6.55
C PRO A 104 4.88 12.42 -7.14
N SER A 105 3.71 11.90 -7.48
CA SER A 105 2.65 12.71 -8.05
C SER A 105 2.41 13.96 -7.21
N GLY A 106 2.57 13.83 -5.90
CA GLY A 106 2.38 14.96 -5.01
C GLY A 106 1.28 14.72 -3.99
N ALA A 107 1.21 15.58 -2.98
CA ALA A 107 0.21 15.44 -1.93
C ALA A 107 -1.20 15.58 -2.52
N VAL A 108 -1.92 14.46 -2.57
CA VAL A 108 -3.28 14.46 -3.10
C VAL A 108 -4.25 15.12 -2.13
N TYR A 109 -4.97 16.12 -2.62
CA TYR A 109 -5.94 16.84 -1.80
C TYR A 109 -7.30 16.14 -1.82
N SER A 110 -8.05 16.28 -0.73
CA SER A 110 -9.36 15.67 -0.62
C SER A 110 -10.25 16.08 -1.80
N LYS A 111 -10.12 17.33 -2.22
CA LYS A 111 -10.91 17.85 -3.33
C LYS A 111 -10.46 17.23 -4.65
N ALA A 112 -9.16 16.99 -4.78
CA ALA A 112 -8.60 16.40 -5.99
C ALA A 112 -8.99 14.93 -6.10
N LEU A 113 -9.25 14.30 -4.96
CA LEU A 113 -9.62 12.89 -4.92
C LEU A 113 -10.89 12.65 -5.74
N LYS A 114 -10.86 11.62 -6.58
CA LYS A 114 -12.01 11.27 -7.41
C LYS A 114 -11.95 9.81 -7.83
N ASP A 115 -12.95 9.38 -8.59
CA ASP A 115 -13.01 8.00 -9.07
C ASP A 115 -12.07 7.78 -10.25
N ASN A 116 -11.98 8.79 -11.11
CA ASN A 116 -11.12 8.72 -12.29
C ASN A 116 -9.73 9.26 -11.98
N ALA A 117 -9.66 10.17 -11.01
CA ALA A 117 -8.39 10.75 -10.61
C ALA A 117 -7.30 9.70 -10.45
N THR A 118 -6.33 9.70 -11.34
CA THR A 118 -5.23 8.74 -11.30
C THR A 118 -4.00 9.34 -10.65
N VAL A 119 -3.15 8.48 -10.08
CA VAL A 119 -1.93 8.93 -9.42
C VAL A 119 -0.73 8.13 -9.91
N ALA A 120 0.17 8.82 -10.61
CA ALA A 120 1.37 8.17 -11.14
C ALA A 120 2.40 7.94 -10.03
N THR A 121 3.06 6.79 -10.06
CA THR A 121 4.06 6.45 -9.06
C THR A 121 5.46 6.76 -9.57
N ALA A 122 6.46 6.43 -8.77
CA ALA A 122 7.85 6.68 -9.13
C ALA A 122 8.33 5.68 -10.18
N LEU A 123 7.79 4.47 -10.14
CA LEU A 123 8.16 3.42 -11.08
C LEU A 123 7.49 3.66 -12.44
N LYS A 124 8.31 3.71 -13.48
CA LYS A 124 7.82 3.93 -14.83
C LYS A 124 6.79 2.87 -15.21
N ASP A 125 5.77 3.29 -15.96
CA ASP A 125 4.73 2.36 -16.39
C ASP A 125 3.95 1.81 -15.20
N ALA A 126 3.77 2.65 -14.19
CA ALA A 126 3.04 2.25 -12.99
C ALA A 126 2.17 3.38 -12.47
N SER A 127 0.86 3.18 -12.49
CA SER A 127 -0.09 4.18 -12.02
C SER A 127 -1.27 3.53 -11.32
N VAL A 128 -1.86 4.25 -10.36
CA VAL A 128 -3.00 3.74 -9.61
C VAL A 128 -4.21 4.67 -9.76
N THR A 129 -5.40 4.09 -9.65
CA THR A 129 -6.63 4.87 -9.76
C THR A 129 -7.24 5.14 -8.39
N VAL A 130 -7.80 6.33 -8.22
CA VAL A 130 -8.42 6.72 -6.96
C VAL A 130 -9.89 6.34 -6.94
N ARG A 131 -10.35 5.84 -5.79
CA ARG A 131 -11.74 5.43 -5.64
C ARG A 131 -12.26 5.80 -4.25
N LEU A 132 -13.35 6.55 -4.22
CA LEU A 132 -13.95 6.98 -2.95
C LEU A 132 -14.97 5.96 -2.46
N TYR A 133 -14.78 5.48 -1.24
CA TYR A 133 -15.69 4.50 -0.65
C TYR A 133 -15.73 4.62 0.87
N GLN A 134 -16.92 4.83 1.41
CA GLN A 134 -17.09 4.97 2.85
C GLN A 134 -16.19 6.08 3.40
N GLY A 135 -16.12 7.20 2.67
CA GLY A 135 -15.30 8.31 3.10
C GLY A 135 -13.84 7.92 3.27
N LYS A 136 -13.42 6.91 2.52
CA LYS A 136 -12.03 6.44 2.59
C LYS A 136 -11.43 6.31 1.19
N VAL A 137 -10.15 6.62 1.07
CA VAL A 137 -9.44 6.54 -0.20
C VAL A 137 -9.08 5.09 -0.54
N MET A 138 -9.50 4.64 -1.72
CA MET A 138 -9.21 3.28 -2.16
C MET A 138 -8.35 3.29 -3.42
N PHE A 139 -7.33 2.44 -3.44
CA PHE A 139 -6.44 2.35 -4.59
C PHE A 139 -6.62 1.03 -5.32
N LYS A 140 -6.49 1.06 -6.65
CA LYS A 140 -6.63 -0.14 -7.46
C LYS A 140 -5.77 -0.06 -8.71
N GLY A 141 -5.13 -1.18 -9.06
CA GLY A 141 -4.29 -1.20 -10.24
C GLY A 141 -4.57 -2.40 -11.12
N PRO A 142 -3.62 -2.71 -12.03
CA PRO A 142 -3.75 -3.84 -12.95
C PRO A 142 -3.64 -5.19 -12.24
N VAL A 143 -2.87 -5.21 -11.15
CA VAL A 143 -2.68 -6.44 -10.37
C VAL A 143 -2.81 -6.16 -8.88
N ASN A 144 -3.75 -6.84 -8.24
CA ASN A 144 -3.97 -6.68 -6.80
C ASN A 144 -4.46 -5.27 -6.49
N LYS A 145 -5.22 -5.14 -5.41
CA LYS A 145 -5.75 -3.83 -5.00
C LYS A 145 -5.81 -3.74 -3.48
N ALA A 146 -5.94 -2.51 -2.98
CA ALA A 146 -6.02 -2.27 -1.55
C ALA A 146 -6.81 -1.01 -1.23
N GLN A 147 -7.06 -0.77 0.05
CA GLN A 147 -7.81 0.40 0.48
C GLN A 147 -7.15 1.05 1.68
N VAL A 148 -7.10 2.38 1.67
CA VAL A 148 -6.49 3.14 2.76
C VAL A 148 -7.35 3.07 4.02
N THR A 149 -6.81 2.50 5.09
CA THR A 149 -7.51 2.37 6.34
C THR A 149 -7.37 3.62 7.19
N VAL A 150 -6.13 4.09 7.36
CA VAL A 150 -5.87 5.29 8.14
C VAL A 150 -4.96 6.25 7.38
N ALA A 151 -5.50 7.40 7.00
CA ALA A 151 -4.74 8.41 6.27
C ALA A 151 -4.71 9.72 7.03
N ASP A 152 -4.21 10.78 6.37
CA ASP A 152 -4.13 12.09 6.99
C ASP A 152 -3.10 12.10 8.10
N ILE A 153 -1.99 11.39 7.90
CA ILE A 153 -0.93 11.32 8.89
C ILE A 153 -0.15 12.63 8.96
N LYS A 154 -0.31 13.35 10.07
CA LYS A 154 0.38 14.61 10.27
C LYS A 154 1.89 14.45 10.06
N ALA A 155 2.38 15.00 8.95
CA ALA A 155 3.80 14.91 8.64
C ALA A 155 4.37 16.29 8.30
N GLY A 156 5.69 16.37 8.18
CA GLY A 156 6.33 17.63 7.85
C GLY A 156 7.03 17.61 6.51
N GLY A 157 6.52 18.39 5.57
CA GLY A 157 7.12 18.44 4.24
C GLY A 157 6.49 17.43 3.29
N SER A 158 6.15 16.26 3.81
CA SER A 158 5.54 15.21 3.01
C SER A 158 4.32 14.63 3.71
N VAL A 159 3.68 13.65 3.06
CA VAL A 159 2.50 13.01 3.62
C VAL A 159 2.53 11.50 3.37
N ILE A 160 2.06 10.74 4.35
CA ILE A 160 2.04 9.28 4.23
C ILE A 160 0.67 8.73 4.61
N HIS A 161 0.22 7.73 3.86
CA HIS A 161 -1.08 7.10 4.12
C HIS A 161 -0.91 5.63 4.50
N VAL A 162 -1.79 5.15 5.36
CA VAL A 162 -1.74 3.76 5.80
C VAL A 162 -2.75 2.91 5.05
N ILE A 163 -2.26 1.85 4.40
CA ILE A 163 -3.13 0.96 3.63
C ILE A 163 -3.23 -0.40 4.32
N ASN A 164 -4.31 -1.11 4.03
CA ASN A 164 -4.55 -2.43 4.61
C ASN A 164 -3.78 -3.50 3.83
N ASP A 165 -3.65 -3.30 2.53
CA ASP A 165 -2.94 -4.25 1.68
C ASP A 165 -1.76 -3.58 0.98
N VAL A 166 -0.93 -4.38 0.33
CA VAL A 166 0.23 -3.87 -0.38
C VAL A 166 0.05 -3.97 -1.90
N LEU A 167 0.59 -2.99 -2.62
CA LEU A 167 0.48 -2.96 -4.07
C LEU A 167 1.85 -3.06 -4.73
N LEU A 168 2.01 -4.02 -5.63
CA LEU A 168 3.28 -4.21 -6.33
C LEU A 168 3.18 -3.72 -7.78
N PRO A 169 4.29 -3.16 -8.27
CA PRO A 169 4.36 -2.65 -9.65
C PRO A 169 4.33 -3.76 -10.68
N PRO A 170 4.06 -3.39 -11.95
CA PRO A 170 4.00 -4.35 -13.06
C PRO A 170 5.36 -4.90 -13.42
N GLY A 171 5.43 -6.21 -13.65
CA GLY A 171 6.69 -6.85 -14.00
C GLY A 171 7.26 -7.66 -12.87
N VAL A 172 6.97 -7.25 -11.63
CA VAL A 172 7.47 -7.96 -10.46
C VAL A 172 6.73 -9.27 -10.26
N VAL A 173 5.44 -9.27 -10.58
CA VAL A 173 4.61 -10.46 -10.43
C VAL A 173 4.86 -11.45 -11.57
N SER A 174 5.01 -12.72 -11.23
CA SER A 174 5.25 -13.76 -12.22
C SER A 174 3.95 -14.24 -12.84
N ASP A 175 4.05 -15.04 -13.90
CA ASP A 175 2.87 -15.58 -14.57
C ASP A 175 2.03 -16.41 -13.61
N ALA A 176 2.67 -17.35 -12.93
CA ALA A 176 1.97 -18.21 -11.99
C ALA A 176 1.23 -17.39 -10.93
N VAL A 177 1.95 -16.49 -10.27
CA VAL A 177 1.37 -15.64 -9.25
C VAL A 177 0.17 -14.88 -9.79
N ALA A 178 0.42 -14.00 -10.76
CA ALA A 178 -0.65 -13.21 -11.37
C ALA A 178 -1.81 -14.10 -11.82
N LYS A 179 -1.47 -15.29 -12.30
CA LYS A 179 -2.49 -16.23 -12.77
C LYS A 179 -3.41 -16.64 -11.63
N GLN A 180 -2.86 -16.77 -10.42
CA GLN A 180 -3.64 -17.16 -9.26
C GLN A 180 -4.79 -16.18 -9.03
N TRP A 181 -4.48 -14.89 -9.02
CA TRP A 181 -5.50 -13.87 -8.81
C TRP A 181 -6.33 -13.67 -10.07
N LYS A 182 -5.66 -13.55 -11.21
CA LYS A 182 -6.35 -13.35 -12.49
C LYS A 182 -7.32 -14.49 -12.76
N ALA A 183 -7.07 -15.64 -12.13
CA ALA A 183 -7.93 -16.81 -12.31
C ALA A 183 -9.40 -16.43 -12.19
N GLU A 184 -9.70 -15.47 -11.32
CA GLU A 184 -11.07 -15.02 -11.11
C GLU A 184 -11.72 -14.63 -12.44
N TRP A 185 -10.97 -13.89 -13.25
CA TRP A 185 -11.48 -13.44 -14.55
C TRP A 185 -11.23 -14.50 -15.61
N GLU A 186 -10.11 -15.20 -15.50
CA GLU A 186 -9.75 -16.23 -16.46
C GLU A 186 -10.90 -17.22 -16.65
N ALA A 187 -11.64 -17.46 -15.57
CA ALA A 187 -12.78 -18.38 -15.62
C ALA A 187 -13.71 -18.06 -16.78
N MET A 188 -13.83 -16.77 -17.09
CA MET A 188 -14.69 -16.31 -18.18
C MET A 188 -14.36 -17.06 -19.47
N LYS A 189 -13.09 -17.38 -19.65
CA LYS A 189 -12.64 -18.10 -20.84
C LYS A 189 -13.44 -19.39 -21.03
N ALA A 190 -13.20 -20.07 -22.15
CA ALA A 190 -13.89 -21.32 -22.44
C ALA A 190 -13.82 -22.29 -21.27
N GLU A 191 -14.81 -23.17 -21.17
CA GLU A 191 -14.86 -24.14 -20.08
C GLU A 191 -14.97 -25.56 -20.64
N LYS A 192 -15.19 -26.52 -19.75
CA LYS A 192 -15.32 -27.92 -20.15
C LYS A 192 -16.77 -28.25 -20.49
N LYS A 193 -17.38 -27.44 -21.34
CA LYS A 193 -18.76 -27.65 -21.75
C LYS A 193 -18.97 -27.22 -23.20
N VAL A 194 -20.17 -27.44 -23.71
CA VAL A 194 -20.50 -27.08 -25.08
C VAL A 194 -20.14 -25.62 -25.37
N ALA A 195 -19.11 -25.42 -26.17
CA ALA A 195 -18.67 -24.08 -26.54
C ALA A 195 -17.51 -24.12 -27.52
N PRO A 196 -17.29 -23.00 -28.22
CA PRO A 196 -16.22 -22.90 -29.22
C PRO A 196 -14.83 -22.88 -28.57
N LYS A 197 -13.81 -22.86 -29.41
CA LYS A 197 -12.42 -22.85 -28.92
C LYS A 197 -11.60 -21.80 -29.67
N ALA A 198 -10.33 -21.68 -29.28
CA ALA A 198 -9.43 -20.71 -29.91
C ALA A 198 -7.98 -21.06 -29.64
N THR A 199 -7.07 -20.36 -30.31
CA THR A 199 -5.64 -20.59 -30.14
C THR A 199 -4.99 -19.47 -29.35
N THR A 200 -3.75 -19.70 -28.92
CA THR A 200 -3.02 -18.70 -28.14
C THR A 200 -1.56 -19.11 -27.96
N GLY A 201 -0.72 -18.14 -27.61
CA GLY A 201 0.69 -18.42 -27.41
C GLY A 201 1.09 -18.38 -25.94
N ARG A 202 2.21 -19.02 -25.61
CA ARG A 202 2.69 -19.06 -24.25
C ARG A 202 4.07 -19.70 -24.17
N ARG A 203 4.83 -19.33 -23.16
CA ARG A 203 6.18 -19.88 -22.96
C ARG A 203 6.56 -19.88 -21.49
N PHE A 204 7.57 -20.67 -21.15
CA PHE A 204 8.04 -20.78 -19.77
C PHE A 204 9.47 -20.27 -19.65
N LEU A 205 9.81 -19.72 -18.48
CA LEU A 205 11.15 -19.21 -18.23
C LEU A 205 11.98 -20.21 -17.45
N LEU A 206 13.25 -20.34 -17.83
CA LEU A 206 14.15 -21.28 -17.16
C LEU A 206 15.55 -20.68 -17.05
N PHE A 207 16.42 -21.37 -16.33
CA PHE A 207 17.79 -20.91 -16.14
C PHE A 207 18.70 -21.45 -17.23
N GLY A 1 -31.75 55.27 7.14
CA GLY A 1 -31.99 55.29 5.71
C GLY A 1 -32.00 53.89 5.11
N PRO A 2 -31.97 53.81 3.78
CA PRO A 2 -31.97 52.53 3.06
C PRO A 2 -30.66 51.77 3.23
N HIS A 3 -30.76 50.44 3.32
CA HIS A 3 -29.58 49.60 3.49
C HIS A 3 -29.57 48.47 2.46
N MET A 4 -28.41 48.25 1.86
CA MET A 4 -28.27 47.20 0.84
C MET A 4 -26.92 46.51 0.97
N ALA A 5 -26.90 45.21 0.69
CA ALA A 5 -25.66 44.42 0.77
C ALA A 5 -25.65 43.31 -0.26
N THR A 6 -24.46 42.89 -0.67
CA THR A 6 -24.31 41.84 -1.66
C THR A 6 -23.68 40.59 -1.04
N PRO A 7 -23.86 39.44 -1.70
CA PRO A 7 -23.31 38.17 -1.24
C PRO A 7 -21.80 38.11 -1.38
N LYS A 8 -21.10 38.56 -0.34
CA LYS A 8 -19.64 38.55 -0.34
C LYS A 8 -19.10 37.18 0.05
N ALA A 9 -18.06 36.74 -0.64
CA ALA A 9 -17.45 35.44 -0.35
C ALA A 9 -16.00 35.60 0.08
N ASN A 10 -15.64 34.97 1.18
CA ASN A 10 -14.28 35.04 1.70
C ASN A 10 -13.75 33.66 2.07
N ALA A 11 -12.46 33.58 2.36
CA ALA A 11 -11.84 32.32 2.72
C ALA A 11 -10.77 32.51 3.80
N THR A 12 -10.70 31.56 4.73
CA THR A 12 -9.73 31.64 5.82
C THR A 12 -9.08 30.28 6.06
N THR A 13 -7.86 30.31 6.62
CA THR A 13 -7.13 29.08 6.90
C THR A 13 -7.16 28.75 8.38
N ALA A 14 -7.53 27.52 8.71
CA ALA A 14 -7.60 27.08 10.10
C ALA A 14 -7.35 25.58 10.21
N LYS A 15 -7.18 25.11 11.44
CA LYS A 15 -6.93 23.69 11.68
C LYS A 15 -7.44 23.28 13.06
N PRO A 16 -8.08 22.10 13.13
CA PRO A 16 -8.64 21.58 14.37
C PRO A 16 -7.55 21.15 15.36
N ALA A 17 -7.32 21.97 16.37
CA ALA A 17 -6.31 21.67 17.38
C ALA A 17 -6.95 21.37 18.74
N SER A 18 -6.35 20.44 19.47
CA SER A 18 -6.88 20.05 20.77
C SER A 18 -5.98 18.99 21.42
N THR A 19 -6.31 18.63 22.66
CA THR A 19 -5.54 17.63 23.38
C THR A 19 -5.73 16.24 22.79
N THR A 20 -4.65 15.66 22.28
CA THR A 20 -4.70 14.34 21.68
C THR A 20 -3.62 13.43 22.26
N SER A 21 -3.70 12.15 21.92
CA SER A 21 -2.72 11.17 22.41
C SER A 21 -1.89 10.60 21.26
N THR A 22 -1.59 11.46 20.28
CA THR A 22 -0.81 11.05 19.13
C THR A 22 0.45 11.89 18.99
N PRO A 23 1.59 11.22 18.75
CA PRO A 23 2.89 11.89 18.60
C PRO A 23 2.98 12.68 17.31
N VAL A 24 2.92 14.00 17.43
CA VAL A 24 2.99 14.88 16.26
C VAL A 24 4.40 14.89 15.67
N TYR A 25 4.49 14.69 14.37
CA TYR A 25 5.77 14.68 13.68
C TYR A 25 6.14 16.08 13.19
N ALA A 26 7.42 16.42 13.31
CA ALA A 26 7.91 17.73 12.88
C ALA A 26 8.53 17.65 11.49
N THR A 27 9.16 16.50 11.19
CA THR A 27 9.80 16.30 9.91
C THR A 27 9.77 14.83 9.50
N LEU A 28 10.27 14.53 8.31
CA LEU A 28 10.30 13.17 7.81
C LEU A 28 10.97 12.23 8.82
N SER A 29 12.13 12.64 9.31
CA SER A 29 12.87 11.84 10.28
C SER A 29 11.97 11.44 11.45
N ASN A 30 11.15 12.38 11.92
CA ASN A 30 10.25 12.12 13.03
C ASN A 30 9.22 11.06 12.65
N ALA A 31 8.64 11.19 11.46
CA ALA A 31 7.64 10.25 10.98
C ALA A 31 8.25 8.85 10.81
N VAL A 32 9.39 8.78 10.15
CA VAL A 32 10.06 7.50 9.94
C VAL A 32 10.29 6.76 11.25
N THR A 33 10.89 7.45 12.21
CA THR A 33 11.17 6.85 13.52
C THR A 33 9.89 6.38 14.18
N ALA A 34 8.80 7.13 13.98
CA ALA A 34 7.52 6.78 14.56
C ALA A 34 7.04 5.42 14.07
N GLY A 35 6.91 5.30 12.75
CA GLY A 35 6.46 4.04 12.17
C GLY A 35 7.35 2.87 12.55
N ALA A 36 8.64 3.15 12.72
CA ALA A 36 9.59 2.11 13.09
C ALA A 36 9.44 1.71 14.55
N ALA A 37 9.00 2.65 15.37
CA ALA A 37 8.79 2.39 16.79
C ALA A 37 7.60 1.48 17.02
N ALA A 38 6.63 1.54 16.11
CA ALA A 38 5.43 0.72 16.22
C ALA A 38 5.63 -0.62 15.54
N PRO A 39 5.06 -1.68 16.14
CA PRO A 39 5.16 -3.04 15.63
C PRO A 39 4.37 -3.23 14.33
N GLN A 40 3.22 -2.57 14.25
CA GLN A 40 2.37 -2.67 13.08
C GLN A 40 3.16 -2.37 11.81
N LEU A 41 4.17 -1.52 11.93
CA LEU A 41 5.00 -1.15 10.79
C LEU A 41 6.36 -1.84 10.87
N THR A 42 6.38 -3.05 11.40
CA THR A 42 7.62 -3.81 11.53
C THR A 42 8.21 -4.14 10.16
N THR A 43 7.42 -4.81 9.34
CA THR A 43 7.87 -5.18 7.99
C THR A 43 8.33 -3.97 7.20
N LEU A 44 7.44 -2.98 7.08
CA LEU A 44 7.75 -1.77 6.34
C LEU A 44 9.05 -1.15 6.84
N PHE A 45 9.15 -0.98 8.16
CA PHE A 45 10.35 -0.41 8.77
C PHE A 45 11.61 -1.11 8.26
N ALA A 46 11.55 -2.44 8.16
CA ALA A 46 12.68 -3.22 7.70
C ALA A 46 12.98 -2.93 6.23
N ALA A 47 11.94 -2.66 5.46
CA ALA A 47 12.09 -2.36 4.04
C ALA A 47 12.66 -0.96 3.83
N VAL A 48 11.95 0.04 4.34
CA VAL A 48 12.39 1.43 4.22
C VAL A 48 13.79 1.62 4.77
N ARG A 49 14.11 0.87 5.82
CA ARG A 49 15.43 0.96 6.45
C ARG A 49 16.49 0.27 5.59
N ALA A 50 16.33 -1.05 5.40
CA ALA A 50 17.27 -1.82 4.60
C ALA A 50 17.45 -1.20 3.21
N ALA A 51 16.38 -0.59 2.70
CA ALA A 51 16.41 0.03 1.38
C ALA A 51 17.35 1.24 1.37
N ASN A 52 17.51 1.86 2.54
CA ASN A 52 18.37 3.03 2.67
C ASN A 52 17.82 4.20 1.85
N VAL A 53 16.50 4.32 1.83
CA VAL A 53 15.85 5.40 1.09
C VAL A 53 15.50 6.56 2.01
N THR A 54 15.51 6.29 3.31
CA THR A 54 15.19 7.32 4.30
C THR A 54 16.00 8.59 4.07
N GLY A 55 17.24 8.42 3.61
CA GLY A 55 18.09 9.56 3.36
C GLY A 55 17.43 10.59 2.47
N ALA A 56 16.64 10.12 1.51
CA ALA A 56 15.94 11.02 0.59
C ALA A 56 14.83 11.78 1.30
N LEU A 57 14.24 11.15 2.32
CA LEU A 57 13.17 11.76 3.08
C LEU A 57 13.64 13.03 3.78
N THR A 58 13.43 14.17 3.13
CA THR A 58 13.85 15.45 3.69
C THR A 58 12.65 16.38 3.88
N ALA A 59 12.70 17.20 4.93
CA ALA A 59 11.62 18.13 5.21
C ALA A 59 11.28 18.97 3.98
N ASN A 60 12.29 19.66 3.45
CA ASN A 60 12.09 20.50 2.28
C ASN A 60 11.39 19.74 1.16
N THR A 61 11.68 18.43 1.08
CA THR A 61 11.08 17.59 0.06
C THR A 61 9.66 17.17 0.45
N THR A 62 8.76 17.17 -0.52
CA THR A 62 7.38 16.79 -0.28
C THR A 62 6.96 15.63 -1.18
N TRP A 63 6.70 14.48 -0.56
CA TRP A 63 6.29 13.29 -1.31
C TRP A 63 5.23 12.51 -0.54
N THR A 64 4.41 11.75 -1.27
CA THR A 64 3.36 10.96 -0.65
C THR A 64 3.71 9.48 -0.65
N ILE A 65 4.03 8.95 0.53
CA ILE A 65 4.38 7.55 0.68
C ILE A 65 3.25 6.75 1.32
N LEU A 66 3.17 5.47 0.97
CA LEU A 66 2.13 4.60 1.51
C LEU A 66 2.72 3.61 2.51
N ALA A 67 2.26 3.69 3.75
CA ALA A 67 2.73 2.80 4.80
C ALA A 67 1.66 1.80 5.21
N PRO A 68 1.57 0.68 4.46
CA PRO A 68 0.59 -0.37 4.72
C PRO A 68 0.89 -1.13 6.01
N THR A 69 -0.16 -1.45 6.77
CA THR A 69 -0.01 -2.17 8.02
C THR A 69 0.68 -3.52 7.80
N ASN A 70 1.22 -4.08 8.87
CA ASN A 70 1.92 -5.37 8.78
C ASN A 70 1.01 -6.43 8.16
N ASP A 71 -0.26 -6.39 8.53
CA ASP A 71 -1.23 -7.35 8.01
C ASP A 71 -1.16 -7.42 6.48
N ALA A 72 -0.89 -6.28 5.86
CA ALA A 72 -0.80 -6.21 4.40
C ALA A 72 0.38 -7.03 3.89
N PHE A 73 1.51 -6.94 4.58
CA PHE A 73 2.71 -7.68 4.20
C PHE A 73 2.55 -9.17 4.48
N ALA A 74 2.26 -9.50 5.74
CA ALA A 74 2.08 -10.90 6.14
C ALA A 74 1.05 -11.59 5.25
N LYS A 75 0.05 -10.82 4.79
CA LYS A 75 -0.99 -11.37 3.94
C LYS A 75 -0.44 -11.74 2.56
N ARG A 76 0.08 -10.74 1.86
CA ARG A 76 0.64 -10.95 0.54
C ARG A 76 1.76 -11.99 0.58
N LEU A 77 2.56 -11.93 1.63
CA LEU A 77 3.68 -12.87 1.79
C LEU A 77 3.17 -14.30 1.91
N ALA A 78 2.06 -14.47 2.63
CA ALA A 78 1.48 -15.80 2.81
C ALA A 78 0.96 -16.36 1.48
N LYS A 79 0.29 -15.50 0.70
CA LYS A 79 -0.26 -15.91 -0.58
C LYS A 79 0.86 -16.12 -1.60
N LEU A 80 1.88 -15.27 -1.55
CA LEU A 80 3.01 -15.37 -2.47
C LEU A 80 3.96 -16.48 -2.04
N ASN A 81 3.84 -16.91 -0.80
CA ASN A 81 4.68 -17.98 -0.26
C ASN A 81 6.13 -17.79 -0.70
N LEU A 82 6.66 -16.60 -0.47
CA LEU A 82 8.04 -16.28 -0.84
C LEU A 82 8.89 -15.98 0.40
N THR A 83 10.13 -15.60 0.16
CA THR A 83 11.04 -15.28 1.27
C THR A 83 11.32 -13.79 1.33
N ALA A 84 11.43 -13.27 2.55
CA ALA A 84 11.70 -11.86 2.76
C ALA A 84 13.18 -11.54 2.60
N ASP A 85 14.02 -12.43 3.10
CA ASP A 85 15.47 -12.26 3.00
C ASP A 85 15.90 -12.03 1.56
N ALA A 86 15.30 -12.78 0.65
CA ALA A 86 15.62 -12.65 -0.77
C ALA A 86 15.44 -11.22 -1.25
N VAL A 87 14.44 -10.54 -0.70
CA VAL A 87 14.17 -9.16 -1.08
C VAL A 87 15.04 -8.18 -0.29
N LEU A 88 15.01 -8.31 1.03
CA LEU A 88 15.80 -7.46 1.91
C LEU A 88 17.27 -7.46 1.49
N LYS A 89 17.76 -8.64 1.12
CA LYS A 89 19.15 -8.78 0.70
C LYS A 89 19.36 -8.21 -0.70
N ASN A 90 18.28 -8.17 -1.48
CA ASN A 90 18.35 -7.64 -2.84
C ASN A 90 17.84 -6.21 -2.89
N LYS A 91 18.75 -5.26 -2.80
CA LYS A 91 18.40 -3.84 -2.84
C LYS A 91 17.56 -3.52 -4.08
N ASP A 92 17.99 -4.06 -5.22
CA ASP A 92 17.28 -3.83 -6.48
C ASP A 92 15.80 -4.19 -6.34
N LEU A 93 15.54 -5.38 -5.82
CA LEU A 93 14.17 -5.86 -5.63
C LEU A 93 13.42 -4.97 -4.64
N LEU A 94 14.10 -4.59 -3.56
CA LEU A 94 13.49 -3.74 -2.54
C LEU A 94 12.97 -2.45 -3.15
N VAL A 95 13.86 -1.69 -3.79
CA VAL A 95 13.50 -0.43 -4.42
C VAL A 95 12.48 -0.65 -5.53
N LYS A 96 12.59 -1.78 -6.21
CA LYS A 96 11.67 -2.13 -7.30
C LYS A 96 10.23 -2.09 -6.82
N ILE A 97 9.93 -2.88 -5.80
CA ILE A 97 8.57 -2.95 -5.25
C ILE A 97 8.26 -1.70 -4.42
N LEU A 98 9.26 -1.25 -3.66
CA LEU A 98 9.09 -0.06 -2.83
C LEU A 98 8.73 1.15 -3.67
N SER A 99 9.23 1.20 -4.89
CA SER A 99 8.96 2.31 -5.80
C SER A 99 7.46 2.60 -5.86
N TYR A 100 6.66 1.55 -6.03
CA TYR A 100 5.22 1.68 -6.12
C TYR A 100 4.65 2.23 -4.81
N HIS A 101 5.22 1.80 -3.69
CA HIS A 101 4.77 2.25 -2.38
C HIS A 101 4.90 3.76 -2.25
N VAL A 102 5.85 4.34 -2.98
CA VAL A 102 6.08 5.78 -2.95
C VAL A 102 5.31 6.48 -4.06
N ILE A 103 4.96 7.74 -3.83
CA ILE A 103 4.23 8.52 -4.81
C ILE A 103 4.83 9.91 -4.97
N PRO A 104 5.79 10.04 -5.89
CA PRO A 104 6.47 11.32 -6.16
C PRO A 104 5.54 12.33 -6.83
N SER A 105 4.37 11.87 -7.26
CA SER A 105 3.40 12.74 -7.91
C SER A 105 3.18 14.01 -7.11
N GLY A 106 3.25 13.89 -5.78
CA GLY A 106 3.05 15.03 -4.92
C GLY A 106 1.84 14.87 -4.02
N ALA A 107 1.81 15.66 -2.94
CA ALA A 107 0.70 15.60 -2.00
C ALA A 107 -0.64 15.79 -2.70
N VAL A 108 -1.52 14.80 -2.56
CA VAL A 108 -2.83 14.86 -3.18
C VAL A 108 -3.84 15.57 -2.28
N TYR A 109 -4.83 16.21 -2.89
CA TYR A 109 -5.86 16.93 -2.14
C TYR A 109 -7.21 16.22 -2.25
N SER A 110 -7.96 16.23 -1.15
CA SER A 110 -9.26 15.58 -1.12
C SER A 110 -10.13 16.05 -2.28
N LYS A 111 -10.07 17.35 -2.57
CA LYS A 111 -10.85 17.94 -3.65
C LYS A 111 -10.37 17.42 -5.01
N ALA A 112 -9.06 17.25 -5.13
CA ALA A 112 -8.48 16.75 -6.38
C ALA A 112 -8.77 15.27 -6.57
N LEU A 113 -8.99 14.56 -5.47
CA LEU A 113 -9.29 13.14 -5.52
C LEU A 113 -10.60 12.88 -6.26
N LYS A 114 -10.60 11.84 -7.10
CA LYS A 114 -11.79 11.48 -7.86
C LYS A 114 -11.79 9.99 -8.20
N ASP A 115 -12.80 9.56 -8.93
CA ASP A 115 -12.92 8.16 -9.32
C ASP A 115 -12.02 7.85 -10.51
N ASN A 116 -11.89 8.82 -11.42
CA ASN A 116 -11.06 8.65 -12.61
C ASN A 116 -9.64 9.13 -12.34
N ALA A 117 -9.50 10.04 -11.40
CA ALA A 117 -8.19 10.58 -11.05
C ALA A 117 -7.16 9.47 -10.86
N THR A 118 -6.11 9.51 -11.68
CA THR A 118 -5.06 8.50 -11.62
C THR A 118 -3.83 9.03 -10.86
N VAL A 119 -3.05 8.11 -10.30
CA VAL A 119 -1.85 8.49 -9.56
C VAL A 119 -0.62 7.82 -10.15
N ALA A 120 0.46 8.61 -10.28
CA ALA A 120 1.71 8.09 -10.82
C ALA A 120 2.70 7.78 -9.73
N THR A 121 3.29 6.59 -9.79
CA THR A 121 4.27 6.16 -8.78
C THR A 121 5.69 6.35 -9.29
N ALA A 122 6.66 6.25 -8.38
CA ALA A 122 8.06 6.40 -8.73
C ALA A 122 8.47 5.39 -9.81
N LEU A 123 7.80 4.25 -9.83
CA LEU A 123 8.09 3.20 -10.80
C LEU A 123 7.55 3.57 -12.17
N LYS A 124 8.38 3.40 -13.19
CA LYS A 124 8.00 3.72 -14.56
C LYS A 124 6.88 2.78 -15.03
N ASP A 125 5.90 3.35 -15.72
CA ASP A 125 4.77 2.57 -16.22
C ASP A 125 3.96 1.97 -15.08
N ALA A 126 3.86 2.72 -13.99
CA ALA A 126 3.11 2.27 -12.82
C ALA A 126 2.16 3.36 -12.32
N SER A 127 0.87 3.19 -12.62
CA SER A 127 -0.14 4.16 -12.21
C SER A 127 -1.38 3.46 -11.69
N VAL A 128 -1.97 4.00 -10.62
CA VAL A 128 -3.16 3.43 -10.03
C VAL A 128 -4.35 4.39 -10.13
N THR A 129 -5.55 3.84 -10.03
CA THR A 129 -6.76 4.65 -10.11
C THR A 129 -7.34 4.92 -8.72
N VAL A 130 -7.87 6.13 -8.53
CA VAL A 130 -8.46 6.50 -7.25
C VAL A 130 -9.95 6.15 -7.20
N ARG A 131 -10.39 5.63 -6.06
CA ARG A 131 -11.79 5.26 -5.89
C ARG A 131 -12.29 5.66 -4.51
N LEU A 132 -13.39 6.40 -4.48
CA LEU A 132 -13.97 6.85 -3.22
C LEU A 132 -14.94 5.81 -2.67
N TYR A 133 -14.66 5.32 -1.47
CA TYR A 133 -15.52 4.33 -0.84
C TYR A 133 -15.54 4.51 0.68
N GLN A 134 -16.72 4.81 1.21
CA GLN A 134 -16.88 5.02 2.64
C GLN A 134 -15.94 6.10 3.15
N GLY A 135 -15.81 7.19 2.39
CA GLY A 135 -14.94 8.27 2.78
C GLY A 135 -13.49 7.82 2.91
N LYS A 136 -13.12 6.78 2.16
CA LYS A 136 -11.77 6.26 2.20
C LYS A 136 -11.20 6.13 0.79
N VAL A 137 -9.95 6.56 0.61
CA VAL A 137 -9.29 6.48 -0.68
C VAL A 137 -8.85 5.06 -1.00
N MET A 138 -9.38 4.51 -2.09
CA MET A 138 -9.04 3.16 -2.50
C MET A 138 -8.22 3.17 -3.80
N PHE A 139 -7.13 2.42 -3.82
CA PHE A 139 -6.27 2.34 -4.99
C PHE A 139 -6.44 1.00 -5.70
N LYS A 140 -6.58 1.05 -7.02
CA LYS A 140 -6.75 -0.16 -7.82
C LYS A 140 -5.79 -0.16 -9.00
N GLY A 141 -5.37 -1.36 -9.40
CA GLY A 141 -4.45 -1.48 -10.52
C GLY A 141 -4.78 -2.65 -11.42
N PRO A 142 -3.79 -3.10 -12.22
CA PRO A 142 -3.96 -4.22 -13.14
C PRO A 142 -4.08 -5.55 -12.41
N VAL A 143 -3.30 -5.72 -11.35
CA VAL A 143 -3.33 -6.94 -10.56
C VAL A 143 -3.40 -6.64 -9.07
N ASN A 144 -4.43 -7.14 -8.41
CA ASN A 144 -4.62 -6.92 -6.98
C ASN A 144 -4.85 -5.45 -6.68
N LYS A 145 -5.56 -5.17 -5.59
CA LYS A 145 -5.86 -3.81 -5.18
C LYS A 145 -5.94 -3.68 -3.67
N ALA A 146 -5.72 -2.48 -3.16
CA ALA A 146 -5.77 -2.23 -1.73
C ALA A 146 -6.68 -1.04 -1.41
N GLN A 147 -6.90 -0.81 -0.12
CA GLN A 147 -7.74 0.30 0.32
C GLN A 147 -7.14 0.99 1.54
N VAL A 148 -7.04 2.31 1.47
CA VAL A 148 -6.47 3.09 2.56
C VAL A 148 -7.43 3.11 3.76
N THR A 149 -6.92 2.67 4.91
CA THR A 149 -7.72 2.64 6.13
C THR A 149 -7.53 3.91 6.94
N VAL A 150 -6.31 4.13 7.42
CA VAL A 150 -6.00 5.32 8.22
C VAL A 150 -5.10 6.27 7.44
N ALA A 151 -5.63 7.44 7.09
CA ALA A 151 -4.87 8.44 6.36
C ALA A 151 -4.76 9.74 7.15
N ASP A 152 -4.28 10.79 6.49
CA ASP A 152 -4.14 12.09 7.13
C ASP A 152 -3.17 12.01 8.31
N ILE A 153 -1.95 11.53 8.04
CA ILE A 153 -0.93 11.40 9.07
C ILE A 153 -0.11 12.68 9.19
N LYS A 154 -0.25 13.38 10.30
CA LYS A 154 0.50 14.61 10.54
C LYS A 154 2.00 14.39 10.36
N ALA A 155 2.54 14.92 9.28
CA ALA A 155 3.96 14.78 8.99
C ALA A 155 4.60 16.14 8.71
N GLY A 156 5.92 16.14 8.54
CA GLY A 156 6.63 17.38 8.26
C GLY A 156 7.30 17.37 6.90
N GLY A 157 6.81 18.21 6.00
CA GLY A 157 7.37 18.29 4.66
C GLY A 157 6.72 17.30 3.70
N SER A 158 6.40 16.12 4.20
CA SER A 158 5.77 15.09 3.37
C SER A 158 4.53 14.53 4.06
N VAL A 159 3.86 13.59 3.38
CA VAL A 159 2.66 12.97 3.93
C VAL A 159 2.65 11.47 3.66
N ILE A 160 2.13 10.71 4.63
CA ILE A 160 2.07 9.26 4.50
C ILE A 160 0.69 8.74 4.87
N HIS A 161 0.22 7.74 4.13
CA HIS A 161 -1.09 7.15 4.38
C HIS A 161 -0.97 5.67 4.72
N VAL A 162 -1.84 5.19 5.60
CA VAL A 162 -1.83 3.80 6.02
C VAL A 162 -2.85 2.98 5.24
N ILE A 163 -2.39 1.89 4.63
CA ILE A 163 -3.26 1.03 3.85
C ILE A 163 -3.39 -0.36 4.49
N ASN A 164 -4.47 -1.05 4.19
CA ASN A 164 -4.70 -2.38 4.72
C ASN A 164 -3.99 -3.44 3.89
N ASP A 165 -3.89 -3.19 2.59
CA ASP A 165 -3.23 -4.12 1.68
C ASP A 165 -2.06 -3.45 0.97
N VAL A 166 -1.28 -4.25 0.25
CA VAL A 166 -0.12 -3.72 -0.48
C VAL A 166 -0.25 -4.00 -1.98
N LEU A 167 0.28 -3.08 -2.78
CA LEU A 167 0.22 -3.22 -4.24
C LEU A 167 1.62 -3.47 -4.81
N LEU A 168 1.69 -4.34 -5.81
CA LEU A 168 2.96 -4.65 -6.45
C LEU A 168 2.90 -4.40 -7.95
N PRO A 169 4.04 -3.97 -8.53
CA PRO A 169 4.12 -3.68 -9.96
C PRO A 169 4.05 -4.94 -10.82
N PRO A 170 3.87 -4.75 -12.14
CA PRO A 170 3.79 -5.86 -13.09
C PRO A 170 5.11 -6.57 -13.26
N GLY A 171 5.05 -7.89 -13.53
CA GLY A 171 6.25 -8.67 -13.71
C GLY A 171 6.70 -9.36 -12.44
N VAL A 172 6.40 -8.75 -11.31
CA VAL A 172 6.78 -9.31 -10.01
C VAL A 172 5.95 -10.54 -9.69
N VAL A 173 4.69 -10.53 -10.10
CA VAL A 173 3.79 -11.66 -9.86
C VAL A 173 4.05 -12.79 -10.85
N SER A 174 4.37 -13.97 -10.33
CA SER A 174 4.64 -15.12 -11.18
C SER A 174 3.35 -15.67 -11.78
N ASP A 175 3.50 -16.54 -12.77
CA ASP A 175 2.34 -17.14 -13.43
C ASP A 175 1.45 -17.85 -12.43
N ALA A 176 2.03 -18.79 -11.68
CA ALA A 176 1.29 -19.54 -10.69
C ALA A 176 0.59 -18.61 -9.70
N VAL A 177 1.36 -17.67 -9.14
CA VAL A 177 0.82 -16.71 -8.18
C VAL A 177 -0.38 -15.97 -8.76
N ALA A 178 -0.14 -15.20 -9.82
CA ALA A 178 -1.19 -14.44 -10.47
C ALA A 178 -2.37 -15.33 -10.82
N LYS A 179 -2.08 -16.57 -11.21
CA LYS A 179 -3.12 -17.52 -11.58
C LYS A 179 -4.06 -17.79 -10.41
N GLN A 180 -3.50 -17.85 -9.20
CA GLN A 180 -4.29 -18.08 -8.00
C GLN A 180 -5.47 -17.13 -7.92
N TRP A 181 -5.19 -15.84 -8.11
CA TRP A 181 -6.23 -14.81 -8.06
C TRP A 181 -7.16 -14.92 -9.27
N LYS A 182 -6.59 -15.29 -10.41
CA LYS A 182 -7.36 -15.42 -11.64
C LYS A 182 -8.32 -16.61 -11.54
N ALA A 183 -8.04 -17.52 -10.62
CA ALA A 183 -8.88 -18.70 -10.43
C ALA A 183 -10.36 -18.32 -10.38
N GLU A 184 -10.64 -17.13 -9.85
CA GLU A 184 -12.01 -16.65 -9.74
C GLU A 184 -12.76 -16.83 -11.05
N TRP A 185 -12.11 -16.44 -12.15
CA TRP A 185 -12.72 -16.56 -13.47
C TRP A 185 -12.49 -17.95 -14.06
N GLU A 186 -11.33 -18.53 -13.74
CA GLU A 186 -10.98 -19.86 -14.24
C GLU A 186 -12.05 -20.89 -13.85
N ALA A 187 -12.79 -20.59 -12.78
CA ALA A 187 -13.84 -21.47 -12.32
C ALA A 187 -14.75 -21.91 -13.46
N MET A 188 -14.92 -21.02 -14.44
CA MET A 188 -15.77 -21.32 -15.59
C MET A 188 -15.40 -22.66 -16.20
N LYS A 189 -14.12 -23.02 -16.12
CA LYS A 189 -13.64 -24.28 -16.66
C LYS A 189 -13.89 -24.36 -18.16
N ALA A 190 -12.91 -23.92 -18.95
CA ALA A 190 -13.04 -23.95 -20.40
C ALA A 190 -12.06 -24.95 -21.02
N GLU A 191 -11.92 -24.90 -22.34
CA GLU A 191 -11.03 -25.81 -23.05
C GLU A 191 -9.63 -25.76 -22.46
N LYS A 192 -9.29 -26.76 -21.65
CA LYS A 192 -7.98 -26.83 -21.02
C LYS A 192 -7.82 -28.13 -20.24
N LYS A 193 -6.60 -28.63 -20.16
CA LYS A 193 -6.31 -29.86 -19.44
C LYS A 193 -4.89 -29.84 -18.88
N VAL A 194 -4.76 -30.17 -17.60
CA VAL A 194 -3.46 -30.19 -16.94
C VAL A 194 -3.43 -31.23 -15.82
N ALA A 195 -2.28 -31.88 -15.65
CA ALA A 195 -2.11 -32.89 -14.62
C ALA A 195 -1.05 -32.47 -13.61
N PRO A 196 -1.10 -33.10 -12.42
CA PRO A 196 -0.15 -32.81 -11.34
C PRO A 196 1.26 -33.30 -11.65
N LYS A 197 2.13 -33.25 -10.66
CA LYS A 197 3.51 -33.70 -10.83
C LYS A 197 4.00 -34.45 -9.59
N ALA A 198 5.20 -35.03 -9.70
CA ALA A 198 5.77 -35.78 -8.59
C ALA A 198 7.30 -35.78 -8.66
N THR A 199 7.95 -36.15 -7.56
CA THR A 199 9.40 -36.20 -7.51
C THR A 199 9.88 -37.35 -6.65
N THR A 200 11.18 -37.65 -6.73
CA THR A 200 11.75 -38.74 -5.96
C THR A 200 13.27 -38.60 -5.86
N GLY A 201 13.86 -39.22 -4.84
CA GLY A 201 15.30 -39.14 -4.65
C GLY A 201 15.78 -40.07 -3.56
N ARG A 202 17.06 -39.95 -3.21
CA ARG A 202 17.66 -40.79 -2.18
C ARG A 202 18.31 -39.93 -1.10
N ARG A 203 18.38 -40.46 0.12
CA ARG A 203 18.97 -39.75 1.24
C ARG A 203 20.43 -40.18 1.44
N PHE A 204 20.62 -41.38 1.98
CA PHE A 204 21.96 -41.90 2.23
C PHE A 204 21.89 -43.34 2.72
N LEU A 205 22.79 -44.18 2.22
CA LEU A 205 22.84 -45.59 2.60
C LEU A 205 23.21 -45.73 4.08
N LEU A 206 22.61 -46.72 4.74
CA LEU A 206 22.88 -46.97 6.15
C LEU A 206 24.15 -47.80 6.32
N PHE A 207 24.14 -48.98 5.70
CA PHE A 207 25.29 -49.88 5.78
C PHE A 207 25.84 -50.19 4.39
N GLY A 1 31.48 16.80 -30.16
CA GLY A 1 30.67 16.17 -29.14
C GLY A 1 31.38 16.10 -27.80
N PRO A 2 31.59 17.27 -27.18
CA PRO A 2 32.27 17.37 -25.88
C PRO A 2 31.42 16.80 -24.74
N HIS A 3 32.08 16.09 -23.82
CA HIS A 3 31.37 15.50 -22.68
C HIS A 3 32.37 15.03 -21.63
N MET A 4 32.37 15.69 -20.47
CA MET A 4 33.27 15.33 -19.38
C MET A 4 32.51 15.25 -18.06
N ALA A 5 32.91 14.29 -17.22
CA ALA A 5 32.27 14.10 -15.92
C ALA A 5 33.31 13.95 -14.82
N THR A 6 32.97 14.40 -13.61
CA THR A 6 33.87 14.32 -12.48
C THR A 6 33.79 12.94 -11.81
N PRO A 7 34.84 12.60 -11.06
CA PRO A 7 34.92 11.30 -10.36
C PRO A 7 33.92 11.21 -9.20
N LYS A 8 33.01 10.25 -9.29
CA LYS A 8 32.01 10.05 -8.25
C LYS A 8 32.66 9.58 -6.95
N ALA A 9 31.92 9.70 -5.85
CA ALA A 9 32.41 9.28 -4.55
C ALA A 9 31.27 9.05 -3.57
N ASN A 10 31.47 8.12 -2.65
CA ASN A 10 30.45 7.80 -1.65
C ASN A 10 30.45 8.82 -0.52
N ALA A 11 29.41 8.79 0.29
CA ALA A 11 29.29 9.71 1.42
C ALA A 11 28.79 9.00 2.67
N THR A 12 29.10 9.55 3.83
CA THR A 12 28.69 8.96 5.10
C THR A 12 28.36 10.05 6.12
N THR A 13 27.37 9.77 6.96
CA THR A 13 26.95 10.73 7.99
C THR A 13 26.54 10.01 9.27
N ALA A 14 27.09 10.44 10.40
CA ALA A 14 26.78 9.84 11.69
C ALA A 14 26.19 10.87 12.64
N LYS A 15 24.99 10.59 13.15
CA LYS A 15 24.32 11.49 14.08
C LYS A 15 23.43 10.70 15.04
N PRO A 16 23.13 11.32 16.19
CA PRO A 16 22.28 10.70 17.21
C PRO A 16 20.83 10.60 16.78
N ALA A 17 19.97 10.11 17.68
CA ALA A 17 18.56 9.97 17.38
C ALA A 17 17.77 11.21 17.80
N SER A 18 16.46 11.17 17.63
CA SER A 18 15.60 12.29 17.99
C SER A 18 14.50 11.85 18.94
N THR A 19 13.80 12.82 19.50
CA THR A 19 12.71 12.54 20.44
C THR A 19 11.40 13.14 19.95
N THR A 20 10.28 12.50 20.32
CA THR A 20 8.97 12.97 19.91
C THR A 20 8.52 14.14 20.79
N SER A 21 7.47 14.83 20.35
CA SER A 21 6.93 15.97 21.08
C SER A 21 5.62 16.46 20.46
N THR A 22 4.62 16.68 21.30
CA THR A 22 3.33 17.14 20.83
C THR A 22 2.68 16.13 19.90
N PRO A 23 1.34 16.16 19.81
CA PRO A 23 0.57 15.26 18.96
C PRO A 23 0.77 15.55 17.47
N VAL A 24 1.08 16.80 17.17
CA VAL A 24 1.30 17.22 15.78
C VAL A 24 2.67 16.79 15.29
N TYR A 25 2.84 16.73 13.97
CA TYR A 25 4.11 16.33 13.38
C TYR A 25 5.19 17.38 13.65
N ALA A 26 6.39 16.91 13.97
CA ALA A 26 7.51 17.81 14.25
C ALA A 26 8.42 17.95 13.04
N THR A 27 8.83 16.82 12.48
CA THR A 27 9.71 16.82 11.32
C THR A 27 9.68 15.46 10.61
N LEU A 28 10.10 15.45 9.35
CA LEU A 28 10.13 14.22 8.56
C LEU A 28 10.83 13.10 9.32
N SER A 29 12.02 13.39 9.82
CA SER A 29 12.80 12.42 10.56
C SER A 29 11.97 11.79 11.68
N ASN A 30 11.18 12.61 12.36
CA ASN A 30 10.33 12.14 13.44
C ASN A 30 9.29 11.15 12.93
N ALA A 31 8.71 11.45 11.77
CA ALA A 31 7.70 10.59 11.17
C ALA A 31 8.27 9.20 10.88
N VAL A 32 9.45 9.17 10.25
CA VAL A 32 10.10 7.91 9.92
C VAL A 32 10.31 7.06 11.16
N THR A 33 10.86 7.66 12.21
CA THR A 33 11.12 6.95 13.45
C THR A 33 9.82 6.59 14.17
N ALA A 34 8.80 7.43 13.99
CA ALA A 34 7.50 7.21 14.61
C ALA A 34 6.90 5.88 14.14
N GLY A 35 6.73 5.74 12.83
CA GLY A 35 6.16 4.51 12.29
C GLY A 35 7.04 3.31 12.53
N ALA A 36 8.35 3.50 12.42
CA ALA A 36 9.31 2.43 12.63
C ALA A 36 9.22 1.88 14.06
N ALA A 37 8.88 2.76 15.00
CA ALA A 37 8.76 2.37 16.40
C ALA A 37 7.53 1.49 16.61
N ALA A 38 6.51 1.70 15.78
CA ALA A 38 5.28 0.93 15.89
C ALA A 38 5.40 -0.41 15.17
N PRO A 39 4.72 -1.44 15.70
CA PRO A 39 4.74 -2.78 15.13
C PRO A 39 3.99 -2.86 13.80
N GLN A 40 2.94 -2.05 13.68
CA GLN A 40 2.14 -2.02 12.45
C GLN A 40 3.03 -1.83 11.23
N LEU A 41 4.14 -1.12 11.41
CA LEU A 41 5.07 -0.87 10.31
C LEU A 41 6.35 -1.67 10.50
N THR A 42 6.23 -2.86 11.05
CA THR A 42 7.37 -3.73 11.28
C THR A 42 8.07 -4.07 9.98
N THR A 43 7.36 -4.75 9.08
CA THR A 43 7.92 -5.14 7.79
C THR A 43 8.39 -3.92 7.01
N LEU A 44 7.49 -2.95 6.84
CA LEU A 44 7.81 -1.73 6.11
C LEU A 44 9.10 -1.10 6.64
N PHE A 45 9.16 -0.89 7.95
CA PHE A 45 10.33 -0.30 8.58
C PHE A 45 11.60 -1.02 8.15
N ALA A 46 11.56 -2.35 8.16
CA ALA A 46 12.70 -3.17 7.77
C ALA A 46 13.07 -2.92 6.31
N ALA A 47 12.08 -2.62 5.48
CA ALA A 47 12.30 -2.35 4.07
C ALA A 47 12.85 -0.95 3.85
N VAL A 48 12.11 0.05 4.30
CA VAL A 48 12.53 1.44 4.16
C VAL A 48 13.89 1.68 4.79
N ARG A 49 14.18 0.93 5.85
CA ARG A 49 15.45 1.07 6.54
C ARG A 49 16.57 0.38 5.76
N ALA A 50 16.45 -0.93 5.59
CA ALA A 50 17.45 -1.70 4.86
C ALA A 50 17.68 -1.12 3.46
N ALA A 51 16.62 -0.57 2.88
CA ALA A 51 16.71 0.02 1.54
C ALA A 51 17.58 1.27 1.55
N ASN A 52 17.74 1.86 2.74
CA ASN A 52 18.55 3.07 2.88
C ASN A 52 18.01 4.20 2.02
N VAL A 53 16.68 4.24 1.86
CA VAL A 53 16.04 5.27 1.06
C VAL A 53 15.43 6.35 1.95
N THR A 54 16.02 6.54 3.13
CA THR A 54 15.54 7.54 4.07
C THR A 54 16.03 8.93 3.69
N GLY A 55 17.21 9.00 3.10
CA GLY A 55 17.78 10.27 2.69
C GLY A 55 16.95 10.96 1.62
N ALA A 56 16.03 10.22 1.02
CA ALA A 56 15.16 10.76 -0.01
C ALA A 56 14.16 11.76 0.57
N LEU A 57 13.78 11.54 1.82
CA LEU A 57 12.82 12.42 2.50
C LEU A 57 13.55 13.54 3.22
N THR A 58 13.75 14.65 2.51
CA THR A 58 14.43 15.81 3.09
C THR A 58 13.49 17.00 3.21
N ALA A 59 14.04 18.15 3.55
CA ALA A 59 13.24 19.37 3.69
C ALA A 59 12.79 19.90 2.33
N ASN A 60 11.72 20.68 2.34
CA ASN A 60 11.19 21.25 1.10
C ASN A 60 10.91 20.17 0.07
N THR A 61 10.66 18.95 0.56
CA THR A 61 10.39 17.82 -0.32
C THR A 61 8.93 17.38 -0.22
N THR A 62 8.15 17.65 -1.25
CA THR A 62 6.75 17.28 -1.28
C THR A 62 6.53 15.95 -1.98
N TRP A 63 6.13 14.94 -1.22
CA TRP A 63 5.89 13.61 -1.77
C TRP A 63 4.83 12.87 -0.98
N THR A 64 4.28 11.82 -1.57
CA THR A 64 3.24 11.02 -0.92
C THR A 64 3.62 9.55 -0.86
N ILE A 65 3.92 9.07 0.34
CA ILE A 65 4.31 7.68 0.53
C ILE A 65 3.24 6.91 1.30
N LEU A 66 3.15 5.62 1.04
CA LEU A 66 2.17 4.77 1.71
C LEU A 66 2.85 3.82 2.70
N ALA A 67 2.23 3.63 3.85
CA ALA A 67 2.77 2.75 4.88
C ALA A 67 1.73 1.73 5.32
N PRO A 68 1.62 0.63 4.55
CA PRO A 68 0.67 -0.44 4.83
C PRO A 68 1.06 -1.25 6.08
N THR A 69 0.07 -1.69 6.82
CA THR A 69 0.30 -2.47 8.04
C THR A 69 1.10 -3.72 7.74
N ASN A 70 1.56 -4.39 8.79
CA ASN A 70 2.34 -5.62 8.64
C ASN A 70 1.49 -6.73 8.02
N ASP A 71 0.24 -6.82 8.46
CA ASP A 71 -0.67 -7.84 7.95
C ASP A 71 -0.69 -7.84 6.43
N ALA A 72 -0.57 -6.65 5.83
CA ALA A 72 -0.58 -6.52 4.39
C ALA A 72 0.61 -7.26 3.76
N PHE A 73 1.80 -7.01 4.29
CA PHE A 73 3.00 -7.65 3.79
C PHE A 73 2.93 -9.17 3.95
N ALA A 74 2.77 -9.61 5.19
CA ALA A 74 2.67 -11.04 5.48
C ALA A 74 1.62 -11.71 4.62
N LYS A 75 0.56 -10.97 4.29
CA LYS A 75 -0.51 -11.49 3.46
C LYS A 75 -0.02 -11.80 2.06
N ARG A 76 0.46 -10.78 1.36
CA ARG A 76 0.97 -10.95 0.00
C ARG A 76 2.09 -11.99 -0.04
N LEU A 77 2.97 -11.94 0.96
CA LEU A 77 4.08 -12.89 1.04
C LEU A 77 3.58 -14.31 1.31
N ALA A 78 2.52 -14.41 2.09
CA ALA A 78 1.93 -15.71 2.43
C ALA A 78 1.30 -16.35 1.21
N LYS A 79 0.36 -15.64 0.59
CA LYS A 79 -0.33 -16.14 -0.60
C LYS A 79 0.67 -16.52 -1.69
N LEU A 80 1.74 -15.74 -1.79
CA LEU A 80 2.77 -15.99 -2.79
C LEU A 80 3.67 -17.14 -2.37
N ASN A 81 3.64 -17.47 -1.08
CA ASN A 81 4.46 -18.55 -0.55
C ASN A 81 5.93 -18.34 -0.90
N LEU A 82 6.46 -17.18 -0.54
CA LEU A 82 7.86 -16.86 -0.82
C LEU A 82 8.58 -16.42 0.46
N THR A 83 9.91 -16.39 0.40
CA THR A 83 10.71 -15.98 1.54
C THR A 83 10.94 -14.47 1.54
N ALA A 84 10.93 -13.87 2.73
CA ALA A 84 11.14 -12.44 2.86
C ALA A 84 12.62 -12.09 2.79
N ASP A 85 13.45 -12.89 3.45
CA ASP A 85 14.89 -12.68 3.47
C ASP A 85 15.43 -12.53 2.04
N ALA A 86 14.89 -13.33 1.13
CA ALA A 86 15.32 -13.29 -0.26
C ALA A 86 15.15 -11.89 -0.85
N VAL A 87 14.09 -11.20 -0.43
CA VAL A 87 13.82 -9.85 -0.92
C VAL A 87 14.57 -8.81 -0.09
N LEU A 88 14.53 -8.97 1.23
CA LEU A 88 15.21 -8.04 2.13
C LEU A 88 16.67 -7.87 1.74
N LYS A 89 17.29 -8.97 1.31
CA LYS A 89 18.69 -8.94 0.91
C LYS A 89 18.82 -8.44 -0.53
N ASN A 90 17.77 -8.62 -1.32
CA ASN A 90 17.77 -8.19 -2.71
C ASN A 90 17.42 -6.72 -2.83
N LYS A 91 18.43 -5.86 -2.70
CA LYS A 91 18.23 -4.42 -2.78
C LYS A 91 17.48 -4.05 -4.06
N ASP A 92 17.94 -4.60 -5.18
CA ASP A 92 17.31 -4.34 -6.48
C ASP A 92 15.80 -4.62 -6.42
N LEU A 93 15.44 -5.66 -5.69
CA LEU A 93 14.04 -6.05 -5.55
C LEU A 93 13.31 -5.11 -4.59
N LEU A 94 13.95 -4.81 -3.48
CA LEU A 94 13.37 -3.92 -2.47
C LEU A 94 12.92 -2.61 -3.10
N VAL A 95 13.87 -1.88 -3.68
CA VAL A 95 13.58 -0.60 -4.31
C VAL A 95 12.56 -0.78 -5.45
N LYS A 96 12.65 -1.91 -6.14
CA LYS A 96 11.73 -2.19 -7.23
C LYS A 96 10.28 -2.07 -6.78
N ILE A 97 9.91 -2.83 -5.76
CA ILE A 97 8.55 -2.81 -5.23
C ILE A 97 8.30 -1.53 -4.44
N LEU A 98 9.27 -1.15 -3.61
CA LEU A 98 9.15 0.06 -2.80
C LEU A 98 8.84 1.27 -3.67
N SER A 99 9.39 1.28 -4.88
CA SER A 99 9.17 2.39 -5.81
C SER A 99 7.68 2.68 -5.96
N TYR A 100 6.88 1.62 -6.04
CA TYR A 100 5.44 1.77 -6.19
C TYR A 100 4.81 2.34 -4.92
N HIS A 101 5.32 1.90 -3.77
CA HIS A 101 4.81 2.38 -2.49
C HIS A 101 4.91 3.89 -2.39
N VAL A 102 5.89 4.46 -3.09
CA VAL A 102 6.09 5.90 -3.07
C VAL A 102 5.37 6.58 -4.24
N ILE A 103 4.98 7.83 -4.04
CA ILE A 103 4.27 8.59 -5.06
C ILE A 103 4.96 9.92 -5.32
N PRO A 104 5.67 10.02 -6.46
CA PRO A 104 6.37 11.24 -6.85
C PRO A 104 5.42 12.36 -7.24
N SER A 105 4.19 12.00 -7.59
CA SER A 105 3.19 12.98 -7.98
C SER A 105 3.11 14.12 -6.98
N GLY A 106 3.28 13.81 -5.71
CA GLY A 106 3.25 14.81 -4.67
C GLY A 106 2.00 14.71 -3.81
N ALA A 107 1.86 15.63 -2.86
CA ALA A 107 0.71 15.64 -1.96
C ALA A 107 -0.59 15.82 -2.74
N VAL A 108 -1.36 14.75 -2.85
CA VAL A 108 -2.63 14.80 -3.57
C VAL A 108 -3.68 15.57 -2.79
N TYR A 109 -4.52 16.31 -3.50
CA TYR A 109 -5.57 17.11 -2.88
C TYR A 109 -6.91 16.38 -2.93
N SER A 110 -7.64 16.41 -1.82
CA SER A 110 -8.94 15.75 -1.73
C SER A 110 -9.86 16.21 -2.86
N LYS A 111 -9.74 17.49 -3.21
CA LYS A 111 -10.57 18.07 -4.28
C LYS A 111 -10.18 17.48 -5.63
N ALA A 112 -8.89 17.21 -5.81
CA ALA A 112 -8.40 16.64 -7.07
C ALA A 112 -8.80 15.18 -7.19
N LEU A 113 -9.00 14.52 -6.06
CA LEU A 113 -9.39 13.12 -6.04
C LEU A 113 -10.62 12.87 -6.91
N LYS A 114 -10.64 11.74 -7.60
CA LYS A 114 -11.76 11.40 -8.47
C LYS A 114 -11.70 9.93 -8.88
N ASP A 115 -12.85 9.32 -9.08
CA ASP A 115 -12.93 7.92 -9.48
C ASP A 115 -12.03 7.65 -10.69
N ASN A 116 -11.91 8.65 -11.56
CA ASN A 116 -11.09 8.52 -12.76
C ASN A 116 -9.67 9.02 -12.49
N ALA A 117 -9.53 9.93 -11.54
CA ALA A 117 -8.23 10.47 -11.19
C ALA A 117 -7.20 9.36 -10.99
N THR A 118 -6.11 9.44 -11.75
CA THR A 118 -5.05 8.45 -11.68
C THR A 118 -3.82 9.00 -10.96
N VAL A 119 -3.03 8.12 -10.39
CA VAL A 119 -1.81 8.52 -9.67
C VAL A 119 -0.59 7.80 -10.22
N ALA A 120 0.48 8.55 -10.44
CA ALA A 120 1.72 7.98 -10.96
C ALA A 120 2.69 7.67 -9.82
N THR A 121 3.32 6.50 -9.91
CA THR A 121 4.28 6.08 -8.89
C THR A 121 5.72 6.24 -9.39
N ALA A 122 6.67 6.16 -8.47
CA ALA A 122 8.08 6.29 -8.81
C ALA A 122 8.48 5.31 -9.90
N LEU A 123 7.80 4.17 -9.94
CA LEU A 123 8.08 3.14 -10.94
C LEU A 123 7.53 3.55 -12.30
N LYS A 124 8.34 3.37 -13.33
CA LYS A 124 7.94 3.71 -14.69
C LYS A 124 6.82 2.78 -15.18
N ASP A 125 5.83 3.35 -15.84
CA ASP A 125 4.71 2.58 -16.36
C ASP A 125 3.90 1.97 -15.22
N ALA A 126 3.77 2.71 -14.13
CA ALA A 126 3.02 2.24 -12.96
C ALA A 126 2.08 3.32 -12.43
N SER A 127 0.79 3.18 -12.73
CA SER A 127 -0.20 4.15 -12.29
C SER A 127 -1.40 3.45 -11.67
N VAL A 128 -1.98 4.07 -10.64
CA VAL A 128 -3.14 3.51 -9.95
C VAL A 128 -4.34 4.43 -10.07
N THR A 129 -5.53 3.86 -9.93
CA THR A 129 -6.76 4.63 -10.01
C THR A 129 -7.34 4.91 -8.63
N VAL A 130 -7.92 6.10 -8.47
CA VAL A 130 -8.51 6.49 -7.20
C VAL A 130 -9.97 6.07 -7.11
N ARG A 131 -10.40 5.65 -5.92
CA ARG A 131 -11.78 5.23 -5.71
C ARG A 131 -12.30 5.72 -4.36
N LEU A 132 -13.41 6.46 -4.39
CA LEU A 132 -14.00 6.99 -3.18
C LEU A 132 -15.26 6.19 -2.79
N TYR A 133 -15.30 5.75 -1.54
CA TYR A 133 -16.43 4.99 -1.04
C TYR A 133 -16.52 5.06 0.48
N GLN A 134 -17.69 5.44 0.98
CA GLN A 134 -17.92 5.56 2.41
C GLN A 134 -16.92 6.52 3.03
N GLY A 135 -16.58 7.59 2.31
CA GLY A 135 -15.63 8.57 2.81
C GLY A 135 -14.25 7.98 3.01
N LYS A 136 -13.93 6.95 2.23
CA LYS A 136 -12.63 6.30 2.32
C LYS A 136 -11.96 6.22 0.96
N VAL A 137 -10.66 6.47 0.92
CA VAL A 137 -9.90 6.43 -0.33
C VAL A 137 -9.38 5.03 -0.60
N MET A 138 -9.48 4.60 -1.85
CA MET A 138 -9.03 3.27 -2.25
C MET A 138 -8.27 3.33 -3.58
N PHE A 139 -7.37 2.39 -3.78
CA PHE A 139 -6.57 2.33 -5.01
C PHE A 139 -6.81 1.02 -5.75
N LYS A 140 -6.63 1.05 -7.06
CA LYS A 140 -6.82 -0.14 -7.89
C LYS A 140 -5.77 -0.21 -9.00
N GLY A 141 -5.37 -1.43 -9.35
CA GLY A 141 -4.37 -1.61 -10.40
C GLY A 141 -4.70 -2.75 -11.32
N PRO A 142 -3.70 -3.21 -12.10
CA PRO A 142 -3.87 -4.31 -13.04
C PRO A 142 -4.05 -5.66 -12.34
N VAL A 143 -3.43 -5.79 -11.17
CA VAL A 143 -3.52 -7.02 -10.38
C VAL A 143 -3.60 -6.72 -8.89
N ASN A 144 -4.68 -7.19 -8.26
CA ASN A 144 -4.88 -6.97 -6.84
C ASN A 144 -5.02 -5.49 -6.52
N LYS A 145 -5.57 -5.18 -5.35
CA LYS A 145 -5.76 -3.80 -4.94
C LYS A 145 -5.66 -3.68 -3.42
N ALA A 146 -5.76 -2.45 -2.93
CA ALA A 146 -5.67 -2.18 -1.49
C ALA A 146 -6.65 -1.09 -1.07
N GLN A 147 -6.78 -0.88 0.23
CA GLN A 147 -7.69 0.13 0.76
C GLN A 147 -7.05 0.87 1.93
N VAL A 148 -6.91 2.19 1.80
CA VAL A 148 -6.32 3.01 2.84
C VAL A 148 -7.18 3.01 4.09
N THR A 149 -6.61 2.55 5.20
CA THR A 149 -7.33 2.49 6.47
C THR A 149 -7.24 3.81 7.22
N VAL A 150 -6.01 4.20 7.60
CA VAL A 150 -5.79 5.44 8.32
C VAL A 150 -4.94 6.40 7.50
N ALA A 151 -5.54 7.50 7.07
CA ALA A 151 -4.83 8.50 6.27
C ALA A 151 -4.78 9.84 7.00
N ASP A 152 -4.32 10.87 6.30
CA ASP A 152 -4.22 12.21 6.88
C ASP A 152 -3.17 12.24 7.98
N ILE A 153 -2.11 11.47 7.80
CA ILE A 153 -1.03 11.41 8.78
C ILE A 153 -0.21 12.70 8.77
N LYS A 154 -0.34 13.50 9.83
CA LYS A 154 0.38 14.75 9.95
C LYS A 154 1.88 14.52 9.77
N ALA A 155 2.48 15.24 8.82
CA ALA A 155 3.90 15.12 8.56
C ALA A 155 4.50 16.47 8.17
N GLY A 156 5.83 16.52 8.07
CA GLY A 156 6.50 17.75 7.71
C GLY A 156 7.17 17.67 6.36
N GLY A 157 6.68 18.45 5.40
CA GLY A 157 7.25 18.45 4.07
C GLY A 157 6.59 17.44 3.16
N SER A 158 6.22 16.29 3.71
CA SER A 158 5.58 15.24 2.94
C SER A 158 4.36 14.68 3.68
N VAL A 159 3.69 13.71 3.06
CA VAL A 159 2.52 13.10 3.66
C VAL A 159 2.53 11.58 3.48
N ILE A 160 2.04 10.86 4.48
CA ILE A 160 2.01 9.41 4.43
C ILE A 160 0.62 8.89 4.79
N HIS A 161 0.22 7.78 4.16
CA HIS A 161 -1.07 7.18 4.42
C HIS A 161 -0.93 5.69 4.74
N VAL A 162 -1.64 5.25 5.77
CA VAL A 162 -1.59 3.85 6.18
C VAL A 162 -2.61 3.01 5.42
N ILE A 163 -2.16 1.91 4.85
CA ILE A 163 -3.04 1.02 4.10
C ILE A 163 -3.24 -0.30 4.83
N ASN A 164 -4.29 -1.02 4.44
CA ASN A 164 -4.61 -2.31 5.07
C ASN A 164 -3.95 -3.45 4.30
N ASP A 165 -3.87 -3.31 2.97
CA ASP A 165 -3.28 -4.33 2.13
C ASP A 165 -2.18 -3.73 1.25
N VAL A 166 -1.44 -4.60 0.56
CA VAL A 166 -0.36 -4.16 -0.32
C VAL A 166 -0.71 -4.42 -1.78
N LEU A 167 -0.28 -3.51 -2.65
CA LEU A 167 -0.54 -3.65 -4.08
C LEU A 167 0.41 -4.65 -4.72
N LEU A 168 0.08 -5.10 -5.92
CA LEU A 168 0.90 -6.06 -6.65
C LEU A 168 1.48 -5.45 -7.92
N PRO A 169 2.70 -4.90 -7.81
CA PRO A 169 3.39 -4.28 -8.94
C PRO A 169 3.82 -5.30 -9.99
N PRO A 170 4.20 -4.80 -11.18
CA PRO A 170 4.63 -5.65 -12.29
C PRO A 170 5.99 -6.30 -12.02
N GLY A 171 6.24 -7.42 -12.70
CA GLY A 171 7.50 -8.12 -12.51
C GLY A 171 7.55 -8.88 -11.21
N VAL A 172 6.38 -9.27 -10.70
CA VAL A 172 6.31 -10.01 -9.44
C VAL A 172 5.27 -11.12 -9.53
N VAL A 173 4.13 -10.81 -10.15
CA VAL A 173 3.05 -11.78 -10.30
C VAL A 173 3.36 -12.76 -11.43
N SER A 174 3.30 -14.05 -11.13
CA SER A 174 3.57 -15.08 -12.11
C SER A 174 2.30 -15.47 -12.86
N ASP A 175 2.44 -16.35 -13.84
CA ASP A 175 1.30 -16.80 -14.63
C ASP A 175 0.24 -17.43 -13.74
N ALA A 176 0.64 -18.44 -12.97
CA ALA A 176 -0.28 -19.14 -12.07
C ALA A 176 -0.79 -18.20 -10.99
N VAL A 177 0.10 -17.39 -10.43
CA VAL A 177 -0.27 -16.45 -9.38
C VAL A 177 -1.42 -15.56 -9.82
N ALA A 178 -1.20 -14.77 -10.87
CA ALA A 178 -2.23 -13.89 -11.39
C ALA A 178 -3.52 -14.64 -11.66
N LYS A 179 -3.40 -15.84 -12.24
CA LYS A 179 -4.57 -16.67 -12.56
C LYS A 179 -5.36 -16.98 -11.29
N GLN A 180 -4.65 -17.20 -10.18
CA GLN A 180 -5.29 -17.49 -8.91
C GLN A 180 -6.25 -16.38 -8.51
N TRP A 181 -5.76 -15.15 -8.54
CA TRP A 181 -6.57 -14.00 -8.16
C TRP A 181 -7.74 -13.82 -9.13
N LYS A 182 -7.48 -14.06 -10.42
CA LYS A 182 -8.50 -13.93 -11.44
C LYS A 182 -9.58 -15.00 -11.27
N ALA A 183 -9.17 -16.19 -10.86
CA ALA A 183 -10.10 -17.29 -10.65
C ALA A 183 -11.26 -16.88 -9.76
N GLU A 184 -10.96 -16.03 -8.78
CA GLU A 184 -11.99 -15.55 -7.85
C GLU A 184 -13.18 -14.99 -8.60
N TRP A 185 -12.91 -14.32 -9.72
CA TRP A 185 -13.97 -13.74 -10.53
C TRP A 185 -14.57 -14.77 -11.48
N GLU A 186 -13.72 -15.62 -12.04
CA GLU A 186 -14.17 -16.65 -12.97
C GLU A 186 -15.30 -17.48 -12.35
N ALA A 187 -15.18 -17.77 -11.06
CA ALA A 187 -16.20 -18.55 -10.36
C ALA A 187 -17.55 -17.82 -10.36
N MET A 188 -17.49 -16.49 -10.25
CA MET A 188 -18.70 -15.68 -10.23
C MET A 188 -19.41 -15.73 -11.59
N LYS A 189 -18.62 -15.69 -12.66
CA LYS A 189 -19.17 -15.74 -14.02
C LYS A 189 -20.09 -16.94 -14.19
N ALA A 190 -21.27 -16.69 -14.74
CA ALA A 190 -22.25 -17.76 -14.97
C ALA A 190 -23.42 -17.26 -15.82
N GLU A 191 -24.28 -18.19 -16.22
CA GLU A 191 -25.44 -17.84 -17.04
C GLU A 191 -26.55 -17.24 -16.18
N LYS A 192 -27.69 -16.98 -16.81
CA LYS A 192 -28.84 -16.40 -16.12
C LYS A 192 -30.11 -16.58 -16.92
N LYS A 193 -31.25 -16.31 -16.28
CA LYS A 193 -32.54 -16.43 -16.95
C LYS A 193 -32.82 -15.23 -17.84
N VAL A 194 -33.36 -15.48 -19.03
CA VAL A 194 -33.67 -14.42 -19.98
C VAL A 194 -35.05 -14.61 -20.58
N ALA A 195 -35.74 -13.49 -20.82
CA ALA A 195 -37.08 -13.53 -21.40
C ALA A 195 -37.08 -14.25 -22.75
N PRO A 196 -38.26 -14.71 -23.19
CA PRO A 196 -38.40 -15.41 -24.46
C PRO A 196 -38.22 -14.49 -25.66
N LYS A 197 -38.31 -15.06 -26.86
CA LYS A 197 -38.15 -14.29 -28.08
C LYS A 197 -39.22 -14.64 -29.10
N ALA A 198 -39.19 -13.98 -30.25
CA ALA A 198 -40.17 -14.24 -31.31
C ALA A 198 -39.59 -15.15 -32.38
N THR A 199 -40.47 -15.90 -33.04
CA THR A 199 -40.04 -16.82 -34.09
C THR A 199 -40.50 -16.32 -35.46
N THR A 200 -39.64 -16.51 -36.47
CA THR A 200 -39.96 -16.10 -37.83
C THR A 200 -39.42 -17.09 -38.85
N GLY A 201 -39.82 -16.91 -40.11
CA GLY A 201 -39.37 -17.81 -41.16
C GLY A 201 -39.18 -17.09 -42.48
N ARG A 202 -38.99 -17.87 -43.55
CA ARG A 202 -38.79 -17.30 -44.88
C ARG A 202 -39.03 -18.34 -45.96
N ARG A 203 -39.57 -17.91 -47.09
CA ARG A 203 -39.85 -18.81 -48.21
C ARG A 203 -38.83 -18.63 -49.31
N PHE A 204 -38.82 -19.57 -50.26
CA PHE A 204 -37.90 -19.52 -51.38
C PHE A 204 -38.63 -19.66 -52.71
N LEU A 205 -37.93 -19.40 -53.81
CA LEU A 205 -38.52 -19.51 -55.14
C LEU A 205 -38.14 -20.83 -55.80
N LEU A 206 -39.11 -21.50 -56.39
CA LEU A 206 -38.87 -22.77 -57.07
C LEU A 206 -39.02 -22.63 -58.58
N PHE A 207 -40.05 -21.90 -59.00
CA PHE A 207 -40.32 -21.68 -60.42
C PHE A 207 -39.26 -20.76 -61.03
N GLY A 1 18.02 -45.70 31.40
CA GLY A 1 16.66 -46.19 31.57
C GLY A 1 15.65 -45.30 30.89
N PRO A 2 14.35 -45.63 31.04
CA PRO A 2 13.26 -44.87 30.45
C PRO A 2 13.09 -43.50 31.10
N HIS A 3 12.70 -42.51 30.29
CA HIS A 3 12.50 -41.15 30.80
C HIS A 3 11.02 -40.83 30.92
N MET A 4 10.24 -41.80 31.40
CA MET A 4 8.80 -41.63 31.57
C MET A 4 8.17 -41.14 30.29
N ALA A 5 8.71 -41.56 29.15
CA ALA A 5 8.19 -41.16 27.85
C ALA A 5 8.25 -39.65 27.68
N THR A 6 9.44 -39.08 27.79
CA THR A 6 9.63 -37.64 27.65
C THR A 6 11.08 -37.25 27.85
N PRO A 7 11.53 -36.23 27.11
CA PRO A 7 12.91 -35.74 27.18
C PRO A 7 13.19 -35.03 28.50
N LYS A 8 14.34 -34.35 28.58
CA LYS A 8 14.73 -33.63 29.78
C LYS A 8 15.52 -32.38 29.44
N ALA A 9 14.93 -31.52 28.60
CA ALA A 9 15.59 -30.29 28.19
C ALA A 9 14.62 -29.10 28.30
N ASN A 10 15.18 -27.92 28.51
CA ASN A 10 14.38 -26.71 28.64
C ASN A 10 13.72 -26.36 27.31
N ALA A 11 12.39 -26.33 27.31
CA ALA A 11 11.63 -26.01 26.10
C ALA A 11 11.56 -24.49 25.90
N THR A 12 11.77 -24.06 24.66
CA THR A 12 11.72 -22.64 24.33
C THR A 12 10.28 -22.14 24.25
N THR A 13 9.96 -21.14 25.06
CA THR A 13 8.62 -20.57 25.08
C THR A 13 8.62 -19.18 25.70
N ALA A 14 7.93 -18.25 25.05
CA ALA A 14 7.85 -16.87 25.54
C ALA A 14 6.84 -16.06 24.73
N LYS A 15 6.54 -14.86 25.21
CA LYS A 15 5.60 -13.97 24.52
C LYS A 15 5.95 -12.51 24.76
N PRO A 16 7.04 -12.06 24.14
CA PRO A 16 7.50 -10.67 24.27
C PRO A 16 6.57 -9.68 23.58
N ALA A 17 6.52 -8.46 24.11
CA ALA A 17 5.68 -7.42 23.54
C ALA A 17 6.45 -6.13 23.32
N SER A 18 5.81 -5.14 22.71
CA SER A 18 6.44 -3.86 22.43
C SER A 18 5.48 -2.71 22.71
N THR A 19 5.96 -1.72 23.47
CA THR A 19 5.15 -0.56 23.81
C THR A 19 5.73 0.71 23.21
N THR A 20 4.87 1.71 23.00
CA THR A 20 5.29 2.97 22.43
C THR A 20 4.14 3.98 22.39
N SER A 21 4.48 5.25 22.29
CA SER A 21 3.47 6.32 22.25
C SER A 21 3.27 6.80 20.82
N THR A 22 2.19 7.56 20.61
CA THR A 22 1.87 8.08 19.29
C THR A 22 1.85 9.61 19.30
N PRO A 23 3.03 10.21 19.46
CA PRO A 23 3.19 11.67 19.49
C PRO A 23 2.93 12.30 18.13
N VAL A 24 3.01 13.64 18.08
CA VAL A 24 2.79 14.36 16.84
C VAL A 24 4.10 14.54 16.07
N TYR A 25 4.04 14.33 14.76
CA TYR A 25 5.22 14.48 13.92
C TYR A 25 5.33 15.90 13.36
N ALA A 26 6.46 16.54 13.63
CA ALA A 26 6.70 17.90 13.16
C ALA A 26 7.54 17.90 11.89
N THR A 27 8.43 16.92 11.77
CA THR A 27 9.29 16.81 10.60
C THR A 27 9.31 15.38 10.06
N LEU A 28 9.70 15.24 8.80
CA LEU A 28 9.76 13.93 8.17
C LEU A 28 10.56 12.95 9.01
N SER A 29 11.73 13.38 9.47
CA SER A 29 12.59 12.54 10.29
C SER A 29 11.81 11.95 11.46
N ASN A 30 10.97 12.77 12.08
CA ASN A 30 10.17 12.34 13.21
C ASN A 30 9.17 11.27 12.79
N ALA A 31 8.55 11.47 11.63
CA ALA A 31 7.57 10.52 11.11
C ALA A 31 8.20 9.14 10.91
N VAL A 32 9.37 9.13 10.27
CA VAL A 32 10.07 7.88 10.01
C VAL A 32 10.37 7.12 11.31
N THR A 33 10.91 7.84 12.29
CA THR A 33 11.23 7.25 13.58
C THR A 33 10.00 6.64 14.23
N ALA A 34 8.84 7.28 14.02
CA ALA A 34 7.59 6.80 14.60
C ALA A 34 7.19 5.47 13.99
N GLY A 35 7.04 5.43 12.67
CA GLY A 35 6.66 4.21 11.99
C GLY A 35 7.58 3.05 12.32
N ALA A 36 8.86 3.35 12.54
CA ALA A 36 9.84 2.32 12.87
C ALA A 36 9.66 1.83 14.30
N ALA A 37 9.25 2.75 15.19
CA ALA A 37 9.05 2.40 16.60
C ALA A 37 7.80 1.53 16.76
N ALA A 38 6.85 1.70 15.86
CA ALA A 38 5.61 0.93 15.92
C ALA A 38 5.78 -0.44 15.27
N PRO A 39 5.20 -1.48 15.90
CA PRO A 39 5.28 -2.85 15.41
C PRO A 39 4.48 -3.06 14.12
N GLN A 40 3.33 -2.40 14.04
CA GLN A 40 2.47 -2.50 12.87
C GLN A 40 3.26 -2.24 11.59
N LEU A 41 4.27 -1.38 11.68
CA LEU A 41 5.10 -1.04 10.54
C LEU A 41 6.46 -1.72 10.64
N THR A 42 6.48 -2.93 11.20
CA THR A 42 7.73 -3.67 11.35
C THR A 42 8.33 -4.02 10.00
N THR A 43 7.60 -4.79 9.20
CA THR A 43 8.07 -5.19 7.87
C THR A 43 8.46 -3.98 7.05
N LEU A 44 7.54 -3.06 6.87
CA LEU A 44 7.79 -1.84 6.10
C LEU A 44 9.05 -1.14 6.58
N PHE A 45 9.15 -0.95 7.89
CA PHE A 45 10.31 -0.29 8.48
C PHE A 45 11.60 -0.91 7.97
N ALA A 46 11.68 -2.23 8.02
CA ALA A 46 12.86 -2.95 7.55
C ALA A 46 13.11 -2.70 6.07
N ALA A 47 12.02 -2.52 5.32
CA ALA A 47 12.12 -2.28 3.88
C ALA A 47 12.63 -0.87 3.60
N VAL A 48 11.96 0.13 4.16
CA VAL A 48 12.36 1.52 3.96
C VAL A 48 13.81 1.74 4.40
N ARG A 49 14.23 1.02 5.43
CA ARG A 49 15.60 1.14 5.94
C ARG A 49 16.58 0.40 5.04
N ALA A 50 16.37 -0.91 4.90
CA ALA A 50 17.25 -1.73 4.06
C ALA A 50 17.33 -1.17 2.65
N ALA A 51 16.25 -0.55 2.19
CA ALA A 51 16.21 0.03 0.85
C ALA A 51 17.19 1.19 0.73
N ASN A 52 17.57 1.78 1.86
CA ASN A 52 18.49 2.89 1.88
C ASN A 52 17.87 4.12 1.21
N VAL A 53 16.57 4.28 1.37
CA VAL A 53 15.84 5.41 0.79
C VAL A 53 15.66 6.52 1.82
N THR A 54 15.83 6.19 3.09
CA THR A 54 15.69 7.16 4.17
C THR A 54 16.47 8.43 3.88
N GLY A 55 17.71 8.25 3.39
CA GLY A 55 18.54 9.39 3.08
C GLY A 55 17.85 10.41 2.20
N ALA A 56 16.98 9.93 1.32
CA ALA A 56 16.24 10.81 0.41
C ALA A 56 15.09 11.48 1.12
N LEU A 57 14.53 10.79 2.12
CA LEU A 57 13.40 11.33 2.89
C LEU A 57 13.82 12.59 3.63
N THR A 58 13.58 13.75 3.01
CA THR A 58 13.92 15.03 3.61
C THR A 58 12.67 15.86 3.87
N ALA A 59 12.79 16.83 4.78
CA ALA A 59 11.67 17.69 5.12
C ALA A 59 11.26 18.56 3.93
N ASN A 60 12.23 19.30 3.39
CA ASN A 60 11.96 20.17 2.24
C ASN A 60 11.29 19.41 1.12
N THR A 61 11.65 18.13 0.96
CA THR A 61 11.06 17.29 -0.07
C THR A 61 9.64 16.89 0.28
N THR A 62 8.68 17.39 -0.49
CA THR A 62 7.27 17.07 -0.26
C THR A 62 6.81 15.92 -1.15
N TRP A 63 6.50 14.79 -0.53
CA TRP A 63 6.04 13.63 -1.27
C TRP A 63 4.96 12.87 -0.50
N THR A 64 4.27 11.97 -1.18
CA THR A 64 3.20 11.19 -0.56
C THR A 64 3.56 9.71 -0.54
N ILE A 65 3.88 9.19 0.64
CA ILE A 65 4.23 7.78 0.78
C ILE A 65 3.14 7.02 1.52
N LEU A 66 3.01 5.74 1.21
CA LEU A 66 2.00 4.90 1.85
C LEU A 66 2.65 3.84 2.72
N ALA A 67 2.26 3.81 3.99
CA ALA A 67 2.79 2.84 4.95
C ALA A 67 1.74 1.81 5.34
N PRO A 68 1.66 0.71 4.56
CA PRO A 68 0.71 -0.36 4.81
C PRO A 68 1.04 -1.16 6.07
N THR A 69 0.01 -1.61 6.78
CA THR A 69 0.20 -2.39 7.99
C THR A 69 1.02 -3.64 7.72
N ASN A 70 1.47 -4.29 8.79
CA ASN A 70 2.27 -5.51 8.67
C ASN A 70 1.44 -6.65 8.09
N ASP A 71 0.19 -6.76 8.55
CA ASP A 71 -0.70 -7.80 8.08
C ASP A 71 -0.75 -7.84 6.55
N ALA A 72 -0.65 -6.66 5.93
CA ALA A 72 -0.68 -6.56 4.49
C ALA A 72 0.50 -7.30 3.86
N PHE A 73 1.68 -7.14 4.45
CA PHE A 73 2.88 -7.79 3.94
C PHE A 73 2.80 -9.31 4.13
N ALA A 74 2.52 -9.73 5.35
CA ALA A 74 2.41 -11.16 5.66
C ALA A 74 1.44 -11.84 4.71
N LYS A 75 0.41 -11.12 4.30
CA LYS A 75 -0.60 -11.66 3.39
C LYS A 75 -0.09 -11.66 1.96
N ARG A 76 0.65 -10.62 1.60
CA ARG A 76 1.21 -10.51 0.25
C ARG A 76 2.20 -11.64 -0.02
N LEU A 77 3.06 -11.91 0.94
CA LEU A 77 4.07 -12.96 0.80
C LEU A 77 3.43 -14.34 0.94
N ALA A 78 2.43 -14.44 1.82
CA ALA A 78 1.74 -15.70 2.04
C ALA A 78 0.90 -16.09 0.84
N LYS A 79 0.21 -15.11 0.25
CA LYS A 79 -0.63 -15.35 -0.92
C LYS A 79 0.23 -15.68 -2.14
N LEU A 80 1.34 -14.98 -2.29
CA LEU A 80 2.24 -15.20 -3.42
C LEU A 80 3.11 -16.42 -3.17
N ASN A 81 3.22 -16.83 -1.91
CA ASN A 81 4.03 -18.00 -1.55
C ASN A 81 5.50 -17.74 -1.85
N LEU A 82 6.07 -16.74 -1.20
CA LEU A 82 7.47 -16.40 -1.41
C LEU A 82 8.18 -16.17 -0.07
N THR A 83 9.44 -15.76 -0.15
CA THR A 83 10.23 -15.51 1.06
C THR A 83 10.55 -14.03 1.21
N ALA A 84 10.53 -13.55 2.45
CA ALA A 84 10.81 -12.14 2.73
C ALA A 84 12.32 -11.88 2.73
N ASP A 85 13.07 -12.78 3.35
CA ASP A 85 14.53 -12.65 3.41
C ASP A 85 15.12 -12.42 2.03
N ALA A 86 14.62 -13.16 1.04
CA ALA A 86 15.10 -13.05 -0.32
C ALA A 86 15.00 -11.60 -0.82
N VAL A 87 13.96 -10.90 -0.37
CA VAL A 87 13.75 -9.51 -0.76
C VAL A 87 14.55 -8.57 0.13
N LEU A 88 14.42 -8.76 1.43
CA LEU A 88 15.13 -7.92 2.40
C LEU A 88 16.63 -7.93 2.14
N LYS A 89 17.14 -9.08 1.71
CA LYS A 89 18.57 -9.22 1.42
C LYS A 89 18.84 -8.97 -0.06
N ASN A 90 17.90 -8.32 -0.74
CA ASN A 90 18.04 -8.02 -2.16
C ASN A 90 17.58 -6.60 -2.46
N LYS A 91 18.49 -5.64 -2.29
CA LYS A 91 18.17 -4.24 -2.54
C LYS A 91 17.57 -4.05 -3.93
N ASP A 92 18.09 -4.80 -4.91
CA ASP A 92 17.60 -4.72 -6.27
C ASP A 92 16.10 -4.96 -6.32
N LEU A 93 15.61 -5.85 -5.47
CA LEU A 93 14.19 -6.18 -5.42
C LEU A 93 13.46 -5.22 -4.47
N LEU A 94 14.07 -4.95 -3.33
CA LEU A 94 13.48 -4.05 -2.34
C LEU A 94 13.00 -2.76 -3.00
N VAL A 95 13.94 -2.00 -3.55
CA VAL A 95 13.61 -0.74 -4.20
C VAL A 95 12.47 -0.92 -5.21
N LYS A 96 12.41 -2.10 -5.81
CA LYS A 96 11.36 -2.40 -6.78
C LYS A 96 9.99 -2.37 -6.13
N ILE A 97 9.88 -3.01 -4.97
CA ILE A 97 8.61 -3.07 -4.25
C ILE A 97 8.26 -1.70 -3.67
N LEU A 98 9.22 -1.07 -3.01
CA LEU A 98 9.02 0.24 -2.41
C LEU A 98 8.71 1.28 -3.48
N SER A 99 9.27 1.10 -4.67
CA SER A 99 9.06 2.03 -5.76
C SER A 99 7.57 2.26 -5.99
N TYR A 100 6.79 1.20 -5.87
CA TYR A 100 5.34 1.28 -6.07
C TYR A 100 4.63 1.54 -4.74
N HIS A 101 5.29 2.26 -3.84
CA HIS A 101 4.73 2.57 -2.54
C HIS A 101 4.95 4.04 -2.19
N VAL A 102 5.48 4.80 -3.15
CA VAL A 102 5.74 6.22 -2.94
C VAL A 102 5.23 7.05 -4.12
N ILE A 103 4.78 8.25 -3.83
CA ILE A 103 4.26 9.14 -4.86
C ILE A 103 5.13 10.39 -5.00
N PRO A 104 6.03 10.38 -5.99
CA PRO A 104 6.94 11.50 -6.25
C PRO A 104 6.21 12.72 -6.80
N SER A 105 5.07 12.49 -7.42
CA SER A 105 4.27 13.57 -8.00
C SER A 105 4.05 14.67 -6.97
N GLY A 106 3.89 14.28 -5.72
CA GLY A 106 3.67 15.25 -4.66
C GLY A 106 2.33 15.05 -3.95
N ALA A 107 2.07 15.86 -2.94
CA ALA A 107 0.83 15.77 -2.18
C ALA A 107 -0.38 15.82 -3.11
N VAL A 108 -1.34 14.93 -2.87
CA VAL A 108 -2.55 14.88 -3.68
C VAL A 108 -3.65 15.74 -3.08
N TYR A 109 -4.50 16.29 -3.94
CA TYR A 109 -5.60 17.13 -3.50
C TYR A 109 -6.93 16.40 -3.60
N SER A 110 -7.84 16.68 -2.67
CA SER A 110 -9.15 16.05 -2.66
C SER A 110 -9.90 16.33 -3.95
N LYS A 111 -9.74 17.55 -4.47
CA LYS A 111 -10.40 17.95 -5.70
C LYS A 111 -9.94 17.08 -6.88
N ALA A 112 -8.65 16.72 -6.85
CA ALA A 112 -8.08 15.89 -7.91
C ALA A 112 -8.60 14.46 -7.83
N LEU A 113 -9.00 14.05 -6.64
CA LEU A 113 -9.50 12.70 -6.43
C LEU A 113 -10.75 12.45 -7.28
N LYS A 114 -10.78 11.30 -7.95
CA LYS A 114 -11.91 10.93 -8.80
C LYS A 114 -11.76 9.49 -9.30
N ASP A 115 -12.89 8.87 -9.60
CA ASP A 115 -12.91 7.50 -10.08
C ASP A 115 -11.93 7.33 -11.25
N ASN A 116 -11.81 8.37 -12.07
CA ASN A 116 -10.91 8.33 -13.21
C ASN A 116 -9.54 8.87 -12.85
N ALA A 117 -9.49 9.76 -11.85
CA ALA A 117 -8.24 10.34 -11.40
C ALA A 117 -7.18 9.26 -11.16
N THR A 118 -6.12 9.29 -11.94
CA THR A 118 -5.04 8.31 -11.82
C THR A 118 -3.85 8.90 -11.07
N VAL A 119 -3.07 8.04 -10.43
CA VAL A 119 -1.90 8.47 -9.68
C VAL A 119 -0.66 7.71 -10.11
N ALA A 120 0.45 8.42 -10.27
CA ALA A 120 1.70 7.81 -10.67
C ALA A 120 2.62 7.58 -9.48
N THR A 121 3.26 6.41 -9.45
CA THR A 121 4.16 6.07 -8.35
C THR A 121 5.61 6.16 -8.78
N ALA A 122 6.53 6.13 -7.81
CA ALA A 122 7.95 6.20 -8.10
C ALA A 122 8.38 5.09 -9.04
N LEU A 123 7.61 4.01 -9.07
CA LEU A 123 7.91 2.88 -9.93
C LEU A 123 7.57 3.19 -11.39
N LYS A 124 8.46 2.81 -12.30
CA LYS A 124 8.25 3.05 -13.72
C LYS A 124 7.03 2.28 -14.23
N ASP A 125 6.28 2.90 -15.12
CA ASP A 125 5.09 2.27 -15.70
C ASP A 125 4.18 1.74 -14.59
N ALA A 126 4.02 2.53 -13.53
CA ALA A 126 3.17 2.13 -12.41
C ALA A 126 2.18 3.23 -12.06
N SER A 127 0.91 3.01 -12.38
CA SER A 127 -0.15 3.98 -12.10
C SER A 127 -1.37 3.31 -11.48
N VAL A 128 -1.97 3.97 -10.51
CA VAL A 128 -3.15 3.45 -9.84
C VAL A 128 -4.35 4.36 -10.02
N THR A 129 -5.54 3.81 -9.81
CA THR A 129 -6.78 4.58 -9.96
C THR A 129 -7.33 5.00 -8.61
N VAL A 130 -7.91 6.20 -8.55
CA VAL A 130 -8.47 6.72 -7.31
C VAL A 130 -9.94 6.34 -7.18
N ARG A 131 -10.21 5.39 -6.29
CA ARG A 131 -11.58 4.94 -6.06
C ARG A 131 -12.08 5.38 -4.69
N LEU A 132 -13.31 5.87 -4.64
CA LEU A 132 -13.91 6.33 -3.40
C LEU A 132 -14.90 5.30 -2.86
N TYR A 133 -14.60 4.77 -1.68
CA TYR A 133 -15.47 3.77 -1.05
C TYR A 133 -15.58 4.02 0.45
N GLN A 134 -16.79 4.25 0.92
CA GLN A 134 -17.04 4.50 2.34
C GLN A 134 -16.20 5.68 2.83
N GLY A 135 -16.12 6.72 2.01
CA GLY A 135 -15.34 7.89 2.38
C GLY A 135 -13.88 7.58 2.59
N LYS A 136 -13.39 6.55 1.91
CA LYS A 136 -12.00 6.15 2.02
C LYS A 136 -11.32 6.13 0.65
N VAL A 137 -10.06 6.55 0.61
CA VAL A 137 -9.31 6.58 -0.63
C VAL A 137 -8.59 5.26 -0.88
N MET A 138 -9.07 4.50 -1.87
CA MET A 138 -8.48 3.21 -2.20
C MET A 138 -7.80 3.27 -3.57
N PHE A 139 -6.78 2.43 -3.74
CA PHE A 139 -6.04 2.39 -5.00
C PHE A 139 -6.16 1.01 -5.65
N LYS A 140 -6.60 1.00 -6.91
CA LYS A 140 -6.76 -0.25 -7.64
C LYS A 140 -5.76 -0.33 -8.80
N GLY A 141 -5.34 -1.55 -9.13
CA GLY A 141 -4.40 -1.74 -10.21
C GLY A 141 -4.74 -2.94 -11.08
N PRO A 142 -3.77 -3.38 -11.89
CA PRO A 142 -3.96 -4.52 -12.79
C PRO A 142 -4.07 -5.85 -12.03
N VAL A 143 -3.39 -5.92 -10.89
CA VAL A 143 -3.42 -7.13 -10.07
C VAL A 143 -3.47 -6.78 -8.58
N ASN A 144 -4.51 -7.27 -7.90
CA ASN A 144 -4.68 -7.01 -6.48
C ASN A 144 -4.95 -5.54 -6.22
N LYS A 145 -5.78 -5.26 -5.23
CA LYS A 145 -6.12 -3.88 -4.88
C LYS A 145 -6.17 -3.71 -3.36
N ALA A 146 -5.80 -2.51 -2.90
CA ALA A 146 -5.80 -2.21 -1.48
C ALA A 146 -6.51 -0.90 -1.19
N GLN A 147 -6.96 -0.73 0.05
CA GLN A 147 -7.66 0.49 0.45
C GLN A 147 -6.99 1.13 1.66
N VAL A 148 -7.02 2.46 1.72
CA VAL A 148 -6.41 3.18 2.84
C VAL A 148 -7.35 3.20 4.04
N THR A 149 -6.83 2.75 5.18
CA THR A 149 -7.61 2.70 6.41
C THR A 149 -7.43 3.98 7.23
N VAL A 150 -6.20 4.21 7.68
CA VAL A 150 -5.89 5.39 8.47
C VAL A 150 -5.01 6.36 7.68
N ALA A 151 -5.57 7.52 7.35
CA ALA A 151 -4.83 8.53 6.60
C ALA A 151 -4.78 9.86 7.35
N ASP A 152 -4.32 10.90 6.68
CA ASP A 152 -4.22 12.22 7.29
C ASP A 152 -3.17 12.23 8.40
N ILE A 153 -2.10 11.48 8.20
CA ILE A 153 -1.02 11.41 9.17
C ILE A 153 -0.24 12.71 9.22
N LYS A 154 -0.45 13.48 10.29
CA LYS A 154 0.25 14.75 10.46
C LYS A 154 1.76 14.58 10.34
N ALA A 155 2.32 15.06 9.23
CA ALA A 155 3.74 14.95 8.99
C ALA A 155 4.36 16.32 8.71
N GLY A 156 5.67 16.36 8.54
CA GLY A 156 6.36 17.60 8.26
C GLY A 156 7.02 17.62 6.90
N GLY A 157 6.51 18.46 5.99
CA GLY A 157 7.06 18.54 4.66
C GLY A 157 6.41 17.57 3.70
N SER A 158 6.07 16.39 4.19
CA SER A 158 5.45 15.37 3.36
C SER A 158 4.23 14.77 4.06
N VAL A 159 3.56 13.84 3.39
CA VAL A 159 2.38 13.19 3.94
C VAL A 159 2.43 11.68 3.74
N ILE A 160 1.92 10.95 4.72
CA ILE A 160 1.91 9.48 4.65
C ILE A 160 0.55 8.93 5.05
N HIS A 161 0.13 7.86 4.39
CA HIS A 161 -1.15 7.22 4.68
C HIS A 161 -0.97 5.73 4.95
N VAL A 162 -1.77 5.19 5.87
CA VAL A 162 -1.70 3.78 6.22
C VAL A 162 -2.72 2.97 5.43
N ILE A 163 -2.27 1.89 4.81
CA ILE A 163 -3.15 1.02 4.04
C ILE A 163 -3.38 -0.31 4.73
N ASN A 164 -4.45 -0.99 4.36
CA ASN A 164 -4.77 -2.29 4.95
C ASN A 164 -4.08 -3.41 4.21
N ASP A 165 -3.94 -3.26 2.89
CA ASP A 165 -3.29 -4.26 2.06
C ASP A 165 -2.14 -3.64 1.25
N VAL A 166 -1.38 -4.49 0.59
CA VAL A 166 -0.25 -4.03 -0.22
C VAL A 166 -0.42 -4.44 -1.68
N LEU A 167 0.07 -3.58 -2.58
CA LEU A 167 -0.04 -3.84 -4.01
C LEU A 167 1.32 -4.24 -4.59
N LEU A 168 1.33 -5.23 -5.46
CA LEU A 168 2.56 -5.70 -6.09
C LEU A 168 2.62 -5.28 -7.56
N PRO A 169 3.82 -4.97 -8.05
CA PRO A 169 4.04 -4.56 -9.43
C PRO A 169 3.84 -5.70 -10.41
N PRO A 170 3.73 -5.37 -11.70
CA PRO A 170 3.53 -6.36 -12.77
C PRO A 170 4.77 -7.21 -13.00
N GLY A 171 4.56 -8.47 -13.36
CA GLY A 171 5.68 -9.38 -13.61
C GLY A 171 6.04 -10.18 -12.38
N VAL A 172 5.83 -9.61 -11.20
CA VAL A 172 6.15 -10.28 -9.95
C VAL A 172 5.12 -11.35 -9.62
N VAL A 173 3.85 -11.08 -9.96
CA VAL A 173 2.77 -12.01 -9.70
C VAL A 173 2.73 -13.12 -10.76
N SER A 174 2.57 -14.35 -10.31
CA SER A 174 2.53 -15.50 -11.22
C SER A 174 1.21 -15.51 -12.01
N ASP A 175 1.20 -16.23 -13.12
CA ASP A 175 0.02 -16.33 -13.96
C ASP A 175 -1.16 -16.89 -13.16
N ALA A 176 -0.96 -18.05 -12.56
CA ALA A 176 -2.01 -18.69 -11.77
C ALA A 176 -2.48 -17.78 -10.64
N VAL A 177 -1.53 -17.29 -9.85
CA VAL A 177 -1.84 -16.40 -8.74
C VAL A 177 -2.60 -15.17 -9.22
N ALA A 178 -2.22 -14.66 -10.39
CA ALA A 178 -2.86 -13.48 -10.95
C ALA A 178 -4.28 -13.79 -11.39
N LYS A 179 -4.48 -14.99 -11.93
CA LYS A 179 -5.80 -15.41 -12.40
C LYS A 179 -6.78 -15.53 -11.23
N GLN A 180 -6.28 -16.01 -10.09
CA GLN A 180 -7.10 -16.17 -8.90
C GLN A 180 -7.84 -14.88 -8.57
N TRP A 181 -7.13 -13.75 -8.64
CA TRP A 181 -7.71 -12.46 -8.35
C TRP A 181 -8.51 -11.94 -9.54
N LYS A 182 -7.97 -12.12 -10.74
CA LYS A 182 -8.63 -11.68 -11.95
C LYS A 182 -10.07 -12.17 -12.01
N ALA A 183 -10.30 -13.35 -11.41
CA ALA A 183 -11.64 -13.93 -11.40
C ALA A 183 -12.68 -12.92 -10.92
N GLU A 184 -12.33 -12.18 -9.87
CA GLU A 184 -13.23 -11.17 -9.32
C GLU A 184 -13.71 -10.21 -10.40
N TRP A 185 -12.84 -9.95 -11.37
CA TRP A 185 -13.16 -9.04 -12.46
C TRP A 185 -13.89 -9.77 -13.59
N GLU A 186 -13.47 -11.01 -13.84
CA GLU A 186 -14.08 -11.82 -14.88
C GLU A 186 -15.59 -11.91 -14.70
N ALA A 187 -16.01 -12.23 -13.49
CA ALA A 187 -17.44 -12.35 -13.18
C ALA A 187 -18.16 -11.05 -13.48
N MET A 188 -17.50 -9.93 -13.26
CA MET A 188 -18.08 -8.62 -13.52
C MET A 188 -18.10 -8.31 -15.01
N LYS A 189 -17.06 -8.76 -15.71
CA LYS A 189 -16.96 -8.55 -17.15
C LYS A 189 -18.23 -8.98 -17.86
N ALA A 190 -18.48 -8.39 -19.04
CA ALA A 190 -19.66 -8.72 -19.82
C ALA A 190 -19.66 -10.18 -20.22
N GLU A 191 -20.58 -10.54 -21.12
CA GLU A 191 -20.68 -11.92 -21.60
C GLU A 191 -21.06 -12.86 -20.46
N LYS A 192 -22.19 -12.58 -19.81
CA LYS A 192 -22.67 -13.40 -18.70
C LYS A 192 -24.16 -13.18 -18.48
N LYS A 193 -24.73 -13.96 -17.56
CA LYS A 193 -26.14 -13.85 -17.24
C LYS A 193 -26.53 -12.42 -16.93
N VAL A 194 -27.44 -11.87 -17.73
CA VAL A 194 -27.89 -10.49 -17.55
C VAL A 194 -29.27 -10.28 -18.18
N ALA A 195 -30.02 -9.33 -17.63
CA ALA A 195 -31.35 -9.03 -18.14
C ALA A 195 -31.27 -8.06 -19.31
N PRO A 196 -32.35 -8.02 -20.12
CA PRO A 196 -32.43 -7.14 -21.29
C PRO A 196 -32.54 -5.66 -20.90
N LYS A 197 -32.77 -4.81 -21.90
CA LYS A 197 -32.90 -3.38 -21.66
C LYS A 197 -34.07 -2.80 -22.44
N ALA A 198 -34.55 -1.64 -22.01
CA ALA A 198 -35.66 -0.99 -22.67
C ALA A 198 -35.24 0.37 -23.26
N THR A 199 -36.19 1.09 -23.82
CA THR A 199 -35.92 2.39 -24.41
C THR A 199 -37.08 3.36 -24.19
N THR A 200 -36.88 4.62 -24.53
CA THR A 200 -37.91 5.64 -24.37
C THR A 200 -37.63 6.85 -25.25
N GLY A 201 -38.69 7.52 -25.68
CA GLY A 201 -38.54 8.70 -26.52
C GLY A 201 -39.56 9.77 -26.21
N ARG A 202 -39.66 10.76 -27.08
CA ARG A 202 -40.60 11.87 -26.90
C ARG A 202 -40.86 12.59 -28.21
N ARG A 203 -42.07 13.10 -28.38
CA ARG A 203 -42.44 13.83 -29.59
C ARG A 203 -43.23 15.08 -29.26
N PHE A 204 -42.53 16.21 -29.17
CA PHE A 204 -43.17 17.48 -28.86
C PHE A 204 -43.88 18.06 -30.07
N LEU A 205 -45.10 18.55 -29.86
CA LEU A 205 -45.89 19.13 -30.94
C LEU A 205 -45.58 20.61 -31.12
N LEU A 206 -45.59 21.06 -32.37
CA LEU A 206 -45.31 22.46 -32.67
C LEU A 206 -46.06 22.90 -33.94
N PHE A 207 -46.67 24.08 -33.87
CA PHE A 207 -47.42 24.61 -35.00
C PHE A 207 -46.94 26.02 -35.35
N GLY A 1 30.51 -13.21 49.82
CA GLY A 1 31.36 -12.63 48.80
C GLY A 1 30.64 -12.45 47.47
N PRO A 2 30.42 -13.58 46.77
CA PRO A 2 29.74 -13.57 45.47
C PRO A 2 28.26 -13.23 45.59
N HIS A 3 27.79 -12.30 44.75
CA HIS A 3 26.40 -11.90 44.76
C HIS A 3 26.11 -10.93 43.63
N MET A 4 25.32 -11.38 42.66
CA MET A 4 24.97 -10.54 41.51
C MET A 4 23.52 -10.80 41.08
N ALA A 5 22.82 -9.73 40.73
CA ALA A 5 21.43 -9.85 40.31
C ALA A 5 20.87 -8.49 39.88
N THR A 6 19.97 -8.51 38.90
CA THR A 6 19.37 -7.27 38.40
C THR A 6 17.85 -7.34 38.48
N PRO A 7 17.20 -6.16 38.45
CA PRO A 7 15.74 -6.05 38.52
C PRO A 7 15.07 -6.57 37.26
N LYS A 8 13.75 -6.47 37.22
CA LYS A 8 12.98 -6.92 36.06
C LYS A 8 11.66 -6.15 35.95
N ALA A 9 11.04 -6.22 34.77
CA ALA A 9 9.77 -5.53 34.54
C ALA A 9 9.19 -5.90 33.18
N ASN A 10 7.89 -6.14 33.15
CA ASN A 10 7.22 -6.52 31.91
C ASN A 10 5.71 -6.62 32.12
N ALA A 11 4.95 -5.98 31.23
CA ALA A 11 3.49 -6.01 31.32
C ALA A 11 2.85 -5.29 30.13
N THR A 12 1.76 -5.85 29.62
CA THR A 12 1.06 -5.26 28.49
C THR A 12 -0.35 -5.81 28.38
N THR A 13 -1.21 -5.09 27.66
CA THR A 13 -2.59 -5.49 27.47
C THR A 13 -3.30 -4.59 26.47
N ALA A 14 -4.40 -5.09 25.91
CA ALA A 14 -5.17 -4.33 24.94
C ALA A 14 -6.42 -5.10 24.51
N LYS A 15 -7.36 -4.39 23.88
CA LYS A 15 -8.59 -5.01 23.42
C LYS A 15 -9.00 -4.46 22.06
N PRO A 16 -9.86 -5.19 21.35
CA PRO A 16 -10.35 -4.80 20.03
C PRO A 16 -11.28 -3.60 20.09
N ALA A 17 -11.60 -3.04 18.93
CA ALA A 17 -12.49 -1.88 18.85
C ALA A 17 -12.72 -1.46 17.40
N SER A 18 -13.49 -0.40 17.22
CA SER A 18 -13.81 0.10 15.88
C SER A 18 -13.56 1.61 15.79
N THR A 19 -12.52 2.07 16.48
CA THR A 19 -12.18 3.48 16.48
C THR A 19 -10.66 3.68 16.43
N THR A 20 -10.22 4.58 15.57
CA THR A 20 -8.79 4.86 15.43
C THR A 20 -8.42 6.18 16.12
N SER A 21 -7.13 6.51 16.09
CA SER A 21 -6.65 7.73 16.71
C SER A 21 -6.09 8.69 15.67
N THR A 22 -5.61 9.84 16.12
CA THR A 22 -5.04 10.85 15.23
C THR A 22 -3.91 11.60 15.90
N PRO A 23 -2.76 10.95 16.05
CA PRO A 23 -1.58 11.55 16.68
C PRO A 23 -0.94 12.63 15.82
N VAL A 24 0.11 13.25 16.33
CA VAL A 24 0.80 14.32 15.61
C VAL A 24 2.31 14.13 15.68
N TYR A 25 3.00 14.58 14.63
CA TYR A 25 4.46 14.46 14.58
C TYR A 25 5.11 15.84 14.44
N ALA A 26 6.42 15.89 14.63
CA ALA A 26 7.16 17.14 14.53
C ALA A 26 7.62 17.39 13.09
N THR A 27 8.26 16.39 12.50
CA THR A 27 8.75 16.51 11.12
C THR A 27 8.90 15.13 10.48
N LEU A 28 9.35 15.12 9.23
CA LEU A 28 9.54 13.88 8.50
C LEU A 28 10.34 12.88 9.32
N SER A 29 11.47 13.33 9.86
CA SER A 29 12.32 12.48 10.67
C SER A 29 11.52 11.80 11.78
N ASN A 30 10.61 12.55 12.39
CA ASN A 30 9.78 12.01 13.46
C ASN A 30 8.86 10.92 12.94
N ALA A 31 8.33 11.11 11.74
CA ALA A 31 7.44 10.14 11.13
C ALA A 31 8.15 8.81 10.90
N VAL A 32 9.30 8.86 10.25
CA VAL A 32 10.08 7.66 9.97
C VAL A 32 10.37 6.89 11.26
N THR A 33 10.84 7.60 12.27
CA THR A 33 11.16 6.98 13.56
C THR A 33 9.91 6.43 14.23
N ALA A 34 8.79 7.11 14.04
CA ALA A 34 7.52 6.70 14.62
C ALA A 34 7.12 5.31 14.13
N GLY A 35 7.01 5.16 12.81
CA GLY A 35 6.64 3.88 12.24
C GLY A 35 7.62 2.78 12.60
N ALA A 36 8.90 3.10 12.60
CA ALA A 36 9.94 2.13 12.93
C ALA A 36 9.76 1.60 14.35
N ALA A 37 9.29 2.46 15.25
CA ALA A 37 9.07 2.08 16.63
C ALA A 37 7.80 1.26 16.79
N ALA A 38 6.85 1.48 15.88
CA ALA A 38 5.58 0.75 15.92
C ALA A 38 5.75 -0.66 15.37
N PRO A 39 5.11 -1.64 16.04
CA PRO A 39 5.17 -3.04 15.64
C PRO A 39 4.42 -3.30 14.33
N GLN A 40 3.32 -2.59 14.13
CA GLN A 40 2.51 -2.75 12.93
C GLN A 40 3.33 -2.40 11.69
N LEU A 41 4.24 -1.44 11.82
CA LEU A 41 5.08 -1.02 10.71
C LEU A 41 6.46 -1.66 10.80
N THR A 42 6.51 -2.89 11.29
CA THR A 42 7.77 -3.61 11.43
C THR A 42 8.36 -3.95 10.06
N THR A 43 7.56 -4.64 9.24
CA THR A 43 8.01 -5.03 7.90
C THR A 43 8.49 -3.81 7.11
N LEU A 44 7.62 -2.84 6.95
CA LEU A 44 7.95 -1.62 6.21
C LEU A 44 9.26 -1.02 6.73
N PHE A 45 9.35 -0.88 8.04
CA PHE A 45 10.55 -0.31 8.67
C PHE A 45 11.80 -1.01 8.17
N ALA A 46 11.73 -2.34 8.06
CA ALA A 46 12.87 -3.13 7.59
C ALA A 46 13.18 -2.82 6.14
N ALA A 47 12.14 -2.57 5.35
CA ALA A 47 12.31 -2.27 3.93
C ALA A 47 12.86 -0.86 3.74
N VAL A 48 12.15 0.13 4.25
CA VAL A 48 12.57 1.52 4.13
C VAL A 48 13.98 1.72 4.68
N ARG A 49 14.32 0.94 5.71
CA ARG A 49 15.63 1.03 6.34
C ARG A 49 16.70 0.38 5.45
N ALA A 50 16.57 -0.93 5.24
CA ALA A 50 17.53 -1.65 4.41
C ALA A 50 17.66 -1.02 3.04
N ALA A 51 16.57 -0.43 2.55
CA ALA A 51 16.57 0.22 1.24
C ALA A 51 17.46 1.45 1.24
N ASN A 52 17.62 2.05 2.42
CA ASN A 52 18.46 3.24 2.55
C ASN A 52 17.86 4.41 1.77
N VAL A 53 16.54 4.50 1.76
CA VAL A 53 15.84 5.58 1.05
C VAL A 53 15.47 6.70 1.99
N THR A 54 15.53 6.43 3.30
CA THR A 54 15.19 7.43 4.30
C THR A 54 15.94 8.74 4.05
N GLY A 55 17.19 8.62 3.63
CA GLY A 55 18.00 9.79 3.36
C GLY A 55 17.31 10.76 2.41
N ALA A 56 16.51 10.22 1.49
CA ALA A 56 15.80 11.04 0.53
C ALA A 56 14.69 11.85 1.21
N LEU A 57 14.13 11.29 2.28
CA LEU A 57 13.06 11.95 3.01
C LEU A 57 13.57 13.24 3.67
N THR A 58 13.45 14.35 2.94
CA THR A 58 13.89 15.64 3.45
C THR A 58 12.70 16.52 3.83
N ALA A 59 12.98 17.58 4.58
CA ALA A 59 11.93 18.51 5.01
C ALA A 59 11.30 19.21 3.80
N ASN A 60 12.12 19.51 2.81
CA ASN A 60 11.65 20.18 1.60
C ASN A 60 11.01 19.20 0.63
N THR A 61 11.56 17.98 0.59
CA THR A 61 11.05 16.95 -0.30
C THR A 61 9.60 16.62 0.01
N THR A 62 8.72 16.86 -0.95
CA THR A 62 7.29 16.59 -0.77
C THR A 62 6.84 15.44 -1.66
N TRP A 63 6.44 14.34 -1.03
CA TRP A 63 5.97 13.17 -1.77
C TRP A 63 4.93 12.40 -0.97
N THR A 64 4.28 11.45 -1.62
CA THR A 64 3.24 10.65 -0.97
C THR A 64 3.64 9.18 -0.92
N ILE A 65 4.00 8.71 0.27
CA ILE A 65 4.40 7.32 0.46
C ILE A 65 3.31 6.51 1.14
N LEU A 66 3.24 5.22 0.83
CA LEU A 66 2.25 4.34 1.42
C LEU A 66 2.87 3.43 2.48
N ALA A 67 2.17 3.27 3.59
CA ALA A 67 2.65 2.42 4.68
C ALA A 67 1.58 1.43 5.11
N PRO A 68 1.50 0.29 4.40
CA PRO A 68 0.52 -0.76 4.69
C PRO A 68 0.84 -1.49 5.99
N THR A 69 -0.21 -1.84 6.74
CA THR A 69 -0.04 -2.54 8.00
C THR A 69 0.72 -3.86 7.81
N ASN A 70 1.32 -4.35 8.89
CA ASN A 70 2.08 -5.59 8.84
C ASN A 70 1.24 -6.71 8.22
N ASP A 71 -0.01 -6.80 8.63
CA ASP A 71 -0.91 -7.83 8.11
C ASP A 71 -0.91 -7.85 6.59
N ALA A 72 -0.74 -6.67 5.98
CA ALA A 72 -0.71 -6.56 4.53
C ALA A 72 0.48 -7.32 3.95
N PHE A 73 1.66 -7.07 4.49
CA PHE A 73 2.87 -7.74 4.02
C PHE A 73 2.76 -9.25 4.20
N ALA A 74 2.36 -9.67 5.40
CA ALA A 74 2.22 -11.09 5.70
C ALA A 74 1.18 -11.75 4.78
N LYS A 75 0.20 -10.96 4.35
CA LYS A 75 -0.86 -11.46 3.48
C LYS A 75 -0.30 -11.77 2.09
N ARG A 76 0.23 -10.74 1.43
CA ARG A 76 0.79 -10.90 0.10
C ARG A 76 1.99 -11.86 0.12
N LEU A 77 2.76 -11.80 1.19
CA LEU A 77 3.94 -12.65 1.34
C LEU A 77 3.54 -14.11 1.46
N ALA A 78 2.51 -14.38 2.26
CA ALA A 78 2.02 -15.74 2.47
C ALA A 78 1.28 -16.24 1.23
N LYS A 79 0.29 -15.47 0.78
CA LYS A 79 -0.49 -15.84 -0.39
C LYS A 79 0.42 -16.15 -1.58
N LEU A 80 1.46 -15.34 -1.74
CA LEU A 80 2.40 -15.52 -2.84
C LEU A 80 3.48 -16.55 -2.47
N ASN A 81 3.63 -16.79 -1.17
CA ASN A 81 4.62 -17.76 -0.68
C ASN A 81 6.03 -17.31 -1.04
N LEU A 82 6.35 -16.06 -0.73
CA LEU A 82 7.67 -15.51 -1.04
C LEU A 82 8.45 -15.27 0.25
N THR A 83 9.78 -15.19 0.12
CA THR A 83 10.65 -14.95 1.26
C THR A 83 11.02 -13.48 1.39
N ALA A 84 11.11 -13.00 2.62
CA ALA A 84 11.46 -11.60 2.87
C ALA A 84 12.96 -11.39 2.77
N ASP A 85 13.73 -12.31 3.34
CA ASP A 85 15.19 -12.23 3.32
C ASP A 85 15.69 -12.03 1.90
N ALA A 86 15.18 -12.83 0.97
CA ALA A 86 15.58 -12.75 -0.43
C ALA A 86 15.45 -11.32 -0.95
N VAL A 87 14.43 -10.62 -0.48
CA VAL A 87 14.19 -9.24 -0.90
C VAL A 87 15.08 -8.27 -0.13
N LEU A 88 15.05 -8.37 1.20
CA LEU A 88 15.84 -7.51 2.06
C LEU A 88 17.32 -7.54 1.65
N LYS A 89 17.80 -8.73 1.30
CA LYS A 89 19.19 -8.90 0.88
C LYS A 89 19.41 -8.34 -0.51
N ASN A 90 18.34 -8.27 -1.30
CA ASN A 90 18.42 -7.75 -2.65
C ASN A 90 17.89 -6.31 -2.71
N LYS A 91 18.78 -5.35 -2.50
CA LYS A 91 18.40 -3.94 -2.52
C LYS A 91 17.69 -3.61 -3.83
N ASP A 92 18.13 -4.22 -4.92
CA ASP A 92 17.52 -3.98 -6.23
C ASP A 92 16.04 -4.32 -6.21
N LEU A 93 15.69 -5.38 -5.48
CA LEU A 93 14.30 -5.81 -5.38
C LEU A 93 13.51 -4.89 -4.46
N LEU A 94 14.10 -4.56 -3.32
CA LEU A 94 13.44 -3.68 -2.35
C LEU A 94 12.96 -2.40 -3.02
N VAL A 95 13.87 -1.70 -3.69
CA VAL A 95 13.53 -0.46 -4.37
C VAL A 95 12.53 -0.70 -5.48
N LYS A 96 12.63 -1.85 -6.14
CA LYS A 96 11.72 -2.20 -7.21
C LYS A 96 10.26 -2.15 -6.75
N ILE A 97 9.98 -2.83 -5.64
CA ILE A 97 8.63 -2.86 -5.10
C ILE A 97 8.30 -1.54 -4.40
N LEU A 98 9.21 -1.08 -3.55
CA LEU A 98 9.01 0.16 -2.83
C LEU A 98 8.69 1.32 -3.78
N SER A 99 9.26 1.25 -4.98
CA SER A 99 9.04 2.29 -5.99
C SER A 99 7.54 2.54 -6.17
N TYR A 100 6.75 1.48 -6.17
CA TYR A 100 5.31 1.59 -6.34
C TYR A 100 4.67 2.19 -5.10
N HIS A 101 5.12 1.76 -3.93
CA HIS A 101 4.59 2.25 -2.67
C HIS A 101 4.80 3.76 -2.54
N VAL A 102 5.81 4.27 -3.23
CA VAL A 102 6.13 5.69 -3.20
C VAL A 102 5.45 6.42 -4.35
N ILE A 103 5.03 7.66 -4.11
CA ILE A 103 4.39 8.48 -5.12
C ILE A 103 5.16 9.76 -5.39
N PRO A 104 5.88 9.80 -6.52
CA PRO A 104 6.67 10.97 -6.90
C PRO A 104 5.81 12.15 -7.30
N SER A 105 4.55 11.88 -7.65
CA SER A 105 3.62 12.92 -8.05
C SER A 105 3.64 14.08 -7.06
N GLY A 106 3.78 13.75 -5.78
CA GLY A 106 3.81 14.78 -4.76
C GLY A 106 2.55 14.81 -3.92
N ALA A 107 2.61 15.49 -2.77
CA ALA A 107 1.46 15.58 -1.88
C ALA A 107 0.24 16.10 -2.61
N VAL A 108 -0.74 15.23 -2.81
CA VAL A 108 -1.98 15.60 -3.50
C VAL A 108 -3.12 15.79 -2.51
N TYR A 109 -4.03 16.70 -2.82
CA TYR A 109 -5.18 16.97 -1.96
C TYR A 109 -6.41 16.21 -2.45
N SER A 110 -7.13 15.59 -1.52
CA SER A 110 -8.33 14.83 -1.86
C SER A 110 -9.29 15.68 -2.69
N LYS A 111 -9.32 16.98 -2.40
CA LYS A 111 -10.20 17.89 -3.12
C LYS A 111 -9.98 17.79 -4.62
N ALA A 112 -8.73 17.54 -5.02
CA ALA A 112 -8.39 17.41 -6.43
C ALA A 112 -8.56 15.97 -6.91
N LEU A 113 -8.46 15.03 -5.98
CA LEU A 113 -8.60 13.62 -6.31
C LEU A 113 -9.99 13.33 -6.89
N LYS A 114 -10.11 12.20 -7.59
CA LYS A 114 -11.37 11.81 -8.20
C LYS A 114 -11.45 10.30 -8.38
N ASP A 115 -12.55 9.83 -8.94
CA ASP A 115 -12.74 8.40 -9.16
C ASP A 115 -11.88 7.91 -10.33
N ASN A 116 -11.76 8.75 -11.36
CA ASN A 116 -10.96 8.40 -12.53
C ASN A 116 -9.53 8.89 -12.38
N ALA A 117 -9.34 9.89 -11.52
CA ALA A 117 -8.02 10.44 -11.27
C ALA A 117 -6.99 9.34 -11.05
N THR A 118 -6.02 9.22 -11.96
CA THR A 118 -4.99 8.21 -11.86
C THR A 118 -3.77 8.74 -11.11
N VAL A 119 -3.01 7.83 -10.50
CA VAL A 119 -1.82 8.20 -9.75
C VAL A 119 -0.59 7.49 -10.29
N ALA A 120 0.49 8.25 -10.50
CA ALA A 120 1.73 7.68 -11.01
C ALA A 120 2.71 7.41 -9.87
N THR A 121 3.34 6.23 -9.91
CA THR A 121 4.30 5.84 -8.88
C THR A 121 5.72 6.01 -9.38
N ALA A 122 6.68 5.79 -8.48
CA ALA A 122 8.09 5.92 -8.83
C ALA A 122 8.50 4.88 -9.86
N LEU A 123 7.79 3.75 -9.86
CA LEU A 123 8.08 2.66 -10.80
C LEU A 123 7.58 3.01 -12.19
N LYS A 124 8.36 2.64 -13.20
CA LYS A 124 8.01 2.90 -14.59
C LYS A 124 6.82 2.05 -15.03
N ASP A 125 5.87 2.66 -15.72
CA ASP A 125 4.69 1.95 -16.20
C ASP A 125 3.85 1.46 -15.02
N ALA A 126 3.82 2.24 -13.95
CA ALA A 126 3.05 1.88 -12.76
C ALA A 126 2.09 2.99 -12.38
N SER A 127 0.81 2.79 -12.68
CA SER A 127 -0.22 3.78 -12.35
C SER A 127 -1.45 3.11 -11.77
N VAL A 128 -2.01 3.73 -10.72
CA VAL A 128 -3.20 3.19 -10.07
C VAL A 128 -4.37 4.15 -10.17
N THR A 129 -5.57 3.66 -9.93
CA THR A 129 -6.78 4.48 -9.99
C THR A 129 -7.24 4.88 -8.60
N VAL A 130 -7.73 6.12 -8.48
CA VAL A 130 -8.21 6.62 -7.20
C VAL A 130 -9.70 6.33 -7.01
N ARG A 131 -10.02 5.62 -5.93
CA ARG A 131 -11.40 5.27 -5.65
C ARG A 131 -11.88 5.96 -4.37
N LEU A 132 -12.87 6.84 -4.52
CA LEU A 132 -13.42 7.57 -3.40
C LEU A 132 -14.84 7.08 -3.07
N TYR A 133 -15.04 6.69 -1.81
CA TYR A 133 -16.34 6.21 -1.36
C TYR A 133 -16.55 6.47 0.12
N GLN A 134 -17.59 7.22 0.45
CA GLN A 134 -17.89 7.56 1.84
C GLN A 134 -16.72 8.26 2.49
N GLY A 135 -16.04 9.13 1.73
CA GLY A 135 -14.91 9.86 2.26
C GLY A 135 -13.73 8.96 2.57
N LYS A 136 -13.64 7.84 1.86
CA LYS A 136 -12.56 6.88 2.07
C LYS A 136 -11.75 6.71 0.79
N VAL A 137 -10.43 6.73 0.93
CA VAL A 137 -9.53 6.57 -0.21
C VAL A 137 -9.21 5.10 -0.46
N MET A 138 -9.32 4.68 -1.72
CA MET A 138 -9.03 3.30 -2.08
C MET A 138 -8.17 3.23 -3.34
N PHE A 139 -7.39 2.16 -3.46
CA PHE A 139 -6.51 1.99 -4.61
C PHE A 139 -6.88 0.71 -5.38
N LYS A 140 -7.08 0.86 -6.68
CA LYS A 140 -7.44 -0.27 -7.53
C LYS A 140 -6.53 -0.34 -8.76
N GLY A 141 -6.08 -1.54 -9.10
CA GLY A 141 -5.21 -1.71 -10.24
C GLY A 141 -5.59 -2.92 -11.08
N PRO A 142 -4.65 -3.39 -11.91
CA PRO A 142 -4.87 -4.54 -12.78
C PRO A 142 -4.98 -5.84 -12.01
N VAL A 143 -4.37 -5.87 -10.82
CA VAL A 143 -4.40 -7.06 -9.98
C VAL A 143 -4.30 -6.68 -8.50
N ASN A 144 -5.17 -7.26 -7.69
CA ASN A 144 -5.17 -6.99 -6.25
C ASN A 144 -5.60 -5.56 -5.97
N LYS A 145 -6.40 -5.37 -4.93
CA LYS A 145 -6.88 -4.05 -4.55
C LYS A 145 -6.62 -3.78 -3.07
N ALA A 146 -6.23 -2.55 -2.75
CA ALA A 146 -5.96 -2.17 -1.38
C ALA A 146 -6.75 -0.91 -1.00
N GLN A 147 -7.24 -0.88 0.24
CA GLN A 147 -8.01 0.26 0.73
C GLN A 147 -7.30 0.92 1.90
N VAL A 148 -7.31 2.25 1.91
CA VAL A 148 -6.66 3.01 2.98
C VAL A 148 -7.58 3.10 4.20
N THR A 149 -7.05 2.70 5.36
CA THR A 149 -7.82 2.74 6.59
C THR A 149 -7.61 4.06 7.33
N VAL A 150 -6.38 4.31 7.75
CA VAL A 150 -6.05 5.55 8.45
C VAL A 150 -5.09 6.41 7.65
N ALA A 151 -5.56 7.56 7.19
CA ALA A 151 -4.74 8.48 6.41
C ALA A 151 -4.62 9.84 7.09
N ASP A 152 -4.06 10.80 6.37
CA ASP A 152 -3.89 12.15 6.92
C ASP A 152 -2.85 12.16 8.03
N ILE A 153 -1.83 11.32 7.89
CA ILE A 153 -0.77 11.23 8.89
C ILE A 153 0.05 12.52 8.94
N LYS A 154 -0.15 13.30 9.99
CA LYS A 154 0.58 14.55 10.16
C LYS A 154 2.08 14.34 10.05
N ALA A 155 2.66 14.81 8.95
CA ALA A 155 4.09 14.66 8.72
C ALA A 155 4.73 16.02 8.41
N GLY A 156 6.05 16.01 8.22
CA GLY A 156 6.76 17.23 7.92
C GLY A 156 7.42 17.21 6.56
N GLY A 157 6.92 18.03 5.64
CA GLY A 157 7.47 18.08 4.30
C GLY A 157 6.86 17.05 3.38
N SER A 158 6.58 15.87 3.91
CA SER A 158 5.99 14.79 3.13
C SER A 158 4.72 14.27 3.79
N VAL A 159 4.04 13.35 3.11
CA VAL A 159 2.80 12.76 3.64
C VAL A 159 2.78 11.25 3.43
N ILE A 160 2.27 10.53 4.42
CA ILE A 160 2.19 9.08 4.36
C ILE A 160 0.79 8.59 4.72
N HIS A 161 0.35 7.53 4.06
CA HIS A 161 -0.97 6.97 4.30
C HIS A 161 -0.85 5.52 4.77
N VAL A 162 -1.85 5.05 5.51
CA VAL A 162 -1.86 3.69 6.02
C VAL A 162 -2.88 2.83 5.27
N ILE A 163 -2.40 1.75 4.66
CA ILE A 163 -3.26 0.85 3.90
C ILE A 163 -3.42 -0.49 4.61
N ASN A 164 -4.49 -1.20 4.29
CA ASN A 164 -4.75 -2.50 4.89
C ASN A 164 -4.05 -3.62 4.13
N ASP A 165 -3.97 -3.47 2.81
CA ASP A 165 -3.31 -4.47 1.97
C ASP A 165 -2.19 -3.83 1.16
N VAL A 166 -1.27 -4.66 0.68
CA VAL A 166 -0.14 -4.17 -0.11
C VAL A 166 -0.38 -4.41 -1.60
N LEU A 167 0.11 -3.48 -2.41
CA LEU A 167 -0.05 -3.59 -3.86
C LEU A 167 1.05 -4.45 -4.47
N LEU A 168 0.69 -5.23 -5.49
CA LEU A 168 1.66 -6.10 -6.16
C LEU A 168 1.89 -5.64 -7.59
N PRO A 169 3.14 -5.79 -8.06
CA PRO A 169 3.52 -5.40 -9.42
C PRO A 169 2.92 -6.31 -10.48
N PRO A 170 2.61 -5.74 -11.65
CA PRO A 170 2.02 -6.49 -12.76
C PRO A 170 3.01 -7.46 -13.39
N GLY A 171 2.50 -8.61 -13.84
CA GLY A 171 3.36 -9.61 -14.46
C GLY A 171 3.87 -10.63 -13.46
N VAL A 172 4.02 -10.22 -12.21
CA VAL A 172 4.50 -11.11 -11.16
C VAL A 172 3.42 -12.09 -10.73
N VAL A 173 2.16 -11.65 -10.82
CA VAL A 173 1.04 -12.49 -10.43
C VAL A 173 0.73 -13.51 -11.53
N SER A 174 0.79 -14.79 -11.14
CA SER A 174 0.51 -15.88 -12.09
C SER A 174 -0.99 -16.09 -12.26
N ASP A 175 -1.36 -16.97 -13.18
CA ASP A 175 -2.76 -17.27 -13.43
C ASP A 175 -3.45 -17.74 -12.16
N ALA A 176 -2.73 -18.50 -11.35
CA ALA A 176 -3.27 -19.01 -10.09
C ALA A 176 -3.39 -17.91 -9.05
N VAL A 177 -2.40 -17.02 -9.02
CA VAL A 177 -2.40 -15.92 -8.06
C VAL A 177 -3.54 -14.95 -8.34
N ALA A 178 -3.63 -14.48 -9.57
CA ALA A 178 -4.67 -13.54 -9.97
C ALA A 178 -6.06 -14.16 -9.77
N LYS A 179 -6.28 -15.31 -10.40
CA LYS A 179 -7.56 -16.00 -10.29
C LYS A 179 -7.93 -16.24 -8.84
N GLN A 180 -6.92 -16.43 -8.00
CA GLN A 180 -7.15 -16.66 -6.57
C GLN A 180 -7.71 -15.41 -5.90
N TRP A 181 -7.19 -14.26 -6.29
CA TRP A 181 -7.63 -12.99 -5.73
C TRP A 181 -9.07 -12.68 -6.14
N LYS A 182 -9.32 -12.72 -7.43
CA LYS A 182 -10.66 -12.44 -7.96
C LYS A 182 -11.68 -13.45 -7.43
N ALA A 183 -11.22 -14.69 -7.25
CA ALA A 183 -12.09 -15.75 -6.74
C ALA A 183 -12.44 -15.52 -5.27
N GLU A 184 -11.47 -15.03 -4.51
CA GLU A 184 -11.68 -14.76 -3.09
C GLU A 184 -12.61 -13.57 -2.89
N TRP A 185 -12.46 -12.56 -3.74
CA TRP A 185 -13.29 -11.36 -3.66
C TRP A 185 -14.75 -11.69 -3.95
N GLU A 186 -14.98 -12.49 -4.99
CA GLU A 186 -16.33 -12.88 -5.38
C GLU A 186 -16.90 -13.89 -4.40
N ALA A 187 -16.05 -14.78 -3.91
CA ALA A 187 -16.47 -15.80 -2.96
C ALA A 187 -16.93 -15.19 -1.65
N MET A 188 -16.12 -14.31 -1.09
CA MET A 188 -16.45 -13.65 0.17
C MET A 188 -17.47 -12.53 -0.07
N LYS A 189 -17.10 -11.59 -0.93
CA LYS A 189 -17.98 -10.46 -1.23
C LYS A 189 -18.45 -9.76 0.04
N ALA A 190 -17.52 -9.57 0.98
CA ALA A 190 -17.84 -8.92 2.23
C ALA A 190 -16.61 -8.21 2.81
N GLU A 191 -16.79 -7.57 3.96
CA GLU A 191 -15.69 -6.85 4.61
C GLU A 191 -16.00 -6.61 6.08
N LYS A 192 -14.96 -6.45 6.88
CA LYS A 192 -15.10 -6.20 8.31
C LYS A 192 -14.47 -4.88 8.71
N LYS A 193 -14.48 -4.59 10.01
CA LYS A 193 -13.92 -3.36 10.53
C LYS A 193 -12.86 -3.65 11.60
N VAL A 194 -11.84 -2.81 11.65
CA VAL A 194 -10.76 -2.98 12.62
C VAL A 194 -10.19 -1.63 13.05
N ALA A 195 -9.77 -1.54 14.31
CA ALA A 195 -9.20 -0.31 14.85
C ALA A 195 -8.72 -0.51 16.28
N PRO A 196 -7.84 0.39 16.73
CA PRO A 196 -7.28 0.34 18.09
C PRO A 196 -8.31 0.67 19.16
N LYS A 197 -7.85 0.83 20.39
CA LYS A 197 -8.73 1.15 21.50
C LYS A 197 -9.14 2.62 21.47
N ALA A 198 -8.27 3.46 20.96
CA ALA A 198 -8.54 4.90 20.87
C ALA A 198 -9.91 5.14 20.25
N THR A 199 -10.62 6.14 20.77
CA THR A 199 -11.94 6.48 20.27
C THR A 199 -11.85 7.50 19.13
N THR A 200 -12.99 7.77 18.50
CA THR A 200 -13.04 8.72 17.39
C THR A 200 -14.47 9.09 17.05
N GLY A 201 -14.64 9.96 16.07
CA GLY A 201 -15.97 10.38 15.66
C GLY A 201 -16.88 9.22 15.35
N ARG A 202 -18.15 9.50 15.11
CA ARG A 202 -19.13 8.47 14.80
C ARG A 202 -18.91 7.92 13.40
N ARG A 203 -19.50 6.77 13.12
CA ARG A 203 -19.38 6.14 11.81
C ARG A 203 -20.73 5.63 11.32
N PHE A 204 -20.82 5.34 10.02
CA PHE A 204 -22.05 4.86 9.43
C PHE A 204 -21.97 3.36 9.14
N LEU A 205 -23.01 2.83 8.51
CA LEU A 205 -23.05 1.41 8.18
C LEU A 205 -22.84 1.19 6.68
N LEU A 206 -22.25 0.06 6.32
CA LEU A 206 -22.01 -0.27 4.92
C LEU A 206 -22.61 -1.61 4.56
N PHE A 207 -22.60 -1.94 3.27
CA PHE A 207 -23.14 -3.21 2.80
C PHE A 207 -22.45 -3.65 1.51
#